data_3JCL
#
_entry.id   3JCL
#
_cell.length_a   1
_cell.length_b   1
_cell.length_c   1
_cell.angle_alpha   90
_cell.angle_beta   90
_cell.angle_gamma   90
#
_symmetry.space_group_name_H-M   'P 1'
#
_entity_poly.entity_id   1
_entity_poly.type   'polypeptide(L)'
_entity_poly.pdbx_seq_one_letter_code
;YIGDFRCIQLVNSNGANVSAPSISTETVEVSQGLGTYYVLDRVYLNATLLLTGYYPVDGSKFRNLALRGTNSVSLSWFQP
PYLNQFNDGIFAKVQNLKTSTPSGATAYFPTIVIGSLFGYTSYTVVIEPYNGVIMASVCQYTICQLPYTDCKPNTNGNKL
IGFWHTDVKPPICVLKRNFTLNVNADAFYFHFYQHGGTFYAYYADKPSATTFLFSVYIGDILTQYYVLPFICNPTAGSTF
APRYWVTPLVKRQYLFNFNQKGVITSAVDCASSYTSEIKCKTQSMLPSTGVYELSGYTVQPVGVVYRRVANLPACNIEEW
LTARSVPSPLNWERKTFQNCNFNLSSLLRYVQAESLFCNNIDASKVYGRCFGSISVDKFAVPRSRQVDLQLGNSGFLQTA
NYKIDTAATSCQLHYTLPKNNVTINNHNPSSWNRRYGFNDAGVFGKNQHDVVYAQQCFTVRSSYCPCAQPDIVSPCTTQT
KPKSAFVNVGDHCEGLGVLEDNCGNADPHKGCICANNSFIGWSHDTCLVNDRCQIFANILLNGINSGTTCSTDLQLPNTE
VVTGICVKYDLYGITGQGVFKEVKADYYNSWQTLLYDVNGNLNGFRDLTTNKTYTIRSCYSGRVSAAFHKDAPEPALLYR
NINCSYVFSNNISREENPLNYFDSYLGCVVNADNRTDEALPNCDLRMGAGLCVDYSKSRRAHSSVSTGYRLTTFEPYTPM
LVNDSVQSVDGLYEMQIPTNFTIGHHEEFIQTRSPKVTIDCAAFVCGDNTACRQQLVEYGSFCVNVNAILNEVNNLLDNM
QLQVASALMQGVTISSRLPDGISGPIDDINFSPLLGCIGSTCAEDGNGPSAIRGRSAIEDLLFDKVKLSDVGFVEAYNNC
TGGQEVRDLLCVQSFNGIKVLPPVLSESQISGYTTGATAAAMFPPWSAAAGVPFSLSVQYRINGLGVTMNVLSENQKMIA
SAFNNALGAIQDGFDATNSALGKIQSVVNANAEALNNLLNQLSNRFGAISASLQEILTRLEAVEAKAQIDRLINGRLTAL
NAYISKQLSDSTLIKVSAAQAIEKVNECVKSQTTRINFCGNGNHILSLVQNAPYGLYFIHFSYVPISFTTANVSPGLCIS
GDRGLAPKAGYFVQDDGEWKFTGSSYYYPEPITDKNSVIMSSCAVNYTKAPEVFLNTSIPNPPDFKEELDKWFKNQTSIA
PDLSLDFEKLNVTLLDLIKRMKQIEDKIEEIESKQKKIENEIARIKKIKLVPRGSLEWSHPQFEK
;
_entity_poly.pdbx_strand_id   A,B,C
#
# COMPACT_ATOMS: atom_id res chain seq x y z
N TYR A 1 34.75 -25.08 -35.46
CA TYR A 1 35.85 -25.57 -34.64
C TYR A 1 35.76 -25.10 -33.19
N ILE A 2 36.21 -25.95 -32.28
CA ILE A 2 36.05 -25.62 -30.86
C ILE A 2 37.25 -24.88 -30.33
N GLY A 3 37.36 -23.63 -30.70
CA GLY A 3 38.54 -22.85 -30.32
C GLY A 3 39.56 -23.00 -31.43
N ASP A 4 40.65 -22.22 -31.39
CA ASP A 4 41.64 -22.24 -32.46
C ASP A 4 43.01 -22.88 -32.20
N PHE A 5 43.16 -23.72 -31.20
CA PHE A 5 44.50 -24.30 -31.01
C PHE A 5 44.73 -25.55 -31.86
N ARG A 6 45.99 -25.81 -32.20
CA ARG A 6 46.35 -26.97 -33.02
C ARG A 6 47.08 -28.09 -32.27
N CYS A 7 46.30 -29.00 -31.72
CA CYS A 7 46.77 -30.12 -30.93
C CYS A 7 47.62 -31.14 -31.66
N ILE A 8 48.70 -31.61 -31.04
CA ILE A 8 49.47 -32.67 -31.65
C ILE A 8 48.79 -33.98 -31.30
N GLN A 9 47.76 -34.30 -32.03
CA GLN A 9 46.97 -35.47 -31.68
C GLN A 9 47.47 -36.74 -32.33
N LEU A 10 47.49 -37.82 -31.57
CA LEU A 10 47.90 -39.10 -32.15
C LEU A 10 46.68 -39.85 -32.71
N VAL A 11 46.04 -39.24 -33.70
CA VAL A 11 44.81 -39.80 -34.30
C VAL A 11 44.72 -39.34 -35.76
N ASN A 12 44.03 -40.11 -36.61
CA ASN A 12 43.86 -39.70 -38.00
C ASN A 12 42.60 -38.84 -38.11
N SER A 13 42.35 -38.28 -39.28
CA SER A 13 41.16 -37.46 -39.44
C SER A 13 40.61 -37.53 -40.85
N ASN A 14 39.36 -37.09 -41.03
CA ASN A 14 38.76 -37.14 -42.37
C ASN A 14 37.67 -36.12 -42.67
N GLY A 15 37.23 -36.12 -43.93
CA GLY A 15 36.19 -35.25 -44.45
C GLY A 15 34.81 -35.92 -44.54
N ALA A 16 34.56 -36.92 -43.71
CA ALA A 16 33.28 -37.63 -43.78
C ALA A 16 32.11 -36.71 -43.55
N ASN A 17 30.98 -37.01 -44.18
CA ASN A 17 29.81 -36.20 -43.95
C ASN A 17 29.27 -36.45 -42.55
N VAL A 18 28.84 -35.39 -41.90
CA VAL A 18 28.26 -35.46 -40.56
C VAL A 18 26.84 -34.91 -40.51
N SER A 19 25.94 -35.74 -39.99
CA SER A 19 24.53 -35.41 -39.84
C SER A 19 24.26 -34.76 -38.50
N ALA A 20 23.03 -34.30 -38.33
CA ALA A 20 22.57 -33.81 -37.06
C ALA A 20 22.59 -35.01 -36.11
N PRO A 21 22.66 -34.80 -34.79
CA PRO A 21 22.64 -35.86 -33.79
C PRO A 21 21.28 -36.54 -33.76
N SER A 22 21.26 -37.81 -33.37
CA SER A 22 20.02 -38.58 -33.29
C SER A 22 19.10 -38.00 -32.25
N ILE A 23 17.80 -38.12 -32.49
CA ILE A 23 16.81 -37.65 -31.53
C ILE A 23 16.15 -38.84 -30.83
N SER A 24 16.06 -38.75 -29.51
CA SER A 24 15.50 -39.83 -28.72
C SER A 24 14.01 -40.01 -28.95
N THR A 25 13.52 -41.18 -28.60
CA THR A 25 12.10 -41.43 -28.59
C THR A 25 11.63 -41.27 -27.15
N GLU A 26 12.63 -41.27 -26.28
CA GLU A 26 12.49 -41.08 -24.85
C GLU A 26 12.23 -39.60 -24.60
N THR A 27 11.32 -39.30 -23.72
CA THR A 27 11.07 -37.92 -23.41
C THR A 27 11.32 -37.63 -21.96
N VAL A 28 11.40 -36.36 -21.64
CA VAL A 28 11.58 -35.96 -20.27
C VAL A 28 10.30 -36.22 -19.47
N GLU A 29 10.41 -36.94 -18.35
CA GLU A 29 9.26 -37.24 -17.50
C GLU A 29 9.55 -36.88 -16.05
N VAL A 30 9.28 -35.62 -15.69
CA VAL A 30 9.67 -35.10 -14.38
C VAL A 30 8.84 -35.66 -13.24
N SER A 31 7.78 -36.39 -13.59
CA SER A 31 6.92 -37.00 -12.58
C SER A 31 7.68 -37.95 -11.66
N GLN A 32 8.85 -38.42 -12.10
CA GLN A 32 9.65 -39.34 -11.29
C GLN A 32 10.70 -38.60 -10.45
N GLY A 33 10.78 -37.28 -10.62
CA GLY A 33 11.74 -36.41 -9.97
C GLY A 33 12.96 -36.18 -10.86
N LEU A 34 13.19 -37.08 -11.80
CA LEU A 34 14.34 -36.99 -12.67
C LEU A 34 14.17 -35.84 -13.62
N GLY A 35 15.18 -35.00 -13.68
CA GLY A 35 15.16 -33.80 -14.47
C GLY A 35 15.15 -32.62 -13.53
N THR A 36 14.89 -32.88 -12.25
CA THR A 36 14.91 -31.80 -11.28
C THR A 36 16.10 -32.00 -10.34
N TYR A 37 16.24 -31.09 -9.40
CA TYR A 37 17.38 -31.09 -8.48
C TYR A 37 17.08 -30.51 -7.12
N TYR A 38 17.99 -30.76 -6.19
CA TYR A 38 17.86 -30.27 -4.82
C TYR A 38 18.30 -28.83 -4.64
N VAL A 39 17.57 -28.14 -3.78
CA VAL A 39 17.80 -26.75 -3.44
C VAL A 39 18.97 -26.56 -2.49
N LEU A 40 19.88 -25.68 -2.83
CA LEU A 40 20.99 -25.47 -1.95
C LEU A 40 20.54 -24.81 -0.67
N ASP A 41 21.12 -25.27 0.41
CA ASP A 41 20.89 -24.74 1.74
C ASP A 41 19.47 -24.93 2.26
N ARG A 42 18.65 -25.77 1.60
CA ARG A 42 17.31 -25.97 2.16
C ARG A 42 16.86 -27.41 2.14
N VAL A 43 16.18 -27.80 3.21
CA VAL A 43 15.59 -29.13 3.34
C VAL A 43 14.12 -28.98 3.61
N TYR A 44 13.30 -29.67 2.83
CA TYR A 44 11.87 -29.55 3.00
C TYR A 44 11.26 -30.88 3.32
N LEU A 45 10.61 -31.01 4.47
CA LEU A 45 10.04 -32.30 4.80
C LEU A 45 8.53 -32.27 4.67
N ASN A 46 7.95 -33.35 4.14
CA ASN A 46 6.49 -33.46 4.04
C ASN A 46 5.84 -32.25 3.35
N ALA A 47 6.10 -32.03 2.06
CA ALA A 47 5.57 -30.80 1.45
C ALA A 47 5.35 -30.87 -0.05
N THR A 48 4.43 -30.01 -0.53
CA THR A 48 4.12 -29.83 -1.95
C THR A 48 4.35 -28.37 -2.32
N LEU A 49 5.56 -28.05 -2.74
CA LEU A 49 5.96 -26.65 -2.92
C LEU A 49 6.15 -26.20 -4.35
N LEU A 50 5.82 -24.95 -4.65
CA LEU A 50 6.15 -24.42 -5.97
C LEU A 50 7.48 -23.71 -5.91
N LEU A 51 8.45 -24.28 -6.57
CA LEU A 51 9.80 -23.78 -6.55
C LEU A 51 10.17 -23.39 -7.97
N THR A 52 11.11 -22.48 -8.13
CA THR A 52 11.52 -22.13 -9.49
C THR A 52 13.01 -22.36 -9.68
N GLY A 53 13.42 -22.54 -10.92
CA GLY A 53 14.82 -22.76 -11.25
C GLY A 53 14.97 -23.08 -12.72
N TYR A 54 16.00 -23.87 -13.05
CA TYR A 54 16.28 -24.19 -14.44
C TYR A 54 16.12 -25.67 -14.69
N TYR A 55 15.09 -26.03 -15.43
CA TYR A 55 14.73 -27.42 -15.58
C TYR A 55 14.48 -27.77 -17.04
N PRO A 56 14.60 -29.03 -17.46
CA PRO A 56 14.27 -29.47 -18.80
C PRO A 56 12.77 -29.41 -18.93
N VAL A 57 12.28 -29.18 -20.13
CA VAL A 57 10.84 -29.15 -20.33
C VAL A 57 10.23 -30.53 -20.42
N ASP A 58 9.24 -30.79 -19.58
CA ASP A 58 8.58 -32.09 -19.57
C ASP A 58 7.98 -32.39 -20.94
N GLY A 59 8.21 -33.60 -21.43
CA GLY A 59 7.71 -34.02 -22.74
C GLY A 59 8.70 -33.78 -23.89
N SER A 60 9.77 -33.03 -23.63
CA SER A 60 10.75 -32.78 -24.68
C SER A 60 11.61 -34.00 -24.97
N LYS A 61 12.32 -33.98 -26.10
CA LYS A 61 13.22 -35.05 -26.52
C LYS A 61 14.68 -34.66 -26.38
N PHE A 62 15.56 -35.64 -26.41
CA PHE A 62 16.99 -35.42 -26.26
C PHE A 62 17.78 -35.64 -27.54
N ARG A 63 18.90 -34.94 -27.68
CA ARG A 63 19.84 -35.17 -28.77
C ARG A 63 20.94 -36.14 -28.33
N ASN A 64 21.35 -37.05 -29.20
CA ASN A 64 22.46 -37.93 -28.84
C ASN A 64 23.74 -37.28 -29.24
N LEU A 65 24.47 -36.75 -28.28
CA LEU A 65 25.66 -36.03 -28.62
C LEU A 65 26.90 -36.91 -28.48
N ALA A 66 26.68 -38.22 -28.27
CA ALA A 66 27.78 -39.15 -28.10
C ALA A 66 28.47 -39.53 -29.40
N LEU A 67 29.24 -38.60 -29.94
CA LEU A 67 30.01 -38.84 -31.15
C LEU A 67 31.07 -39.86 -30.78
N ARG A 68 31.48 -40.74 -31.69
CA ARG A 68 32.51 -41.70 -31.33
C ARG A 68 33.28 -42.20 -32.53
N GLY A 69 34.34 -42.96 -32.25
CA GLY A 69 35.16 -43.52 -33.33
C GLY A 69 36.27 -44.43 -32.81
N THR A 70 37.19 -44.79 -33.70
CA THR A 70 38.30 -45.70 -33.38
C THR A 70 39.66 -45.06 -33.68
N ASN A 71 40.07 -45.09 -34.94
CA ASN A 71 41.38 -44.54 -35.32
C ASN A 71 41.34 -43.14 -35.94
N SER A 72 40.15 -42.51 -35.98
CA SER A 72 40.06 -41.21 -36.62
C SER A 72 39.00 -40.26 -36.05
N VAL A 73 39.18 -38.98 -36.32
CA VAL A 73 38.29 -37.87 -35.99
C VAL A 73 37.76 -37.15 -37.25
N SER A 74 36.45 -37.04 -37.37
CA SER A 74 35.92 -36.34 -38.55
C SER A 74 35.98 -34.84 -38.34
N LEU A 75 36.51 -34.14 -39.34
CA LEU A 75 36.70 -32.70 -39.26
C LEU A 75 35.36 -31.98 -39.14
N SER A 76 34.38 -32.55 -39.82
CA SER A 76 33.03 -32.04 -39.91
C SER A 76 32.21 -32.25 -38.64
N TRP A 77 32.78 -32.91 -37.63
CA TRP A 77 32.06 -33.07 -36.37
C TRP A 77 31.98 -31.73 -35.63
N PHE A 78 32.99 -30.89 -35.82
CA PHE A 78 33.13 -29.70 -34.98
C PHE A 78 32.41 -28.47 -35.53
N GLN A 79 31.10 -28.61 -35.69
CA GLN A 79 30.27 -27.54 -36.26
C GLN A 79 28.76 -27.79 -36.07
N PRO A 80 27.91 -26.79 -36.26
CA PRO A 80 26.48 -26.97 -36.36
C PRO A 80 26.25 -27.91 -37.54
N PRO A 81 25.21 -28.75 -37.53
CA PRO A 81 24.12 -28.95 -36.59
C PRO A 81 24.50 -29.58 -35.26
N TYR A 82 25.72 -30.12 -35.14
CA TYR A 82 26.12 -30.76 -33.91
C TYR A 82 26.31 -29.77 -32.77
N LEU A 83 27.07 -28.70 -33.03
CA LEU A 83 27.39 -27.73 -31.99
C LEU A 83 26.11 -27.19 -31.37
N ASN A 84 26.03 -27.27 -30.05
CA ASN A 84 24.82 -26.92 -29.31
C ASN A 84 24.91 -25.56 -28.64
N GLN A 85 23.76 -24.90 -28.42
CA GLN A 85 23.77 -23.65 -27.66
C GLN A 85 23.40 -23.96 -26.22
N PHE A 86 23.95 -23.21 -25.27
CA PHE A 86 23.72 -23.40 -23.84
C PHE A 86 22.57 -22.57 -23.34
N ASN A 87 22.66 -21.25 -23.55
CA ASN A 87 21.63 -20.34 -23.04
C ASN A 87 21.35 -20.60 -21.55
N ASP A 88 20.11 -21.02 -21.22
CA ASP A 88 19.70 -21.29 -19.84
C ASP A 88 20.34 -22.54 -19.21
N GLY A 89 20.87 -23.46 -20.02
CA GLY A 89 21.49 -24.65 -19.43
C GLY A 89 21.26 -25.99 -20.14
N ILE A 90 21.87 -27.03 -19.55
CA ILE A 90 21.90 -28.41 -20.03
C ILE A 90 21.38 -29.48 -19.05
N PHE A 91 20.54 -30.39 -19.53
CA PHE A 91 20.17 -31.57 -18.76
C PHE A 91 20.66 -32.77 -19.55
N ALA A 92 21.40 -33.67 -18.89
CA ALA A 92 21.95 -34.80 -19.63
C ALA A 92 21.86 -36.15 -18.94
N LYS A 93 21.72 -37.20 -19.76
CA LYS A 93 21.77 -38.59 -19.32
C LYS A 93 22.93 -39.28 -20.03
N VAL A 94 23.87 -39.76 -19.24
CA VAL A 94 25.11 -40.29 -19.74
C VAL A 94 25.31 -41.78 -19.53
N GLN A 95 25.45 -42.53 -20.61
CA GLN A 95 25.59 -43.98 -20.50
C GLN A 95 26.89 -44.40 -19.84
N ASN A 96 26.83 -45.35 -18.92
CA ASN A 96 28.08 -45.80 -18.31
C ASN A 96 28.75 -46.83 -19.20
N LEU A 97 29.71 -46.36 -19.98
CA LEU A 97 30.35 -47.20 -20.98
C LEU A 97 31.38 -48.12 -20.37
N LYS A 98 31.57 -48.07 -19.05
CA LYS A 98 32.51 -48.96 -18.38
C LYS A 98 32.17 -50.39 -18.71
N THR A 99 30.88 -50.63 -18.93
CA THR A 99 30.35 -51.95 -19.21
C THR A 99 30.63 -52.44 -20.66
N SER A 100 31.20 -51.57 -21.51
CA SER A 100 31.49 -51.87 -22.91
C SER A 100 32.98 -51.66 -23.32
N THR A 101 33.67 -50.77 -22.62
CA THR A 101 35.07 -50.38 -22.90
C THR A 101 35.99 -51.54 -22.49
N PRO A 102 37.27 -51.56 -22.89
CA PRO A 102 38.26 -52.55 -22.50
C PRO A 102 38.63 -52.42 -21.04
N SER A 103 39.21 -53.47 -20.47
CA SER A 103 39.67 -53.44 -19.08
C SER A 103 40.79 -52.43 -18.84
N GLY A 104 41.43 -51.98 -19.92
CA GLY A 104 42.48 -50.98 -19.84
C GLY A 104 41.91 -49.55 -19.91
N ALA A 105 40.57 -49.44 -20.02
CA ALA A 105 39.93 -48.13 -20.11
C ALA A 105 39.86 -47.44 -18.77
N THR A 106 39.96 -46.11 -18.85
CA THR A 106 39.89 -45.20 -17.72
C THR A 106 38.70 -44.28 -17.80
N ALA A 107 38.42 -43.76 -19.00
CA ALA A 107 37.28 -42.85 -19.16
C ALA A 107 36.09 -43.71 -19.52
N TYR A 108 34.92 -43.47 -18.92
CA TYR A 108 33.77 -44.32 -19.18
C TYR A 108 32.60 -43.63 -19.85
N PHE A 109 32.84 -42.45 -20.38
CA PHE A 109 31.79 -41.73 -21.11
C PHE A 109 32.37 -40.56 -21.90
N PRO A 110 31.64 -40.06 -22.92
CA PRO A 110 32.00 -38.88 -23.67
C PRO A 110 32.16 -37.74 -22.72
N THR A 111 33.05 -36.82 -23.04
CA THR A 111 33.34 -35.70 -22.15
C THR A 111 32.77 -34.42 -22.70
N ILE A 112 32.73 -33.38 -21.88
CA ILE A 112 32.07 -32.15 -22.33
C ILE A 112 32.76 -30.85 -22.02
N VAL A 113 32.67 -29.90 -22.96
CA VAL A 113 33.15 -28.56 -22.73
C VAL A 113 32.02 -27.53 -22.90
N ILE A 114 31.91 -26.59 -21.96
CA ILE A 114 30.89 -25.53 -22.04
C ILE A 114 31.60 -24.17 -22.05
N GLY A 115 31.28 -23.29 -23.00
CA GLY A 115 32.00 -22.02 -23.07
C GLY A 115 31.44 -21.04 -24.08
N SER A 116 32.34 -20.26 -24.69
CA SER A 116 31.94 -19.28 -25.69
C SER A 116 32.73 -19.54 -26.98
N LEU A 117 33.92 -18.97 -27.07
CA LEU A 117 34.76 -19.15 -28.24
C LEU A 117 35.71 -20.32 -28.03
N PHE A 118 35.74 -20.80 -26.79
CA PHE A 118 36.60 -21.89 -26.33
C PHE A 118 38.08 -21.57 -26.52
N GLY A 119 38.42 -20.29 -26.52
CA GLY A 119 39.80 -19.90 -26.66
C GLY A 119 40.44 -19.74 -25.31
N TYR A 120 41.66 -19.24 -25.27
CA TYR A 120 42.39 -19.10 -24.02
C TYR A 120 42.01 -17.86 -23.26
N THR A 121 41.14 -17.06 -23.86
CA THR A 121 40.68 -15.81 -23.30
C THR A 121 39.29 -15.93 -22.69
N SER A 122 38.73 -17.15 -22.65
CA SER A 122 37.38 -17.38 -22.12
C SER A 122 37.38 -18.56 -21.17
N TYR A 123 36.57 -18.52 -20.14
CA TYR A 123 36.55 -19.66 -19.25
C TYR A 123 35.69 -20.75 -19.82
N THR A 124 36.14 -21.98 -19.70
CA THR A 124 35.31 -23.07 -20.14
C THR A 124 35.11 -24.04 -19.01
N VAL A 125 34.04 -24.79 -19.07
CA VAL A 125 33.80 -25.80 -18.07
C VAL A 125 34.10 -27.12 -18.72
N VAL A 126 35.04 -27.86 -18.16
CA VAL A 126 35.41 -29.12 -18.77
C VAL A 126 35.28 -30.27 -17.80
N ILE A 127 34.54 -31.30 -18.21
CA ILE A 127 34.39 -32.45 -17.35
C ILE A 127 34.77 -33.76 -18.02
N GLU A 128 35.71 -34.48 -17.38
CA GLU A 128 36.21 -35.77 -17.87
C GLU A 128 36.27 -36.84 -16.77
N PRO A 129 35.58 -37.99 -16.88
CA PRO A 129 35.65 -39.03 -15.89
C PRO A 129 36.96 -39.76 -16.00
N TYR A 130 37.48 -40.20 -14.87
CA TYR A 130 38.62 -41.09 -14.81
C TYR A 130 38.43 -42.12 -13.72
N ASN A 131 38.51 -43.40 -14.03
CA ASN A 131 38.39 -44.38 -12.97
C ASN A 131 37.13 -44.10 -12.12
N GLY A 132 37.34 -43.82 -10.83
CA GLY A 132 36.24 -43.57 -9.90
C GLY A 132 35.85 -42.10 -9.71
N VAL A 133 36.42 -41.16 -10.48
CA VAL A 133 36.11 -39.75 -10.27
C VAL A 133 35.69 -38.93 -11.48
N ILE A 134 35.14 -37.76 -11.17
CA ILE A 134 34.77 -36.74 -12.12
C ILE A 134 35.83 -35.68 -12.09
N MET A 135 36.66 -35.61 -13.12
CA MET A 135 37.71 -34.61 -13.05
C MET A 135 37.15 -33.36 -13.67
N ALA A 136 36.60 -32.52 -12.80
CA ALA A 136 35.92 -31.33 -13.30
C ALA A 136 36.77 -30.10 -13.10
N SER A 137 36.66 -29.18 -14.05
CA SER A 137 37.32 -27.92 -13.88
C SER A 137 36.67 -26.78 -14.62
N VAL A 138 36.91 -25.57 -14.14
CA VAL A 138 36.46 -24.36 -14.79
C VAL A 138 37.70 -23.52 -15.04
N CYS A 139 38.02 -23.31 -16.33
CA CYS A 139 39.32 -22.77 -16.68
C CYS A 139 39.53 -22.29 -18.13
N GLN A 140 40.41 -21.31 -18.28
CA GLN A 140 40.82 -20.80 -19.58
C GLN A 140 41.86 -21.72 -20.20
N TYR A 141 41.36 -22.78 -20.82
CA TYR A 141 42.18 -23.82 -21.46
C TYR A 141 42.53 -23.46 -22.91
N THR A 142 43.69 -23.91 -23.41
CA THR A 142 44.01 -23.65 -24.82
C THR A 142 43.34 -24.70 -25.71
N ILE A 143 42.01 -24.62 -25.83
CA ILE A 143 41.24 -25.67 -26.49
C ILE A 143 41.39 -25.65 -28.01
N CYS A 144 41.61 -26.83 -28.55
CA CYS A 144 41.86 -27.06 -29.95
C CYS A 144 40.67 -27.09 -30.87
N GLN A 145 40.97 -26.95 -32.15
CA GLN A 145 39.94 -27.00 -33.17
C GLN A 145 39.20 -28.32 -33.30
N LEU A 146 39.93 -29.44 -33.14
CA LEU A 146 39.38 -30.79 -33.30
C LEU A 146 39.59 -31.70 -32.09
N PRO A 147 39.08 -31.38 -30.90
CA PRO A 147 39.30 -32.10 -29.66
C PRO A 147 38.57 -33.44 -29.60
N TYR A 148 39.09 -34.38 -28.84
CA TYR A 148 38.36 -35.63 -28.64
C TYR A 148 38.79 -36.26 -27.33
N THR A 149 38.05 -37.25 -26.86
CA THR A 149 38.52 -38.02 -25.73
C THR A 149 38.61 -39.48 -26.12
N ASP A 150 39.08 -40.31 -25.21
CA ASP A 150 39.31 -41.72 -25.53
C ASP A 150 39.34 -42.57 -24.29
N CYS A 151 38.67 -43.70 -24.37
CA CYS A 151 38.54 -44.58 -23.22
C CYS A 151 39.87 -45.14 -22.72
N LYS A 152 40.86 -45.31 -23.60
CA LYS A 152 42.11 -45.99 -23.21
C LYS A 152 43.36 -45.16 -22.79
N PRO A 153 43.97 -44.31 -23.66
CA PRO A 153 45.27 -43.67 -23.47
C PRO A 153 45.28 -42.55 -22.44
N ASN A 154 45.00 -42.91 -21.20
CA ASN A 154 44.92 -42.00 -20.07
C ASN A 154 46.08 -42.23 -19.12
N THR A 155 47.14 -42.81 -19.66
CA THR A 155 48.36 -43.15 -18.93
C THR A 155 49.02 -41.98 -18.22
N ASN A 156 49.38 -42.23 -16.96
CA ASN A 156 50.06 -41.24 -16.15
C ASN A 156 51.50 -41.20 -16.63
N GLY A 157 51.83 -40.16 -17.39
CA GLY A 157 53.13 -40.04 -18.03
C GLY A 157 52.99 -39.74 -19.53
N ASN A 158 51.76 -39.81 -20.07
CA ASN A 158 51.56 -39.51 -21.48
C ASN A 158 51.59 -38.01 -21.71
N LYS A 159 52.77 -37.43 -21.63
CA LYS A 159 52.94 -35.98 -21.73
C LYS A 159 52.94 -35.49 -23.17
N LEU A 160 51.77 -35.61 -23.79
CA LEU A 160 51.52 -35.23 -25.16
C LEU A 160 50.88 -33.85 -25.24
N ILE A 161 51.46 -32.93 -25.99
CA ILE A 161 50.82 -31.63 -26.06
C ILE A 161 49.77 -31.61 -27.16
N GLY A 162 48.61 -32.15 -26.80
CA GLY A 162 47.49 -32.19 -27.72
C GLY A 162 46.51 -33.35 -27.57
N PHE A 163 45.49 -33.12 -26.76
CA PHE A 163 44.39 -34.08 -26.61
C PHE A 163 43.06 -33.42 -26.95
N TRP A 164 42.94 -32.18 -26.50
CA TRP A 164 41.72 -31.41 -26.65
C TRP A 164 42.11 -29.98 -26.44
N HIS A 165 43.25 -29.84 -25.82
CA HIS A 165 43.90 -28.60 -25.56
C HIS A 165 45.37 -28.87 -25.70
N THR A 166 46.15 -27.78 -25.80
CA THR A 166 47.60 -27.74 -25.96
C THR A 166 48.32 -27.05 -24.82
N ASP A 167 47.77 -27.11 -23.63
CA ASP A 167 48.40 -26.42 -22.53
C ASP A 167 49.83 -26.92 -22.35
N VAL A 168 50.74 -25.99 -22.10
CA VAL A 168 52.14 -26.28 -21.81
C VAL A 168 52.42 -25.72 -20.45
N LYS A 169 52.19 -24.42 -20.32
CA LYS A 169 52.29 -23.73 -19.06
C LYS A 169 50.92 -23.86 -18.44
N PRO A 170 50.75 -23.79 -17.11
CA PRO A 170 49.46 -23.89 -16.48
C PRO A 170 48.48 -22.86 -17.06
N PRO A 171 47.24 -23.26 -17.36
CA PRO A 171 46.15 -22.44 -17.86
C PRO A 171 45.60 -21.58 -16.74
N ILE A 172 44.72 -20.63 -17.07
CA ILE A 172 44.17 -19.78 -16.00
C ILE A 172 42.88 -20.35 -15.45
N CYS A 173 42.93 -20.90 -14.26
CA CYS A 173 41.77 -21.62 -13.76
C CYS A 173 41.11 -21.00 -12.55
N VAL A 174 39.85 -21.37 -12.37
CA VAL A 174 39.01 -20.98 -11.26
C VAL A 174 38.77 -22.15 -10.33
N LEU A 175 38.39 -23.29 -10.91
CA LEU A 175 38.05 -24.47 -10.15
C LEU A 175 38.63 -25.74 -10.72
N LYS A 176 39.13 -26.61 -9.86
CA LYS A 176 39.53 -27.94 -10.29
C LYS A 176 39.39 -28.91 -9.13
N ARG A 177 38.65 -29.98 -9.35
CA ARG A 177 38.44 -30.98 -8.32
C ARG A 177 37.95 -32.33 -8.84
N ASN A 178 38.43 -33.39 -8.19
CA ASN A 178 37.98 -34.75 -8.44
C ASN A 178 36.84 -35.12 -7.51
N PHE A 179 35.68 -35.38 -8.07
CA PHE A 179 34.50 -35.73 -7.27
C PHE A 179 34.24 -37.20 -7.53
N THR A 180 33.65 -37.96 -6.63
CA THR A 180 33.51 -39.39 -7.00
C THR A 180 32.35 -39.72 -7.94
N LEU A 181 32.45 -40.91 -8.56
CA LEU A 181 31.43 -41.54 -9.42
C LEU A 181 30.98 -42.92 -8.96
N ASN A 182 29.69 -43.21 -9.05
CA ASN A 182 29.33 -44.59 -8.80
C ASN A 182 29.57 -45.33 -10.10
N VAL A 183 30.73 -45.90 -10.22
CA VAL A 183 31.12 -46.57 -11.45
C VAL A 183 30.25 -47.76 -11.84
N ASN A 184 29.37 -48.22 -10.94
CA ASN A 184 28.50 -49.33 -11.24
C ASN A 184 27.11 -48.85 -11.67
N ALA A 185 26.95 -47.53 -11.84
CA ALA A 185 25.70 -46.94 -12.29
C ALA A 185 25.40 -47.34 -13.73
N ASP A 186 24.13 -47.48 -14.09
CA ASP A 186 23.83 -47.76 -15.50
C ASP A 186 24.08 -46.52 -16.36
N ALA A 187 23.80 -45.37 -15.76
CA ALA A 187 23.92 -44.07 -16.40
C ALA A 187 24.12 -43.01 -15.34
N PHE A 188 24.65 -41.87 -15.73
CA PHE A 188 24.80 -40.76 -14.82
C PHE A 188 23.91 -39.63 -15.27
N TYR A 189 23.48 -38.80 -14.34
CA TYR A 189 22.59 -37.70 -14.71
C TYR A 189 23.22 -36.39 -14.29
N PHE A 190 23.13 -35.39 -15.15
CA PHE A 190 23.72 -34.08 -14.83
C PHE A 190 22.89 -32.86 -15.21
N HIS A 191 23.11 -31.77 -14.46
CA HIS A 191 22.55 -30.47 -14.84
C HIS A 191 23.64 -29.42 -14.85
N PHE A 192 23.60 -28.56 -15.85
CA PHE A 192 24.53 -27.44 -15.88
C PHE A 192 23.80 -26.17 -16.24
N TYR A 193 23.93 -25.14 -15.43
CA TYR A 193 23.23 -23.89 -15.75
C TYR A 193 23.93 -22.69 -15.20
N GLN A 194 23.47 -21.52 -15.59
CA GLN A 194 24.08 -20.34 -15.05
C GLN A 194 23.05 -19.29 -14.70
N HIS A 195 23.37 -18.47 -13.71
CA HIS A 195 22.51 -17.38 -13.30
C HIS A 195 23.29 -16.26 -12.63
N GLY A 196 23.22 -15.06 -13.19
CA GLY A 196 23.90 -13.91 -12.59
C GLY A 196 25.43 -14.00 -12.64
N GLY A 197 25.97 -14.84 -13.51
CA GLY A 197 27.41 -15.06 -13.58
C GLY A 197 27.80 -16.31 -12.79
N THR A 198 26.90 -16.86 -11.99
CA THR A 198 27.30 -18.05 -11.28
C THR A 198 27.00 -19.25 -12.13
N PHE A 199 27.98 -20.14 -12.26
CA PHE A 199 27.79 -21.38 -12.99
C PHE A 199 27.58 -22.47 -11.98
N TYR A 200 26.59 -23.31 -12.23
CA TYR A 200 26.26 -24.38 -11.31
C TYR A 200 26.34 -25.72 -11.98
N ALA A 201 26.76 -26.72 -11.22
CA ALA A 201 26.78 -28.09 -11.69
C ALA A 201 26.19 -29.01 -10.65
N TYR A 202 25.28 -29.87 -11.10
CA TYR A 202 24.59 -30.89 -10.30
C TYR A 202 24.77 -32.27 -10.91
N TYR A 203 24.65 -33.32 -10.10
CA TYR A 203 24.76 -34.67 -10.65
C TYR A 203 24.02 -35.75 -9.88
N ALA A 204 23.89 -36.92 -10.50
CA ALA A 204 23.37 -38.10 -9.81
C ALA A 204 23.87 -39.38 -10.44
N ASP A 205 23.92 -40.42 -9.62
CA ASP A 205 24.24 -41.77 -10.06
C ASP A 205 22.98 -42.57 -10.37
N LYS A 206 21.88 -42.16 -9.77
CA LYS A 206 20.62 -42.88 -9.90
C LYS A 206 19.54 -41.97 -10.49
N PRO A 207 18.55 -42.51 -11.21
CA PRO A 207 17.45 -41.79 -11.83
C PRO A 207 16.44 -41.30 -10.80
N SER A 208 16.88 -40.35 -10.00
CA SER A 208 16.11 -39.77 -8.92
C SER A 208 16.02 -38.25 -9.11
N ALA A 209 16.98 -37.50 -8.59
CA ALA A 209 17.05 -36.05 -8.73
C ALA A 209 18.50 -35.68 -8.51
N THR A 210 18.98 -34.61 -9.12
CA THR A 210 20.40 -34.35 -8.95
C THR A 210 20.74 -33.52 -7.74
N THR A 211 21.99 -33.67 -7.29
CA THR A 211 22.48 -32.95 -6.14
C THR A 211 23.63 -32.07 -6.53
N PHE A 212 23.93 -31.10 -5.70
CA PHE A 212 24.94 -30.13 -6.04
C PHE A 212 26.36 -30.70 -6.08
N LEU A 213 27.08 -30.38 -7.16
CA LEU A 213 28.46 -30.82 -7.33
C LEU A 213 29.37 -29.62 -7.02
N PHE A 214 29.20 -28.52 -7.77
CA PHE A 214 29.99 -27.31 -7.56
C PHE A 214 29.42 -26.05 -8.19
N SER A 215 29.98 -24.91 -7.81
CA SER A 215 29.66 -23.68 -8.51
C SER A 215 30.81 -22.70 -8.45
N VAL A 216 30.84 -21.82 -9.44
CA VAL A 216 31.84 -20.76 -9.55
C VAL A 216 31.24 -19.43 -9.96
N TYR A 217 31.89 -18.34 -9.59
CA TYR A 217 31.45 -17.03 -10.09
C TYR A 217 32.32 -16.51 -11.21
N ILE A 218 31.75 -16.48 -12.42
CA ILE A 218 32.46 -16.03 -13.59
C ILE A 218 31.60 -15.08 -14.42
N GLY A 219 32.05 -13.83 -14.61
CA GLY A 219 31.26 -12.88 -15.40
C GLY A 219 31.24 -13.23 -16.90
N ASP A 220 32.13 -14.12 -17.29
CA ASP A 220 32.25 -14.58 -18.66
C ASP A 220 31.13 -15.58 -18.95
N ILE A 221 29.95 -15.03 -19.22
CA ILE A 221 28.73 -15.82 -19.43
C ILE A 221 28.90 -16.84 -20.53
N LEU A 222 28.47 -18.08 -20.24
CA LEU A 222 28.60 -19.21 -21.13
C LEU A 222 27.56 -19.10 -22.22
N THR A 223 27.86 -19.47 -23.46
CA THR A 223 26.83 -19.36 -24.48
C THR A 223 26.57 -20.66 -25.24
N GLN A 224 27.57 -21.53 -25.38
CA GLN A 224 27.44 -22.75 -26.20
C GLN A 224 28.29 -23.93 -25.70
N TYR A 225 28.02 -25.12 -26.23
CA TYR A 225 28.77 -26.29 -25.78
C TYR A 225 28.97 -27.38 -26.82
N TYR A 226 29.86 -28.30 -26.48
CA TYR A 226 30.21 -29.38 -27.37
C TYR A 226 30.57 -30.65 -26.57
N VAL A 227 30.07 -31.82 -26.99
CA VAL A 227 30.44 -33.03 -26.29
C VAL A 227 31.50 -33.68 -27.14
N LEU A 228 32.64 -33.95 -26.53
CA LEU A 228 33.77 -34.47 -27.26
C LEU A 228 33.51 -35.90 -27.68
N PRO A 229 33.96 -36.30 -28.88
CA PRO A 229 33.87 -37.64 -29.38
C PRO A 229 34.54 -38.58 -28.46
N PHE A 230 33.98 -39.77 -28.33
CA PHE A 230 34.59 -40.77 -27.48
C PHE A 230 35.20 -41.83 -28.39
N ILE A 231 36.51 -41.84 -28.43
CA ILE A 231 37.24 -42.75 -29.27
C ILE A 231 37.48 -44.00 -28.43
N CYS A 232 37.25 -45.18 -28.98
CA CYS A 232 37.42 -46.36 -28.16
C CYS A 232 37.52 -47.64 -28.96
N ASN A 233 38.12 -48.65 -28.35
CA ASN A 233 38.22 -49.98 -28.93
C ASN A 233 37.56 -50.98 -27.97
N PRO A 234 36.21 -50.95 -27.93
CA PRO A 234 35.34 -51.61 -26.97
C PRO A 234 35.30 -53.10 -27.12
N THR A 235 35.05 -53.80 -26.01
CA THR A 235 34.91 -55.24 -26.07
C THR A 235 33.50 -55.56 -26.56
N ALA A 236 32.62 -54.57 -26.40
CA ALA A 236 31.26 -54.63 -26.87
C ALA A 236 31.18 -54.81 -28.39
N GLY A 237 32.23 -54.40 -29.13
CA GLY A 237 32.21 -54.55 -30.57
C GLY A 237 31.01 -53.85 -31.20
N SER A 238 30.21 -54.63 -31.92
CA SER A 238 29.03 -54.14 -32.64
C SER A 238 27.91 -53.60 -31.74
N THR A 239 27.99 -53.86 -30.42
CA THR A 239 26.99 -53.37 -29.50
C THR A 239 27.46 -52.05 -28.87
N PHE A 240 28.63 -51.58 -29.27
CA PHE A 240 29.11 -50.33 -28.73
C PHE A 240 28.41 -49.18 -29.40
N ALA A 241 27.40 -48.69 -28.72
CA ALA A 241 26.57 -47.61 -29.20
C ALA A 241 26.40 -46.52 -28.13
N PRO A 242 27.42 -45.68 -27.87
CA PRO A 242 27.43 -44.65 -26.88
C PRO A 242 26.27 -43.70 -26.97
N ARG A 243 25.81 -43.30 -25.79
CA ARG A 243 24.70 -42.39 -25.66
C ARG A 243 25.02 -41.33 -24.63
N TYR A 244 24.74 -40.09 -25.02
CA TYR A 244 24.94 -38.92 -24.18
C TYR A 244 23.74 -38.05 -24.52
N TRP A 245 22.64 -38.33 -23.87
CA TRP A 245 21.40 -37.69 -24.25
C TRP A 245 21.28 -36.33 -23.63
N VAL A 246 21.11 -35.30 -24.47
CA VAL A 246 21.05 -33.94 -23.98
C VAL A 246 19.86 -33.11 -24.45
N THR A 247 19.29 -32.36 -23.50
CA THR A 247 18.17 -31.46 -23.75
C THR A 247 18.43 -30.17 -22.97
N PRO A 248 17.99 -28.99 -23.44
CA PRO A 248 18.17 -27.73 -22.77
C PRO A 248 17.32 -27.54 -21.52
N LEU A 249 17.84 -26.71 -20.63
CA LEU A 249 17.12 -26.28 -19.44
C LEU A 249 16.50 -24.94 -19.73
N VAL A 250 15.37 -24.66 -19.13
CA VAL A 250 14.75 -23.37 -19.28
C VAL A 250 14.31 -22.84 -17.93
N LYS A 251 14.21 -21.53 -17.79
CA LYS A 251 13.62 -21.02 -16.56
C LYS A 251 12.19 -21.60 -16.45
N ARG A 252 11.87 -22.19 -15.30
CA ARG A 252 10.56 -22.82 -15.14
C ARG A 252 10.12 -23.09 -13.69
N GLN A 253 8.80 -23.03 -13.47
CA GLN A 253 8.19 -23.32 -12.17
C GLN A 253 7.71 -24.76 -12.09
N TYR A 254 8.08 -25.42 -10.99
CA TYR A 254 7.74 -26.80 -10.67
C TYR A 254 7.10 -27.03 -9.33
N LEU A 255 6.21 -28.00 -9.28
CA LEU A 255 5.65 -28.43 -8.00
C LEU A 255 6.46 -29.59 -7.51
N PHE A 256 6.98 -29.50 -6.29
CA PHE A 256 7.78 -30.58 -5.72
C PHE A 256 7.16 -31.24 -4.54
N ASN A 257 7.01 -32.55 -4.64
CA ASN A 257 6.45 -33.39 -3.60
C ASN A 257 7.58 -34.07 -2.84
N PHE A 258 7.83 -33.59 -1.61
CA PHE A 258 8.92 -34.07 -0.75
C PHE A 258 8.39 -35.01 0.33
N ASN A 259 9.13 -36.08 0.62
CA ASN A 259 8.72 -36.98 1.71
C ASN A 259 9.27 -36.51 3.05
N GLN A 260 9.13 -37.34 4.08
CA GLN A 260 9.56 -36.96 5.43
C GLN A 260 11.07 -36.98 5.62
N LYS A 261 11.80 -37.43 4.61
CA LYS A 261 13.26 -37.49 4.65
C LYS A 261 13.86 -36.36 3.83
N GLY A 262 13.01 -35.55 3.21
CA GLY A 262 13.50 -34.47 2.37
C GLY A 262 13.83 -34.93 0.97
N VAL A 263 13.40 -36.13 0.62
CA VAL A 263 13.68 -36.66 -0.69
C VAL A 263 12.58 -36.27 -1.65
N ILE A 264 12.97 -35.82 -2.84
CA ILE A 264 11.97 -35.46 -3.83
C ILE A 264 11.40 -36.74 -4.38
N THR A 265 10.09 -36.89 -4.32
CA THR A 265 9.48 -38.11 -4.79
C THR A 265 8.81 -37.92 -6.13
N SER A 266 8.41 -36.68 -6.41
CA SER A 266 7.73 -36.40 -7.68
C SER A 266 7.75 -34.92 -7.99
N ALA A 267 7.81 -34.56 -9.27
CA ALA A 267 7.72 -33.14 -9.59
C ALA A 267 6.80 -32.88 -10.77
N VAL A 268 6.22 -31.70 -10.82
CA VAL A 268 5.35 -31.34 -11.94
C VAL A 268 5.80 -30.10 -12.68
N ASP A 269 5.95 -30.21 -13.99
CA ASP A 269 6.29 -29.04 -14.82
C ASP A 269 5.02 -28.29 -15.05
N CYS A 270 4.87 -27.16 -14.39
CA CYS A 270 3.60 -26.46 -14.38
C CYS A 270 3.11 -26.01 -15.74
N ALA A 271 3.97 -25.96 -16.76
CA ALA A 271 3.53 -25.50 -18.07
C ALA A 271 3.34 -26.65 -19.08
N SER A 272 3.61 -27.88 -18.67
CA SER A 272 3.57 -29.03 -19.59
C SER A 272 2.21 -29.35 -20.19
N SER A 273 1.19 -29.34 -19.36
CA SER A 273 -0.14 -29.75 -19.76
C SER A 273 -1.16 -29.17 -18.86
N TYR A 274 -2.42 -29.25 -19.23
CA TYR A 274 -3.45 -28.71 -18.36
C TYR A 274 -3.55 -29.53 -17.09
N THR A 275 -3.26 -30.82 -17.18
CA THR A 275 -3.27 -31.62 -15.97
C THR A 275 -2.18 -31.12 -15.04
N SER A 276 -1.00 -30.88 -15.61
CA SER A 276 0.14 -30.46 -14.82
C SER A 276 -0.11 -29.10 -14.20
N GLU A 277 -0.67 -28.19 -14.99
CA GLU A 277 -0.92 -26.86 -14.49
C GLU A 277 -1.84 -26.88 -13.30
N ILE A 278 -2.88 -27.69 -13.37
CA ILE A 278 -3.83 -27.75 -12.28
C ILE A 278 -3.13 -28.28 -11.03
N LYS A 279 -2.27 -29.28 -11.17
CA LYS A 279 -1.58 -29.75 -9.96
C LYS A 279 -0.83 -28.59 -9.34
N CYS A 280 -0.17 -27.79 -10.16
CA CYS A 280 0.55 -26.67 -9.61
C CYS A 280 -0.36 -25.63 -9.01
N LYS A 281 -1.48 -25.37 -9.65
CA LYS A 281 -2.44 -24.37 -9.21
C LYS A 281 -2.90 -24.65 -7.79
N THR A 282 -3.17 -25.91 -7.50
CA THR A 282 -3.64 -26.29 -6.18
C THR A 282 -2.50 -26.72 -5.27
N GLN A 283 -1.31 -26.91 -5.83
CA GLN A 283 -0.15 -27.39 -5.12
C GLN A 283 -0.45 -28.71 -4.46
N SER A 284 -1.00 -29.63 -5.26
CA SER A 284 -1.37 -30.94 -4.76
C SER A 284 -1.31 -31.97 -5.86
N MET A 285 -1.49 -33.21 -5.50
CA MET A 285 -1.50 -34.28 -6.48
C MET A 285 -2.90 -34.48 -7.10
N LEU A 286 -3.81 -33.55 -6.79
CA LEU A 286 -5.20 -33.47 -7.24
C LEU A 286 -6.14 -34.64 -7.04
N PRO A 287 -6.35 -35.10 -5.81
CA PRO A 287 -7.35 -36.11 -5.47
C PRO A 287 -8.76 -35.48 -5.51
N SER A 288 -8.81 -34.15 -5.53
CA SER A 288 -10.03 -33.35 -5.52
C SER A 288 -10.73 -33.29 -6.86
N THR A 289 -11.93 -32.75 -6.86
CA THR A 289 -12.70 -32.59 -8.07
C THR A 289 -12.91 -31.13 -8.31
N GLY A 290 -13.31 -30.75 -9.53
CA GLY A 290 -13.64 -29.34 -9.72
C GLY A 290 -13.39 -28.69 -11.06
N VAL A 291 -13.68 -27.40 -11.07
CA VAL A 291 -13.57 -26.49 -12.20
C VAL A 291 -12.50 -25.47 -11.87
N TYR A 292 -11.59 -25.23 -12.81
CA TYR A 292 -10.48 -24.33 -12.54
C TYR A 292 -10.20 -23.35 -13.67
N GLU A 293 -9.86 -22.11 -13.32
CA GLU A 293 -9.41 -21.16 -14.33
C GLU A 293 -7.90 -21.27 -14.48
N LEU A 294 -7.46 -21.48 -15.71
CA LEU A 294 -6.06 -21.72 -16.00
C LEU A 294 -5.39 -20.54 -16.70
N SER A 295 -4.06 -20.56 -16.79
CA SER A 295 -3.34 -19.53 -17.53
C SER A 295 -3.54 -19.74 -19.04
N GLY A 296 -3.96 -20.94 -19.41
CA GLY A 296 -4.32 -21.25 -20.79
C GLY A 296 -3.16 -21.49 -21.75
N TYR A 297 -2.50 -20.40 -22.11
CA TYR A 297 -1.43 -20.47 -23.12
C TYR A 297 -0.51 -19.26 -23.09
N THR A 298 0.78 -19.48 -23.32
CA THR A 298 1.71 -18.37 -23.39
C THR A 298 1.68 -17.75 -24.78
N VAL A 299 1.37 -16.47 -24.85
CA VAL A 299 1.27 -15.79 -26.11
C VAL A 299 2.60 -15.63 -26.80
N GLN A 300 2.64 -16.01 -28.07
CA GLN A 300 3.83 -15.87 -28.89
C GLN A 300 3.50 -15.07 -30.15
N PRO A 301 3.99 -13.83 -30.32
CA PRO A 301 3.76 -13.02 -31.49
C PRO A 301 4.56 -13.58 -32.66
N VAL A 302 4.08 -13.32 -33.87
CA VAL A 302 4.74 -13.79 -35.09
C VAL A 302 5.91 -12.99 -35.64
N GLY A 303 5.80 -11.67 -35.66
CA GLY A 303 6.85 -10.84 -36.25
C GLY A 303 6.65 -9.38 -35.91
N VAL A 304 7.13 -8.47 -36.77
CA VAL A 304 7.04 -7.04 -36.49
C VAL A 304 6.44 -6.18 -37.59
N VAL A 305 5.51 -5.31 -37.21
CA VAL A 305 4.93 -4.31 -38.10
C VAL A 305 5.58 -2.97 -37.78
N TYR A 306 6.02 -2.23 -38.81
CA TYR A 306 6.67 -0.95 -38.56
C TYR A 306 6.24 0.12 -39.52
N ARG A 307 5.82 1.26 -38.97
CA ARG A 307 5.43 2.35 -39.84
C ARG A 307 6.22 3.61 -39.56
N ARG A 308 6.65 4.20 -40.66
CA ARG A 308 7.44 5.41 -40.74
C ARG A 308 6.62 6.67 -40.70
N VAL A 309 7.33 7.78 -40.67
CA VAL A 309 6.76 9.10 -40.70
C VAL A 309 6.94 9.70 -42.08
N ALA A 310 6.46 10.91 -42.24
CA ALA A 310 6.55 11.63 -43.50
C ALA A 310 7.98 11.67 -43.99
N ASN A 311 8.18 11.95 -45.28
CA ASN A 311 9.54 11.99 -45.80
C ASN A 311 10.24 13.26 -45.37
N LEU A 312 10.60 13.29 -44.09
CA LEU A 312 11.16 14.43 -43.42
C LEU A 312 12.63 14.60 -43.78
N PRO A 313 13.15 15.83 -43.79
CA PRO A 313 14.54 16.15 -43.93
C PRO A 313 15.23 15.86 -42.63
N ALA A 314 16.52 15.63 -42.67
CA ALA A 314 17.26 15.52 -41.42
C ALA A 314 17.60 16.92 -40.95
N CYS A 315 17.65 17.10 -39.65
CA CYS A 315 18.09 18.39 -39.13
C CYS A 315 19.55 18.33 -38.78
N ASN A 316 20.33 19.26 -39.28
CA ASN A 316 21.73 19.22 -38.90
C ASN A 316 21.82 19.93 -37.58
N ILE A 317 21.57 19.19 -36.53
CA ILE A 317 21.48 19.74 -35.20
C ILE A 317 22.83 20.34 -34.84
N GLU A 318 23.89 19.66 -35.24
CA GLU A 318 25.24 20.11 -34.97
C GLU A 318 25.57 21.46 -35.61
N GLU A 319 24.83 21.91 -36.62
CA GLU A 319 25.12 23.21 -37.23
C GLU A 319 24.70 24.32 -36.29
N TRP A 320 23.80 23.98 -35.39
CA TRP A 320 23.32 24.93 -34.43
C TRP A 320 24.19 24.80 -33.19
N LEU A 321 24.45 23.57 -32.78
CA LEU A 321 25.25 23.37 -31.57
C LEU A 321 26.66 23.94 -31.72
N THR A 322 27.23 23.85 -32.92
CA THR A 322 28.57 24.34 -33.14
C THR A 322 28.61 25.79 -33.62
N ALA A 323 27.47 26.48 -33.64
CA ALA A 323 27.47 27.86 -34.09
C ALA A 323 28.35 28.68 -33.15
N ARG A 324 29.09 29.62 -33.71
CA ARG A 324 30.04 30.43 -32.93
C ARG A 324 29.48 31.32 -31.83
N SER A 325 28.38 32.01 -32.08
CA SER A 325 27.93 33.03 -31.13
C SER A 325 27.26 32.52 -29.87
N VAL A 326 28.04 31.88 -29.02
CA VAL A 326 27.53 31.34 -27.77
C VAL A 326 27.27 32.44 -26.76
N PRO A 327 26.08 32.48 -26.15
CA PRO A 327 25.64 33.41 -25.13
C PRO A 327 25.96 33.09 -23.67
N SER A 328 25.78 34.13 -22.87
CA SER A 328 25.80 34.06 -21.42
C SER A 328 24.58 33.26 -20.94
N PRO A 329 24.54 32.84 -19.67
CA PRO A 329 23.41 32.21 -19.01
C PRO A 329 22.09 32.98 -19.01
N LEU A 330 22.11 34.28 -19.33
CA LEU A 330 20.87 35.05 -19.40
C LEU A 330 20.43 35.31 -20.81
N ASN A 331 21.17 34.78 -21.76
CA ASN A 331 20.86 34.97 -23.15
C ASN A 331 20.89 33.68 -23.89
N TRP A 332 20.53 32.58 -23.23
CA TRP A 332 20.64 31.32 -23.94
C TRP A 332 19.85 31.37 -25.19
N GLU A 333 20.37 30.68 -26.18
CA GLU A 333 19.70 30.61 -27.45
C GLU A 333 18.78 29.43 -27.42
N ARG A 334 17.56 29.62 -27.89
CA ARG A 334 16.63 28.52 -27.97
C ARG A 334 16.30 28.19 -29.40
N LYS A 335 16.40 26.93 -29.74
CA LYS A 335 16.09 26.47 -31.08
C LYS A 335 15.24 25.23 -31.04
N THR A 336 14.16 25.26 -31.80
CA THR A 336 13.24 24.16 -31.84
C THR A 336 13.25 23.47 -33.19
N PHE A 337 13.28 22.15 -33.15
CA PHE A 337 13.32 21.34 -34.34
C PHE A 337 12.03 20.52 -34.44
N GLN A 338 11.35 20.65 -35.58
CA GLN A 338 10.07 19.97 -35.83
C GLN A 338 10.11 19.35 -37.21
N ASN A 339 9.32 18.30 -37.44
CA ASN A 339 9.28 17.67 -38.77
C ASN A 339 10.72 17.36 -39.16
N CYS A 340 11.35 16.54 -38.34
CA CYS A 340 12.78 16.34 -38.42
C CYS A 340 13.32 14.97 -38.16
N ASN A 341 14.26 14.52 -38.99
CA ASN A 341 14.97 13.29 -38.67
C ASN A 341 16.30 13.62 -37.98
N PHE A 342 16.78 12.73 -37.12
CA PHE A 342 18.09 12.96 -36.50
C PHE A 342 18.85 11.68 -36.11
N ASN A 343 20.14 11.87 -35.76
CA ASN A 343 21.01 10.77 -35.34
C ASN A 343 21.77 11.09 -34.07
N LEU A 344 21.13 10.90 -32.93
CA LEU A 344 21.71 11.29 -31.64
C LEU A 344 23.07 10.66 -31.39
N SER A 345 23.23 9.39 -31.69
CA SER A 345 24.50 8.74 -31.43
C SER A 345 25.64 9.30 -32.30
N SER A 346 25.31 10.07 -33.34
CA SER A 346 26.33 10.68 -34.17
C SER A 346 26.55 12.11 -33.70
N LEU A 347 25.50 12.76 -33.21
CA LEU A 347 25.64 14.14 -32.76
C LEU A 347 26.60 14.19 -31.59
N LEU A 348 26.54 13.15 -30.78
CA LEU A 348 27.37 13.02 -29.59
C LEU A 348 28.83 12.72 -29.92
N ARG A 349 29.13 12.56 -31.21
CA ARG A 349 30.47 12.33 -31.71
C ARG A 349 30.91 13.47 -32.63
N TYR A 350 30.08 14.51 -32.75
CA TYR A 350 30.41 15.70 -33.56
C TYR A 350 30.85 16.75 -32.59
N VAL A 351 30.21 16.74 -31.42
CA VAL A 351 30.58 17.67 -30.39
C VAL A 351 31.25 16.78 -29.36
N GLN A 352 32.18 17.29 -28.58
CA GLN A 352 32.81 16.40 -27.64
C GLN A 352 31.90 16.20 -26.47
N ALA A 353 31.04 15.22 -26.58
CA ALA A 353 30.03 14.98 -25.57
C ALA A 353 30.70 14.45 -24.32
N GLU A 354 31.15 15.38 -23.48
CA GLU A 354 31.91 15.05 -22.28
C GLU A 354 31.04 14.21 -21.36
N SER A 355 29.76 14.52 -21.32
CA SER A 355 28.84 13.70 -20.55
C SER A 355 27.40 13.86 -21.00
N LEU A 356 26.57 12.86 -20.69
CA LEU A 356 25.16 12.98 -20.99
C LEU A 356 24.30 12.36 -19.91
N PHE A 357 23.47 13.19 -19.31
CA PHE A 357 22.55 12.78 -18.27
C PHE A 357 21.14 12.92 -18.77
N CYS A 358 20.20 12.28 -18.10
CA CYS A 358 18.82 12.43 -18.52
C CYS A 358 17.80 12.06 -17.45
N ASN A 359 16.56 12.46 -17.69
CA ASN A 359 15.45 12.19 -16.80
C ASN A 359 14.22 11.73 -17.56
N ASN A 360 13.56 10.73 -16.97
CA ASN A 360 12.30 10.15 -17.44
C ASN A 360 12.43 9.39 -18.76
N ILE A 361 13.66 9.23 -19.23
CA ILE A 361 13.96 8.43 -20.39
C ILE A 361 15.44 8.14 -20.41
N ASP A 362 15.84 6.92 -20.67
CA ASP A 362 17.27 6.65 -20.81
C ASP A 362 17.76 7.04 -22.20
N ALA A 363 19.02 7.45 -22.31
CA ALA A 363 19.58 7.76 -23.62
C ALA A 363 19.46 6.56 -24.57
N SER A 364 19.58 5.35 -24.03
CA SER A 364 19.52 4.16 -24.84
C SER A 364 18.12 3.90 -25.39
N LYS A 365 17.13 4.61 -24.87
CA LYS A 365 15.76 4.48 -25.33
C LYS A 365 15.44 5.64 -26.26
N VAL A 366 16.09 6.78 -26.04
CA VAL A 366 15.87 7.96 -26.88
C VAL A 366 16.15 7.59 -28.31
N TYR A 367 17.21 6.80 -28.50
CA TYR A 367 17.65 6.31 -29.78
C TYR A 367 16.55 5.78 -30.70
N GLY A 368 15.50 5.17 -30.14
CA GLY A 368 14.45 4.57 -30.96
C GLY A 368 13.11 5.31 -30.91
N ARG A 369 13.06 6.48 -30.30
CA ARG A 369 11.81 7.22 -30.16
C ARG A 369 11.60 8.30 -31.21
N CYS A 370 10.38 8.85 -31.21
CA CYS A 370 10.03 9.92 -32.13
C CYS A 370 9.02 10.88 -31.46
N PHE A 371 9.49 12.10 -31.23
CA PHE A 371 8.83 13.07 -30.37
C PHE A 371 8.02 14.09 -31.13
N GLY A 372 7.21 14.89 -30.42
CA GLY A 372 6.45 15.96 -31.03
C GLY A 372 7.33 17.09 -31.46
N SER A 373 8.14 17.56 -30.54
CA SER A 373 8.98 18.71 -30.81
C SER A 373 10.19 18.67 -29.92
N ILE A 374 11.35 18.99 -30.48
CA ILE A 374 12.55 18.98 -29.67
C ILE A 374 13.11 20.37 -29.53
N SER A 375 13.29 20.81 -28.30
CA SER A 375 13.82 22.15 -28.11
C SER A 375 15.13 22.10 -27.40
N VAL A 376 16.07 22.91 -27.85
CA VAL A 376 17.35 22.91 -27.19
C VAL A 376 17.76 24.31 -26.75
N ASP A 377 18.12 24.42 -25.48
CA ASP A 377 18.59 25.66 -24.88
C ASP A 377 20.11 25.63 -24.71
N LYS A 378 20.82 26.56 -25.35
CA LYS A 378 22.29 26.56 -25.34
C LYS A 378 22.97 27.75 -24.67
N PHE A 379 23.89 27.47 -23.74
CA PHE A 379 24.68 28.54 -23.13
C PHE A 379 26.01 28.08 -22.51
N ALA A 380 26.92 29.02 -22.29
CA ALA A 380 28.22 28.73 -21.67
C ALA A 380 28.15 28.69 -20.14
N VAL A 381 28.79 27.68 -19.54
CA VAL A 381 28.87 27.54 -18.08
C VAL A 381 30.30 27.23 -17.63
N PRO A 382 30.89 27.92 -16.65
CA PRO A 382 32.22 27.62 -16.14
C PRO A 382 32.22 26.18 -15.67
N ARG A 383 33.29 25.41 -15.85
CA ARG A 383 33.24 24.05 -15.29
C ARG A 383 33.14 24.14 -13.76
N SER A 384 33.70 25.22 -13.22
CA SER A 384 33.70 25.52 -11.80
C SER A 384 32.29 25.82 -11.24
N ARG A 385 31.29 25.89 -12.12
CA ARG A 385 29.93 26.14 -11.71
C ARG A 385 28.99 25.02 -12.12
N GLN A 386 29.53 23.84 -12.45
CA GLN A 386 28.67 22.70 -12.81
C GLN A 386 27.74 22.33 -11.68
N VAL A 387 28.19 22.54 -10.46
CA VAL A 387 27.41 22.26 -9.29
C VAL A 387 26.21 23.19 -9.15
N ASP A 388 26.30 24.36 -9.77
CA ASP A 388 25.22 25.33 -9.74
C ASP A 388 24.27 24.98 -10.91
N LEU A 389 24.87 24.42 -11.95
CA LEU A 389 24.15 23.97 -13.13
C LEU A 389 23.30 22.75 -12.77
N GLN A 390 23.86 21.83 -11.99
CA GLN A 390 23.17 20.61 -11.60
C GLN A 390 21.77 20.86 -11.09
N LEU A 391 20.83 20.12 -11.65
CA LEU A 391 19.39 20.23 -11.41
C LEU A 391 18.95 20.30 -9.95
N GLY A 392 19.57 19.51 -9.08
CA GLY A 392 19.12 19.46 -7.69
C GLY A 392 19.74 20.46 -6.71
N ASN A 393 20.65 21.33 -7.17
CA ASN A 393 21.28 22.25 -6.23
C ASN A 393 20.69 23.64 -6.32
N SER A 394 20.85 24.44 -5.27
CA SER A 394 20.38 25.81 -5.29
C SER A 394 21.56 26.73 -5.50
N GLY A 395 21.26 27.98 -5.84
CA GLY A 395 22.31 28.96 -6.02
C GLY A 395 21.89 30.05 -6.98
N PHE A 396 22.50 30.05 -8.16
CA PHE A 396 22.25 31.11 -9.11
C PHE A 396 21.65 30.63 -10.43
N LEU A 397 22.25 29.62 -11.04
CA LEU A 397 21.75 29.16 -12.31
C LEU A 397 20.32 28.66 -12.21
N GLN A 398 19.94 28.03 -11.10
CA GLN A 398 18.59 27.48 -11.01
C GLN A 398 17.58 28.48 -10.44
N THR A 399 18.03 29.71 -10.21
CA THR A 399 17.21 30.75 -9.60
C THR A 399 17.16 31.97 -10.49
N ALA A 400 18.33 32.59 -10.59
CA ALA A 400 18.59 33.81 -11.33
C ALA A 400 18.69 33.66 -12.83
N ASN A 401 19.24 32.56 -13.32
CA ASN A 401 19.50 32.50 -14.75
C ASN A 401 18.65 31.55 -15.57
N TYR A 402 18.89 30.26 -15.41
CA TYR A 402 18.21 29.26 -16.22
C TYR A 402 17.87 28.03 -15.43
N LYS A 403 16.62 27.88 -15.06
CA LYS A 403 16.27 26.71 -14.30
C LYS A 403 15.98 25.58 -15.21
N ILE A 404 16.66 24.46 -14.96
CA ILE A 404 16.47 23.25 -15.70
C ILE A 404 15.20 22.62 -15.15
N ASP A 405 14.28 22.25 -16.03
CA ASP A 405 13.01 21.72 -15.56
C ASP A 405 13.20 20.39 -14.85
N THR A 406 12.27 20.09 -13.96
CA THR A 406 12.28 18.88 -13.16
C THR A 406 11.21 17.86 -13.53
N ALA A 407 10.29 18.22 -14.42
CA ALA A 407 9.18 17.34 -14.78
C ALA A 407 9.31 16.81 -16.20
N ALA A 408 9.83 17.64 -17.09
CA ALA A 408 9.91 17.32 -18.50
C ALA A 408 10.79 16.11 -18.78
N THR A 409 10.44 15.39 -19.82
CA THR A 409 11.33 14.36 -20.28
C THR A 409 12.50 15.13 -20.84
N SER A 410 13.72 14.82 -20.42
CA SER A 410 14.81 15.66 -20.90
C SER A 410 16.19 15.04 -20.84
N CYS A 411 17.10 15.65 -21.60
CA CYS A 411 18.50 15.26 -21.58
C CYS A 411 19.42 16.46 -21.34
N GLN A 412 20.43 16.24 -20.54
CA GLN A 412 21.42 17.27 -20.21
C GLN A 412 22.80 16.98 -20.77
N LEU A 413 23.12 17.66 -21.87
CA LEU A 413 24.35 17.44 -22.62
C LEU A 413 25.43 18.45 -22.33
N HIS A 414 26.63 17.96 -22.05
CA HIS A 414 27.75 18.86 -21.83
C HIS A 414 28.84 18.59 -22.85
N TYR A 415 29.32 19.67 -23.50
CA TYR A 415 30.34 19.44 -24.51
C TYR A 415 31.37 20.53 -24.75
N THR A 416 32.39 20.09 -25.47
CA THR A 416 33.52 20.89 -25.93
C THR A 416 33.77 20.80 -27.45
N LEU A 417 34.14 21.91 -28.04
CA LEU A 417 34.57 21.99 -29.42
C LEU A 417 36.00 22.49 -29.28
N PRO A 418 36.92 22.23 -30.21
CA PRO A 418 38.32 22.62 -30.08
C PRO A 418 38.42 24.03 -29.56
N LYS A 419 39.09 24.18 -28.43
CA LYS A 419 39.25 25.45 -27.76
C LYS A 419 40.04 26.50 -28.52
N ASN A 420 40.87 26.05 -29.45
CA ASN A 420 41.69 26.97 -30.21
C ASN A 420 40.97 27.38 -31.48
N ASN A 421 39.80 26.79 -31.74
CA ASN A 421 39.13 27.15 -32.96
C ASN A 421 38.24 28.32 -32.70
N VAL A 422 38.83 29.48 -32.74
CA VAL A 422 38.18 30.76 -32.45
C VAL A 422 37.07 31.13 -33.45
N THR A 423 36.87 30.34 -34.50
CA THR A 423 35.80 30.63 -35.45
C THR A 423 34.54 29.89 -34.97
N ILE A 424 34.74 29.02 -33.99
CA ILE A 424 33.74 28.19 -33.32
C ILE A 424 33.62 28.64 -31.86
N ASN A 425 34.78 28.83 -31.22
CA ASN A 425 34.91 29.22 -29.83
C ASN A 425 34.83 30.71 -29.63
N ASN A 426 33.77 31.19 -28.98
CA ASN A 426 33.61 32.63 -28.73
C ASN A 426 34.56 32.94 -27.56
N HIS A 427 35.85 32.93 -27.89
CA HIS A 427 36.97 32.96 -26.97
C HIS A 427 37.00 34.25 -26.18
N ASN A 428 36.98 34.10 -24.87
CA ASN A 428 36.95 35.18 -23.88
C ASN A 428 37.68 34.73 -22.61
N PRO A 429 38.97 34.44 -22.73
CA PRO A 429 39.82 33.84 -21.72
C PRO A 429 40.00 34.65 -20.46
N SER A 430 39.74 35.96 -20.54
CA SER A 430 39.89 36.83 -19.41
C SER A 430 38.61 37.02 -18.60
N SER A 431 37.43 36.72 -19.21
CA SER A 431 36.11 36.92 -18.58
C SER A 431 34.90 36.86 -19.53
N TRP A 432 34.08 35.82 -19.40
CA TRP A 432 32.82 35.73 -20.12
C TRP A 432 31.60 35.92 -19.21
N ASN A 433 30.62 36.63 -19.72
CA ASN A 433 29.37 36.99 -19.05
C ASN A 433 28.61 35.89 -18.30
N ARG A 434 28.42 36.14 -16.99
CA ARG A 434 27.67 35.32 -16.02
C ARG A 434 27.10 36.24 -14.93
N ARG A 435 25.78 36.29 -14.79
CA ARG A 435 25.18 37.23 -13.83
C ARG A 435 24.28 36.54 -12.85
N TYR A 436 23.95 37.19 -11.71
CA TYR A 436 23.05 36.46 -10.81
C TYR A 436 22.25 37.16 -9.70
N GLY A 437 22.85 37.99 -8.89
CA GLY A 437 22.08 38.53 -7.76
C GLY A 437 21.42 39.81 -8.17
N PHE A 438 20.21 40.09 -7.68
CA PHE A 438 19.51 41.33 -8.05
C PHE A 438 19.02 42.16 -6.82
N ASN A 439 19.42 43.43 -6.78
CA ASN A 439 19.06 44.41 -5.73
C ASN A 439 17.94 45.31 -6.24
N ASP A 440 17.24 46.05 -5.34
CA ASP A 440 16.15 46.92 -5.82
C ASP A 440 15.82 48.08 -4.85
N ALA A 441 15.91 49.33 -5.35
CA ALA A 441 15.60 50.51 -4.53
C ALA A 441 14.94 51.64 -5.34
N GLY A 442 13.66 51.91 -5.08
CA GLY A 442 12.89 52.91 -5.83
C GLY A 442 13.10 54.37 -5.39
N VAL A 443 14.37 54.81 -5.42
CA VAL A 443 14.84 56.16 -5.06
C VAL A 443 14.33 57.23 -6.03
N PHE A 444 13.75 56.76 -7.13
CA PHE A 444 13.18 57.52 -8.24
C PHE A 444 12.00 58.37 -7.79
N GLY A 445 11.20 57.82 -6.87
CA GLY A 445 9.99 58.52 -6.41
C GLY A 445 8.82 58.38 -7.39
N LYS A 446 9.06 57.69 -8.51
CA LYS A 446 8.10 57.47 -9.57
C LYS A 446 7.40 56.11 -9.42
N ASN A 447 7.73 55.44 -8.32
CA ASN A 447 7.21 54.12 -7.91
C ASN A 447 7.46 54.01 -6.40
N GLN A 448 6.92 52.98 -5.78
CA GLN A 448 7.17 52.77 -4.36
C GLN A 448 8.56 52.19 -4.15
N HIS A 449 9.28 52.78 -3.19
CA HIS A 449 10.65 52.39 -2.89
C HIS A 449 10.86 50.89 -2.73
N ASP A 450 9.95 50.23 -2.03
CA ASP A 450 10.07 48.83 -1.68
C ASP A 450 9.46 47.82 -2.68
N VAL A 451 9.14 48.22 -3.90
CA VAL A 451 8.59 47.18 -4.78
C VAL A 451 9.72 46.38 -5.38
N VAL A 452 10.07 45.29 -4.70
CA VAL A 452 11.26 44.57 -5.09
C VAL A 452 11.10 43.60 -6.24
N TYR A 453 11.20 44.16 -7.45
CA TYR A 453 11.01 43.43 -8.70
C TYR A 453 12.19 42.49 -8.85
N ALA A 454 13.31 42.92 -8.30
CA ALA A 454 14.56 42.16 -8.31
C ALA A 454 14.44 40.80 -7.69
N GLN A 455 13.58 40.64 -6.67
CA GLN A 455 13.50 39.34 -6.01
C GLN A 455 12.41 38.52 -6.66
N GLN A 456 11.40 39.19 -7.20
CA GLN A 456 10.31 38.52 -7.90
C GLN A 456 10.87 37.85 -9.14
N CYS A 457 11.98 38.42 -9.63
CA CYS A 457 12.75 38.02 -10.77
C CYS A 457 13.20 36.55 -10.75
N PHE A 458 13.60 36.04 -9.58
CA PHE A 458 14.25 34.71 -9.50
C PHE A 458 13.34 33.50 -9.61
N THR A 459 12.61 33.40 -10.72
CA THR A 459 11.68 32.31 -11.00
C THR A 459 11.89 31.83 -12.42
N VAL A 460 13.14 31.66 -12.82
CA VAL A 460 13.44 31.38 -14.23
C VAL A 460 13.12 29.97 -14.75
N ARG A 461 11.85 29.57 -14.69
CA ARG A 461 11.53 28.20 -15.10
C ARG A 461 11.59 28.08 -16.60
N SER A 462 12.76 27.67 -17.09
CA SER A 462 13.07 27.60 -18.51
C SER A 462 12.73 28.94 -19.18
N SER A 463 12.97 30.03 -18.46
CA SER A 463 12.69 31.36 -18.98
C SER A 463 13.67 32.36 -18.45
N TYR A 464 13.45 33.63 -18.78
CA TYR A 464 14.42 34.67 -18.43
C TYR A 464 13.99 35.38 -17.18
N CYS A 465 14.96 35.87 -16.42
CA CYS A 465 14.72 36.59 -15.18
C CYS A 465 14.41 38.03 -15.65
N PRO A 466 13.22 38.60 -15.42
CA PRO A 466 12.76 39.90 -15.91
C PRO A 466 13.74 41.07 -15.82
N CYS A 467 14.57 41.08 -14.82
CA CYS A 467 15.48 42.20 -14.63
C CYS A 467 16.69 42.08 -15.52
N ALA A 468 16.77 40.98 -16.25
CA ALA A 468 17.82 40.68 -17.22
C ALA A 468 17.44 41.25 -18.58
N GLN A 469 16.29 41.92 -18.66
CA GLN A 469 15.81 42.50 -19.91
C GLN A 469 16.87 43.17 -20.83
N PRO A 470 17.80 44.05 -20.35
CA PRO A 470 18.80 44.72 -21.16
C PRO A 470 20.02 43.85 -21.51
N ASP A 471 20.14 42.69 -20.89
CA ASP A 471 21.32 41.88 -21.07
C ASP A 471 21.44 41.42 -22.52
N ILE A 472 22.66 41.27 -23.02
CA ILE A 472 22.89 40.77 -24.37
C ILE A 472 23.83 39.57 -24.29
N VAL A 473 24.11 38.99 -25.45
CA VAL A 473 24.95 37.80 -25.59
C VAL A 473 26.34 37.90 -24.95
N SER A 474 27.05 39.01 -25.21
CA SER A 474 28.43 39.22 -24.76
C SER A 474 28.51 39.96 -23.43
N PRO A 475 29.68 40.02 -22.79
CA PRO A 475 30.03 40.87 -21.68
C PRO A 475 30.28 42.28 -22.21
N CYS A 476 30.46 43.23 -21.29
CA CYS A 476 30.88 44.60 -21.59
C CYS A 476 32.37 44.68 -21.48
N THR A 477 32.81 44.38 -20.27
CA THR A 477 34.17 44.43 -19.85
C THR A 477 34.48 43.26 -18.92
N THR A 478 35.69 43.27 -18.40
CA THR A 478 36.16 42.19 -17.54
C THR A 478 35.33 42.18 -16.27
N GLN A 479 34.71 41.05 -15.98
CA GLN A 479 33.85 40.91 -14.81
C GLN A 479 32.84 42.07 -14.73
N THR A 480 32.23 42.39 -15.88
CA THR A 480 31.27 43.48 -15.98
C THR A 480 30.27 43.48 -14.86
N LYS A 481 30.23 44.51 -14.02
CA LYS A 481 29.19 44.53 -13.00
C LYS A 481 27.98 45.29 -13.51
N PRO A 482 26.77 44.72 -13.49
CA PRO A 482 25.55 45.40 -13.89
C PRO A 482 25.23 46.62 -13.03
N LYS A 483 25.14 47.74 -13.71
CA LYS A 483 24.85 49.03 -13.11
C LYS A 483 23.75 49.68 -13.94
N SER A 484 23.04 50.66 -13.39
CA SER A 484 21.97 51.25 -14.18
C SER A 484 21.64 52.75 -13.94
N ALA A 485 20.49 53.14 -14.48
CA ALA A 485 19.97 54.49 -14.50
C ALA A 485 19.28 54.87 -13.21
N PHE A 486 20.10 55.04 -12.19
CA PHE A 486 19.68 55.42 -10.86
C PHE A 486 18.88 56.73 -10.96
N VAL A 487 17.77 56.80 -10.22
CA VAL A 487 16.81 57.92 -10.11
C VAL A 487 15.92 58.18 -11.36
N ASN A 488 16.47 58.26 -12.57
CA ASN A 488 15.60 58.54 -13.74
C ASN A 488 15.61 57.52 -14.92
N VAL A 489 15.55 56.20 -14.62
CA VAL A 489 15.55 55.14 -15.67
C VAL A 489 14.39 55.27 -16.64
N GLY A 490 13.27 55.83 -16.21
CA GLY A 490 12.13 55.95 -17.11
C GLY A 490 12.39 56.97 -18.23
N ASP A 491 13.36 57.86 -18.03
CA ASP A 491 13.70 58.87 -18.99
C ASP A 491 14.96 58.47 -19.77
N HIS A 492 15.88 57.80 -19.08
CA HIS A 492 17.18 57.40 -19.66
C HIS A 492 17.55 55.97 -19.23
N CYS A 493 16.91 54.98 -19.83
CA CYS A 493 17.10 53.60 -19.38
C CYS A 493 18.54 53.09 -19.40
N GLU A 494 19.30 53.51 -20.40
CA GLU A 494 20.68 53.07 -20.61
C GLU A 494 21.73 53.45 -19.56
N GLY A 495 21.43 54.34 -18.60
CA GLY A 495 22.44 54.67 -17.57
C GLY A 495 22.51 56.14 -17.19
N LEU A 496 22.60 56.38 -15.88
CA LEU A 496 22.63 57.72 -15.29
C LEU A 496 23.51 57.92 -14.06
N GLY A 497 23.34 57.05 -13.06
CA GLY A 497 23.97 57.29 -11.76
C GLY A 497 25.01 56.26 -11.42
N VAL A 498 24.55 55.12 -10.90
CA VAL A 498 25.48 54.05 -10.55
C VAL A 498 26.24 53.69 -11.83
N LEU A 499 25.54 53.57 -12.96
CA LEU A 499 26.30 53.41 -14.19
C LEU A 499 26.77 54.79 -14.62
N GLU A 500 27.89 55.19 -14.04
CA GLU A 500 28.47 56.52 -14.21
C GLU A 500 28.84 56.81 -15.65
N ASP A 501 29.29 55.77 -16.34
CA ASP A 501 29.68 55.86 -17.74
C ASP A 501 29.66 54.48 -18.35
N ASN A 502 29.86 54.43 -19.64
CA ASN A 502 29.92 53.18 -20.38
C ASN A 502 31.10 52.35 -19.88
N CYS A 503 30.85 51.16 -19.38
CA CYS A 503 31.88 50.27 -18.86
C CYS A 503 32.94 49.78 -19.88
N GLY A 504 32.70 50.02 -21.17
CA GLY A 504 33.61 49.62 -22.24
C GLY A 504 32.80 49.41 -23.50
N ASN A 505 31.98 48.40 -23.45
CA ASN A 505 31.04 48.02 -24.50
C ASN A 505 29.72 47.75 -23.79
N ALA A 506 29.16 48.75 -23.10
CA ALA A 506 28.00 48.53 -22.20
C ALA A 506 26.68 48.32 -22.90
N ASP A 507 26.68 47.53 -23.95
CA ASP A 507 25.47 47.15 -24.62
C ASP A 507 24.62 46.29 -23.70
N PRO A 508 25.20 45.41 -22.83
CA PRO A 508 24.51 44.61 -21.84
C PRO A 508 23.73 45.43 -20.82
N HIS A 509 23.95 46.76 -20.78
CA HIS A 509 23.26 47.62 -19.85
C HIS A 509 22.20 48.46 -20.56
N LYS A 510 22.14 48.41 -21.89
CA LYS A 510 21.21 49.26 -22.63
C LYS A 510 19.84 48.65 -22.70
N GLY A 511 18.83 49.51 -22.66
CA GLY A 511 17.46 49.04 -22.70
C GLY A 511 16.87 49.15 -21.32
N CYS A 512 15.57 49.01 -21.23
CA CYS A 512 14.89 49.20 -19.97
C CYS A 512 14.90 47.95 -19.14
N ILE A 513 14.51 48.10 -17.89
CA ILE A 513 14.49 47.01 -16.92
C ILE A 513 13.15 46.82 -16.20
N CYS A 514 13.07 45.69 -15.50
CA CYS A 514 11.92 45.24 -14.67
C CYS A 514 11.52 46.21 -13.58
N ALA A 515 12.40 47.13 -13.32
CA ALA A 515 12.26 48.13 -12.29
C ALA A 515 11.03 48.96 -12.36
N ASN A 516 10.56 49.29 -13.57
CA ASN A 516 9.42 50.18 -13.63
C ASN A 516 9.66 51.41 -12.75
N ASN A 517 10.75 52.15 -13.02
CA ASN A 517 11.19 53.30 -12.21
C ASN A 517 11.70 52.96 -10.81
N SER A 518 12.70 52.09 -10.77
CA SER A 518 13.40 51.69 -9.55
C SER A 518 14.84 51.27 -9.86
N PHE A 519 15.77 51.45 -8.94
CA PHE A 519 17.11 51.04 -9.28
C PHE A 519 17.35 49.58 -9.06
N ILE A 520 17.70 48.89 -10.14
CA ILE A 520 18.00 47.48 -10.04
C ILE A 520 19.48 47.36 -10.30
N GLY A 521 20.17 46.69 -9.43
CA GLY A 521 21.61 46.50 -9.62
C GLY A 521 21.84 45.03 -9.62
N TRP A 522 22.89 44.55 -10.28
CA TRP A 522 23.04 43.10 -10.20
C TRP A 522 24.47 42.61 -10.22
N SER A 523 24.64 41.40 -9.69
CA SER A 523 25.95 40.80 -9.50
C SER A 523 26.47 40.08 -10.73
N HIS A 524 27.77 39.78 -10.69
CA HIS A 524 28.47 39.17 -11.81
C HIS A 524 29.61 38.26 -11.36
N ASP A 525 29.80 37.22 -12.16
CA ASP A 525 30.80 36.16 -12.04
C ASP A 525 31.28 35.88 -13.43
N THR A 526 32.23 34.99 -13.62
CA THR A 526 32.62 34.84 -15.00
C THR A 526 33.18 33.49 -15.41
N CYS A 527 33.02 33.18 -16.69
CA CYS A 527 33.63 31.98 -17.25
C CYS A 527 34.92 32.38 -17.90
N LEU A 528 35.98 31.70 -17.55
CA LEU A 528 37.23 32.04 -18.18
C LEU A 528 37.35 31.14 -19.39
N VAL A 529 36.99 31.69 -20.54
CA VAL A 529 36.85 30.86 -21.71
C VAL A 529 38.16 30.65 -22.40
N ASN A 530 38.91 29.72 -21.82
CA ASN A 530 40.22 29.28 -22.26
C ASN A 530 39.94 27.93 -22.86
N ASP A 531 39.74 26.93 -22.01
CA ASP A 531 39.17 25.72 -22.57
C ASP A 531 37.83 26.21 -23.05
N ARG A 532 37.29 25.66 -24.13
CA ARG A 532 35.99 26.16 -24.53
C ARG A 532 35.14 26.10 -23.29
N CYS A 533 34.46 27.18 -22.97
CA CYS A 533 33.69 27.19 -21.76
C CYS A 533 32.73 26.06 -21.98
N GLN A 534 32.63 25.16 -21.05
CA GLN A 534 31.80 24.00 -21.30
C GLN A 534 30.44 24.44 -21.74
N ILE A 535 29.96 23.86 -22.83
CA ILE A 535 28.67 24.27 -23.30
C ILE A 535 27.62 23.33 -22.81
N PHE A 536 26.59 23.92 -22.25
CA PHE A 536 25.46 23.19 -21.77
C PHE A 536 24.33 23.27 -22.74
N ALA A 537 23.81 22.12 -23.10
CA ALA A 537 22.67 22.04 -23.98
C ALA A 537 21.57 21.28 -23.29
N ASN A 538 20.49 21.99 -22.97
CA ASN A 538 19.37 21.35 -22.29
C ASN A 538 18.39 20.91 -23.35
N ILE A 539 18.15 19.62 -23.49
CA ILE A 539 17.26 19.16 -24.53
C ILE A 539 15.92 18.75 -23.99
N LEU A 540 14.87 19.39 -24.47
CA LEU A 540 13.53 19.09 -24.02
C LEU A 540 12.86 18.20 -25.04
N LEU A 541 12.32 17.10 -24.56
CA LEU A 541 11.67 16.15 -25.44
C LEU A 541 10.15 16.20 -25.28
N ASN A 542 9.49 17.05 -26.06
CA ASN A 542 8.08 17.28 -25.86
C ASN A 542 7.23 16.40 -26.76
N GLY A 543 6.04 16.00 -26.30
CA GLY A 543 5.17 15.26 -27.19
C GLY A 543 5.78 13.90 -27.49
N ILE A 544 6.26 13.21 -26.46
CA ILE A 544 6.95 11.94 -26.66
C ILE A 544 6.20 10.88 -27.46
N ASN A 545 4.88 10.93 -27.50
CA ASN A 545 4.13 9.94 -28.26
C ASN A 545 3.64 10.46 -29.62
N SER A 546 4.12 11.63 -30.05
CA SER A 546 3.65 12.24 -31.30
C SER A 546 4.04 11.59 -32.62
N GLY A 547 5.31 11.20 -32.81
CA GLY A 547 5.68 10.69 -34.13
C GLY A 547 6.07 11.79 -35.16
N THR A 548 6.65 12.93 -34.72
CA THR A 548 7.02 14.04 -35.60
C THR A 548 8.54 14.27 -35.84
N THR A 549 9.34 14.09 -34.79
CA THR A 549 10.77 14.31 -34.81
C THR A 549 11.49 13.02 -34.45
N CYS A 550 11.97 12.29 -35.44
CA CYS A 550 12.40 10.93 -35.17
C CYS A 550 13.87 10.65 -35.23
N SER A 551 14.31 9.78 -34.34
CA SER A 551 15.65 9.27 -34.44
C SER A 551 15.66 8.28 -35.57
N THR A 552 16.74 8.24 -36.31
CA THR A 552 16.91 7.26 -37.34
C THR A 552 18.04 6.32 -36.98
N ASP A 553 18.55 6.43 -35.75
CA ASP A 553 19.69 5.59 -35.36
C ASP A 553 19.37 4.11 -35.45
N LEU A 554 18.14 3.78 -35.15
CA LEU A 554 17.68 2.41 -35.16
C LEU A 554 16.71 2.20 -36.31
N GLN A 555 16.96 2.86 -37.44
CA GLN A 555 16.09 2.77 -38.61
C GLN A 555 15.72 1.34 -38.99
N LEU A 556 14.42 1.11 -39.10
CA LEU A 556 13.82 -0.16 -39.46
C LEU A 556 13.19 -0.15 -40.86
N PRO A 557 13.02 -1.32 -41.50
CA PRO A 557 12.27 -1.48 -42.73
C PRO A 557 10.78 -1.32 -42.46
N ASN A 558 10.07 -0.76 -43.40
CA ASN A 558 8.65 -0.46 -43.21
C ASN A 558 7.70 -1.62 -43.46
N THR A 559 7.76 -2.62 -42.62
CA THR A 559 6.90 -3.79 -42.78
C THR A 559 5.40 -3.44 -42.74
N GLU A 560 4.67 -3.95 -43.73
CA GLU A 560 3.22 -3.73 -43.90
C GLU A 560 2.41 -4.32 -42.76
N VAL A 561 1.25 -3.74 -42.53
CA VAL A 561 0.41 -4.21 -41.45
C VAL A 561 -0.11 -5.61 -41.71
N VAL A 562 0.11 -6.44 -40.73
CA VAL A 562 -0.30 -7.83 -40.72
C VAL A 562 -1.55 -7.93 -39.88
N THR A 563 -2.59 -8.59 -40.38
CA THR A 563 -3.83 -8.66 -39.62
C THR A 563 -4.21 -10.08 -39.25
N GLY A 564 -4.98 -10.19 -38.17
CA GLY A 564 -5.53 -11.46 -37.67
C GLY A 564 -4.50 -12.28 -36.87
N ILE A 565 -3.30 -11.73 -36.78
CA ILE A 565 -2.15 -12.33 -36.14
C ILE A 565 -1.57 -11.55 -34.98
N CYS A 566 -1.28 -12.24 -33.87
CA CYS A 566 -0.60 -11.59 -32.76
C CYS A 566 0.77 -11.22 -33.25
N VAL A 567 1.10 -9.96 -33.20
CA VAL A 567 2.34 -9.46 -33.79
C VAL A 567 2.87 -8.28 -32.99
N LYS A 568 4.18 -8.09 -33.01
CA LYS A 568 4.75 -6.96 -32.31
C LYS A 568 4.70 -5.76 -33.22
N TYR A 569 4.75 -4.58 -32.65
CA TYR A 569 4.76 -3.43 -33.51
C TYR A 569 5.40 -2.18 -32.96
N ASP A 570 5.69 -1.30 -33.89
CA ASP A 570 6.15 0.06 -33.69
C ASP A 570 5.52 0.98 -34.73
N LEU A 571 4.53 1.71 -34.30
CA LEU A 571 3.80 2.58 -35.18
C LEU A 571 4.10 4.00 -34.84
N TYR A 572 4.92 4.66 -35.65
CA TYR A 572 5.26 6.03 -35.35
C TYR A 572 5.86 6.23 -33.96
N GLY A 573 6.62 5.23 -33.45
CA GLY A 573 7.24 5.31 -32.14
C GLY A 573 6.44 4.64 -31.03
N ILE A 574 5.18 4.31 -31.28
CA ILE A 574 4.39 3.66 -30.24
C ILE A 574 4.48 2.17 -30.33
N THR A 575 5.02 1.57 -29.30
CA THR A 575 5.27 0.16 -29.37
C THR A 575 4.24 -0.65 -28.65
N GLY A 576 4.22 -1.92 -28.96
CA GLY A 576 3.35 -2.84 -28.26
C GLY A 576 3.28 -4.17 -28.93
N GLN A 577 2.24 -4.89 -28.58
CA GLN A 577 1.96 -6.22 -29.08
C GLN A 577 0.47 -6.36 -29.20
N GLY A 578 0.01 -6.93 -30.29
CA GLY A 578 -1.42 -7.09 -30.42
C GLY A 578 -1.82 -7.66 -31.75
N VAL A 579 -3.10 -7.59 -32.02
CA VAL A 579 -3.67 -8.11 -33.24
C VAL A 579 -4.32 -6.98 -33.99
N PHE A 580 -3.98 -6.82 -35.26
CA PHE A 580 -4.60 -5.78 -36.04
C PHE A 580 -5.82 -6.32 -36.76
N LYS A 581 -6.84 -5.48 -36.86
CA LYS A 581 -8.05 -5.79 -37.60
C LYS A 581 -8.36 -4.67 -38.56
N GLU A 582 -8.39 -4.95 -39.85
CA GLU A 582 -8.68 -3.87 -40.78
C GLU A 582 -10.14 -3.46 -40.64
N VAL A 583 -10.38 -2.17 -40.53
CA VAL A 583 -11.72 -1.65 -40.38
C VAL A 583 -12.02 -0.51 -41.33
N LYS A 584 -13.28 -0.19 -41.50
CA LYS A 584 -13.66 0.94 -42.33
C LYS A 584 -13.28 2.25 -41.67
N ALA A 585 -12.93 3.23 -42.48
CA ALA A 585 -12.60 4.57 -42.01
C ALA A 585 -13.80 5.25 -41.37
N ASP A 586 -14.98 4.66 -41.55
CA ASP A 586 -16.24 5.10 -41.00
C ASP A 586 -16.20 5.20 -39.47
N TYR A 587 -15.28 4.46 -38.83
CA TYR A 587 -15.22 4.47 -37.37
C TYR A 587 -14.39 5.64 -36.86
N TYR A 588 -13.65 6.28 -37.74
CA TYR A 588 -12.81 7.39 -37.36
C TYR A 588 -13.62 8.67 -37.36
N ASN A 589 -14.40 8.80 -36.29
CA ASN A 589 -15.34 9.89 -36.08
C ASN A 589 -14.60 11.17 -35.73
N SER A 590 -13.32 10.98 -35.45
CA SER A 590 -12.33 11.98 -35.14
C SER A 590 -11.02 11.27 -35.43
N TRP A 591 -10.01 11.96 -35.92
CA TRP A 591 -8.79 11.21 -36.10
C TRP A 591 -7.51 11.99 -36.03
N GLN A 592 -6.49 11.23 -35.69
CA GLN A 592 -5.08 11.54 -35.66
C GLN A 592 -4.45 10.24 -36.10
N THR A 593 -3.14 10.20 -36.27
CA THR A 593 -2.52 8.96 -36.69
C THR A 593 -2.85 7.79 -35.74
N LEU A 594 -2.72 8.03 -34.44
CA LEU A 594 -2.93 7.00 -33.42
C LEU A 594 -4.08 7.32 -32.48
N LEU A 595 -4.90 6.32 -32.15
CA LEU A 595 -5.98 6.52 -31.18
C LEU A 595 -5.77 5.65 -29.96
N TYR A 596 -6.18 6.15 -28.80
CA TYR A 596 -6.05 5.41 -27.55
C TYR A 596 -7.38 5.14 -26.87
N ASP A 597 -7.41 4.08 -26.04
CA ASP A 597 -8.61 3.73 -25.27
C ASP A 597 -8.69 4.51 -23.97
N VAL A 598 -9.67 4.16 -23.14
CA VAL A 598 -9.93 4.82 -21.87
C VAL A 598 -8.82 4.66 -20.83
N ASN A 599 -7.91 3.71 -21.03
CA ASN A 599 -6.80 3.47 -20.13
C ASN A 599 -5.48 3.97 -20.70
N GLY A 600 -5.52 4.57 -21.88
CA GLY A 600 -4.30 5.03 -22.53
C GLY A 600 -3.60 3.99 -23.40
N ASN A 601 -4.26 2.87 -23.70
CA ASN A 601 -3.64 1.86 -24.54
C ASN A 601 -3.88 2.21 -25.99
N LEU A 602 -2.92 1.92 -26.86
CA LEU A 602 -3.18 2.18 -28.26
C LEU A 602 -4.32 1.26 -28.69
N ASN A 603 -5.38 1.78 -29.29
CA ASN A 603 -6.47 0.87 -29.67
C ASN A 603 -6.83 0.97 -31.13
N GLY A 604 -6.06 1.72 -31.87
CA GLY A 604 -6.36 1.86 -33.28
C GLY A 604 -5.31 2.67 -34.01
N PHE A 605 -5.31 2.50 -35.32
CA PHE A 605 -4.31 3.05 -36.18
C PHE A 605 -4.75 3.47 -37.57
N ARG A 606 -4.43 4.72 -37.93
CA ARG A 606 -4.69 5.23 -39.27
C ARG A 606 -3.40 5.22 -40.07
N ASP A 607 -3.28 4.29 -41.00
CA ASP A 607 -2.04 4.19 -41.71
C ASP A 607 -2.05 5.18 -42.84
N LEU A 608 -1.47 6.33 -42.56
CA LEU A 608 -1.43 7.48 -43.45
C LEU A 608 -0.64 7.22 -44.72
N THR A 609 0.09 6.11 -44.77
CA THR A 609 0.85 5.74 -45.94
C THR A 609 -0.11 5.44 -47.07
N THR A 610 -1.20 4.75 -46.71
CA THR A 610 -2.20 4.25 -47.64
C THR A 610 -3.62 4.72 -47.33
N ASN A 611 -3.80 5.44 -46.23
CA ASN A 611 -5.12 5.88 -45.76
C ASN A 611 -6.02 4.67 -45.44
N LYS A 612 -5.44 3.69 -44.77
CA LYS A 612 -6.17 2.50 -44.35
C LYS A 612 -6.25 2.45 -42.84
N THR A 613 -7.37 1.99 -42.32
CA THR A 613 -7.53 1.97 -40.87
C THR A 613 -7.63 0.60 -40.22
N TYR A 614 -7.08 0.52 -39.00
CA TYR A 614 -7.08 -0.71 -38.22
C TYR A 614 -7.49 -0.52 -36.75
N THR A 615 -8.09 -1.55 -36.20
CA THR A 615 -8.39 -1.63 -34.77
C THR A 615 -7.37 -2.54 -34.13
N ILE A 616 -6.84 -2.16 -32.97
CA ILE A 616 -5.81 -2.99 -32.33
C ILE A 616 -6.28 -3.63 -31.02
N ARG A 617 -6.10 -4.94 -30.90
CA ARG A 617 -6.48 -5.68 -29.69
C ARG A 617 -5.31 -6.41 -29.06
N SER A 618 -5.41 -6.74 -27.78
CA SER A 618 -4.37 -7.51 -27.08
C SER A 618 -4.39 -8.93 -27.60
N CYS A 619 -3.48 -9.77 -27.10
CA CYS A 619 -3.46 -11.17 -27.54
C CYS A 619 -4.07 -12.09 -26.46
N TYR A 620 -4.77 -11.50 -25.49
CA TYR A 620 -5.41 -12.23 -24.39
C TYR A 620 -6.65 -13.02 -24.83
N SER A 621 -6.84 -14.20 -24.26
CA SER A 621 -8.03 -15.01 -24.54
C SER A 621 -8.49 -15.80 -23.32
N GLY A 622 -9.80 -15.93 -23.16
CA GLY A 622 -10.39 -16.66 -22.03
C GLY A 622 -10.12 -18.16 -22.09
N ARG A 623 -10.08 -18.79 -20.92
CA ARG A 623 -9.87 -20.23 -20.81
C ARG A 623 -10.40 -20.80 -19.49
N VAL A 624 -11.02 -21.98 -19.50
CA VAL A 624 -11.40 -22.63 -18.24
C VAL A 624 -11.48 -24.13 -18.39
N SER A 625 -11.22 -24.86 -17.32
CA SER A 625 -11.37 -26.31 -17.38
C SER A 625 -12.43 -26.87 -16.47
N ALA A 626 -13.06 -27.94 -16.94
CA ALA A 626 -13.96 -28.79 -16.15
C ALA A 626 -13.06 -29.93 -15.85
N ALA A 627 -12.31 -29.79 -14.81
CA ALA A 627 -11.13 -30.57 -14.79
C ALA A 627 -11.20 -31.94 -14.21
N PHE A 628 -11.68 -32.06 -13.00
CA PHE A 628 -11.52 -33.38 -12.42
C PHE A 628 -12.64 -34.04 -11.71
N HIS A 629 -12.51 -35.35 -11.81
CA HIS A 629 -13.17 -36.36 -11.02
C HIS A 629 -11.95 -36.87 -10.30
N LYS A 630 -12.07 -37.38 -9.10
CA LYS A 630 -10.86 -37.85 -8.42
C LYS A 630 -10.06 -38.88 -9.22
N ASP A 631 -10.71 -39.57 -10.16
CA ASP A 631 -10.08 -40.60 -10.99
C ASP A 631 -9.83 -40.19 -12.44
N ALA A 632 -10.06 -38.94 -12.80
CA ALA A 632 -9.87 -38.55 -14.20
C ALA A 632 -8.39 -38.33 -14.48
N PRO A 633 -7.86 -38.73 -15.66
CA PRO A 633 -6.50 -38.48 -16.09
C PRO A 633 -6.24 -37.10 -16.69
N GLU A 634 -7.31 -36.41 -17.09
CA GLU A 634 -7.13 -35.10 -17.73
C GLU A 634 -8.41 -34.27 -17.67
N PRO A 635 -8.30 -32.94 -17.75
CA PRO A 635 -9.38 -32.00 -17.84
C PRO A 635 -10.09 -31.87 -19.17
N ALA A 636 -11.36 -31.48 -19.13
CA ALA A 636 -12.11 -31.07 -20.32
C ALA A 636 -11.95 -29.56 -20.44
N LEU A 637 -11.91 -29.01 -21.65
CA LEU A 637 -11.68 -27.58 -21.76
C LEU A 637 -12.84 -26.78 -22.33
N LEU A 638 -12.94 -25.53 -21.93
CA LEU A 638 -13.91 -24.59 -22.49
C LEU A 638 -13.29 -23.23 -22.81
N TYR A 639 -13.55 -22.76 -24.02
CA TYR A 639 -13.09 -21.45 -24.44
C TYR A 639 -14.30 -20.56 -24.54
N ARG A 640 -14.61 -19.94 -23.41
CA ARG A 640 -15.86 -19.26 -23.27
C ARG A 640 -16.09 -18.17 -24.28
N ASN A 641 -17.26 -18.25 -24.89
CA ASN A 641 -17.76 -17.33 -25.90
C ASN A 641 -16.92 -17.30 -27.18
N ILE A 642 -16.06 -18.30 -27.39
CA ILE A 642 -15.25 -18.38 -28.60
C ILE A 642 -15.58 -19.60 -29.44
N ASN A 643 -15.85 -19.38 -30.74
CA ASN A 643 -16.15 -20.45 -31.72
C ASN A 643 -14.96 -21.37 -31.93
N CYS A 644 -15.19 -22.66 -32.12
CA CYS A 644 -14.06 -23.56 -32.29
C CYS A 644 -13.23 -23.25 -33.52
N SER A 645 -13.83 -22.68 -34.56
CA SER A 645 -13.01 -22.42 -35.71
C SER A 645 -11.95 -21.38 -35.37
N TYR A 646 -12.27 -20.51 -34.42
CA TYR A 646 -11.34 -19.50 -33.98
C TYR A 646 -10.24 -20.18 -33.20
N VAL A 647 -10.67 -21.03 -32.25
CA VAL A 647 -9.76 -21.71 -31.34
C VAL A 647 -8.72 -22.51 -32.06
N PHE A 648 -9.16 -23.25 -33.06
CA PHE A 648 -8.20 -24.06 -33.76
C PHE A 648 -7.41 -23.29 -34.81
N SER A 649 -8.05 -22.41 -35.59
CA SER A 649 -7.30 -21.74 -36.64
C SER A 649 -6.27 -20.75 -36.11
N ASN A 650 -6.42 -20.30 -34.87
CA ASN A 650 -5.47 -19.37 -34.28
C ASN A 650 -4.50 -20.05 -33.35
N ASN A 651 -4.46 -21.39 -33.37
CA ASN A 651 -3.54 -22.11 -32.52
C ASN A 651 -3.68 -21.70 -31.05
N ILE A 652 -4.91 -21.62 -30.55
CA ILE A 652 -5.14 -21.17 -29.19
C ILE A 652 -4.68 -22.17 -28.13
N SER A 653 -4.90 -23.45 -28.38
CA SER A 653 -4.55 -24.50 -27.43
C SER A 653 -3.98 -25.74 -28.12
N ARG A 654 -4.06 -26.89 -27.44
CA ARG A 654 -3.50 -28.15 -27.94
C ARG A 654 -4.12 -28.56 -29.28
N GLU A 655 -3.29 -29.13 -30.15
CA GLU A 655 -3.73 -29.60 -31.46
C GLU A 655 -4.50 -30.91 -31.39
N GLU A 656 -4.20 -31.69 -30.37
CA GLU A 656 -4.82 -32.99 -30.20
C GLU A 656 -6.21 -32.84 -29.63
N ASN A 657 -7.18 -33.51 -30.24
CA ASN A 657 -8.54 -33.45 -29.75
C ASN A 657 -9.15 -34.84 -29.67
N PRO A 658 -8.68 -35.74 -28.79
CA PRO A 658 -9.11 -37.13 -28.68
C PRO A 658 -10.61 -37.33 -28.74
N LEU A 659 -11.37 -36.43 -28.12
CA LEU A 659 -12.81 -36.54 -28.11
C LEU A 659 -13.46 -35.41 -28.92
N ASN A 660 -12.69 -34.86 -29.84
CA ASN A 660 -13.08 -33.77 -30.72
C ASN A 660 -13.51 -32.53 -29.95
N TYR A 661 -14.59 -31.88 -30.39
CA TYR A 661 -15.04 -30.64 -29.82
C TYR A 661 -16.43 -30.21 -30.29
N PHE A 662 -17.03 -29.27 -29.56
CA PHE A 662 -18.35 -28.76 -29.92
C PHE A 662 -18.42 -27.26 -29.95
N ASP A 663 -19.22 -26.74 -30.85
CA ASP A 663 -19.60 -25.34 -30.80
C ASP A 663 -20.90 -25.26 -30.02
N SER A 664 -20.91 -24.59 -28.88
CA SER A 664 -22.13 -24.54 -28.10
C SER A 664 -22.42 -23.16 -27.55
N TYR A 665 -23.44 -23.07 -26.73
CA TYR A 665 -23.91 -21.83 -26.14
C TYR A 665 -22.80 -21.09 -25.45
N LEU A 666 -22.03 -21.82 -24.67
CA LEU A 666 -20.98 -21.25 -23.88
C LEU A 666 -19.70 -20.99 -24.62
N GLY A 667 -19.59 -21.40 -25.88
CA GLY A 667 -18.32 -21.28 -26.60
C GLY A 667 -17.78 -22.64 -27.05
N CYS A 668 -16.48 -22.72 -27.31
CA CYS A 668 -15.93 -23.96 -27.82
C CYS A 668 -15.60 -24.94 -26.72
N VAL A 669 -16.19 -26.12 -26.81
CA VAL A 669 -15.98 -27.15 -25.82
C VAL A 669 -15.02 -28.14 -26.39
N VAL A 670 -13.91 -28.39 -25.71
CA VAL A 670 -12.91 -29.26 -26.26
C VAL A 670 -12.63 -30.48 -25.40
N ASN A 671 -12.59 -31.61 -26.08
CA ASN A 671 -12.29 -32.90 -25.48
C ASN A 671 -13.32 -33.43 -24.48
N ALA A 672 -14.61 -33.23 -24.73
CA ALA A 672 -15.66 -33.84 -23.90
C ALA A 672 -16.09 -35.11 -24.59
N ASP A 673 -16.45 -36.18 -23.86
CA ASP A 673 -16.87 -37.42 -24.54
C ASP A 673 -18.09 -37.19 -25.40
N ASN A 674 -18.99 -36.34 -24.91
CA ASN A 674 -20.22 -36.14 -25.65
C ASN A 674 -21.00 -34.93 -25.16
N ARG A 675 -22.17 -34.74 -25.73
CA ARG A 675 -23.10 -33.72 -25.26
C ARG A 675 -24.46 -34.35 -25.21
N THR A 676 -25.31 -33.88 -24.34
CA THR A 676 -26.63 -34.45 -24.32
C THR A 676 -27.71 -33.54 -23.79
N ASP A 677 -28.91 -34.11 -23.78
CA ASP A 677 -30.10 -33.51 -23.24
C ASP A 677 -30.40 -34.11 -21.87
N GLU A 678 -29.87 -35.31 -21.62
CA GLU A 678 -30.14 -35.94 -20.34
C GLU A 678 -29.72 -34.97 -19.26
N ALA A 679 -30.59 -34.79 -18.28
CA ALA A 679 -30.27 -33.86 -17.22
C ALA A 679 -30.00 -34.61 -15.91
N LEU A 680 -29.07 -34.08 -15.13
CA LEU A 680 -28.71 -34.69 -13.87
C LEU A 680 -29.11 -33.84 -12.67
N PRO A 681 -29.56 -34.45 -11.58
CA PRO A 681 -29.82 -33.80 -10.32
C PRO A 681 -28.62 -33.96 -9.37
N ASN A 682 -27.54 -34.56 -9.85
CA ASN A 682 -26.40 -34.91 -9.02
C ASN A 682 -25.12 -34.26 -9.51
N CYS A 683 -25.27 -33.06 -10.04
CA CYS A 683 -24.17 -32.30 -10.59
C CYS A 683 -23.10 -31.86 -9.59
N ASP A 684 -21.85 -31.96 -10.02
CA ASP A 684 -20.69 -31.50 -9.27
C ASP A 684 -20.03 -30.39 -10.07
N LEU A 685 -19.33 -30.73 -11.15
CA LEU A 685 -18.65 -29.73 -11.95
C LEU A 685 -19.59 -28.88 -12.81
N ARG A 686 -20.34 -28.01 -12.15
CA ARG A 686 -21.29 -27.13 -12.81
C ARG A 686 -20.49 -26.24 -13.74
N MET A 687 -20.95 -26.04 -14.97
CA MET A 687 -20.19 -25.18 -15.86
C MET A 687 -20.98 -24.40 -16.87
N GLY A 688 -21.41 -23.22 -16.49
CA GLY A 688 -22.19 -22.36 -17.35
C GLY A 688 -23.66 -22.62 -17.13
N ALA A 689 -24.49 -21.67 -17.48
CA ALA A 689 -25.88 -21.81 -17.15
C ALA A 689 -26.52 -23.02 -17.78
N GLY A 690 -27.14 -23.82 -16.93
CA GLY A 690 -27.89 -25.01 -17.30
C GLY A 690 -27.05 -26.24 -17.59
N LEU A 691 -25.72 -26.11 -17.62
CA LEU A 691 -24.86 -27.23 -18.00
C LEU A 691 -23.97 -27.75 -16.89
N CYS A 692 -23.69 -29.04 -16.98
CA CYS A 692 -22.85 -29.73 -16.00
C CYS A 692 -21.97 -30.77 -16.65
N VAL A 693 -20.73 -30.85 -16.23
CA VAL A 693 -19.84 -31.81 -16.83
C VAL A 693 -19.54 -33.04 -16.02
N ASP A 694 -19.63 -34.18 -16.70
CA ASP A 694 -19.18 -35.44 -16.12
C ASP A 694 -18.08 -35.90 -17.10
N TYR A 695 -18.49 -36.43 -18.22
CA TYR A 695 -17.61 -36.76 -19.32
C TYR A 695 -18.31 -36.15 -20.51
N SER A 696 -19.56 -35.77 -20.26
CA SER A 696 -20.38 -35.19 -21.29
C SER A 696 -21.01 -33.88 -20.84
N LYS A 697 -21.45 -33.09 -21.81
CA LYS A 697 -22.11 -31.82 -21.53
C LYS A 697 -23.57 -32.04 -21.20
N SER A 698 -23.81 -32.47 -19.98
CA SER A 698 -25.15 -32.80 -19.50
C SER A 698 -25.89 -31.54 -19.09
N ARG A 699 -27.18 -31.68 -18.81
CA ARG A 699 -27.96 -30.52 -18.35
C ARG A 699 -28.29 -30.63 -16.86
N ARG A 700 -28.60 -29.50 -16.22
CA ARG A 700 -29.07 -29.54 -14.82
C ARG A 700 -30.57 -29.89 -14.70
N ALA A 701 -30.91 -30.80 -13.77
CA ALA A 701 -32.29 -31.24 -13.50
C ALA A 701 -32.88 -30.85 -12.16
N HIS A 702 -34.22 -30.79 -12.17
CA HIS A 702 -35.10 -30.65 -11.00
C HIS A 702 -36.32 -31.57 -11.07
N SER A 703 -36.92 -31.73 -9.90
CA SER A 703 -38.10 -32.55 -9.62
C SER A 703 -39.38 -32.18 -10.38
N SER A 704 -39.38 -31.09 -11.17
CA SER A 704 -40.58 -30.70 -11.90
C SER A 704 -41.09 -31.84 -12.78
N VAL A 705 -40.18 -32.72 -13.18
CA VAL A 705 -40.55 -33.83 -14.03
C VAL A 705 -41.49 -34.81 -13.34
N SER A 706 -41.42 -34.88 -12.01
CA SER A 706 -42.23 -35.82 -11.27
C SER A 706 -43.63 -35.26 -11.09
N THR A 707 -43.80 -33.95 -11.30
CA THR A 707 -45.09 -33.33 -11.15
C THR A 707 -45.84 -33.57 -12.42
N GLY A 708 -45.16 -33.41 -13.55
CA GLY A 708 -45.82 -33.67 -14.81
C GLY A 708 -46.30 -35.13 -14.80
N TYR A 709 -45.47 -36.03 -14.25
CA TYR A 709 -45.88 -37.42 -14.13
C TYR A 709 -47.13 -37.58 -13.28
N ARG A 710 -47.11 -37.09 -12.05
CA ARG A 710 -48.24 -37.28 -11.16
C ARG A 710 -49.51 -36.59 -11.68
N LEU A 711 -49.32 -35.41 -12.27
CA LEU A 711 -50.40 -34.59 -12.81
C LEU A 711 -51.14 -35.30 -13.91
N THR A 712 -50.40 -35.89 -14.86
CA THR A 712 -51.04 -36.56 -15.96
C THR A 712 -51.37 -38.04 -15.64
N THR A 713 -50.69 -38.62 -14.65
CA THR A 713 -50.98 -39.99 -14.26
C THR A 713 -52.33 -40.10 -13.56
N PHE A 714 -52.61 -39.17 -12.64
CA PHE A 714 -53.84 -39.22 -11.89
C PHE A 714 -54.89 -38.18 -12.31
N GLU A 715 -55.27 -38.18 -13.58
CA GLU A 715 -56.32 -37.29 -14.06
C GLU A 715 -57.72 -37.47 -13.41
N PRO A 716 -58.20 -38.70 -13.11
CA PRO A 716 -59.48 -38.95 -12.47
C PRO A 716 -59.57 -38.26 -11.11
N TYR A 717 -60.77 -37.83 -10.69
CA TYR A 717 -60.88 -37.12 -9.42
C TYR A 717 -62.20 -37.25 -8.63
N THR A 718 -62.86 -38.40 -8.69
CA THR A 718 -64.11 -38.60 -7.95
C THR A 718 -63.85 -39.17 -6.53
N PRO A 719 -64.30 -38.51 -5.44
CA PRO A 719 -64.13 -38.88 -4.01
C PRO A 719 -64.52 -40.32 -3.66
N MET A 720 -65.40 -40.91 -4.45
CA MET A 720 -65.84 -42.26 -4.21
C MET A 720 -65.18 -43.22 -5.20
N LEU A 721 -65.55 -43.15 -6.48
CA LEU A 721 -64.99 -44.03 -7.49
C LEU A 721 -63.49 -44.01 -7.61
N VAL A 722 -62.92 -42.81 -7.74
CA VAL A 722 -61.50 -42.68 -7.95
C VAL A 722 -60.78 -42.95 -6.68
N ASN A 723 -61.28 -42.43 -5.57
CA ASN A 723 -60.65 -42.74 -4.30
C ASN A 723 -60.44 -44.26 -4.17
N ASP A 724 -61.47 -45.05 -4.45
CA ASP A 724 -61.32 -46.52 -4.37
C ASP A 724 -60.47 -47.10 -5.52
N SER A 725 -60.59 -46.56 -6.73
CA SER A 725 -59.82 -47.09 -7.85
C SER A 725 -58.34 -46.88 -7.57
N VAL A 726 -58.03 -45.70 -7.08
CA VAL A 726 -56.68 -45.33 -6.71
C VAL A 726 -56.27 -46.12 -5.50
N GLN A 727 -57.16 -46.32 -4.52
CA GLN A 727 -56.80 -47.16 -3.37
C GLN A 727 -56.22 -48.49 -3.84
N SER A 728 -56.85 -49.10 -4.86
CA SER A 728 -56.32 -50.35 -5.39
C SER A 728 -54.93 -50.11 -6.00
N VAL A 729 -54.76 -48.99 -6.72
CA VAL A 729 -53.47 -48.67 -7.31
C VAL A 729 -52.41 -48.48 -6.26
N ASP A 730 -52.72 -47.70 -5.21
CA ASP A 730 -51.81 -47.39 -4.13
C ASP A 730 -51.36 -48.64 -3.39
N GLY A 731 -52.29 -49.57 -3.15
CA GLY A 731 -51.95 -50.81 -2.46
C GLY A 731 -50.96 -51.62 -3.27
N LEU A 732 -51.14 -51.64 -4.59
CA LEU A 732 -50.20 -52.37 -5.40
C LEU A 732 -48.88 -51.61 -5.45
N TYR A 733 -48.98 -50.31 -5.63
CA TYR A 733 -47.87 -49.39 -5.78
C TYR A 733 -46.91 -49.47 -4.59
N GLU A 734 -47.42 -49.44 -3.36
CA GLU A 734 -46.52 -49.51 -2.21
C GLU A 734 -45.71 -50.81 -2.19
N MET A 735 -46.20 -51.87 -2.84
CA MET A 735 -45.48 -53.14 -2.92
C MET A 735 -44.65 -53.21 -4.21
N GLN A 736 -45.09 -52.52 -5.27
CA GLN A 736 -44.33 -52.52 -6.51
C GLN A 736 -42.96 -51.91 -6.20
N ILE A 737 -42.98 -50.90 -5.34
CA ILE A 737 -41.80 -50.25 -4.83
C ILE A 737 -41.22 -51.18 -3.77
N PRO A 738 -39.97 -51.68 -3.93
CA PRO A 738 -39.38 -52.65 -2.98
C PRO A 738 -40.20 -52.91 -1.73
N THR A 739 -40.74 -54.12 -1.73
CA THR A 739 -41.71 -54.61 -0.78
C THR A 739 -41.22 -54.71 0.62
N ASN A 740 -42.20 -54.98 1.49
CA ASN A 740 -42.04 -55.21 2.92
C ASN A 740 -41.63 -53.96 3.69
N PHE A 741 -41.62 -52.81 2.98
CA PHE A 741 -41.22 -51.51 3.50
C PHE A 741 -39.78 -51.54 3.95
N THR A 742 -38.93 -52.15 3.14
CA THR A 742 -37.51 -52.26 3.42
C THR A 742 -36.88 -50.91 3.76
N ILE A 743 -35.96 -50.94 4.73
CA ILE A 743 -35.26 -49.73 5.19
C ILE A 743 -33.79 -49.67 4.77
N GLY A 744 -33.42 -48.53 4.18
CA GLY A 744 -32.07 -48.27 3.70
C GLY A 744 -31.49 -47.03 4.38
N HIS A 745 -30.41 -46.47 3.81
CA HIS A 745 -29.81 -45.32 4.47
C HIS A 745 -28.98 -44.40 3.56
N HIS A 746 -28.75 -43.18 4.07
CA HIS A 746 -27.93 -42.14 3.45
C HIS A 746 -27.00 -41.50 4.48
N GLU A 747 -25.96 -40.83 4.00
CA GLU A 747 -25.09 -40.11 4.94
C GLU A 747 -24.91 -38.68 4.47
N GLU A 748 -24.77 -37.78 5.44
CA GLU A 748 -24.59 -36.35 5.18
C GLU A 748 -23.53 -35.73 6.10
N PHE A 749 -22.95 -34.61 5.68
CA PHE A 749 -21.99 -33.89 6.52
C PHE A 749 -22.11 -32.38 6.40
N ILE A 750 -22.09 -31.70 7.54
CA ILE A 750 -22.15 -30.24 7.61
C ILE A 750 -20.97 -29.69 8.41
N GLN A 751 -20.23 -28.74 7.86
CA GLN A 751 -19.02 -28.25 8.53
C GLN A 751 -19.22 -27.52 9.88
N THR A 752 -19.98 -26.44 9.92
CA THR A 752 -20.29 -25.70 11.17
C THR A 752 -19.14 -24.93 11.82
N ARG A 753 -17.90 -25.25 11.51
CA ARG A 753 -16.78 -24.59 12.19
C ARG A 753 -15.45 -24.62 11.45
N SER A 754 -14.51 -23.86 11.96
CA SER A 754 -13.19 -23.71 11.36
C SER A 754 -12.22 -23.47 12.50
N PRO A 755 -10.91 -23.53 12.29
CA PRO A 755 -9.94 -23.34 13.32
C PRO A 755 -9.93 -21.92 13.84
N LYS A 756 -9.65 -21.80 15.12
CA LYS A 756 -9.59 -20.52 15.78
C LYS A 756 -8.27 -19.83 15.52
N VAL A 757 -8.13 -19.33 14.31
CA VAL A 757 -6.87 -18.71 13.95
C VAL A 757 -6.70 -17.37 14.60
N THR A 758 -5.53 -17.12 15.16
CA THR A 758 -5.24 -15.86 15.78
C THR A 758 -3.87 -15.42 15.32
N ILE A 759 -3.68 -14.11 15.17
CA ILE A 759 -2.42 -13.61 14.70
C ILE A 759 -1.78 -12.53 15.53
N ASP A 760 -0.56 -12.76 15.95
CA ASP A 760 0.14 -11.73 16.68
C ASP A 760 0.69 -10.77 15.66
N CYS A 761 -0.09 -9.72 15.43
CA CYS A 761 0.23 -8.76 14.41
C CYS A 761 1.66 -8.28 14.51
N ALA A 762 2.06 -7.86 15.70
CA ALA A 762 3.41 -7.35 15.80
C ALA A 762 4.43 -8.41 15.49
N ALA A 763 4.24 -9.64 15.99
CA ALA A 763 5.19 -10.74 15.72
C ALA A 763 5.29 -11.05 14.25
N PHE A 764 4.16 -10.95 13.57
CA PHE A 764 4.10 -11.25 12.16
C PHE A 764 4.94 -10.26 11.40
N VAL A 765 4.73 -8.99 11.68
CA VAL A 765 5.44 -7.99 10.94
C VAL A 765 6.92 -7.94 11.31
N CYS A 766 7.21 -7.95 12.61
CA CYS A 766 8.57 -7.90 13.13
C CYS A 766 8.78 -9.08 14.07
N GLY A 767 9.95 -9.69 14.05
CA GLY A 767 10.18 -10.79 15.00
C GLY A 767 10.85 -10.31 16.28
N ASP A 768 12.09 -10.71 16.50
CA ASP A 768 12.84 -10.32 17.69
C ASP A 768 13.61 -9.03 17.40
N ASN A 769 13.47 -8.55 16.18
CA ASN A 769 14.20 -7.41 15.74
C ASN A 769 13.66 -6.13 16.32
N THR A 770 14.29 -5.72 17.40
CA THR A 770 13.92 -4.51 18.12
C THR A 770 13.86 -3.29 17.20
N ALA A 771 14.83 -3.15 16.31
CA ALA A 771 14.86 -1.99 15.42
C ALA A 771 13.58 -1.90 14.61
N CYS A 772 12.99 -3.04 14.27
CA CYS A 772 11.76 -3.08 13.49
C CYS A 772 10.61 -2.68 14.38
N ARG A 773 10.54 -3.27 15.56
CA ARG A 773 9.46 -2.98 16.49
C ARG A 773 9.38 -1.50 16.84
N GLN A 774 10.53 -0.84 16.89
CA GLN A 774 10.59 0.57 17.19
C GLN A 774 10.07 1.45 16.06
N GLN A 775 9.81 0.89 14.89
CA GLN A 775 9.26 1.67 13.79
C GLN A 775 7.78 1.31 13.77
N LEU A 776 7.52 0.02 13.96
CA LEU A 776 6.19 -0.53 13.90
C LEU A 776 5.24 0.15 14.84
N VAL A 777 5.73 0.61 15.98
CA VAL A 777 4.87 1.31 16.92
C VAL A 777 4.04 2.44 16.30
N GLU A 778 4.53 3.08 15.24
CA GLU A 778 3.82 4.18 14.61
C GLU A 778 2.56 3.70 13.90
N TYR A 779 2.53 2.42 13.56
CA TYR A 779 1.48 1.74 12.84
C TYR A 779 0.65 0.92 13.80
N GLY A 780 0.78 1.18 15.10
CA GLY A 780 0.03 0.42 16.07
C GLY A 780 -1.46 0.38 15.76
N SER A 781 -2.00 1.46 15.18
CA SER A 781 -3.41 1.50 14.85
C SER A 781 -3.82 0.41 13.87
N PHE A 782 -2.89 -0.04 13.02
CA PHE A 782 -3.26 -1.07 12.09
C PHE A 782 -3.37 -2.34 12.84
N CYS A 783 -2.43 -2.55 13.77
CA CYS A 783 -2.49 -3.77 14.53
C CYS A 783 -3.72 -3.79 15.42
N VAL A 784 -4.14 -2.63 15.88
CA VAL A 784 -5.35 -2.61 16.66
C VAL A 784 -6.51 -3.08 15.82
N ASN A 785 -6.64 -2.57 14.60
CA ASN A 785 -7.74 -3.03 13.76
C ASN A 785 -7.61 -4.51 13.45
N VAL A 786 -6.40 -5.01 13.29
CA VAL A 786 -6.24 -6.42 13.01
C VAL A 786 -6.77 -7.24 14.15
N ASN A 787 -6.37 -6.90 15.35
CA ASN A 787 -6.82 -7.65 16.50
C ASN A 787 -8.28 -7.48 16.75
N ALA A 788 -8.80 -6.28 16.55
CA ALA A 788 -10.21 -6.07 16.81
C ALA A 788 -11.05 -6.94 15.90
N ILE A 789 -10.69 -7.00 14.63
CA ILE A 789 -11.49 -7.78 13.73
C ILE A 789 -11.36 -9.25 14.02
N LEU A 790 -10.14 -9.72 14.25
CA LEU A 790 -10.04 -11.14 14.48
C LEU A 790 -10.81 -11.53 15.73
N ASN A 791 -10.81 -10.68 16.76
CA ASN A 791 -11.56 -11.01 17.97
C ASN A 791 -13.04 -11.09 17.69
N GLU A 792 -13.56 -10.15 16.89
CA GLU A 792 -14.97 -10.15 16.58
C GLU A 792 -15.39 -11.38 15.80
N VAL A 793 -14.56 -11.77 14.86
CA VAL A 793 -14.84 -12.96 14.08
C VAL A 793 -14.83 -14.17 14.97
N ASN A 794 -13.83 -14.25 15.82
CA ASN A 794 -13.73 -15.39 16.69
C ASN A 794 -14.90 -15.48 17.63
N ASN A 795 -15.37 -14.35 18.15
CA ASN A 795 -16.50 -14.41 19.06
C ASN A 795 -17.70 -14.96 18.34
N LEU A 796 -17.90 -14.53 17.11
CA LEU A 796 -19.02 -15.00 16.34
C LEU A 796 -18.94 -16.51 16.20
N LEU A 797 -17.78 -17.00 15.77
CA LEU A 797 -17.65 -18.41 15.53
C LEU A 797 -17.84 -19.21 16.81
N ASP A 798 -17.32 -18.72 17.94
CA ASP A 798 -17.54 -19.43 19.18
C ASP A 798 -19.01 -19.53 19.50
N ASN A 799 -19.73 -18.46 19.25
CA ASN A 799 -21.14 -18.50 19.55
C ASN A 799 -21.87 -19.45 18.64
N MET A 800 -21.46 -19.59 17.39
CA MET A 800 -22.18 -20.53 16.54
C MET A 800 -21.94 -21.93 17.07
N GLN A 801 -20.74 -22.20 17.57
CA GLN A 801 -20.48 -23.52 18.10
C GLN A 801 -21.40 -23.80 19.27
N LEU A 802 -21.54 -22.81 20.14
CA LEU A 802 -22.39 -22.96 21.30
C LEU A 802 -23.85 -23.11 20.91
N GLN A 803 -24.29 -22.41 19.86
CA GLN A 803 -25.67 -22.53 19.42
C GLN A 803 -25.97 -23.94 18.95
N VAL A 804 -25.02 -24.55 18.26
CA VAL A 804 -25.22 -25.91 17.81
C VAL A 804 -25.28 -26.83 19.01
N ALA A 805 -24.36 -26.65 19.95
CA ALA A 805 -24.36 -27.50 21.13
C ALA A 805 -25.67 -27.37 21.85
N SER A 806 -26.16 -26.15 21.95
CA SER A 806 -27.40 -25.89 22.62
C SER A 806 -28.52 -26.59 21.89
N ALA A 807 -28.56 -26.47 20.56
CA ALA A 807 -29.62 -27.09 19.80
C ALA A 807 -29.68 -28.58 20.06
N LEU A 808 -28.52 -29.22 20.19
CA LEU A 808 -28.53 -30.64 20.47
C LEU A 808 -29.09 -30.89 21.87
N MET A 809 -28.60 -30.11 22.83
CA MET A 809 -29.00 -30.30 24.22
C MET A 809 -30.42 -29.90 24.58
N GLN A 810 -31.03 -29.01 23.82
CA GLN A 810 -32.38 -28.59 24.12
C GLN A 810 -33.37 -29.76 24.07
N GLY A 811 -33.00 -30.84 23.37
CA GLY A 811 -33.87 -32.02 23.30
C GLY A 811 -33.42 -33.13 24.24
N VAL A 812 -32.42 -32.85 25.07
CA VAL A 812 -31.84 -33.88 25.92
C VAL A 812 -31.80 -33.41 27.34
N SER A 850 -27.71 -53.22 16.79
CA SER A 850 -26.30 -52.99 17.10
C SER A 850 -25.97 -51.53 16.95
N ALA A 851 -27.00 -50.69 17.04
CA ALA A 851 -26.88 -49.25 16.88
C ALA A 851 -25.89 -48.61 17.84
N ILE A 852 -25.80 -49.12 19.06
CA ILE A 852 -24.88 -48.52 20.00
C ILE A 852 -23.44 -48.79 19.61
N ARG A 853 -23.18 -50.02 19.16
CA ARG A 853 -21.84 -50.39 18.76
C ARG A 853 -21.47 -49.61 17.50
N GLY A 854 -22.44 -49.47 16.60
CA GLY A 854 -22.28 -48.74 15.36
C GLY A 854 -21.84 -47.32 15.69
N ARG A 855 -22.59 -46.69 16.58
CA ARG A 855 -22.31 -45.34 17.02
C ARG A 855 -20.84 -45.21 17.46
N SER A 856 -20.38 -46.12 18.33
CA SER A 856 -19.01 -45.98 18.81
C SER A 856 -17.98 -46.18 17.69
N ALA A 857 -18.30 -47.00 16.70
CA ALA A 857 -17.35 -47.18 15.62
C ALA A 857 -17.20 -45.88 14.87
N ILE A 858 -18.31 -45.21 14.62
CA ILE A 858 -18.34 -43.96 13.91
C ILE A 858 -17.53 -42.92 14.65
N GLU A 859 -17.72 -42.89 15.97
CA GLU A 859 -16.98 -41.97 16.83
C GLU A 859 -15.49 -42.04 16.52
N ASP A 860 -14.94 -43.23 16.32
CA ASP A 860 -13.51 -43.28 15.99
C ASP A 860 -13.20 -43.15 14.49
N LEU A 861 -14.05 -43.72 13.65
CA LEU A 861 -13.78 -43.72 12.20
C LEU A 861 -13.71 -42.32 11.64
N LEU A 862 -14.53 -41.41 12.16
CA LEU A 862 -14.54 -40.03 11.72
C LEU A 862 -13.23 -39.29 12.00
N PHE A 863 -12.47 -39.72 13.01
CA PHE A 863 -11.25 -39.04 13.39
C PHE A 863 -10.01 -39.78 12.93
N ASP A 864 -10.18 -41.03 12.55
CA ASP A 864 -9.10 -41.91 12.13
C ASP A 864 -8.32 -41.37 10.95
N LYS A 865 -9.00 -40.62 10.09
CA LYS A 865 -8.38 -40.08 8.88
C LYS A 865 -7.89 -38.63 9.00
N VAL A 866 -7.91 -38.04 10.19
CA VAL A 866 -7.50 -36.64 10.32
C VAL A 866 -6.36 -36.35 11.28
N LYS A 867 -5.29 -35.72 10.76
CA LYS A 867 -4.15 -35.32 11.59
C LYS A 867 -4.49 -34.12 12.46
N LEU A 868 -5.00 -33.07 11.84
CA LEU A 868 -5.21 -31.83 12.57
C LEU A 868 -6.54 -31.67 13.27
N SER A 869 -6.74 -32.52 14.25
CA SER A 869 -7.89 -32.45 15.13
C SER A 869 -7.54 -31.39 16.14
N ASP A 870 -8.46 -30.96 16.98
CA ASP A 870 -8.05 -29.94 17.96
C ASP A 870 -6.93 -30.48 18.81
N VAL A 871 -7.01 -31.76 19.11
CA VAL A 871 -5.98 -32.40 19.89
C VAL A 871 -4.69 -32.35 19.10
N GLY A 872 -4.79 -32.65 17.80
CA GLY A 872 -3.62 -32.63 16.92
C GLY A 872 -2.92 -31.29 16.94
N PHE A 873 -3.67 -30.20 17.03
CA PHE A 873 -3.01 -28.92 17.09
C PHE A 873 -2.33 -28.74 18.42
N VAL A 874 -2.97 -29.15 19.49
CA VAL A 874 -2.35 -28.97 20.80
C VAL A 874 -1.06 -29.76 20.89
N GLU A 875 -1.11 -31.01 20.45
CA GLU A 875 0.09 -31.83 20.53
C GLU A 875 1.17 -31.28 19.64
N ALA A 876 0.84 -30.80 18.45
CA ALA A 876 1.87 -30.28 17.57
C ALA A 876 2.57 -29.09 18.18
N TYR A 877 1.79 -28.21 18.78
CA TYR A 877 2.38 -27.02 19.36
C TYR A 877 3.18 -27.35 20.57
N ASN A 878 2.76 -28.36 21.30
CA ASN A 878 3.45 -28.77 22.50
C ASN A 878 4.77 -29.45 22.18
N ASN A 879 4.73 -30.45 21.30
CA ASN A 879 5.94 -31.21 21.03
C ASN A 879 7.06 -30.36 20.47
N CYS A 880 6.76 -29.39 19.63
CA CYS A 880 7.84 -28.62 19.06
C CYS A 880 8.52 -27.66 20.03
N THR A 881 7.96 -27.49 21.24
CA THR A 881 8.57 -26.57 22.18
C THR A 881 9.92 -27.12 22.64
N GLY A 882 10.12 -28.42 22.44
CA GLY A 882 11.35 -29.06 22.86
C GLY A 882 12.48 -28.95 21.84
N GLY A 883 12.25 -28.25 20.72
CA GLY A 883 13.29 -28.13 19.69
C GLY A 883 13.43 -29.42 18.93
N GLN A 884 12.35 -30.18 18.92
CA GLN A 884 12.34 -31.50 18.32
C GLN A 884 12.26 -31.50 16.81
N GLU A 885 13.38 -31.17 16.17
CA GLU A 885 13.46 -31.11 14.71
C GLU A 885 12.33 -30.28 14.17
N VAL A 886 12.32 -29.02 14.56
CA VAL A 886 11.19 -28.19 14.23
C VAL A 886 11.22 -27.63 12.83
N ARG A 887 10.78 -28.47 11.91
CA ARG A 887 10.64 -28.12 10.50
C ARG A 887 9.18 -28.16 10.10
N ASP A 888 8.37 -28.89 10.86
CA ASP A 888 6.94 -29.06 10.56
C ASP A 888 6.29 -27.71 10.62
N LEU A 889 5.66 -27.30 9.53
CA LEU A 889 5.08 -25.98 9.45
C LEU A 889 4.04 -25.73 10.52
N LEU A 890 3.42 -26.77 11.06
CA LEU A 890 2.43 -26.52 12.10
C LEU A 890 3.06 -25.82 13.29
N CYS A 891 4.37 -25.97 13.46
CA CYS A 891 5.07 -25.31 14.53
C CYS A 891 5.74 -24.05 14.02
N VAL A 892 6.31 -24.12 12.83
CA VAL A 892 7.04 -22.98 12.29
C VAL A 892 6.15 -21.76 12.22
N GLN A 893 4.89 -21.97 11.86
CA GLN A 893 3.98 -20.85 11.80
C GLN A 893 3.90 -20.12 13.14
N SER A 894 4.02 -20.82 14.27
CA SER A 894 3.87 -20.13 15.55
C SER A 894 5.05 -19.21 15.82
N PHE A 895 6.16 -19.43 15.14
CA PHE A 895 7.33 -18.60 15.37
C PHE A 895 7.14 -17.26 14.72
N ASN A 896 6.16 -17.19 13.83
CA ASN A 896 5.86 -16.00 13.09
C ASN A 896 4.55 -15.38 13.57
N GLY A 897 4.09 -15.81 14.75
CA GLY A 897 2.89 -15.23 15.32
C GLY A 897 1.58 -15.81 14.81
N ILE A 898 1.63 -16.88 14.03
CA ILE A 898 0.41 -17.43 13.49
C ILE A 898 0.06 -18.75 14.13
N LYS A 899 -1.11 -18.85 14.73
CA LYS A 899 -1.42 -20.12 15.36
C LYS A 899 -2.89 -20.39 15.49
N VAL A 900 -3.22 -21.64 15.76
CA VAL A 900 -4.58 -22.04 16.01
C VAL A 900 -4.84 -22.36 17.46
N LEU A 901 -5.89 -21.76 18.00
CA LEU A 901 -6.27 -21.96 19.37
C LEU A 901 -7.41 -22.95 19.47
N PRO A 902 -7.64 -23.53 20.64
CA PRO A 902 -8.79 -24.35 20.95
C PRO A 902 -10.10 -23.55 20.86
N PRO A 903 -11.23 -24.23 20.61
CA PRO A 903 -12.60 -23.77 20.61
C PRO A 903 -13.09 -23.60 22.03
N VAL A 904 -14.33 -23.15 22.23
CA VAL A 904 -14.85 -23.06 23.60
C VAL A 904 -15.07 -24.41 24.23
N LEU A 905 -15.72 -25.31 23.52
CA LEU A 905 -15.99 -26.64 24.05
C LEU A 905 -15.10 -27.64 23.37
N SER A 906 -14.63 -28.61 24.13
CA SER A 906 -13.75 -29.64 23.64
C SER A 906 -14.42 -30.66 22.78
N GLU A 907 -13.60 -31.40 22.05
CA GLU A 907 -14.10 -32.49 21.21
C GLU A 907 -14.79 -33.53 22.07
N SER A 908 -14.32 -33.75 23.29
CA SER A 908 -14.96 -34.71 24.15
C SER A 908 -16.36 -34.22 24.53
N GLN A 909 -16.48 -32.94 24.89
CA GLN A 909 -17.79 -32.42 25.27
C GLN A 909 -18.75 -32.44 24.10
N ILE A 910 -18.26 -32.09 22.93
CA ILE A 910 -19.09 -32.04 21.76
C ILE A 910 -19.56 -33.43 21.43
N SER A 911 -18.64 -34.39 21.50
CA SER A 911 -18.99 -35.76 21.18
C SER A 911 -20.09 -36.19 22.11
N GLY A 912 -19.96 -35.84 23.39
CA GLY A 912 -20.94 -36.15 24.41
C GLY A 912 -22.31 -35.69 23.95
N TYR A 913 -22.41 -34.43 23.58
CA TYR A 913 -23.69 -33.87 23.17
C TYR A 913 -24.25 -34.58 21.96
N THR A 914 -23.42 -34.96 21.00
CA THR A 914 -23.99 -35.65 19.86
C THR A 914 -24.46 -37.05 20.26
N THR A 915 -23.81 -37.68 21.25
CA THR A 915 -24.29 -39.01 21.62
C THR A 915 -25.53 -38.86 22.47
N GLY A 916 -25.65 -37.74 23.16
CA GLY A 916 -26.81 -37.44 23.98
C GLY A 916 -28.04 -37.33 23.10
N ALA A 917 -27.95 -36.45 22.11
CA ALA A 917 -29.06 -36.21 21.19
C ALA A 917 -29.40 -37.48 20.44
N THR A 918 -28.37 -38.21 20.03
CA THR A 918 -28.60 -39.44 19.32
C THR A 918 -29.28 -40.46 20.20
N ALA A 919 -28.82 -40.62 21.43
CA ALA A 919 -29.42 -41.57 22.33
C ALA A 919 -30.87 -41.21 22.57
N ALA A 920 -31.14 -39.91 22.72
CA ALA A 920 -32.50 -39.45 22.95
C ALA A 920 -33.39 -39.76 21.77
N ALA A 921 -32.86 -39.60 20.55
CA ALA A 921 -33.63 -39.90 19.36
C ALA A 921 -33.97 -41.39 19.33
N MET A 922 -33.01 -42.22 19.73
CA MET A 922 -33.20 -43.65 19.78
C MET A 922 -34.16 -44.08 20.88
N PHE A 923 -34.05 -43.45 22.04
CA PHE A 923 -34.84 -43.82 23.20
C PHE A 923 -35.49 -42.61 23.89
N PRO A 924 -36.57 -42.00 23.36
CA PRO A 924 -37.16 -40.82 23.93
C PRO A 924 -37.40 -41.18 25.39
N PRO A 925 -37.22 -40.24 26.33
CA PRO A 925 -37.24 -40.47 27.76
C PRO A 925 -38.51 -41.07 28.30
N TRP A 926 -39.62 -40.81 27.62
CA TRP A 926 -40.90 -41.36 28.07
C TRP A 926 -40.86 -42.87 27.90
N SER A 927 -40.44 -43.26 26.70
CA SER A 927 -40.40 -44.65 26.32
C SER A 927 -39.20 -45.32 26.96
N ALA A 928 -38.15 -44.54 27.23
CA ALA A 928 -36.95 -45.07 27.84
C ALA A 928 -37.27 -45.56 29.23
N ALA A 929 -38.09 -44.81 29.95
CA ALA A 929 -38.49 -45.24 31.28
C ALA A 929 -39.27 -46.55 31.18
N ALA A 930 -40.18 -46.63 30.20
CA ALA A 930 -41.00 -47.82 30.01
C ALA A 930 -40.09 -49.00 29.62
N GLY A 931 -39.03 -48.74 28.86
CA GLY A 931 -38.11 -49.77 28.42
C GLY A 931 -38.27 -50.33 27.01
N VAL A 932 -38.82 -49.50 26.13
CA VAL A 932 -39.01 -49.79 24.71
C VAL A 932 -37.59 -49.98 24.17
N PRO A 933 -37.30 -51.11 23.51
CA PRO A 933 -36.04 -51.45 22.91
C PRO A 933 -35.95 -50.61 21.66
N PHE A 934 -34.73 -50.37 21.20
CA PHE A 934 -34.57 -49.56 19.99
C PHE A 934 -35.41 -50.03 18.82
N SER A 935 -35.40 -51.32 18.49
CA SER A 935 -36.19 -51.75 17.33
C SER A 935 -37.70 -51.46 17.52
N LEU A 936 -38.16 -51.38 18.77
CA LEU A 936 -39.55 -51.08 19.03
C LEU A 936 -39.78 -49.60 18.76
N SER A 937 -38.83 -48.76 19.19
CA SER A 937 -39.01 -47.33 18.96
C SER A 937 -39.02 -47.07 17.45
N VAL A 938 -38.31 -47.91 16.69
CA VAL A 938 -38.33 -47.76 15.25
C VAL A 938 -39.74 -48.08 14.79
N GLN A 939 -40.33 -49.16 15.31
CA GLN A 939 -41.70 -49.47 14.93
C GLN A 939 -42.62 -48.31 15.25
N TYR A 940 -42.39 -47.63 16.37
CA TYR A 940 -43.25 -46.53 16.70
C TYR A 940 -43.13 -45.42 15.65
N ARG A 941 -41.91 -45.16 15.19
CA ARG A 941 -41.72 -44.14 14.17
C ARG A 941 -42.40 -44.58 12.86
N ILE A 942 -42.33 -45.88 12.59
CA ILE A 942 -42.95 -46.47 11.38
C ILE A 942 -44.47 -46.36 11.50
N ASN A 943 -45.02 -46.57 12.69
CA ASN A 943 -46.46 -46.47 12.91
C ASN A 943 -46.92 -45.08 12.49
N GLY A 944 -46.05 -44.07 12.66
CA GLY A 944 -46.34 -42.69 12.26
C GLY A 944 -46.57 -42.53 10.76
N LEU A 945 -46.18 -43.52 9.96
CA LEU A 945 -46.36 -43.55 8.52
C LEU A 945 -47.70 -44.17 8.14
N GLY A 946 -48.39 -44.72 9.12
CA GLY A 946 -49.62 -45.45 8.86
C GLY A 946 -49.29 -46.90 8.57
N VAL A 947 -48.08 -47.33 8.92
CA VAL A 947 -47.66 -48.69 8.66
C VAL A 947 -47.39 -49.42 9.97
N THR A 948 -48.07 -50.55 10.19
CA THR A 948 -47.89 -51.28 11.44
C THR A 948 -47.31 -52.66 11.17
N MET A 949 -47.11 -53.43 12.22
CA MET A 949 -46.57 -54.78 12.09
C MET A 949 -47.52 -55.71 11.33
N ASN A 950 -48.77 -55.26 11.09
CA ASN A 950 -49.73 -56.08 10.35
C ASN A 950 -49.78 -55.63 8.88
N VAL A 951 -48.88 -54.71 8.53
CA VAL A 951 -48.72 -54.14 7.21
C VAL A 951 -47.33 -54.54 6.69
N LEU A 952 -46.37 -54.45 7.61
CA LEU A 952 -44.94 -54.75 7.39
C LEU A 952 -44.70 -56.24 7.28
N SER A 953 -43.57 -56.63 6.67
CA SER A 953 -43.23 -58.06 6.79
C SER A 953 -42.88 -58.21 8.25
N GLU A 954 -42.63 -59.43 8.76
CA GLU A 954 -42.34 -59.52 10.19
C GLU A 954 -41.40 -58.39 10.54
N ASN A 955 -41.88 -57.54 11.43
CA ASN A 955 -41.16 -56.33 11.72
C ASN A 955 -39.97 -56.52 12.60
N GLN A 956 -39.96 -57.57 13.39
CA GLN A 956 -38.81 -57.73 14.24
C GLN A 956 -37.60 -58.07 13.40
N LYS A 957 -37.81 -58.91 12.39
CA LYS A 957 -36.70 -59.30 11.55
C LYS A 957 -36.37 -58.21 10.53
N MET A 958 -37.39 -57.56 9.97
CA MET A 958 -37.14 -56.54 8.97
C MET A 958 -36.39 -55.39 9.60
N ILE A 959 -36.88 -54.90 10.73
CA ILE A 959 -36.22 -53.77 11.35
C ILE A 959 -34.86 -54.16 11.84
N ALA A 960 -34.74 -55.28 12.54
CA ALA A 960 -33.44 -55.60 13.07
C ALA A 960 -32.40 -55.77 11.99
N SER A 961 -32.73 -56.47 10.90
CA SER A 961 -31.72 -56.68 9.88
C SER A 961 -31.53 -55.48 8.98
N ALA A 962 -32.56 -54.66 8.76
CA ALA A 962 -32.37 -53.51 7.90
C ALA A 962 -31.38 -52.56 8.54
N PHE A 963 -31.53 -52.35 9.84
CA PHE A 963 -30.65 -51.44 10.53
C PHE A 963 -29.29 -52.05 10.72
N ASN A 964 -29.20 -53.32 11.09
CA ASN A 964 -27.88 -53.88 11.30
C ASN A 964 -27.09 -53.93 10.00
N ASN A 965 -27.75 -54.21 8.89
CA ASN A 965 -27.05 -54.26 7.62
C ASN A 965 -26.54 -52.87 7.26
N ALA A 966 -27.37 -51.85 7.51
CA ALA A 966 -26.98 -50.49 7.21
C ALA A 966 -25.79 -50.10 8.03
N LEU A 967 -25.80 -50.44 9.31
CA LEU A 967 -24.70 -50.07 10.19
C LEU A 967 -23.42 -50.72 9.75
N GLY A 968 -23.51 -51.96 9.30
CA GLY A 968 -22.34 -52.65 8.79
C GLY A 968 -21.77 -51.85 7.64
N ALA A 969 -22.63 -51.57 6.65
CA ALA A 969 -22.22 -50.83 5.46
C ALA A 969 -21.65 -49.46 5.81
N ILE A 970 -22.26 -48.80 6.77
CA ILE A 970 -21.80 -47.49 7.17
C ILE A 970 -20.40 -47.57 7.71
N GLN A 971 -20.11 -48.54 8.58
CA GLN A 971 -18.75 -48.63 9.08
C GLN A 971 -17.76 -48.96 7.97
N ASP A 972 -18.13 -49.87 7.07
CA ASP A 972 -17.23 -50.25 5.99
C ASP A 972 -16.97 -49.10 5.04
N GLY A 973 -17.97 -48.24 4.87
CA GLY A 973 -17.87 -47.09 3.99
C GLY A 973 -16.69 -46.18 4.31
N PHE A 974 -16.23 -46.16 5.57
CA PHE A 974 -15.15 -45.27 5.95
C PHE A 974 -13.82 -45.68 5.32
N ASP A 975 -13.72 -46.93 4.87
CA ASP A 975 -12.52 -47.42 4.21
C ASP A 975 -12.76 -47.62 2.72
N ALA A 976 -13.83 -46.99 2.19
CA ALA A 976 -14.19 -47.13 0.80
C ALA A 976 -14.52 -45.79 0.15
N THR A 977 -13.56 -44.87 0.17
CA THR A 977 -13.75 -43.52 -0.37
C THR A 977 -15.05 -42.84 0.08
N ASN A 978 -15.21 -42.71 1.38
CA ASN A 978 -16.37 -42.06 1.97
C ASN A 978 -16.47 -40.58 1.60
N SER A 979 -17.64 -40.15 1.15
CA SER A 979 -17.82 -38.76 0.75
C SER A 979 -17.61 -37.78 1.89
N ALA A 980 -18.12 -38.11 3.08
CA ALA A 980 -17.92 -37.21 4.20
C ALA A 980 -16.44 -37.08 4.50
N LEU A 981 -15.70 -38.20 4.45
CA LEU A 981 -14.28 -38.09 4.77
C LEU A 981 -13.59 -37.22 3.74
N GLY A 982 -14.03 -37.31 2.49
CA GLY A 982 -13.49 -36.49 1.43
C GLY A 982 -13.65 -35.02 1.82
N LYS A 983 -14.88 -34.64 2.17
CA LYS A 983 -15.13 -33.26 2.53
C LYS A 983 -14.36 -32.85 3.77
N ILE A 984 -14.27 -33.74 4.75
CA ILE A 984 -13.56 -33.39 5.97
C ILE A 984 -12.11 -33.11 5.70
N GLN A 985 -11.45 -33.98 4.95
CA GLN A 985 -10.06 -33.74 4.65
C GLN A 985 -9.91 -32.50 3.81
N SER A 986 -10.84 -32.25 2.90
CA SER A 986 -10.76 -31.08 2.05
C SER A 986 -10.80 -29.82 2.89
N VAL A 987 -11.67 -29.79 3.91
CA VAL A 987 -11.76 -28.64 4.81
C VAL A 987 -10.46 -28.43 5.55
N VAL A 988 -9.90 -29.52 6.07
CA VAL A 988 -8.66 -29.39 6.80
C VAL A 988 -7.58 -28.83 5.91
N ASN A 989 -7.48 -29.39 4.71
CA ASN A 989 -6.46 -28.96 3.79
C ASN A 989 -6.64 -27.51 3.41
N ALA A 990 -7.88 -27.08 3.17
CA ALA A 990 -8.11 -25.71 2.77
C ALA A 990 -7.64 -24.75 3.83
N ASN A 991 -7.88 -25.07 5.08
CA ASN A 991 -7.47 -24.17 6.12
C ASN A 991 -5.96 -24.14 6.24
N ALA A 992 -5.32 -25.29 6.04
CA ALA A 992 -3.88 -25.32 6.10
C ALA A 992 -3.30 -24.45 5.01
N GLU A 993 -3.90 -24.50 3.81
CA GLU A 993 -3.40 -23.72 2.71
C GLU A 993 -3.52 -22.25 3.01
N ALA A 994 -4.62 -21.84 3.63
CA ALA A 994 -4.77 -20.43 3.92
C ALA A 994 -3.65 -19.94 4.82
N LEU A 995 -3.30 -20.74 5.82
CA LEU A 995 -2.27 -20.30 6.72
C LEU A 995 -0.92 -20.34 6.06
N ASN A 996 -0.68 -21.33 5.21
CA ASN A 996 0.61 -21.40 4.57
C ASN A 996 0.77 -20.25 3.61
N ASN A 997 -0.31 -19.79 3.01
CA ASN A 997 -0.18 -18.66 2.10
C ASN A 997 0.25 -17.46 2.91
N LEU A 998 -0.33 -17.29 4.09
CA LEU A 998 0.04 -16.15 4.89
C LEU A 998 1.49 -16.26 5.31
N LEU A 999 1.91 -17.44 5.70
CA LEU A 999 3.29 -17.60 6.12
C LEU A 999 4.23 -17.29 4.96
N ASN A 1000 3.92 -17.81 3.77
CA ASN A 1000 4.75 -17.63 2.59
C ASN A 1000 4.88 -16.17 2.24
N GLN A 1001 3.87 -15.40 2.61
CA GLN A 1001 3.85 -13.98 2.36
C GLN A 1001 5.08 -13.29 2.89
N LEU A 1002 5.62 -13.79 3.99
CA LEU A 1002 6.76 -13.14 4.60
C LEU A 1002 7.97 -13.10 3.67
N SER A 1003 8.05 -14.05 2.74
CA SER A 1003 9.17 -14.14 1.84
C SER A 1003 9.04 -13.19 0.66
N ASN A 1004 7.91 -12.49 0.55
CA ASN A 1004 7.67 -11.61 -0.59
C ASN A 1004 8.75 -10.63 -0.89
N ARG A 1005 9.45 -10.13 0.10
CA ARG A 1005 10.50 -9.16 -0.20
C ARG A 1005 9.97 -7.95 -0.92
N PHE A 1006 9.08 -7.21 -0.29
CA PHE A 1006 8.47 -6.04 -0.92
C PHE A 1006 9.51 -4.95 -1.11
N GLY A 1007 10.58 -5.03 -0.30
CA GLY A 1007 11.67 -4.06 -0.28
C GLY A 1007 12.66 -4.31 -1.39
N ALA A 1008 13.72 -3.52 -1.42
CA ALA A 1008 14.74 -3.64 -2.46
C ALA A 1008 15.90 -4.54 -2.08
N ILE A 1009 15.98 -4.92 -0.82
CA ILE A 1009 17.12 -5.71 -0.40
C ILE A 1009 16.77 -7.15 -0.08
N SER A 1010 15.97 -7.35 0.94
CA SER A 1010 15.67 -8.69 1.40
C SER A 1010 14.43 -8.76 2.22
N ALA A 1011 13.79 -9.93 2.21
CA ALA A 1011 12.65 -10.16 3.08
C ALA A 1011 13.09 -10.29 4.53
N SER A 1012 14.38 -10.53 4.75
CA SER A 1012 14.91 -10.67 6.09
C SER A 1012 15.30 -9.32 6.67
N LEU A 1013 14.64 -8.95 7.74
CA LEU A 1013 14.91 -7.67 8.36
C LEU A 1013 16.35 -7.56 8.78
N GLN A 1014 16.92 -8.68 9.20
CA GLN A 1014 18.28 -8.72 9.66
C GLN A 1014 19.25 -8.42 8.51
N GLU A 1015 18.92 -8.85 7.30
CA GLU A 1015 19.84 -8.60 6.21
C GLU A 1015 19.79 -7.14 5.85
N ILE A 1016 18.62 -6.54 5.96
CA ILE A 1016 18.55 -5.14 5.65
C ILE A 1016 19.34 -4.35 6.68
N LEU A 1017 19.03 -4.63 7.93
CA LEU A 1017 19.60 -3.94 9.05
C LEU A 1017 21.12 -4.02 9.14
N THR A 1018 21.70 -5.16 8.76
CA THR A 1018 23.13 -5.32 8.85
C THR A 1018 23.89 -5.04 7.56
N ARG A 1019 23.19 -4.55 6.52
CA ARG A 1019 23.84 -4.20 5.28
C ARG A 1019 23.75 -2.73 4.99
N LEU A 1020 22.60 -2.15 5.24
CA LEU A 1020 22.35 -0.76 4.93
C LEU A 1020 22.72 0.21 6.03
N GLU A 1021 22.90 1.47 5.66
CA GLU A 1021 23.16 2.54 6.61
C GLU A 1021 21.91 2.64 7.45
N ALA A 1022 21.99 3.13 8.67
CA ALA A 1022 20.78 3.19 9.50
C ALA A 1022 19.61 3.91 8.83
N VAL A 1023 19.86 4.99 8.08
CA VAL A 1023 18.73 5.69 7.45
C VAL A 1023 18.16 4.88 6.31
N GLU A 1024 19.03 4.32 5.50
CA GLU A 1024 18.61 3.53 4.37
C GLU A 1024 17.82 2.34 4.86
N ALA A 1025 18.31 1.73 5.95
CA ALA A 1025 17.66 0.57 6.52
C ALA A 1025 16.30 0.96 6.99
N LYS A 1026 16.18 2.12 7.61
CA LYS A 1026 14.88 2.55 8.09
C LYS A 1026 13.90 2.59 6.93
N ALA A 1027 14.31 3.18 5.81
CA ALA A 1027 13.42 3.25 4.68
C ALA A 1027 13.01 1.86 4.17
N GLN A 1028 13.96 0.94 4.13
CA GLN A 1028 13.62 -0.39 3.64
C GLN A 1028 12.69 -1.10 4.61
N ILE A 1029 12.89 -0.88 5.90
CA ILE A 1029 12.04 -1.51 6.88
C ILE A 1029 10.64 -0.97 6.73
N ASP A 1030 10.49 0.33 6.53
CA ASP A 1030 9.16 0.88 6.35
C ASP A 1030 8.47 0.23 5.16
N ARG A 1031 9.21 -0.06 4.08
CA ARG A 1031 8.57 -0.73 2.97
C ARG A 1031 8.10 -2.13 3.35
N LEU A 1032 8.89 -2.88 4.11
CA LEU A 1032 8.41 -4.20 4.50
C LEU A 1032 7.25 -4.12 5.45
N ILE A 1033 7.25 -3.15 6.34
CA ILE A 1033 6.15 -3.05 7.27
C ILE A 1033 4.85 -2.79 6.55
N ASN A 1034 4.85 -1.86 5.61
CA ASN A 1034 3.60 -1.59 4.92
C ASN A 1034 3.20 -2.77 4.07
N GLY A 1035 4.17 -3.48 3.55
CA GLY A 1035 3.89 -4.66 2.77
C GLY A 1035 3.17 -5.70 3.62
N ARG A 1036 3.75 -6.02 4.77
CA ARG A 1036 3.18 -7.04 5.63
C ARG A 1036 1.84 -6.62 6.22
N LEU A 1037 1.68 -5.34 6.55
CA LEU A 1037 0.39 -4.91 7.09
C LEU A 1037 -0.67 -5.05 6.00
N THR A 1038 -0.30 -4.75 4.76
CA THR A 1038 -1.24 -4.89 3.67
C THR A 1038 -1.64 -6.33 3.56
N ALA A 1039 -0.67 -7.23 3.63
CA ALA A 1039 -1.00 -8.62 3.53
C ALA A 1039 -1.92 -9.07 4.64
N LEU A 1040 -1.73 -8.55 5.86
CA LEU A 1040 -2.65 -8.96 6.92
C LEU A 1040 -4.05 -8.51 6.60
N ASN A 1041 -4.20 -7.32 6.03
CA ASN A 1041 -5.53 -6.88 5.72
C ASN A 1041 -6.14 -7.80 4.68
N ALA A 1042 -5.33 -8.25 3.72
CA ALA A 1042 -5.85 -9.18 2.73
C ALA A 1042 -6.28 -10.46 3.42
N TYR A 1043 -5.49 -10.91 4.39
CA TYR A 1043 -5.81 -12.10 5.15
C TYR A 1043 -7.14 -11.93 5.82
N ILE A 1044 -7.35 -10.80 6.45
CA ILE A 1044 -8.61 -10.59 7.11
C ILE A 1044 -9.76 -10.70 6.16
N SER A 1045 -9.64 -10.15 4.96
CA SER A 1045 -10.74 -10.28 4.04
C SER A 1045 -11.07 -11.76 3.85
N LYS A 1046 -10.05 -12.62 3.78
CA LYS A 1046 -10.32 -14.05 3.64
C LYS A 1046 -11.11 -14.53 4.83
N GLN A 1047 -10.72 -14.12 6.03
CA GLN A 1047 -11.42 -14.59 7.21
C GLN A 1047 -12.86 -14.13 7.25
N LEU A 1048 -13.12 -12.91 6.77
CA LEU A 1048 -14.49 -12.46 6.80
C LEU A 1048 -15.32 -13.33 5.86
N SER A 1049 -14.75 -13.66 4.71
CA SER A 1049 -15.47 -14.50 3.76
C SER A 1049 -15.74 -15.86 4.38
N ASP A 1050 -14.72 -16.44 5.02
CA ASP A 1050 -14.91 -17.72 5.67
C ASP A 1050 -15.97 -17.67 6.75
N SER A 1051 -16.00 -16.59 7.55
CA SER A 1051 -16.98 -16.58 8.61
C SER A 1051 -18.37 -16.60 8.02
N THR A 1052 -18.55 -16.05 6.82
CA THR A 1052 -19.87 -16.09 6.24
C THR A 1052 -20.24 -17.51 5.86
N LEU A 1053 -19.34 -18.21 5.19
CA LEU A 1053 -19.71 -19.55 4.76
C LEU A 1053 -19.94 -20.48 5.93
N ILE A 1054 -19.14 -20.31 6.97
CA ILE A 1054 -19.26 -21.16 8.12
C ILE A 1054 -20.57 -20.92 8.79
N LYS A 1055 -20.91 -19.65 8.96
CA LYS A 1055 -22.16 -19.27 9.58
C LYS A 1055 -23.32 -19.91 8.85
N VAL A 1056 -23.29 -19.88 7.52
CA VAL A 1056 -24.37 -20.50 6.75
C VAL A 1056 -24.45 -21.99 7.01
N SER A 1057 -23.31 -22.65 6.96
CA SER A 1057 -23.32 -24.08 7.17
C SER A 1057 -23.80 -24.42 8.57
N ALA A 1058 -23.37 -23.65 9.56
CA ALA A 1058 -23.78 -23.87 10.93
C ALA A 1058 -25.28 -23.70 11.04
N ALA A 1059 -25.83 -22.73 10.33
CA ALA A 1059 -27.26 -22.53 10.38
C ALA A 1059 -27.95 -23.78 9.88
N GLN A 1060 -27.41 -24.41 8.84
CA GLN A 1060 -28.04 -25.61 8.33
C GLN A 1060 -27.96 -26.72 9.34
N ALA A 1061 -26.85 -26.82 10.05
CA ALA A 1061 -26.75 -27.86 11.05
C ALA A 1061 -27.80 -27.66 12.11
N ILE A 1062 -28.03 -26.41 12.49
CA ILE A 1062 -29.01 -26.14 13.51
C ILE A 1062 -30.39 -26.55 13.04
N GLU A 1063 -30.73 -26.17 11.80
CA GLU A 1063 -32.04 -26.54 11.29
C GLU A 1063 -32.15 -28.06 11.10
N LYS A 1064 -31.05 -28.71 10.74
CA LYS A 1064 -31.08 -30.13 10.47
C LYS A 1064 -31.33 -30.87 11.77
N VAL A 1065 -30.69 -30.41 12.82
CA VAL A 1065 -30.90 -31.02 14.10
C VAL A 1065 -32.32 -30.82 14.55
N ASN A 1066 -32.79 -29.59 14.51
CA ASN A 1066 -34.13 -29.32 14.96
C ASN A 1066 -35.22 -30.02 14.14
N GLU A 1067 -35.03 -30.11 12.83
CA GLU A 1067 -36.02 -30.71 11.96
C GLU A 1067 -35.98 -32.24 11.90
N CYS A 1068 -34.78 -32.84 11.90
CA CYS A 1068 -34.68 -34.29 11.78
C CYS A 1068 -34.11 -35.03 12.99
N VAL A 1069 -33.19 -34.45 13.72
CA VAL A 1069 -32.65 -35.23 14.84
C VAL A 1069 -33.67 -35.29 15.94
N LYS A 1070 -34.29 -34.15 16.19
CA LYS A 1070 -35.24 -34.04 17.27
C LYS A 1070 -36.68 -34.34 16.85
N SER A 1071 -36.92 -34.30 15.56
CA SER A 1071 -38.24 -34.48 14.99
C SER A 1071 -38.16 -35.19 13.66
N GLN A 1072 -39.26 -35.21 12.94
CA GLN A 1072 -39.31 -35.88 11.65
C GLN A 1072 -39.94 -34.93 10.66
N THR A 1073 -39.64 -35.07 9.38
CA THR A 1073 -40.21 -34.15 8.41
C THR A 1073 -40.91 -34.77 7.22
N THR A 1074 -41.40 -33.87 6.38
CA THR A 1074 -42.13 -34.18 5.17
C THR A 1074 -41.36 -33.68 3.94
N ARG A 1075 -40.26 -32.99 4.20
CA ARG A 1075 -39.43 -32.51 3.10
C ARG A 1075 -38.77 -33.70 2.43
N ILE A 1076 -38.53 -33.62 1.14
CA ILE A 1076 -37.82 -34.69 0.45
C ILE A 1076 -36.57 -34.14 -0.20
N ASN A 1077 -35.69 -35.05 -0.66
CA ASN A 1077 -34.41 -34.68 -1.26
C ASN A 1077 -33.64 -33.83 -0.24
N PHE A 1078 -33.79 -34.27 1.00
CA PHE A 1078 -33.26 -33.68 2.22
C PHE A 1078 -33.53 -34.58 3.41
N CYS A 1079 -32.50 -35.12 4.08
CA CYS A 1079 -32.84 -35.94 5.24
C CYS A 1079 -33.81 -37.11 4.95
N GLY A 1080 -35.10 -36.89 5.18
CA GLY A 1080 -36.16 -37.90 5.09
C GLY A 1080 -36.61 -38.21 3.67
N ASN A 1081 -35.68 -38.67 2.85
CA ASN A 1081 -35.93 -38.93 1.43
C ASN A 1081 -36.97 -40.02 1.21
N GLY A 1082 -37.12 -40.88 2.20
CA GLY A 1082 -38.07 -41.98 2.22
C GLY A 1082 -38.89 -41.88 3.51
N ASN A 1083 -39.19 -40.64 3.89
CA ASN A 1083 -40.04 -40.27 5.02
C ASN A 1083 -39.52 -40.58 6.44
N HIS A 1084 -40.46 -40.78 7.36
CA HIS A 1084 -40.26 -40.75 8.81
C HIS A 1084 -39.61 -41.95 9.49
N ILE A 1085 -38.36 -42.25 9.18
CA ILE A 1085 -37.77 -43.39 9.87
C ILE A 1085 -36.77 -43.00 10.95
N LEU A 1086 -35.57 -42.51 10.62
CA LEU A 1086 -34.67 -42.17 11.73
C LEU A 1086 -33.47 -41.29 11.34
N SER A 1087 -33.14 -40.29 12.15
CA SER A 1087 -31.95 -39.49 11.88
C SER A 1087 -31.04 -39.37 13.12
N LEU A 1088 -29.78 -39.80 12.96
CA LEU A 1088 -28.82 -39.82 14.05
C LEU A 1088 -27.65 -38.87 13.79
N VAL A 1089 -26.94 -38.42 14.83
CA VAL A 1089 -25.84 -37.47 14.62
C VAL A 1089 -24.58 -37.80 15.39
N GLN A 1090 -23.42 -37.55 14.75
CA GLN A 1090 -22.13 -37.75 15.40
C GLN A 1090 -21.11 -36.64 15.16
N ASN A 1091 -20.40 -36.28 16.22
CA ASN A 1091 -19.28 -35.35 16.11
C ASN A 1091 -18.22 -35.83 15.15
N ALA A 1092 -17.74 -34.93 14.30
CA ALA A 1092 -16.72 -35.20 13.31
C ALA A 1092 -15.68 -34.08 13.34
N PRO A 1093 -14.44 -34.29 12.89
CA PRO A 1093 -13.48 -33.24 12.77
C PRO A 1093 -14.13 -32.09 12.06
N TYR A 1094 -14.05 -30.91 12.64
CA TYR A 1094 -14.65 -29.73 12.07
C TYR A 1094 -16.09 -29.85 11.61
N GLY A 1095 -16.95 -30.58 12.33
CA GLY A 1095 -18.35 -30.61 11.92
C GLY A 1095 -19.16 -31.79 12.40
N LEU A 1096 -20.34 -31.93 11.81
CA LEU A 1096 -21.24 -33.02 12.19
C LEU A 1096 -21.50 -33.99 11.06
N TYR A 1097 -21.57 -35.26 11.43
CA TYR A 1097 -21.88 -36.33 10.52
C TYR A 1097 -23.27 -36.86 10.82
N PHE A 1098 -24.09 -36.98 9.81
CA PHE A 1098 -25.44 -37.44 10.02
C PHE A 1098 -25.71 -38.75 9.31
N ILE A 1099 -26.53 -39.56 9.95
CA ILE A 1099 -26.97 -40.83 9.41
C ILE A 1099 -28.46 -40.80 9.24
N HIS A 1100 -28.94 -41.05 8.04
CA HIS A 1100 -30.38 -41.00 7.84
C HIS A 1100 -30.93 -42.29 7.31
N PHE A 1101 -31.98 -42.77 7.96
CA PHE A 1101 -32.65 -43.98 7.57
C PHE A 1101 -33.98 -43.61 6.94
N SER A 1102 -34.36 -44.40 5.95
CA SER A 1102 -35.61 -44.16 5.25
C SER A 1102 -36.12 -45.45 4.65
N TYR A 1103 -37.37 -45.49 4.16
CA TYR A 1103 -37.81 -46.78 3.61
C TYR A 1103 -38.20 -46.66 2.16
N VAL A 1104 -38.20 -47.79 1.49
CA VAL A 1104 -38.56 -47.85 0.09
C VAL A 1104 -39.65 -48.90 -0.13
N TYR B 1 37.47 11.99 39.34
CA TYR B 1 37.38 13.43 39.51
C TYR B 1 36.47 14.09 38.50
N ILE B 2 35.81 15.16 38.91
CA ILE B 2 34.83 15.78 38.03
C ILE B 2 35.45 16.89 37.21
N GLY B 3 36.23 16.50 36.23
CA GLY B 3 36.95 17.49 35.43
C GLY B 3 38.30 17.68 36.08
N ASP B 4 39.22 18.39 35.43
CA ASP B 4 40.58 18.56 35.93
C ASP B 4 41.01 19.92 36.50
N PHE B 5 40.10 20.80 36.86
CA PHE B 5 40.58 22.09 37.39
C PHE B 5 40.87 22.03 38.90
N ARG B 6 41.81 22.87 39.34
CA ARG B 6 42.19 22.92 40.75
C ARG B 6 41.72 24.17 41.50
N CYS B 7 40.53 24.05 42.07
CA CYS B 7 39.85 25.12 42.80
C CYS B 7 40.54 25.57 44.08
N ILE B 8 40.59 26.88 44.31
CA ILE B 8 41.12 27.35 45.58
C ILE B 8 40.00 27.30 46.59
N GLN B 9 39.76 26.13 47.13
CA GLN B 9 38.61 25.96 47.99
C GLN B 9 38.92 26.23 49.44
N LEU B 10 38.02 26.91 50.12
CA LEU B 10 38.23 27.15 51.54
C LEU B 10 37.61 26.03 52.38
N VAL B 11 38.14 24.82 52.21
CA VAL B 11 37.60 23.62 52.88
C VAL B 11 38.74 22.62 53.05
N ASN B 12 38.65 21.74 54.04
CA ASN B 12 39.66 20.71 54.24
C ASN B 12 39.28 19.48 53.42
N SER B 13 40.14 18.49 53.38
CA SER B 13 39.82 17.28 52.61
C SER B 13 40.46 16.04 53.22
N ASN B 14 39.97 14.87 52.82
CA ASN B 14 40.53 13.63 53.37
C ASN B 14 40.43 12.38 52.50
N GLY B 15 41.05 11.32 52.99
CA GLY B 15 41.10 10.00 52.34
C GLY B 15 40.08 9.00 52.90
N ALA B 16 38.98 9.50 53.47
CA ALA B 16 37.98 8.61 54.07
C ALA B 16 37.43 7.61 53.06
N ASN B 17 37.08 6.42 53.53
CA ASN B 17 36.48 5.46 52.63
C ASN B 17 35.08 5.91 52.26
N VAL B 18 34.73 5.72 50.99
CA VAL B 18 33.41 6.07 50.49
C VAL B 18 32.69 4.86 49.88
N SER B 19 31.48 4.62 50.38
CA SER B 19 30.62 3.53 49.92
C SER B 19 29.74 3.96 48.77
N ALA B 20 29.04 3.00 48.21
CA ALA B 20 28.02 3.28 47.21
C ALA B 20 26.95 4.09 47.93
N PRO B 21 26.13 4.87 47.21
CA PRO B 21 25.03 5.65 47.76
C PRO B 21 23.94 4.74 48.30
N SER B 22 23.20 5.22 49.30
CA SER B 22 22.11 4.44 49.89
C SER B 22 21.00 4.20 48.88
N ILE B 23 20.35 3.06 49.00
CA ILE B 23 19.22 2.74 48.13
C ILE B 23 17.91 2.88 48.89
N SER B 24 16.95 3.55 48.29
CA SER B 24 15.66 3.79 48.91
C SER B 24 14.86 2.53 49.07
N THR B 25 13.89 2.59 49.97
CA THR B 25 12.92 1.52 50.11
C THR B 25 11.68 1.95 49.34
N GLU B 26 11.67 3.25 49.06
CA GLU B 26 10.65 3.93 48.28
C GLU B 26 10.84 3.56 46.83
N THR B 27 9.75 3.29 46.14
CA THR B 27 9.88 2.99 44.74
C THR B 27 9.11 3.97 43.90
N VAL B 28 9.39 3.96 42.62
CA VAL B 28 8.67 4.81 41.71
C VAL B 28 7.23 4.32 41.54
N GLU B 29 6.26 5.20 41.75
CA GLU B 29 4.84 4.86 41.61
C GLU B 29 4.12 5.85 40.71
N VAL B 30 4.15 5.58 39.41
CA VAL B 30 3.64 6.55 38.43
C VAL B 30 2.13 6.66 38.42
N SER B 31 1.47 5.79 39.16
CA SER B 31 0.02 5.82 39.26
C SER B 31 -0.49 7.15 39.79
N GLN B 32 0.37 7.92 40.47
CA GLN B 32 -0.04 9.21 41.02
C GLN B 32 0.27 10.36 40.07
N GLY B 33 0.90 10.05 38.95
CA GLY B 33 1.35 11.01 37.94
C GLY B 33 2.81 11.41 38.17
N LEU B 34 3.28 11.23 39.39
CA LEU B 34 4.63 11.61 39.72
C LEU B 34 5.61 10.68 39.04
N GLY B 35 6.58 11.28 38.37
CA GLY B 35 7.55 10.55 37.59
C GLY B 35 7.29 10.84 36.13
N THR B 36 6.14 11.44 35.84
CA THR B 36 5.85 11.79 34.47
C THR B 36 5.84 13.30 34.33
N TYR B 37 5.58 13.78 33.12
CA TYR B 37 5.64 15.21 32.83
C TYR B 37 4.70 15.64 31.73
N TYR B 38 4.51 16.95 31.64
CA TYR B 38 3.64 17.54 30.62
C TYR B 38 4.29 17.69 29.26
N VAL B 39 3.48 17.48 28.24
CA VAL B 39 3.88 17.56 26.84
C VAL B 39 3.98 19.00 26.35
N LEU B 40 5.10 19.33 25.73
CA LEU B 40 5.23 20.69 25.27
C LEU B 40 4.29 20.93 24.12
N ASP B 41 3.72 22.10 24.12
CA ASP B 41 2.83 22.59 23.09
C ASP B 41 1.52 21.82 22.98
N ARG B 42 1.18 20.96 23.95
CA ARG B 42 -0.10 20.27 23.83
C ARG B 42 -0.89 20.21 25.13
N VAL B 43 -2.19 20.37 25.01
CA VAL B 43 -3.11 20.26 26.13
C VAL B 43 -4.15 19.22 25.80
N TYR B 44 -4.34 18.27 26.69
CA TYR B 44 -5.30 17.22 26.43
C TYR B 44 -6.37 17.21 27.48
N LEU B 45 -7.63 17.38 27.09
CA LEU B 45 -8.67 17.40 28.10
C LEU B 45 -9.48 16.11 28.04
N ASN B 46 -9.85 15.58 29.19
CA ASN B 46 -10.72 14.40 29.25
C ASN B 46 -10.21 13.23 28.40
N ALA B 47 -9.05 12.65 28.73
CA ALA B 47 -8.52 11.62 27.83
C ALA B 47 -7.62 10.58 28.48
N THR B 48 -7.54 9.40 27.84
CA THR B 48 -6.66 8.30 28.24
C THR B 48 -5.74 7.95 27.07
N LEU B 49 -4.58 8.60 27.03
CA LEU B 49 -3.72 8.53 25.84
C LEU B 49 -2.43 7.76 26.03
N LEU B 50 -1.99 7.05 24.99
CA LEU B 50 -0.66 6.44 25.06
C LEU B 50 0.36 7.37 24.46
N LEU B 51 1.22 7.87 25.31
CA LEU B 51 2.21 8.84 24.92
C LEU B 51 3.58 8.23 25.18
N THR B 52 4.60 8.70 24.47
CA THR B 52 5.93 8.16 24.72
C THR B 52 6.89 9.27 25.09
N GLY B 53 7.95 8.89 25.78
CA GLY B 53 8.97 9.85 26.20
C GLY B 53 9.99 9.19 27.10
N TYR B 54 10.57 9.97 28.02
CA TYR B 54 11.62 9.46 28.89
C TYR B 54 11.17 9.49 30.34
N TYR B 55 10.93 8.34 30.89
CA TYR B 55 10.32 8.24 32.20
C TYR B 55 11.08 7.27 33.10
N PRO B 56 10.99 7.38 34.43
CA PRO B 56 11.58 6.44 35.35
C PRO B 56 10.78 5.16 35.26
N VAL B 57 11.41 4.03 35.52
CA VAL B 57 10.67 2.78 35.48
C VAL B 57 9.88 2.53 36.74
N ASP B 58 8.58 2.29 36.58
CA ASP B 58 7.71 2.06 37.73
C ASP B 58 8.19 0.84 38.51
N GLY B 59 8.26 1.00 39.83
CA GLY B 59 8.73 -0.07 40.72
C GLY B 59 10.23 -0.01 41.02
N SER B 60 10.97 0.83 40.30
CA SER B 60 12.41 0.93 40.55
C SER B 60 12.70 1.71 41.83
N LYS B 61 13.94 1.60 42.31
CA LYS B 61 14.41 2.28 43.52
C LYS B 61 15.35 3.43 43.19
N PHE B 62 15.57 4.32 44.15
CA PHE B 62 16.41 5.49 43.97
C PHE B 62 17.72 5.40 44.74
N ARG B 63 18.76 6.07 44.23
CA ARG B 63 20.02 6.22 44.93
C ARG B 63 20.04 7.53 45.70
N ASN B 64 20.59 7.54 46.91
CA ASN B 64 20.70 8.81 47.62
C ASN B 64 22.00 9.46 47.28
N LEU B 65 21.96 10.48 46.45
CA LEU B 65 23.18 11.08 45.99
C LEU B 65 23.52 12.30 46.82
N ALA B 66 22.78 12.52 47.91
CA ALA B 66 23.00 13.68 48.76
C ALA B 66 24.21 13.55 49.67
N LEU B 67 25.40 13.64 49.09
CA LEU B 67 26.64 13.60 49.85
C LEU B 67 26.67 14.87 50.68
N ARG B 68 27.25 14.84 51.88
CA ARG B 68 27.28 16.07 52.67
C ARG B 68 28.43 16.08 53.67
N GLY B 69 28.62 17.23 54.30
CA GLY B 69 29.68 17.37 55.30
C GLY B 69 29.67 18.73 55.98
N THR B 70 30.73 19.01 56.73
CA THR B 70 30.86 20.25 57.50
C THR B 70 32.15 21.03 57.12
N ASN B 71 33.27 20.62 57.68
CA ASN B 71 34.53 21.31 57.42
C ASN B 71 35.44 20.63 56.38
N SER B 72 34.97 19.55 55.75
CA SER B 72 35.83 18.84 54.82
C SER B 72 35.10 18.13 53.67
N VAL B 73 35.88 17.85 52.62
CA VAL B 73 35.47 17.11 51.43
C VAL B 73 36.29 15.82 51.25
N SER B 74 35.62 14.69 51.11
CA SER B 74 36.37 13.44 50.92
C SER B 74 36.80 13.30 49.47
N LEU B 75 38.07 12.99 49.26
CA LEU B 75 38.65 12.89 47.93
C LEU B 75 37.99 11.75 47.16
N SER B 76 37.66 10.70 47.90
CA SER B 76 37.08 9.48 47.39
C SER B 76 35.61 9.62 47.01
N TRP B 77 35.01 10.79 47.24
CA TRP B 77 33.63 10.99 46.82
C TRP B 77 33.53 11.08 45.30
N PHE B 78 34.57 11.59 44.66
CA PHE B 78 34.50 11.94 43.26
C PHE B 78 34.88 10.80 42.31
N GLN B 79 34.14 9.70 42.43
CA GLN B 79 34.41 8.50 41.65
C GLN B 79 33.26 7.47 41.70
N PRO B 80 33.23 6.48 40.81
CA PRO B 80 32.36 5.33 40.93
C PRO B 80 32.71 4.66 42.26
N PRO B 81 31.78 4.03 42.95
CA PRO B 81 30.36 3.76 42.69
C PRO B 81 29.44 4.96 42.76
N TYR B 82 29.92 6.09 43.26
CA TYR B 82 29.06 7.26 43.37
C TYR B 82 28.73 7.87 42.02
N LEU B 83 29.75 8.09 41.19
CA LEU B 83 29.57 8.75 39.90
C LEU B 83 28.53 7.98 39.09
N ASN B 84 27.51 8.71 38.62
CA ASN B 84 26.38 8.11 37.92
C ASN B 84 26.44 8.29 36.42
N GLN B 85 25.82 7.37 35.66
CA GLN B 85 25.73 7.57 34.21
C GLN B 85 24.38 8.18 33.88
N PHE B 86 24.31 9.00 32.84
CA PHE B 86 23.09 9.69 32.43
C PHE B 86 22.33 8.90 31.39
N ASN B 87 22.99 8.59 30.29
CA ASN B 87 22.33 7.88 29.19
C ASN B 87 21.01 8.58 28.79
N ASP B 88 19.87 7.87 28.98
CA ASP B 88 18.55 8.41 28.63
C ASP B 88 18.06 9.53 29.56
N GLY B 89 18.63 9.68 30.77
CA GLY B 89 18.16 10.75 31.64
C GLY B 89 18.05 10.43 33.14
N ILE B 90 17.64 11.47 33.88
CA ILE B 90 17.50 11.50 35.34
C ILE B 90 16.13 11.89 35.89
N PHE B 91 15.62 11.13 36.86
CA PHE B 91 14.43 11.54 37.61
C PHE B 91 14.86 11.72 39.05
N ALA B 92 14.53 12.87 39.64
CA ALA B 92 15.00 13.11 41.00
C ALA B 92 13.97 13.71 41.94
N LYS B 93 14.10 13.34 43.23
CA LYS B 93 13.33 13.94 44.33
C LYS B 93 14.29 14.57 45.31
N VAL B 94 14.13 15.87 45.48
CA VAL B 94 15.07 16.67 46.24
C VAL B 94 14.51 17.26 47.52
N GLN B 95 15.10 16.90 48.66
CA GLN B 95 14.58 17.38 49.94
C GLN B 95 14.77 18.86 50.14
N ASN B 96 13.75 19.55 50.62
CA ASN B 96 13.93 20.98 50.87
C ASN B 96 14.60 21.20 52.21
N LEU B 97 15.91 21.41 52.16
CA LEU B 97 16.71 21.51 53.36
C LEU B 97 16.59 22.86 54.02
N LYS B 98 15.79 23.78 53.45
CA LYS B 98 15.58 25.09 54.04
C LYS B 98 15.09 24.92 55.46
N THR B 99 14.36 23.83 55.69
CA THR B 99 13.78 23.52 56.97
C THR B 99 14.80 23.00 58.01
N SER B 100 16.06 22.78 57.60
CA SER B 100 17.12 22.26 58.47
C SER B 100 18.40 23.14 58.54
N THR B 101 18.64 23.91 57.47
CA THR B 101 19.84 24.77 57.33
C THR B 101 19.70 25.97 58.27
N PRO B 102 20.76 26.76 58.51
CA PRO B 102 20.75 27.96 59.32
C PRO B 102 19.99 29.08 58.63
N SER B 103 19.57 30.08 59.40
CA SER B 103 18.88 31.24 58.83
C SER B 103 19.75 32.06 57.88
N GLY B 104 21.06 31.83 57.95
CA GLY B 104 22.01 32.49 57.06
C GLY B 104 22.20 31.71 55.76
N ALA B 105 21.51 30.58 55.62
CA ALA B 105 21.65 29.75 54.43
C ALA B 105 20.90 30.33 53.23
N THR B 106 21.49 30.09 52.07
CA THR B 106 20.97 30.50 50.78
C THR B 106 20.63 29.32 49.89
N ALA B 107 21.49 28.30 49.90
CA ALA B 107 21.21 27.12 49.07
C ALA B 107 20.44 26.15 49.93
N TYR B 108 19.38 25.53 49.38
CA TYR B 108 18.56 24.65 50.21
C TYR B 108 18.55 23.19 49.77
N PHE B 109 19.49 22.83 48.93
CA PHE B 109 19.62 21.44 48.51
C PHE B 109 20.95 21.18 47.80
N PRO B 110 21.40 19.91 47.72
CA PRO B 110 22.57 19.51 46.96
C PRO B 110 22.40 19.97 45.54
N THR B 111 23.50 20.29 44.89
CA THR B 111 23.44 20.79 43.53
C THR B 111 23.95 19.77 42.55
N ILE B 112 23.71 20.00 41.26
CA ILE B 112 24.05 18.96 40.28
C ILE B 112 24.72 19.42 39.01
N VAL B 113 25.66 18.60 38.52
CA VAL B 113 26.27 18.83 37.23
C VAL B 113 26.05 17.62 36.30
N ILE B 114 25.66 17.89 35.05
CA ILE B 114 25.46 16.82 34.06
C ILE B 114 26.40 17.09 32.87
N GLY B 115 27.18 16.12 32.44
CA GLY B 115 28.11 16.37 31.34
C GLY B 115 28.83 15.14 30.82
N SER B 116 30.09 15.33 30.42
CA SER B 116 30.90 14.24 29.91
C SER B 116 32.20 14.17 30.72
N LEU B 117 33.20 14.92 30.30
CA LEU B 117 34.48 14.95 30.99
C LEU B 117 34.50 16.06 32.02
N PHE B 118 33.47 16.91 31.97
CA PHE B 118 33.29 18.07 32.83
C PHE B 118 34.44 19.07 32.69
N GLY B 119 35.11 19.06 31.55
CA GLY B 119 36.20 19.99 31.33
C GLY B 119 35.67 21.26 30.68
N TYR B 120 36.58 22.12 30.27
CA TYR B 120 36.19 23.39 29.69
C TYR B 120 35.87 23.28 28.23
N THR B 121 36.04 22.09 27.69
CA THR B 121 35.80 21.79 26.29
C THR B 121 34.47 21.07 26.08
N SER B 122 33.68 20.90 27.14
CA SER B 122 32.40 20.20 27.04
C SER B 122 31.31 21.00 27.75
N TYR B 123 30.10 20.94 27.23
CA TYR B 123 29.04 21.69 27.91
C TYR B 123 28.54 20.89 29.09
N THR B 124 28.30 21.58 30.19
CA THR B 124 27.71 20.90 31.31
C THR B 124 26.44 21.60 31.73
N VAL B 125 25.56 20.86 32.37
CA VAL B 125 24.35 21.48 32.87
C VAL B 125 24.53 21.61 34.35
N VAL B 126 24.45 22.82 34.86
CA VAL B 126 24.66 23.02 36.28
C VAL B 126 23.49 23.72 36.93
N ILE B 127 22.97 23.12 37.98
CA ILE B 127 21.84 23.74 38.67
C ILE B 127 22.09 23.92 40.16
N GLU B 128 21.96 25.18 40.62
CA GLU B 128 22.16 25.56 42.02
C GLU B 128 21.04 26.47 42.56
N PRO B 129 20.29 26.09 43.60
CA PRO B 129 19.27 26.94 44.17
C PRO B 129 19.89 28.06 44.94
N TYR B 130 19.25 29.22 44.91
CA TYR B 130 19.59 30.34 45.77
C TYR B 130 18.35 31.03 46.26
N ASN B 131 18.16 31.18 47.56
CA ASN B 131 16.99 31.90 48.01
C ASN B 131 15.72 31.35 47.34
N GLY B 132 15.03 32.20 46.57
CA GLY B 132 13.80 31.82 45.89
C GLY B 132 13.93 31.33 44.45
N VAL B 133 15.16 31.12 43.95
CA VAL B 133 15.33 30.72 42.55
C VAL B 133 16.22 29.51 42.27
N ILE B 134 16.07 29.01 41.06
CA ILE B 134 16.87 27.96 40.49
C ILE B 134 17.88 28.60 39.57
N MET B 135 19.14 28.65 39.98
CA MET B 135 20.09 29.29 39.10
C MET B 135 20.62 28.24 38.17
N ALA B 136 19.97 28.13 37.02
CA ALA B 136 20.33 27.07 36.10
C ALA B 136 21.14 27.58 34.94
N SER B 137 22.07 26.77 34.50
CA SER B 137 22.80 27.12 33.30
C SER B 137 23.33 25.93 32.53
N VAL B 138 23.58 26.16 31.25
CA VAL B 138 24.18 25.17 30.38
C VAL B 138 25.42 25.82 29.79
N CYS B 139 26.59 25.29 30.15
CA CYS B 139 27.83 26.00 29.87
C CYS B 139 29.15 25.22 30.03
N GLN B 140 30.14 25.63 29.25
CA GLN B 140 31.50 25.09 29.34
C GLN B 140 32.24 25.74 30.49
N TYR B 141 32.00 25.21 31.68
CA TYR B 141 32.59 25.70 32.93
C TYR B 141 33.95 25.06 33.22
N THR B 142 34.86 25.77 33.89
CA THR B 142 36.14 25.15 34.26
C THR B 142 35.99 24.32 35.53
N ILE B 143 35.29 23.20 35.43
CA ILE B 143 34.91 22.42 36.62
C ILE B 143 36.09 21.66 37.22
N CYS B 144 36.18 21.76 38.53
CA CYS B 144 37.24 21.18 39.32
C CYS B 144 37.14 19.72 39.65
N GLN B 145 38.27 19.18 40.06
CA GLN B 145 38.36 17.79 40.45
C GLN B 145 37.52 17.41 41.68
N LEU B 146 37.46 18.31 42.66
CA LEU B 146 36.75 18.06 43.93
C LEU B 146 35.71 19.12 44.28
N PRO B 147 34.68 19.35 43.49
CA PRO B 147 33.68 20.39 43.66
C PRO B 147 32.72 20.12 44.79
N TYR B 148 32.17 21.17 45.38
CA TYR B 148 31.12 20.97 46.39
C TYR B 148 30.25 22.20 46.46
N THR B 149 29.11 22.09 47.14
CA THR B 149 28.32 23.28 47.41
C THR B 149 28.14 23.43 48.91
N ASP B 150 27.49 24.49 49.31
CA ASP B 150 27.37 24.79 50.74
C ASP B 150 26.20 25.71 51.01
N CYS B 151 25.44 25.37 52.04
CA CYS B 151 24.24 26.12 52.35
C CYS B 151 24.50 27.57 52.76
N LYS B 152 25.68 27.88 53.32
CA LYS B 152 25.93 29.23 53.85
C LYS B 152 26.70 30.28 53.01
N PRO B 153 27.98 30.08 52.62
CA PRO B 153 28.88 31.08 52.04
C PRO B 153 28.54 31.45 50.60
N ASN B 154 27.38 32.02 50.40
CA ASN B 154 26.85 32.42 49.11
C ASN B 154 26.80 33.94 49.01
N THR B 155 27.63 34.58 49.81
CA THR B 155 27.75 36.04 49.91
C THR B 155 28.07 36.73 48.59
N ASN B 156 27.31 37.79 48.32
CA ASN B 156 27.51 38.60 47.12
C ASN B 156 28.75 39.44 47.37
N GLY B 157 29.86 39.04 46.76
CA GLY B 157 31.15 39.67 46.99
C GLY B 157 32.21 38.63 47.31
N ASN B 158 31.82 37.37 47.52
CA ASN B 158 32.80 36.33 47.81
C ASN B 158 33.51 35.90 46.53
N LYS B 159 34.39 36.76 46.05
CA LYS B 159 35.08 36.54 44.77
C LYS B 159 36.27 35.59 44.92
N LEU B 160 35.93 34.34 45.20
CA LEU B 160 36.89 33.26 45.39
C LEU B 160 37.04 32.43 44.13
N ILE B 161 38.25 32.25 43.64
CA ILE B 161 38.37 31.44 42.44
C ILE B 161 38.50 29.98 42.79
N GLY B 162 37.35 29.38 43.09
CA GLY B 162 37.30 27.98 43.43
C GLY B 162 36.18 27.54 44.36
N PHE B 163 35.07 27.15 43.76
CA PHE B 163 33.95 26.57 44.51
C PHE B 163 33.60 25.19 43.97
N TRP B 164 33.65 25.09 42.65
CA TRP B 164 33.29 23.90 41.94
C TRP B 164 33.87 24.03 40.58
N HIS B 165 34.19 25.26 40.27
CA HIS B 165 34.83 25.66 39.06
C HIS B 165 35.75 26.79 39.46
N THR B 166 36.68 27.11 38.54
CA THR B 166 37.70 28.16 38.66
C THR B 166 37.58 29.25 37.61
N ASP B 167 36.38 29.51 37.15
CA ASP B 167 36.24 30.51 36.11
C ASP B 167 36.81 31.84 36.58
N VAL B 168 37.52 32.51 35.68
CA VAL B 168 38.08 33.84 35.91
C VAL B 168 37.49 34.74 34.86
N LYS B 169 37.71 34.36 33.61
CA LYS B 169 37.13 35.04 32.47
C LYS B 169 35.80 34.33 32.26
N PRO B 170 34.79 34.96 31.66
CA PRO B 170 33.52 34.34 31.40
C PRO B 170 33.69 33.02 30.65
N PRO B 171 33.00 31.94 31.06
CA PRO B 171 32.99 30.63 30.45
C PRO B 171 32.15 30.66 29.18
N ILE B 172 32.18 29.57 28.40
CA ILE B 172 31.39 29.59 27.16
C ILE B 172 30.02 29.01 27.37
N CYS B 173 29.01 29.87 27.39
CA CYS B 173 27.68 29.39 27.78
C CYS B 173 26.64 29.44 26.68
N VAL B 174 25.62 28.63 26.88
CA VAL B 174 24.45 28.53 26.01
C VAL B 174 23.23 29.13 26.69
N LEU B 175 23.02 28.73 27.93
CA LEU B 175 21.84 29.15 28.69
C LEU B 175 22.15 29.53 30.11
N LYS B 176 21.55 30.61 30.59
CA LYS B 176 21.62 30.95 32.00
C LYS B 176 20.37 31.72 32.40
N ARG B 177 19.70 31.23 33.43
CA ARG B 177 18.49 31.87 33.91
C ARG B 177 18.08 31.45 35.31
N ASN B 178 17.54 32.43 36.05
CA ASN B 178 16.96 32.22 37.36
C ASN B 178 15.46 31.94 37.26
N PHE B 179 15.05 30.74 37.66
CA PHE B 179 13.64 30.36 37.58
C PHE B 179 13.15 30.30 39.01
N THR B 180 11.88 30.52 39.30
CA THR B 180 11.56 30.49 40.74
C THR B 180 11.39 29.10 41.37
N LEU B 181 11.46 29.08 42.71
CA LEU B 181 11.22 27.90 43.57
C LEU B 181 10.14 28.09 44.60
N ASN B 182 9.30 27.09 44.83
CA ASN B 182 8.42 27.24 45.97
C ASN B 182 9.21 26.82 47.18
N VAL B 183 9.81 27.79 47.83
CA VAL B 183 10.68 27.52 48.96
C VAL B 183 10.00 26.85 50.15
N ASN B 184 8.67 26.78 50.14
CA ASN B 184 7.95 26.14 51.24
C ASN B 184 7.57 24.70 50.88
N ALA B 185 8.06 24.21 49.75
CA ALA B 185 7.81 22.84 49.32
C ALA B 185 8.50 21.85 50.25
N ASP B 186 7.94 20.67 50.45
CA ASP B 186 8.64 19.66 51.25
C ASP B 186 9.84 19.11 50.49
N ALA B 187 9.66 19.00 49.18
CA ALA B 187 10.64 18.46 48.26
C ALA B 187 10.39 19.00 46.87
N PHE B 188 11.40 18.96 46.04
CA PHE B 188 11.24 19.39 44.66
C PHE B 188 11.41 18.18 43.76
N TYR B 189 10.78 18.21 42.59
CA TYR B 189 10.89 17.08 41.69
C TYR B 189 11.44 17.54 40.36
N PHE B 190 12.35 16.76 39.79
CA PHE B 190 12.95 17.13 38.51
C PHE B 190 13.13 16.02 37.50
N HIS B 191 13.13 16.39 36.22
CA HIS B 191 13.52 15.46 35.14
C HIS B 191 14.56 16.10 34.26
N PHE B 192 15.55 15.31 33.88
CA PHE B 192 16.54 15.78 32.93
C PHE B 192 16.80 14.73 31.87
N TYR B 193 16.68 15.10 30.61
CA TYR B 193 16.91 14.10 29.56
C TYR B 193 17.36 14.73 28.29
N GLN B 194 17.79 13.90 27.35
CA GLN B 194 18.20 14.44 26.08
C GLN B 194 17.69 13.62 24.92
N HIS B 195 17.47 14.28 23.80
CA HIS B 195 17.04 13.61 22.58
C HIS B 195 17.45 14.38 21.34
N GLY B 196 18.23 13.75 20.47
CA GLY B 196 18.62 14.41 19.21
C GLY B 196 19.56 15.60 19.41
N GLY B 197 20.22 15.68 20.56
CA GLY B 197 21.06 16.82 20.88
C GLY B 197 20.31 17.85 21.72
N THR B 198 19.00 17.72 21.83
CA THR B 198 18.32 18.70 22.65
C THR B 198 18.32 18.22 24.09
N PHE B 199 18.69 19.09 25.00
CA PHE B 199 18.64 18.78 26.41
C PHE B 199 17.43 19.42 26.99
N TYR B 200 16.69 18.67 27.79
CA TYR B 200 15.47 19.16 28.38
C TYR B 200 15.52 19.12 29.88
N ALA B 201 14.87 20.10 30.51
CA ALA B 201 14.73 20.13 31.94
C ALA B 201 13.30 20.46 32.34
N TYR B 202 12.77 19.65 33.25
CA TYR B 202 11.42 19.79 33.81
C TYR B 202 11.46 19.87 35.32
N TYR B 203 10.44 20.46 35.95
CA TYR B 203 10.44 20.50 37.41
C TYR B 203 9.04 20.59 38.04
N ALA B 204 8.99 20.37 39.35
CA ALA B 204 7.77 20.61 40.11
C ALA B 204 8.07 20.90 41.56
N ASP B 205 7.15 21.62 42.19
CA ASP B 205 7.18 21.91 43.62
C ASP B 205 6.34 20.90 44.40
N LYS B 206 5.39 20.29 43.71
CA LYS B 206 4.45 19.38 44.34
C LYS B 206 4.52 18.01 43.69
N PRO B 207 4.24 16.92 44.42
CA PRO B 207 4.25 15.54 43.95
C PRO B 207 3.09 15.24 43.03
N SER B 208 3.12 15.86 41.86
CA SER B 208 2.09 15.75 40.84
C SER B 208 2.71 15.25 39.53
N ALA B 209 3.20 16.16 38.70
CA ALA B 209 3.86 15.84 37.42
C ALA B 209 4.72 17.03 37.08
N THR B 210 5.83 16.83 36.39
CA THR B 210 6.66 18.00 36.17
C THR B 210 6.31 18.80 34.94
N THR B 211 6.71 20.07 34.96
CA THR B 211 6.46 20.98 33.88
C THR B 211 7.75 21.47 33.29
N PHE B 212 7.68 21.98 32.09
CA PHE B 212 8.89 22.39 31.41
C PHE B 212 9.59 23.60 32.02
N LEU B 213 10.90 23.47 32.21
CA LEU B 213 11.74 24.53 32.76
C LEU B 213 12.49 25.20 31.60
N PHE B 214 13.30 24.39 30.89
CA PHE B 214 14.07 24.89 29.76
C PHE B 214 14.61 23.82 28.83
N SER B 215 15.09 24.24 27.67
CA SER B 215 15.81 23.32 26.80
C SER B 215 16.83 24.06 25.96
N VAL B 216 17.87 23.33 25.56
CA VAL B 216 18.93 23.83 24.70
C VAL B 216 19.31 22.84 23.62
N TYR B 217 19.83 23.35 22.50
CA TYR B 217 20.38 22.43 21.50
C TYR B 217 21.89 22.36 21.52
N ILE B 218 22.41 21.21 21.96
CA ILE B 218 23.83 21.00 22.05
C ILE B 218 24.22 19.64 21.48
N GLY B 219 25.07 19.61 20.45
CA GLY B 219 25.48 18.34 19.85
C GLY B 219 26.40 17.53 20.78
N ASP B 220 26.91 18.18 21.80
CA ASP B 220 27.79 17.60 22.78
C ASP B 220 26.95 16.74 23.74
N ILE B 221 26.62 15.54 23.29
CA ILE B 221 25.73 14.62 24.02
C ILE B 221 26.26 14.34 25.41
N LEU B 222 25.35 14.41 26.39
CA LEU B 222 25.66 14.24 27.79
C LEU B 222 25.83 12.76 28.07
N THR B 223 26.76 12.36 28.93
CA THR B 223 26.88 10.94 29.19
C THR B 223 26.79 10.55 30.66
N GLN B 224 27.20 11.45 31.58
CA GLN B 224 27.27 11.12 33.01
C GLN B 224 27.03 12.32 33.93
N TYR B 225 26.81 12.05 35.22
CA TYR B 225 26.54 13.14 36.14
C TYR B 225 27.01 12.93 37.58
N TYR B 226 26.99 14.02 38.33
CA TYR B 226 27.44 14.00 39.70
C TYR B 226 26.65 14.99 40.55
N VAL B 227 26.22 14.60 41.76
CA VAL B 227 25.53 15.56 42.61
C VAL B 227 26.56 16.03 43.60
N LEU B 228 26.73 17.35 43.67
CA LEU B 228 27.74 17.92 44.50
C LEU B 228 27.38 17.76 45.96
N PRO B 229 28.36 17.49 46.84
CA PRO B 229 28.19 17.42 48.26
C PRO B 229 27.61 18.68 48.78
N PHE B 230 26.76 18.57 49.78
CA PHE B 230 26.18 19.74 50.39
C PHE B 230 26.82 19.92 51.76
N ILE B 231 27.65 20.92 51.87
CA ILE B 231 28.36 21.19 53.08
C ILE B 231 27.47 22.14 53.90
N CYS B 232 27.30 21.88 55.17
CA CYS B 232 26.41 22.74 55.92
C CYS B 232 26.58 22.61 57.42
N ASN B 233 26.17 23.65 58.13
CA ASN B 233 26.16 23.67 59.59
C ASN B 233 24.73 23.91 60.07
N PRO B 234 23.88 22.86 59.95
CA PRO B 234 22.44 22.87 60.11
C PRO B 234 21.98 23.07 61.53
N THR B 235 20.80 23.65 61.69
CA THR B 235 20.25 23.81 63.04
C THR B 235 19.62 22.49 63.43
N ALA B 236 19.32 21.68 62.42
CA ALA B 236 18.79 20.34 62.58
C ALA B 236 19.75 19.44 63.36
N GLY B 237 21.06 19.76 63.35
CA GLY B 237 22.01 18.93 64.07
C GLY B 237 21.97 17.48 63.62
N SER B 238 21.71 16.59 64.57
CA SER B 238 21.67 15.14 64.35
C SER B 238 20.53 14.67 63.43
N THR B 239 19.57 15.55 63.14
CA THR B 239 18.48 15.20 62.24
C THR B 239 18.78 15.66 60.82
N PHE B 240 19.96 16.25 60.62
CA PHE B 240 20.31 16.68 59.29
C PHE B 240 20.76 15.51 58.47
N ALA B 241 19.83 15.00 57.70
CA ALA B 241 20.05 13.84 56.85
C ALA B 241 19.57 14.10 55.42
N PRO B 242 20.32 14.88 54.61
CA PRO B 242 20.00 15.25 53.25
C PRO B 242 19.67 14.10 52.36
N ARG B 243 18.69 14.33 51.49
CA ARG B 243 18.25 13.34 50.55
C ARG B 243 18.10 13.98 49.17
N TYR B 244 18.63 13.27 48.19
CA TYR B 244 18.58 13.66 46.79
C TYR B 244 18.39 12.35 46.07
N TRP B 245 17.15 11.91 45.99
CA TRP B 245 16.90 10.59 45.49
C TRP B 245 16.86 10.57 43.98
N VAL B 246 17.72 9.74 43.39
CA VAL B 246 17.82 9.69 41.94
C VAL B 246 17.70 8.31 41.29
N THR B 247 16.95 8.25 40.20
CA THR B 247 16.77 7.04 39.42
C THR B 247 16.84 7.44 37.93
N PRO B 248 17.31 6.57 37.03
CA PRO B 248 17.40 6.84 35.61
C PRO B 248 16.07 6.85 34.88
N LEU B 249 16.05 7.62 33.79
CA LEU B 249 14.92 7.64 32.87
C LEU B 249 15.22 6.71 31.74
N VAL B 250 14.20 6.12 31.17
CA VAL B 250 14.37 5.28 30.01
C VAL B 250 13.34 5.60 28.95
N LYS B 251 13.65 5.33 27.70
CA LYS B 251 12.59 5.47 26.70
C LYS B 251 11.44 4.54 27.11
N ARG B 252 10.22 5.06 27.15
CA ARG B 252 9.08 4.27 27.59
C ARG B 252 7.70 4.81 27.21
N GLN B 253 6.75 3.89 26.99
CA GLN B 253 5.35 4.22 26.70
C GLN B 253 4.49 4.19 27.95
N TYR B 254 3.72 5.26 28.13
CA TYR B 254 2.78 5.45 29.23
C TYR B 254 1.37 5.78 28.86
N LEU B 255 0.44 5.31 29.66
CA LEU B 255 -0.95 5.71 29.51
C LEU B 255 -1.22 6.87 30.42
N PHE B 256 -1.73 7.96 29.87
CA PHE B 256 -2.02 9.14 30.67
C PHE B 256 -3.48 9.48 30.75
N ASN B 257 -3.95 9.58 31.98
CA ASN B 257 -5.33 9.91 32.29
C ASN B 257 -5.42 11.40 32.67
N PHE B 258 -5.96 12.21 31.75
CA PHE B 258 -6.07 13.66 31.90
C PHE B 258 -7.48 14.06 32.28
N ASN B 259 -7.62 15.04 33.19
CA ASN B 259 -8.96 15.53 33.54
C ASN B 259 -9.39 16.64 32.60
N GLN B 260 -10.51 17.31 32.93
CA GLN B 260 -11.06 18.35 32.06
C GLN B 260 -10.28 19.65 32.09
N LYS B 261 -9.27 19.73 32.96
CA LYS B 261 -8.43 20.91 33.09
C LYS B 261 -7.08 20.68 32.42
N GLY B 262 -6.87 19.48 31.89
CA GLY B 262 -5.60 19.16 31.27
C GLY B 262 -4.57 18.69 32.28
N VAL B 263 -5.01 18.41 33.49
CA VAL B 263 -4.11 17.98 34.52
C VAL B 263 -3.96 16.47 34.49
N ILE B 264 -2.73 16.00 34.59
CA ILE B 264 -2.51 14.56 34.59
C ILE B 264 -2.93 14.06 35.96
N THR B 265 -3.82 13.09 35.99
CA THR B 265 -4.30 12.59 37.27
C THR B 265 -3.70 11.23 37.58
N SER B 266 -3.31 10.51 36.56
CA SER B 266 -2.74 9.19 36.78
C SER B 266 -1.98 8.71 35.54
N ALA B 267 -0.90 7.94 35.74
CA ALA B 267 -0.23 7.39 34.57
C ALA B 267 0.13 5.92 34.77
N VAL B 268 0.23 5.19 33.67
CA VAL B 268 0.61 3.79 33.74
C VAL B 268 1.84 3.45 32.94
N ASP B 269 2.83 2.84 33.58
CA ASP B 269 4.03 2.37 32.87
C ASP B 269 3.67 1.08 32.20
N CYS B 270 3.52 1.12 30.90
CA CYS B 270 2.98 -0.02 30.18
C CYS B 270 3.81 -1.30 30.29
N ALA B 271 5.07 -1.22 30.71
CA ALA B 271 5.89 -2.42 30.81
C ALA B 271 6.07 -2.92 32.24
N SER B 272 5.52 -2.22 33.23
CA SER B 272 5.74 -2.54 34.63
C SER B 272 5.20 -3.89 35.09
N SER B 273 4.00 -4.21 34.69
CA SER B 273 3.32 -5.41 35.15
C SER B 273 2.27 -5.81 34.18
N TYR B 274 1.73 -7.00 34.34
CA TYR B 274 0.67 -7.42 33.43
C TYR B 274 -0.58 -6.59 33.67
N THR B 275 -0.79 -6.14 34.88
CA THR B 275 -1.94 -5.29 35.13
C THR B 275 -1.75 -4.00 34.36
N SER B 276 -0.54 -3.44 34.44
CA SER B 276 -0.25 -2.18 33.80
C SER B 276 -0.35 -2.30 32.28
N GLU B 277 0.18 -3.38 31.75
CA GLU B 277 0.15 -3.56 30.32
C GLU B 277 -1.26 -3.59 29.81
N ILE B 278 -2.15 -4.30 30.51
CA ILE B 278 -3.51 -4.38 30.06
C ILE B 278 -4.16 -3.00 30.08
N LYS B 279 -3.88 -2.19 31.10
CA LYS B 279 -4.47 -0.86 31.09
C LYS B 279 -4.06 -0.15 29.82
N CYS B 280 -2.79 -0.27 29.46
CA CYS B 280 -2.32 0.39 28.26
C CYS B 280 -2.95 -0.19 27.01
N LYS B 281 -3.08 -1.52 26.97
CA LYS B 281 -3.63 -2.21 25.82
C LYS B 281 -5.01 -1.69 25.47
N THR B 282 -5.84 -1.48 26.49
CA THR B 282 -7.18 -1.00 26.27
C THR B 282 -7.28 0.52 26.36
N GLN B 283 -6.21 1.16 26.82
CA GLN B 283 -6.18 2.60 27.04
C GLN B 283 -7.30 3.01 27.97
N SER B 284 -7.40 2.31 29.10
CA SER B 284 -8.44 2.58 30.06
C SER B 284 -7.99 2.20 31.45
N MET B 285 -8.80 2.52 32.43
CA MET B 285 -8.48 2.16 33.81
C MET B 285 -8.98 0.74 34.15
N LEU B 286 -9.43 0.02 33.13
CA LEU B 286 -9.93 -1.35 33.16
C LEU B 286 -11.07 -1.73 34.09
N PRO B 287 -12.23 -1.09 34.00
CA PRO B 287 -13.44 -1.47 34.71
C PRO B 287 -14.06 -2.74 34.08
N SER B 288 -13.59 -3.07 32.87
CA SER B 288 -14.07 -4.18 32.05
C SER B 288 -13.54 -5.53 32.51
N THR B 289 -14.09 -6.59 31.94
CA THR B 289 -13.65 -7.93 32.25
C THR B 289 -13.08 -8.55 31.00
N GLY B 290 -12.34 -9.64 31.12
CA GLY B 290 -11.91 -10.29 29.89
C GLY B 290 -10.57 -11.01 29.86
N VAL B 291 -10.29 -11.52 28.67
CA VAL B 291 -9.10 -12.27 28.31
C VAL B 291 -8.31 -11.46 27.31
N TYR B 292 -7.01 -11.33 27.52
CA TYR B 292 -6.20 -10.49 26.66
C TYR B 292 -4.88 -11.12 26.24
N GLU B 293 -4.48 -10.91 24.99
CA GLU B 293 -3.16 -11.34 24.56
C GLU B 293 -2.16 -10.21 24.82
N LEU B 294 -1.10 -10.54 25.53
CA LEU B 294 -0.11 -9.55 25.95
C LEU B 294 1.20 -9.67 25.20
N SER B 295 2.08 -8.67 25.32
CA SER B 295 3.41 -8.76 24.74
C SER B 295 4.27 -9.75 25.53
N GLY B 296 3.85 -10.05 26.74
CA GLY B 296 4.50 -11.06 27.57
C GLY B 296 5.80 -10.64 28.23
N TYR B 297 6.86 -10.57 27.44
CA TYR B 297 8.18 -10.30 27.97
C TYR B 297 9.16 -9.81 26.91
N THR B 298 10.03 -8.88 27.28
CA THR B 298 11.05 -8.41 26.36
C THR B 298 12.23 -9.38 26.35
N VAL B 299 12.54 -9.93 25.19
CA VAL B 299 13.62 -10.89 25.09
C VAL B 299 14.98 -10.27 25.30
N GLN B 300 15.76 -10.90 26.16
CA GLN B 300 17.11 -10.47 26.43
C GLN B 300 18.09 -11.61 26.20
N PRO B 301 18.94 -11.59 25.16
CA PRO B 301 19.92 -12.62 24.88
C PRO B 301 21.04 -12.55 25.91
N VAL B 302 21.69 -13.69 26.15
CA VAL B 302 22.79 -13.78 27.12
C VAL B 302 24.18 -13.34 26.67
N GLY B 303 24.60 -13.72 25.47
CA GLY B 303 25.95 -13.40 25.02
C GLY B 303 26.10 -13.67 23.53
N VAL B 304 27.32 -13.97 23.08
CA VAL B 304 27.58 -14.18 21.66
C VAL B 304 28.30 -15.47 21.29
N VAL B 305 27.76 -16.16 20.29
CA VAL B 305 28.39 -17.34 19.69
C VAL B 305 29.04 -16.93 18.39
N TYR B 306 30.29 -17.33 18.16
CA TYR B 306 30.96 -16.94 16.93
C TYR B 306 31.76 -18.05 16.31
N ARG B 307 31.52 -18.30 15.03
CA ARG B 307 32.27 -19.34 14.36
C ARG B 307 33.01 -18.82 13.14
N ARG B 308 34.26 -19.23 13.07
CA ARG B 308 35.23 -18.91 12.05
C ARG B 308 35.15 -19.80 10.84
N VAL B 309 35.94 -19.45 9.86
CA VAL B 309 36.09 -20.19 8.63
C VAL B 309 37.39 -20.98 8.66
N ALA B 310 37.64 -21.69 7.58
CA ALA B 310 38.83 -22.51 7.45
C ALA B 310 40.08 -21.68 7.70
N ASN B 311 41.21 -22.33 7.97
CA ASN B 311 42.42 -21.56 8.25
C ASN B 311 43.00 -21.02 6.94
N LEU B 312 42.33 -20.02 6.42
CA LEU B 312 42.61 -19.41 5.14
C LEU B 312 43.82 -18.49 5.22
N PRO B 313 44.58 -18.36 4.13
CA PRO B 313 45.64 -17.40 3.97
C PRO B 313 45.04 -16.04 3.76
N ALA B 314 45.79 -15.00 4.06
CA ALA B 314 45.32 -13.67 3.70
C ALA B 314 45.69 -13.43 2.25
N CYS B 315 44.87 -12.65 1.55
CA CYS B 315 45.23 -12.27 0.20
C CYS B 315 45.86 -10.92 0.20
N ASN B 316 47.02 -10.79 -0.40
CA ASN B 316 47.59 -9.46 -0.43
C ASN B 316 46.97 -8.77 -1.62
N ILE B 317 45.81 -8.20 -1.39
CA ILE B 317 45.02 -7.61 -2.44
C ILE B 317 45.80 -6.47 -3.05
N GLU B 318 46.50 -5.72 -2.20
CA GLU B 318 47.29 -4.60 -2.64
C GLU B 318 48.42 -4.99 -3.60
N GLU B 319 48.84 -6.25 -3.64
CA GLU B 319 49.90 -6.64 -4.56
C GLU B 319 49.38 -6.67 -5.96
N TRP B 320 48.07 -6.78 -6.09
CA TRP B 320 47.44 -6.80 -7.37
C TRP B 320 47.05 -5.36 -7.70
N LEU B 321 46.49 -4.66 -6.73
CA LEU B 321 46.06 -3.29 -6.99
C LEU B 321 47.23 -2.39 -7.37
N THR B 322 48.39 -2.62 -6.77
CA THR B 322 49.54 -1.79 -7.04
C THR B 322 50.42 -2.33 -8.17
N ALA B 323 49.98 -3.39 -8.85
CA ALA B 323 50.78 -3.94 -9.93
C ALA B 323 50.96 -2.87 -11.00
N ARG B 324 52.14 -2.81 -11.60
CA ARG B 324 52.45 -1.78 -12.59
C ARG B 324 51.65 -1.76 -13.89
N SER B 325 51.38 -2.92 -14.48
CA SER B 325 50.81 -2.94 -15.82
C SER B 325 49.32 -2.63 -15.91
N VAL B 326 48.98 -1.38 -15.63
CA VAL B 326 47.60 -0.95 -15.67
C VAL B 326 47.11 -0.79 -17.10
N PRO B 327 45.96 -1.38 -17.45
CA PRO B 327 45.31 -1.32 -18.74
C PRO B 327 44.36 -0.17 -19.02
N SER B 328 44.05 -0.06 -20.30
CA SER B 328 43.01 0.81 -20.83
C SER B 328 41.65 0.30 -20.37
N PRO B 329 40.57 1.09 -20.51
CA PRO B 329 39.19 0.72 -20.27
C PRO B 329 38.66 -0.48 -21.05
N LEU B 330 39.36 -0.92 -22.10
CA LEU B 330 38.91 -2.10 -22.84
C LEU B 330 39.73 -3.32 -22.54
N ASN B 331 40.66 -3.18 -21.62
CA ASN B 331 41.52 -4.27 -21.26
C ASN B 331 41.61 -4.40 -19.76
N TRP B 332 40.54 -4.08 -19.06
CA TRP B 332 40.66 -4.15 -17.62
C TRP B 332 41.07 -5.50 -17.20
N GLU B 333 41.84 -5.52 -16.14
CA GLU B 333 42.30 -6.77 -15.60
C GLU B 333 41.30 -7.23 -14.59
N ARG B 334 40.96 -8.49 -14.64
CA ARG B 334 40.04 -9.06 -13.66
C ARG B 334 40.74 -10.07 -12.80
N LYS B 335 40.58 -9.93 -11.50
CA LYS B 335 41.18 -10.86 -10.56
C LYS B 335 40.20 -11.26 -9.50
N THR B 336 40.08 -12.56 -9.29
CA THR B 336 39.15 -13.07 -8.31
C THR B 336 39.86 -13.71 -7.14
N PHE B 337 39.39 -13.38 -5.94
CA PHE B 337 39.96 -13.87 -4.72
C PHE B 337 38.96 -14.77 -4.01
N GLN B 338 39.38 -16.00 -3.70
CA GLN B 338 38.54 -17.01 -3.06
C GLN B 338 39.31 -17.65 -1.93
N ASN B 339 38.62 -18.19 -0.92
CA ASN B 339 39.32 -18.86 0.19
C ASN B 339 40.36 -17.90 0.72
N CYS B 340 39.88 -16.76 1.16
CA CYS B 340 40.74 -15.63 1.46
C CYS B 340 40.40 -14.77 2.65
N ASN B 341 41.40 -14.42 3.44
CA ASN B 341 41.18 -13.42 4.47
C ASN B 341 41.64 -12.03 3.97
N PHE B 342 41.01 -10.98 4.47
CA PHE B 342 41.45 -9.63 4.09
C PHE B 342 41.19 -8.54 5.13
N ASN B 343 41.79 -7.37 4.89
CA ASN B 343 41.65 -6.21 5.78
C ASN B 343 41.33 -4.93 5.01
N LEU B 344 40.06 -4.74 4.67
CA LEU B 344 39.65 -3.61 3.85
C LEU B 344 40.08 -2.27 4.40
N SER B 345 39.95 -2.06 5.69
CA SER B 345 40.32 -0.77 6.25
C SER B 345 41.82 -0.49 6.16
N SER B 346 42.63 -1.51 5.86
CA SER B 346 44.05 -1.32 5.70
C SER B 346 44.36 -1.17 4.22
N LEU B 347 43.60 -1.85 3.37
CA LEU B 347 43.85 -1.76 1.93
C LEU B 347 43.64 -0.33 1.47
N LEU B 348 42.66 0.31 2.08
CA LEU B 348 42.29 1.67 1.76
C LEU B 348 43.31 2.69 2.27
N ARG B 349 44.36 2.21 2.95
CA ARG B 349 45.44 3.03 3.44
C ARG B 349 46.77 2.61 2.80
N TYR B 350 46.71 1.66 1.85
CA TYR B 350 47.89 1.20 1.12
C TYR B 350 47.86 1.90 -0.21
N VAL B 351 46.65 2.07 -0.71
CA VAL B 351 46.47 2.79 -1.96
C VAL B 351 45.84 4.08 -1.52
N GLN B 352 46.03 5.15 -2.25
CA GLN B 352 45.45 6.39 -1.78
C GLN B 352 44.00 6.40 -2.13
N ALA B 353 43.19 5.85 -1.24
CA ALA B 353 41.78 5.69 -1.50
C ALA B 353 41.13 7.05 -1.49
N GLU B 354 41.14 7.70 -2.65
CA GLU B 354 40.63 9.07 -2.79
C GLU B 354 39.15 9.09 -2.44
N SER B 355 38.45 8.04 -2.82
CA SER B 355 37.04 7.94 -2.44
C SER B 355 36.54 6.51 -2.49
N LEU B 356 35.47 6.24 -1.75
CA LEU B 356 34.86 4.94 -1.83
C LEU B 356 33.33 5.01 -1.75
N PHE B 357 32.70 4.53 -2.80
CA PHE B 357 31.26 4.50 -2.90
C PHE B 357 30.79 3.07 -2.90
N CYS B 358 29.52 2.84 -2.65
CA CYS B 358 29.01 1.48 -2.70
C CYS B 358 27.51 1.38 -2.85
N ASN B 359 27.06 0.17 -3.19
CA ASN B 359 25.66 -0.11 -3.37
C ASN B 359 25.26 -1.42 -2.72
N ASN B 360 24.10 -1.40 -2.10
CA ASN B 360 23.46 -2.54 -1.45
C ASN B 360 24.20 -3.06 -0.20
N ILE B 361 25.22 -2.31 0.20
CA ILE B 361 25.94 -2.59 1.43
C ILE B 361 26.76 -1.38 1.78
N ASP B 362 26.76 -0.95 3.03
CA ASP B 362 27.64 0.14 3.41
C ASP B 362 29.05 -0.37 3.65
N ALA B 363 30.05 0.47 3.40
CA ALA B 363 31.43 0.09 3.68
C ALA B 363 31.60 -0.30 5.15
N SER B 364 30.87 0.36 6.04
CA SER B 364 30.97 0.08 7.45
C SER B 364 30.41 -1.28 7.84
N LYS B 365 29.69 -1.91 6.91
CA LYS B 365 29.14 -3.22 7.14
C LYS B 365 30.00 -4.26 6.44
N VAL B 366 30.66 -3.85 5.34
CA VAL B 366 31.53 -4.76 4.59
C VAL B 366 32.58 -5.29 5.54
N TYR B 367 33.07 -4.40 6.39
CA TYR B 367 34.09 -4.70 7.38
C TYR B 367 33.86 -5.99 8.18
N GLY B 368 32.61 -6.37 8.44
CA GLY B 368 32.33 -7.54 9.26
C GLY B 368 31.73 -8.72 8.49
N ARG B 369 31.69 -8.65 7.17
CA ARG B 369 31.09 -9.70 6.37
C ARG B 369 32.08 -10.71 5.79
N CYS B 370 31.53 -11.78 5.22
CA CYS B 370 32.34 -12.81 4.59
C CYS B 370 31.60 -13.41 3.39
N PHE B 371 32.15 -13.17 2.22
CA PHE B 371 31.48 -13.39 0.93
C PHE B 371 31.88 -14.68 0.27
N GLY B 372 31.16 -15.06 -0.79
CA GLY B 372 31.50 -16.24 -1.58
C GLY B 372 32.76 -16.04 -2.38
N SER B 373 32.77 -14.96 -3.13
CA SER B 373 33.88 -14.69 -4.00
C SER B 373 33.99 -13.21 -4.27
N ILE B 374 35.20 -12.70 -4.26
CA ILE B 374 35.36 -11.28 -4.51
C ILE B 374 36.09 -11.04 -5.81
N SER B 375 35.49 -10.28 -6.70
CA SER B 375 36.16 -10.04 -7.97
C SER B 375 36.45 -8.58 -8.13
N VAL B 376 37.63 -8.27 -8.64
CA VAL B 376 37.95 -6.88 -8.82
C VAL B 376 38.39 -6.59 -10.25
N ASP B 377 37.75 -5.58 -10.84
CA ASP B 377 38.06 -5.13 -12.19
C ASP B 377 38.85 -3.83 -12.14
N LYS B 378 40.07 -3.84 -12.69
CA LYS B 378 40.96 -2.67 -12.60
C LYS B 378 41.33 -2.00 -13.92
N PHE B 379 41.14 -0.67 -13.99
CA PHE B 379 41.58 0.09 -15.17
C PHE B 379 41.79 1.59 -14.92
N ALA B 380 42.53 2.23 -15.82
CA ALA B 380 42.77 3.68 -15.72
C ALA B 380 41.65 4.53 -16.31
N VAL B 381 41.26 5.59 -15.59
CA VAL B 381 40.23 6.52 -16.06
C VAL B 381 40.68 7.97 -15.88
N PRO B 382 40.59 8.86 -16.87
CA PRO B 382 40.94 10.26 -16.71
C PRO B 382 40.10 10.85 -15.60
N ARG B 383 40.62 11.74 -14.77
CA ARG B 383 39.71 12.31 -13.75
C ARG B 383 38.59 13.10 -14.46
N SER B 384 38.93 13.63 -15.62
CA SER B 384 38.04 14.39 -16.49
C SER B 384 36.90 13.55 -17.07
N ARG B 385 36.92 12.23 -16.82
CA ARG B 385 35.89 11.35 -17.30
C ARG B 385 35.19 10.60 -16.17
N GLN B 386 35.36 11.08 -14.93
CA GLN B 386 34.68 10.43 -13.80
C GLN B 386 33.18 10.42 -13.97
N VAL B 387 32.67 11.44 -14.64
CA VAL B 387 31.26 11.58 -14.90
C VAL B 387 30.76 10.52 -15.88
N ASP B 388 31.67 9.98 -16.69
CA ASP B 388 31.33 8.95 -17.65
C ASP B 388 31.44 7.61 -16.91
N LEU B 389 32.34 7.59 -15.93
CA LEU B 389 32.57 6.42 -15.10
C LEU B 389 31.37 6.20 -14.18
N GLN B 390 30.83 7.29 -13.62
CA GLN B 390 29.71 7.24 -12.71
C GLN B 390 28.57 6.37 -13.24
N LEU B 391 28.13 5.46 -12.37
CA LEU B 391 27.12 4.46 -12.67
C LEU B 391 25.84 4.94 -13.36
N GLY B 392 25.33 6.09 -12.95
CA GLY B 392 24.05 6.56 -13.49
C GLY B 392 24.10 7.40 -14.76
N ASN B 393 25.28 7.67 -15.33
CA ASN B 393 25.34 8.53 -16.50
C ASN B 393 25.52 7.72 -17.77
N SER B 394 25.17 8.29 -18.91
CA SER B 394 25.38 7.63 -20.18
C SER B 394 26.58 8.23 -20.87
N GLY B 395 27.07 7.55 -21.88
CA GLY B 395 28.20 8.07 -22.64
C GLY B 395 29.01 6.95 -23.27
N PHE B 396 30.20 6.74 -22.75
CA PHE B 396 31.10 5.77 -23.35
C PHE B 396 31.49 4.65 -22.41
N LEU B 397 31.94 4.97 -21.21
CA LEU B 397 32.36 3.93 -20.30
C LEU B 397 31.24 2.97 -19.97
N GLN B 398 30.00 3.44 -19.87
CA GLN B 398 28.91 2.56 -19.49
C GLN B 398 28.24 1.88 -20.69
N THR B 399 28.79 2.11 -21.89
CA THR B 399 28.22 1.60 -23.12
C THR B 399 29.26 0.79 -23.88
N ALA B 400 30.27 1.53 -24.33
CA ALA B 400 31.38 1.06 -25.13
C ALA B 400 32.44 0.28 -24.38
N ASN B 401 32.74 0.66 -23.14
CA ASN B 401 33.89 0.04 -22.49
C ASN B 401 33.61 -0.90 -21.34
N TYR B 402 33.18 -0.35 -20.21
CA TYR B 402 32.99 -1.15 -19.02
C TYR B 402 31.78 -0.70 -18.23
N LYS B 403 30.70 -1.44 -18.32
CA LYS B 403 29.53 -1.02 -17.59
C LYS B 403 29.59 -1.55 -16.19
N ILE B 404 29.44 -0.64 -15.25
CA ILE B 404 29.42 -0.98 -13.84
C ILE B 404 28.04 -1.52 -13.57
N ASP B 405 27.96 -2.68 -12.94
CA ASP B 405 26.67 -3.29 -12.71
C ASP B 405 25.81 -2.46 -11.78
N THR B 406 24.50 -2.61 -11.93
CA THR B 406 23.51 -1.89 -11.13
C THR B 406 22.76 -2.74 -10.12
N ALA B 407 22.94 -4.05 -10.15
CA ALA B 407 22.21 -4.95 -9.27
C ALA B 407 23.10 -5.55 -8.19
N ALA B 408 24.34 -5.84 -8.56
CA ALA B 408 25.26 -6.52 -7.69
C ALA B 408 25.57 -5.75 -6.42
N THR B 409 25.85 -6.49 -5.36
CA THR B 409 26.35 -5.82 -4.18
C THR B 409 27.74 -5.39 -4.60
N SER B 410 28.09 -4.13 -4.41
CA SER B 410 29.38 -3.72 -4.91
C SER B 410 29.97 -2.47 -4.29
N CYS B 411 31.28 -2.32 -4.49
CA CYS B 411 31.99 -1.12 -4.05
C CYS B 411 32.81 -0.51 -5.19
N GLN B 412 32.79 0.80 -5.26
CA GLN B 412 33.52 1.55 -6.27
C GLN B 412 34.66 2.37 -5.69
N LEU B 413 35.87 1.85 -5.85
CA LEU B 413 37.08 2.44 -5.27
C LEU B 413 37.89 3.24 -6.25
N HIS B 414 38.26 4.44 -5.84
CA HIS B 414 39.11 5.27 -6.68
C HIS B 414 40.41 5.58 -5.96
N TYR B 415 41.54 5.36 -6.65
CA TYR B 415 42.79 5.63 -5.97
C TYR B 415 43.98 6.07 -6.80
N THR B 416 44.96 6.55 -6.06
CA THR B 416 46.26 7.01 -6.52
C THR B 416 47.46 6.34 -5.82
N LEU B 417 48.50 6.06 -6.58
CA LEU B 417 49.77 5.58 -6.05
C LEU B 417 50.72 6.68 -6.49
N PRO B 418 51.85 6.93 -5.81
CA PRO B 418 52.75 8.02 -6.14
C PRO B 418 52.95 8.10 -7.64
N LYS B 419 52.62 9.27 -8.18
CA LYS B 419 52.68 9.51 -9.61
C LYS B 419 54.08 9.47 -10.20
N ASN B 420 55.08 9.68 -9.37
CA ASN B 420 56.44 9.69 -9.86
C ASN B 420 57.06 8.31 -9.75
N ASN B 421 56.32 7.36 -9.17
CA ASN B 421 56.89 6.04 -9.05
C ASN B 421 56.58 5.26 -10.27
N VAL B 422 57.38 5.46 -11.29
CA VAL B 422 57.23 4.85 -12.60
C VAL B 422 57.38 3.32 -12.61
N THR B 423 57.72 2.72 -11.46
CA THR B 423 57.83 1.26 -11.41
C THR B 423 56.46 0.70 -11.00
N ILE B 424 55.58 1.60 -10.61
CA ILE B 424 54.21 1.37 -10.17
C ILE B 424 53.26 2.04 -11.19
N ASN B 425 53.59 3.27 -11.55
CA ASN B 425 52.83 4.11 -12.46
C ASN B 425 53.16 3.85 -13.91
N ASN B 426 52.22 3.29 -14.67
CA ASN B 426 52.46 3.02 -16.09
C ASN B 426 52.32 4.38 -16.80
N HIS B 427 53.34 5.21 -16.57
CA HIS B 427 53.39 6.62 -16.91
C HIS B 427 53.30 6.83 -18.41
N ASN B 428 52.32 7.61 -18.80
CA ASN B 428 51.98 7.94 -20.19
C ASN B 428 51.38 9.33 -20.26
N PRO B 429 52.16 10.35 -19.87
CA PRO B 429 51.75 11.72 -19.66
C PRO B 429 51.26 12.44 -20.92
N SER B 430 51.62 11.90 -22.09
CA SER B 430 51.22 12.50 -23.35
C SER B 430 49.93 11.91 -23.92
N SER B 431 49.53 10.70 -23.47
CA SER B 431 48.35 9.98 -23.98
C SER B 431 48.26 8.50 -23.60
N TRP B 432 47.30 8.14 -22.77
CA TRP B 432 46.98 6.75 -22.46
C TRP B 432 45.66 6.29 -23.08
N ASN B 433 45.68 5.07 -23.58
CA ASN B 433 44.57 4.39 -24.26
C ASN B 433 43.18 4.46 -23.60
N ARG B 434 42.23 5.02 -24.36
CA ARG B 434 40.79 5.15 -24.06
C ARG B 434 40.01 5.15 -25.38
N ARG B 435 39.11 4.19 -25.56
CA ARG B 435 38.39 4.07 -26.84
C ARG B 435 36.90 4.08 -26.66
N TYR B 436 36.14 4.35 -27.74
CA TYR B 436 34.69 4.32 -27.49
C TYR B 436 33.66 4.18 -28.62
N GLY B 437 33.74 4.95 -29.68
CA GLY B 437 32.67 4.89 -30.67
C GLY B 437 33.00 3.86 -31.72
N PHE B 438 32.02 3.14 -32.25
CA PHE B 438 32.30 2.12 -33.27
C PHE B 438 31.42 2.27 -34.54
N ASN B 439 32.09 2.35 -35.70
CA ASN B 439 31.47 2.48 -37.04
C ASN B 439 31.46 1.11 -37.72
N ASP B 440 30.65 0.93 -38.79
CA ASP B 440 30.64 -0.39 -39.46
C ASP B 440 30.16 -0.33 -40.93
N ALA B 441 31.01 -0.81 -41.87
CA ALA B 441 30.66 -0.82 -43.30
C ALA B 441 31.22 -2.05 -44.04
N GLY B 442 30.35 -2.96 -44.47
CA GLY B 442 30.76 -4.21 -45.13
C GLY B 442 31.11 -4.10 -46.62
N VAL B 443 32.06 -3.20 -46.92
CA VAL B 443 32.57 -2.90 -48.28
C VAL B 443 33.32 -4.09 -48.89
N PHE B 444 33.57 -5.08 -48.05
CA PHE B 444 34.26 -6.33 -48.32
C PHE B 444 33.53 -7.18 -49.35
N GLY B 445 32.20 -7.17 -49.27
CA GLY B 445 31.38 -7.99 -50.16
C GLY B 445 31.31 -9.46 -49.71
N LYS B 446 31.99 -9.76 -48.61
CA LYS B 446 32.08 -11.10 -48.04
C LYS B 446 31.07 -11.27 -46.90
N ASN B 447 30.25 -10.25 -46.71
CA ASN B 447 29.17 -10.14 -45.72
C ASN B 447 28.23 -9.05 -46.21
N GLN B 448 27.09 -8.90 -45.55
CA GLN B 448 26.17 -7.84 -45.92
C GLN B 448 26.67 -6.50 -45.40
N HIS B 449 26.64 -5.49 -46.28
CA HIS B 449 27.14 -4.15 -45.97
C HIS B 449 26.61 -3.59 -44.66
N ASP B 450 25.33 -3.77 -44.39
CA ASP B 450 24.67 -3.18 -43.24
C ASP B 450 24.62 -4.02 -41.96
N VAL B 451 25.44 -5.07 -41.85
CA VAL B 451 25.36 -5.80 -40.57
C VAL B 451 26.18 -5.08 -39.53
N VAL B 452 25.54 -4.20 -38.80
CA VAL B 452 26.29 -3.33 -37.91
C VAL B 452 26.66 -3.93 -36.56
N TYR B 453 27.76 -4.67 -36.58
CA TYR B 453 28.28 -5.39 -35.42
C TYR B 453 28.77 -4.36 -34.43
N ALA B 454 29.23 -3.23 -34.97
CA ALA B 454 29.73 -2.12 -34.21
C ALA B 454 28.73 -1.55 -33.23
N GLN B 455 27.44 -1.60 -33.54
CA GLN B 455 26.45 -1.03 -32.64
C GLN B 455 25.96 -2.09 -31.68
N GLN B 456 25.96 -3.34 -32.14
CA GLN B 456 25.54 -4.46 -31.31
C GLN B 456 26.53 -4.60 -30.16
N CYS B 457 27.75 -4.13 -30.42
CA CYS B 457 28.89 -4.11 -29.54
C CYS B 457 28.64 -3.43 -28.19
N PHE B 458 27.87 -2.34 -28.16
CA PHE B 458 27.74 -1.50 -26.95
C PHE B 458 26.82 -2.03 -25.85
N THR B 459 27.13 -3.22 -25.36
CA THR B 459 26.38 -3.89 -24.32
C THR B 459 27.33 -4.45 -23.28
N VAL B 460 28.33 -3.67 -22.88
CA VAL B 460 29.41 -4.19 -22.04
C VAL B 460 29.07 -4.45 -20.57
N ARG B 461 28.12 -5.32 -20.29
CA ARG B 461 27.72 -5.54 -18.90
C ARG B 461 28.77 -6.33 -18.17
N SER B 462 29.69 -5.61 -17.53
CA SER B 462 30.85 -6.17 -16.88
C SER B 462 31.60 -7.11 -17.84
N SER B 463 31.62 -6.72 -19.12
CA SER B 463 32.28 -7.52 -20.13
C SER B 463 32.88 -6.66 -21.21
N TYR B 464 33.42 -7.28 -22.24
CA TYR B 464 34.14 -6.54 -23.27
C TYR B 464 33.25 -6.29 -24.46
N CYS B 465 33.47 -5.19 -25.15
CA CYS B 465 32.71 -4.82 -26.34
C CYS B 465 33.35 -5.62 -27.46
N PRO B 466 32.66 -6.55 -28.15
CA PRO B 466 33.20 -7.47 -29.16
C PRO B 466 34.14 -6.89 -30.21
N CYS B 467 33.94 -5.64 -30.58
CA CYS B 467 34.77 -5.06 -31.62
C CYS B 467 36.10 -4.60 -31.08
N ALA B 468 36.27 -4.73 -29.77
CA ALA B 468 37.50 -4.40 -29.06
C ALA B 468 38.42 -5.61 -29.04
N GLN B 469 38.02 -6.70 -29.68
CA GLN B 469 38.80 -7.92 -29.73
C GLN B 469 40.34 -7.76 -29.91
N PRO B 470 40.89 -6.94 -30.85
CA PRO B 470 42.32 -6.76 -31.07
C PRO B 470 43.00 -5.82 -30.06
N ASP B 471 42.21 -5.11 -29.25
CA ASP B 471 42.80 -4.12 -28.36
C ASP B 471 43.72 -4.79 -27.35
N ILE B 472 44.76 -4.07 -26.94
CA ILE B 472 45.69 -4.58 -25.93
C ILE B 472 45.78 -3.55 -24.80
N VAL B 473 46.57 -3.87 -23.79
CA VAL B 473 46.76 -3.05 -22.60
C VAL B 473 47.20 -1.60 -22.86
N SER B 474 48.21 -1.43 -23.73
CA SER B 474 48.81 -0.12 -24.02
C SER B 474 48.18 0.56 -25.24
N PRO B 475 48.47 1.84 -25.47
CA PRO B 475 48.20 2.58 -26.69
C PRO B 475 49.23 2.18 -27.73
N CYS B 476 49.02 2.66 -28.97
CA CYS B 476 49.98 2.53 -30.07
C CYS B 476 50.85 3.76 -30.11
N THR B 477 50.16 4.86 -30.29
CA THR B 477 50.71 6.17 -30.42
C THR B 477 49.83 7.20 -29.73
N THR B 478 50.22 8.45 -29.87
CA THR B 478 49.52 9.53 -29.21
C THR B 478 48.10 9.63 -29.76
N GLN B 479 47.11 9.54 -28.87
CA GLN B 479 45.71 9.56 -29.28
C GLN B 479 45.44 8.58 -30.42
N THR B 480 46.01 7.37 -30.30
CA THR B 480 45.87 6.32 -31.30
C THR B 480 44.46 6.19 -31.82
N LYS B 481 44.21 6.44 -33.09
CA LYS B 481 42.86 6.20 -33.60
C LYS B 481 42.75 4.80 -34.15
N PRO B 482 41.78 3.97 -33.71
CA PRO B 482 41.56 2.64 -34.24
C PRO B 482 41.19 2.64 -35.72
N LYS B 483 42.01 1.93 -36.48
CA LYS B 483 41.88 1.78 -37.91
C LYS B 483 42.00 0.31 -38.23
N SER B 484 41.53 -0.13 -39.39
CA SER B 484 41.64 -1.56 -39.67
C SER B 484 41.80 -2.00 -41.16
N ALA B 485 41.61 -3.30 -41.35
CA ALA B 485 41.79 -3.99 -42.61
C ALA B 485 40.59 -3.86 -43.53
N PHE B 486 40.43 -2.67 -44.04
CA PHE B 486 39.36 -2.31 -44.96
C PHE B 486 39.41 -3.26 -46.16
N VAL B 487 38.24 -3.72 -46.58
CA VAL B 487 37.96 -4.64 -47.70
C VAL B 487 38.39 -6.13 -47.50
N ASN B 488 39.61 -6.42 -47.04
CA ASN B 488 40.01 -7.83 -46.88
C ASN B 488 40.49 -8.30 -45.47
N VAL B 489 39.77 -7.91 -44.39
CA VAL B 489 40.13 -8.29 -43.00
C VAL B 489 40.16 -9.79 -42.79
N GLY B 490 39.35 -10.54 -43.54
CA GLY B 490 39.34 -11.99 -43.36
C GLY B 490 40.64 -12.65 -43.81
N ASP B 491 41.41 -11.94 -44.64
CA ASP B 491 42.66 -12.45 -45.16
C ASP B 491 43.85 -11.83 -44.40
N HIS B 492 43.69 -10.55 -44.01
CA HIS B 492 44.74 -9.80 -43.34
C HIS B 492 44.17 -8.95 -42.19
N CYS B 493 43.84 -9.60 -41.08
CA CYS B 493 43.15 -8.91 -39.99
C CYS B 493 43.87 -7.68 -39.43
N GLU B 494 45.19 -7.75 -39.37
CA GLU B 494 46.03 -6.69 -38.80
C GLU B 494 46.07 -5.32 -39.51
N GLY B 495 45.52 -5.20 -40.73
CA GLY B 495 45.53 -3.87 -41.39
C GLY B 495 45.83 -3.90 -42.87
N LEU B 496 45.04 -3.12 -43.62
CA LEU B 496 45.13 -3.03 -45.08
C LEU B 496 44.86 -1.66 -45.71
N GLY B 497 43.75 -1.03 -45.34
CA GLY B 497 43.29 0.16 -46.04
C GLY B 497 43.33 1.39 -45.18
N VAL B 498 42.28 1.57 -44.38
CA VAL B 498 42.23 2.72 -43.49
C VAL B 498 43.47 2.66 -42.60
N LEU B 499 43.79 1.47 -42.07
CA LEU B 499 45.08 1.38 -41.38
C LEU B 499 46.15 1.23 -42.44
N GLU B 500 46.57 2.37 -42.97
CA GLU B 500 47.52 2.45 -44.09
C GLU B 500 48.86 1.84 -43.74
N ASP B 501 49.26 2.00 -42.49
CA ASP B 501 50.52 1.49 -41.98
C ASP B 501 50.44 1.39 -40.47
N ASN B 502 51.47 0.83 -39.89
CA ASN B 502 51.57 0.70 -38.45
C ASN B 502 51.66 2.10 -37.83
N CYS B 503 50.73 2.42 -36.94
CA CYS B 503 50.69 3.73 -36.29
C CYS B 503 51.88 4.07 -35.36
N GLY B 504 52.72 3.08 -35.07
CA GLY B 504 53.89 3.27 -34.22
C GLY B 504 54.21 1.94 -33.56
N ASN B 505 53.31 1.53 -32.70
CA ASN B 505 53.34 0.27 -32.00
C ASN B 505 51.94 -0.31 -32.12
N ALA B 506 51.46 -0.56 -33.34
CA ALA B 506 50.04 -0.90 -33.58
C ALA B 506 49.64 -2.31 -33.18
N ASP B 507 50.11 -2.75 -32.03
CA ASP B 507 49.71 -4.01 -31.48
C ASP B 507 48.22 -3.98 -31.12
N PRO B 508 47.66 -2.83 -30.64
CA PRO B 508 46.25 -2.63 -30.35
C PRO B 508 45.34 -2.82 -31.57
N HIS B 509 45.93 -2.90 -32.77
CA HIS B 509 45.15 -3.09 -33.98
C HIS B 509 45.30 -4.51 -34.53
N LYS B 510 46.18 -5.31 -33.93
CA LYS B 510 46.44 -6.65 -34.46
C LYS B 510 45.42 -7.65 -33.98
N GLY B 511 45.08 -8.59 -34.82
CA GLY B 511 44.10 -9.60 -34.46
C GLY B 511 42.81 -9.28 -35.17
N CYS B 512 41.89 -10.23 -35.14
CA CYS B 512 40.65 -10.08 -35.87
C CYS B 512 39.63 -9.32 -35.06
N ILE B 513 38.57 -8.93 -35.73
CA ILE B 513 37.49 -8.16 -35.14
C ILE B 513 36.10 -8.76 -35.34
N CYS B 514 35.14 -8.18 -34.59
CA CYS B 514 33.69 -8.52 -34.59
C CYS B 514 33.03 -8.39 -35.93
N ALA B 515 33.71 -7.74 -36.84
CA ALA B 515 33.24 -7.47 -38.17
C ALA B 515 32.82 -8.65 -38.97
N ASN B 516 33.51 -9.78 -38.81
CA ASN B 516 33.18 -10.91 -39.66
C ASN B 516 33.13 -10.45 -41.13
N ASN B 517 34.26 -9.92 -41.63
CA ASN B 517 34.35 -9.33 -42.98
C ASN B 517 33.56 -8.04 -43.21
N SER B 518 33.84 -7.05 -42.37
CA SER B 518 33.27 -5.72 -42.47
C SER B 518 34.22 -4.68 -41.86
N PHE B 519 34.20 -3.45 -42.35
CA PHE B 519 35.13 -2.50 -41.76
C PHE B 519 34.61 -1.89 -40.50
N ILE B 520 35.33 -2.08 -39.41
CA ILE B 520 34.95 -1.50 -38.14
C ILE B 520 35.99 -0.47 -37.85
N GLY B 521 35.57 0.74 -37.54
CA GLY B 521 36.52 1.78 -37.22
C GLY B 521 36.14 2.28 -35.85
N TRP B 522 37.08 2.82 -35.09
CA TRP B 522 36.60 3.28 -33.81
C TRP B 522 37.32 4.51 -33.25
N SER B 523 36.63 5.19 -32.36
CA SER B 523 37.09 6.45 -31.81
C SER B 523 38.01 6.31 -30.62
N HIS B 524 38.67 7.41 -30.29
CA HIS B 524 39.67 7.43 -29.23
C HIS B 524 39.73 8.78 -28.51
N ASP B 525 40.05 8.68 -27.24
CA ASP B 525 40.20 9.75 -26.26
C ASP B 525 41.39 9.39 -25.41
N THR B 526 41.78 10.21 -24.47
CA THR B 526 42.95 9.75 -23.75
C THR B 526 43.09 10.23 -22.32
N CYS B 527 43.79 9.43 -21.52
CA CYS B 527 44.14 9.83 -20.16
C CYS B 527 45.53 10.38 -20.18
N LEU B 528 45.70 11.56 -19.65
CA LEU B 528 47.02 12.11 -19.63
C LEU B 528 47.63 11.69 -18.31
N VAL B 529 48.42 10.63 -18.36
CA VAL B 529 48.86 10.01 -17.14
C VAL B 529 50.08 10.69 -16.59
N ASN B 530 49.81 11.80 -15.93
CA ASN B 530 50.76 12.69 -15.28
C ASN B 530 50.54 12.39 -13.82
N ASP B 531 49.46 12.92 -13.26
CA ASP B 531 49.07 12.41 -11.97
C ASP B 531 48.77 10.97 -12.30
N ARG B 532 49.00 10.03 -11.39
CA ARG B 532 48.65 8.67 -11.76
C ARG B 532 47.24 8.74 -12.25
N CYS B 533 46.99 8.17 -13.41
CA CYS B 533 45.66 8.26 -13.96
C CYS B 533 44.83 7.61 -12.89
N GLN B 534 43.78 8.25 -12.45
CA GLN B 534 43.05 7.70 -11.34
C GLN B 534 42.68 6.27 -11.66
N ILE B 535 42.94 5.39 -10.72
CA ILE B 535 42.62 4.02 -10.96
C ILE B 535 41.31 3.67 -10.37
N PHE B 536 40.49 3.06 -11.20
CA PHE B 536 39.20 2.61 -10.79
C PHE B 536 39.22 1.13 -10.54
N ALA B 537 38.75 0.75 -9.38
CA ALA B 537 38.64 -0.64 -9.02
C ALA B 537 37.20 -0.95 -8.67
N ASN B 538 36.57 -1.76 -9.50
CA ASN B 538 35.19 -2.12 -9.26
C ASN B 538 35.17 -3.41 -8.50
N ILE B 539 34.66 -3.41 -7.27
CA ILE B 539 34.69 -4.63 -6.48
C ILE B 539 33.33 -5.28 -6.41
N LEU B 540 33.27 -6.52 -6.85
CA LEU B 540 32.02 -7.25 -6.85
C LEU B 540 32.00 -8.18 -5.66
N LEU B 541 30.95 -8.10 -4.88
CA LEU B 541 30.83 -8.93 -3.70
C LEU B 541 29.81 -10.04 -3.90
N ASN B 542 30.26 -11.20 -4.40
CA ASN B 542 29.33 -12.25 -4.78
C ASN B 542 29.13 -13.25 -3.66
N GLY B 543 27.93 -13.82 -3.55
CA GLY B 543 27.77 -14.87 -2.56
C GLY B 543 27.87 -14.28 -1.17
N ILE B 544 27.19 -13.17 -0.92
CA ILE B 544 27.31 -12.48 0.35
C ILE B 544 27.04 -13.31 1.60
N ASN B 545 26.27 -14.38 1.49
CA ASN B 545 26.00 -15.21 2.67
C ASN B 545 26.84 -16.49 2.71
N SER B 546 27.85 -16.61 1.84
CA SER B 546 28.66 -17.83 1.76
C SER B 546 29.60 -18.17 2.91
N GLY B 547 30.38 -17.19 3.42
CA GLY B 547 31.36 -17.55 4.45
C GLY B 547 32.71 -18.08 3.89
N THR B 548 33.15 -17.59 2.70
CA THR B 548 34.40 -18.06 2.07
C THR B 548 35.58 -17.04 2.05
N THR B 549 35.27 -15.77 1.84
CA THR B 549 36.25 -14.69 1.72
C THR B 549 35.97 -13.65 2.79
N CYS B 550 36.71 -13.70 3.89
CA CYS B 550 36.29 -12.91 5.05
C CYS B 550 37.14 -11.74 5.41
N SER B 551 36.47 -10.69 5.87
CA SER B 551 37.19 -9.60 6.46
C SER B 551 37.64 -10.03 7.82
N THR B 552 38.82 -9.61 8.22
CA THR B 552 39.30 -9.87 9.56
C THR B 552 39.41 -8.57 10.33
N ASP B 553 38.89 -7.48 9.75
CA ASP B 553 39.01 -6.18 10.42
C ASP B 553 38.35 -6.18 11.79
N LEU B 554 37.28 -6.91 11.90
CA LEU B 554 36.52 -6.99 13.13
C LEU B 554 36.66 -8.38 13.73
N GLN B 555 37.85 -8.98 13.60
CA GLN B 555 38.10 -10.31 14.11
C GLN B 555 37.63 -10.53 15.55
N LEU B 556 36.83 -11.57 15.72
CA LEU B 556 36.27 -11.99 17.00
C LEU B 556 36.88 -13.30 17.51
N PRO B 557 36.81 -13.57 18.83
CA PRO B 557 37.17 -14.84 19.43
C PRO B 557 36.12 -15.88 19.09
N ASN B 558 36.54 -17.11 18.92
CA ASN B 558 35.64 -18.18 18.49
C ASN B 558 34.82 -18.83 19.57
N THR B 559 33.91 -18.09 20.16
CA THR B 559 33.08 -18.62 21.25
C THR B 559 32.27 -19.84 20.82
N GLU B 560 32.33 -20.90 21.64
CA GLU B 560 31.64 -22.17 21.42
C GLU B 560 30.13 -22.03 21.44
N VAL B 561 29.45 -22.94 20.76
CA VAL B 561 28.02 -22.87 20.70
C VAL B 561 27.38 -23.13 22.05
N VAL B 562 26.53 -22.22 22.43
CA VAL B 562 25.78 -22.24 23.66
C VAL B 562 24.38 -22.73 23.33
N THR B 563 23.87 -23.70 24.07
CA THR B 563 22.55 -24.21 23.76
C THR B 563 21.54 -24.01 24.88
N GLY B 564 20.27 -23.96 24.49
CA GLY B 564 19.13 -23.84 25.43
C GLY B 564 18.91 -22.40 25.90
N ILE B 565 19.78 -21.52 25.45
CA ILE B 565 19.82 -20.11 25.80
C ILE B 565 19.63 -19.14 24.64
N CYS B 566 18.78 -18.13 24.85
CA CYS B 566 18.63 -17.09 23.83
C CYS B 566 19.97 -16.37 23.79
N VAL B 567 20.58 -16.34 22.63
CA VAL B 567 21.92 -15.82 22.50
C VAL B 567 22.11 -15.17 21.12
N LYS B 568 22.98 -14.19 21.04
CA LYS B 568 23.26 -13.57 19.75
C LYS B 568 24.29 -14.39 19.03
N TYR B 569 24.34 -14.27 17.72
CA TYR B 569 25.35 -15.00 17.01
C TYR B 569 25.80 -14.42 15.69
N ASP B 570 26.95 -14.92 15.29
CA ASP B 570 27.57 -14.73 13.99
C ASP B 570 28.24 -16.01 13.54
N LEU B 571 27.60 -16.69 12.63
CA LEU B 571 28.08 -17.96 12.17
C LEU B 571 28.52 -17.83 10.74
N TYR B 572 29.83 -17.79 10.53
CA TYR B 572 30.32 -17.63 9.17
C TYR B 572 29.77 -16.39 8.46
N GLY B 573 29.52 -15.29 9.21
CA GLY B 573 29.01 -14.06 8.63
C GLY B 573 27.49 -13.90 8.75
N ILE B 574 26.78 -14.97 9.09
CA ILE B 574 25.33 -14.85 9.20
C ILE B 574 24.93 -14.53 10.60
N THR B 575 24.31 -13.38 10.76
CA THR B 575 24.02 -12.94 12.10
C THR B 575 22.59 -13.16 12.48
N GLY B 576 22.35 -13.08 13.76
CA GLY B 576 20.99 -13.17 14.26
C GLY B 576 20.95 -13.34 15.75
N GLN B 577 19.80 -13.82 16.20
CA GLN B 577 19.52 -14.05 17.59
C GLN B 577 18.64 -15.27 17.69
N GLY B 578 18.93 -16.13 18.63
CA GLY B 578 18.09 -17.31 18.74
C GLY B 578 18.59 -18.28 19.78
N VAL B 579 18.01 -19.46 19.74
CA VAL B 579 18.33 -20.49 20.68
C VAL B 579 18.87 -21.69 19.92
N PHE B 580 20.02 -22.19 20.31
CA PHE B 580 20.56 -23.35 19.63
C PHE B 580 20.12 -24.61 20.34
N LYS B 581 19.87 -25.64 19.56
CA LYS B 581 19.54 -26.96 20.08
C LYS B 581 20.42 -28.00 19.43
N GLU B 582 21.22 -28.72 20.21
CA GLU B 582 22.08 -29.72 19.58
C GLU B 582 21.24 -30.86 19.07
N VAL B 583 21.46 -31.23 17.82
CA VAL B 583 20.71 -32.33 17.21
C VAL B 583 21.61 -33.34 16.53
N LYS B 584 21.07 -34.51 16.26
CA LYS B 584 21.81 -35.52 15.53
C LYS B 584 22.05 -35.12 14.09
N ALA B 585 23.19 -35.51 13.54
CA ALA B 585 23.54 -35.25 12.15
C ALA B 585 22.57 -35.97 11.20
N ASP B 586 21.78 -36.88 11.75
CA ASP B 586 20.76 -37.65 11.05
C ASP B 586 19.76 -36.74 10.33
N TYR B 587 19.60 -35.50 10.81
CA TYR B 587 18.63 -34.61 10.20
C TYR B 587 19.18 -33.89 8.98
N TYR B 588 20.49 -33.96 8.79
CA TYR B 588 21.13 -33.31 7.67
C TYR B 588 21.07 -34.20 6.46
N ASN B 589 19.89 -34.23 5.87
CA ASN B 589 19.55 -35.07 4.73
C ASN B 589 20.21 -34.55 3.46
N SER B 590 20.73 -33.34 3.60
CA SER B 590 21.49 -32.59 2.62
C SER B 590 22.23 -31.58 3.47
N TRP B 591 23.45 -31.21 3.09
CA TRP B 591 24.06 -30.21 3.92
C TRP B 591 25.06 -29.32 3.26
N GLN B 592 25.18 -28.16 3.87
CA GLN B 592 26.13 -27.10 3.67
C GLN B 592 26.37 -26.58 5.06
N THR B 593 27.28 -25.64 5.24
CA THR B 593 27.53 -25.14 6.59
C THR B 593 26.23 -24.62 7.25
N LEU B 594 25.49 -23.79 6.50
CA LEU B 594 24.27 -23.16 7.01
C LEU B 594 23.00 -23.59 6.27
N LEU B 595 21.92 -23.83 7.00
CA LEU B 595 20.64 -24.16 6.36
C LEU B 595 19.60 -23.11 6.68
N TYR B 596 18.71 -22.86 5.72
CA TYR B 596 17.65 -21.88 5.89
C TYR B 596 16.25 -22.48 5.80
N ASP B 597 15.27 -21.80 6.42
CA ASP B 597 13.87 -22.22 6.35
C ASP B 597 13.18 -21.69 5.11
N VAL B 598 11.87 -21.91 5.04
CA VAL B 598 11.04 -21.51 3.90
C VAL B 598 10.94 -20.01 3.68
N ASN B 599 11.31 -19.20 4.69
CA ASN B 599 11.27 -17.76 4.61
C ASN B 599 12.65 -17.16 4.47
N GLY B 600 13.68 -18.00 4.39
CA GLY B 600 15.04 -17.52 4.30
C GLY B 600 15.71 -17.24 5.66
N ASN B 601 15.13 -17.71 6.75
CA ASN B 601 15.74 -17.49 8.06
C ASN B 601 16.75 -18.59 8.31
N LEU B 602 17.84 -18.29 8.97
CA LEU B 602 18.76 -19.36 9.31
C LEU B 602 18.04 -20.32 10.25
N ASN B 603 18.00 -21.61 9.96
CA ASN B 603 17.27 -22.50 10.88
C ASN B 603 18.12 -23.65 11.36
N GLY B 604 19.39 -23.63 11.02
CA GLY B 604 20.25 -24.71 11.44
C GLY B 604 21.68 -24.48 11.07
N PHE B 605 22.54 -25.20 11.75
CA PHE B 605 23.97 -25.03 11.66
C PHE B 605 24.84 -26.27 11.81
N ARG B 606 25.72 -26.48 10.84
CA ARG B 606 26.68 -27.57 10.90
C ARG B 606 28.03 -27.01 11.32
N ASP B 607 28.44 -27.28 12.54
CA ASP B 607 29.67 -26.68 12.99
C ASP B 607 30.82 -27.55 12.57
N LEU B 608 31.37 -27.17 11.43
CA LEU B 608 32.43 -27.90 10.74
C LEU B 608 33.73 -27.97 11.54
N THR B 609 33.81 -27.18 12.62
CA THR B 609 34.98 -27.19 13.47
C THR B 609 35.08 -28.54 14.16
N THR B 610 33.91 -29.05 14.57
CA THR B 610 33.78 -30.28 15.33
C THR B 610 32.85 -31.30 14.71
N ASN B 611 32.22 -30.96 13.59
CA ASN B 611 31.23 -31.81 12.93
C ASN B 611 30.03 -32.09 13.83
N LYS B 612 29.56 -31.04 14.50
CA LYS B 612 28.39 -31.12 15.38
C LYS B 612 27.25 -30.30 14.80
N THR B 613 26.05 -30.78 14.94
CA THR B 613 24.91 -30.07 14.35
C THR B 613 23.91 -29.48 15.33
N TYR B 614 23.36 -28.32 14.95
CA TYR B 614 22.38 -27.62 15.75
C TYR B 614 21.17 -27.13 14.96
N THR B 615 20.03 -27.06 15.63
CA THR B 615 18.82 -26.45 15.11
C THR B 615 18.67 -25.09 15.75
N ILE B 616 18.31 -24.08 14.97
CA ILE B 616 18.19 -22.73 15.51
C ILE B 616 16.75 -22.20 15.53
N ARG B 617 16.31 -21.72 16.69
CA ARG B 617 14.97 -21.16 16.85
C ARG B 617 14.99 -19.72 17.34
N SER B 618 13.90 -18.99 17.11
CA SER B 618 13.77 -17.60 17.60
C SER B 618 13.62 -17.62 19.09
N CYS B 619 13.53 -16.45 19.71
CA CYS B 619 13.36 -16.39 21.16
C CYS B 619 11.90 -16.05 21.54
N TYR B 620 10.98 -16.17 20.57
CA TYR B 620 9.55 -15.89 20.74
C TYR B 620 8.83 -16.95 21.57
N SER B 621 7.89 -16.53 22.41
CA SER B 621 7.08 -17.45 23.19
C SER B 621 5.65 -16.95 23.38
N GLY B 622 4.69 -17.86 23.36
CA GLY B 622 3.28 -17.51 23.53
C GLY B 622 2.94 -17.03 24.93
N ARG B 623 1.91 -16.19 25.03
CA ARG B 623 1.46 -15.64 26.32
C ARG B 623 0.00 -15.19 26.27
N VAL B 624 -0.78 -15.44 27.32
CA VAL B 624 -2.14 -14.87 27.36
C VAL B 624 -2.61 -14.71 28.78
N SER B 625 -3.47 -13.73 29.05
CA SER B 625 -4.02 -13.59 30.38
C SER B 625 -5.53 -13.77 30.45
N ALA B 626 -5.96 -14.33 31.59
CA ALA B 626 -7.36 -14.40 31.99
C ALA B 626 -7.43 -13.28 32.96
N ALA B 627 -7.65 -12.10 32.44
CA ALA B 627 -7.22 -11.01 33.23
C ALA B 627 -8.15 -10.44 34.24
N PHE B 628 -9.35 -10.09 33.83
CA PHE B 628 -10.12 -9.36 34.81
C PHE B 628 -11.55 -9.68 35.04
N HIS B 629 -11.87 -9.37 36.28
CA HIS B 629 -13.18 -9.22 36.86
C HIS B 629 -13.12 -7.75 37.09
N LYS B 630 -14.22 -7.04 37.06
CA LYS B 630 -14.14 -5.59 37.29
C LYS B 630 -13.43 -5.21 38.60
N ASP B 631 -13.42 -6.13 39.59
CA ASP B 631 -12.81 -5.89 40.90
C ASP B 631 -11.49 -6.63 41.12
N ALA B 632 -10.94 -7.28 40.11
CA ALA B 632 -9.69 -8.02 40.33
C ALA B 632 -8.50 -7.06 40.34
N PRO B 633 -7.50 -7.25 41.21
CA PRO B 633 -6.26 -6.48 41.24
C PRO B 633 -5.19 -6.91 40.24
N GLU B 634 -5.32 -8.13 39.71
CA GLU B 634 -4.30 -8.62 38.79
C GLU B 634 -4.83 -9.77 37.93
N PRO B 635 -4.23 -10.01 36.75
CA PRO B 635 -4.50 -11.11 35.87
C PRO B 635 -3.95 -12.46 36.26
N ALA B 636 -4.62 -13.53 35.80
CA ALA B 636 -4.09 -14.88 35.87
C ALA B 636 -3.37 -15.14 34.55
N LEU B 637 -2.31 -15.93 34.54
CA LEU B 637 -1.58 -16.10 33.30
C LEU B 637 -1.61 -17.52 32.73
N LEU B 638 -1.51 -17.63 31.42
CA LEU B 638 -1.36 -18.91 30.73
C LEU B 638 -0.29 -18.89 29.67
N TYR B 639 0.57 -19.90 29.71
CA TYR B 639 1.62 -20.04 28.71
C TYR B 639 1.25 -21.25 27.87
N ARG B 640 0.50 -20.96 26.82
CA ARG B 640 -0.14 -22.01 26.08
C ARG B 640 0.82 -22.99 25.48
N ASN B 641 0.51 -24.26 25.72
CA ASN B 641 1.24 -25.42 25.27
C ASN B 641 2.67 -25.51 25.82
N ILE B 642 3.00 -24.74 26.86
CA ILE B 642 4.31 -24.79 27.47
C ILE B 642 4.27 -25.30 28.91
N ASN B 643 5.11 -26.30 29.23
CA ASN B 643 5.24 -26.90 30.58
C ASN B 643 5.78 -25.89 31.57
N CYS B 644 5.32 -25.90 32.81
CA CYS B 644 5.81 -24.92 33.77
C CYS B 644 7.30 -25.05 34.02
N SER B 645 7.87 -26.24 33.90
CA SER B 645 9.28 -26.32 34.18
C SER B 645 10.05 -25.51 33.15
N TYR B 646 9.49 -25.39 31.96
CA TYR B 646 10.12 -24.62 30.92
C TYR B 646 9.99 -23.15 31.28
N VAL B 647 8.77 -22.76 31.65
CA VAL B 647 8.43 -21.38 31.94
C VAL B 647 9.31 -20.82 33.03
N PHE B 648 9.47 -21.58 34.09
CA PHE B 648 10.26 -21.07 35.16
C PHE B 648 11.77 -21.21 34.94
N SER B 649 12.24 -22.35 34.42
CA SER B 649 13.68 -22.50 34.28
C SER B 649 14.29 -21.60 33.21
N ASN B 650 13.47 -21.10 32.30
CA ASN B 650 13.98 -20.20 31.27
C ASN B 650 13.67 -18.75 31.56
N ASN B 651 13.25 -18.45 32.78
CA ASN B 651 12.94 -17.08 33.16
C ASN B 651 11.97 -16.43 32.18
N ILE B 652 10.90 -17.12 31.83
CA ILE B 652 9.95 -16.60 30.86
C ILE B 652 9.12 -15.42 31.37
N SER B 653 8.71 -15.47 32.63
CA SER B 653 7.88 -14.42 33.21
C SER B 653 8.29 -14.12 34.66
N ARG B 654 7.35 -13.55 35.43
CA ARG B 654 7.60 -13.14 36.81
C ARG B 654 8.03 -14.31 37.70
N GLU B 655 8.95 -14.05 38.62
CA GLU B 655 9.43 -15.07 39.55
C GLU B 655 8.45 -15.35 40.67
N GLU B 656 7.62 -14.36 40.98
CA GLU B 656 6.66 -14.48 42.05
C GLU B 656 5.47 -15.28 41.61
N ASN B 657 5.07 -16.25 42.40
CA ASN B 657 3.90 -17.05 42.08
C ASN B 657 2.98 -17.21 43.28
N PRO B 658 2.33 -16.13 43.76
CA PRO B 658 1.51 -16.11 44.97
C PRO B 658 0.54 -17.29 45.09
N LEU B 659 -0.04 -17.72 43.97
CA LEU B 659 -0.98 -18.83 43.97
C LEU B 659 -0.40 -20.04 43.23
N ASN B 660 0.92 -20.09 43.16
CA ASN B 660 1.69 -21.13 42.50
C ASN B 660 1.31 -21.27 41.03
N TYR B 661 1.21 -22.52 40.55
CA TYR B 661 0.96 -22.80 39.15
C TYR B 661 0.59 -24.25 38.88
N PHE B 662 0.05 -24.50 37.69
CA PHE B 662 -0.33 -25.84 37.30
C PHE B 662 0.18 -26.24 35.93
N ASP B 663 0.51 -27.50 35.78
CA ASP B 663 0.73 -28.05 34.46
C ASP B 663 -0.59 -28.64 33.99
N SER B 664 -1.16 -28.12 32.92
CA SER B 664 -2.45 -28.65 32.48
C SER B 664 -2.52 -28.84 30.98
N TYR B 665 -3.69 -29.19 30.51
CA TYR B 665 -3.95 -29.48 29.11
C TYR B 665 -3.50 -28.35 28.22
N LEU B 666 -3.83 -27.15 28.61
CA LEU B 666 -3.55 -25.97 27.83
C LEU B 666 -2.14 -25.45 27.97
N GLY B 667 -1.34 -26.00 28.87
CA GLY B 667 0.00 -25.44 29.12
C GLY B 667 0.16 -25.01 30.57
N CYS B 668 1.11 -24.12 30.83
CA CYS B 668 1.37 -23.72 32.20
C CYS B 668 0.46 -22.63 32.68
N VAL B 669 -0.27 -22.90 33.74
CA VAL B 669 -1.20 -21.93 34.29
C VAL B 669 -0.56 -21.31 35.50
N VAL B 670 -0.46 -20.00 35.50
CA VAL B 670 0.24 -19.34 36.59
C VAL B 670 -0.61 -18.37 37.37
N ASN B 671 -0.53 -18.49 38.67
CA ASN B 671 -1.22 -17.65 39.62
C ASN B 671 -2.74 -17.77 39.64
N ALA B 672 -3.28 -18.97 39.48
CA ALA B 672 -4.72 -19.18 39.63
C ALA B 672 -4.95 -19.66 41.06
N ASP B 673 -6.07 -19.30 41.71
CA ASP B 673 -6.29 -19.77 43.09
C ASP B 673 -6.35 -21.27 43.16
N ASN B 674 -6.95 -21.87 42.14
CA ASN B 674 -7.10 -23.31 42.17
C ASN B 674 -7.51 -23.89 40.83
N ARG B 675 -7.74 -25.19 40.81
CA ARG B 675 -8.29 -25.86 39.64
C ARG B 675 -9.37 -26.77 40.12
N THR B 676 -10.36 -27.02 39.28
CA THR B 676 -11.39 -27.94 39.71
C THR B 676 -12.10 -28.67 38.60
N ASP B 677 -13.04 -29.49 39.05
CA ASP B 677 -13.94 -30.24 38.21
C ASP B 677 -15.30 -29.56 38.18
N GLU B 678 -15.57 -28.75 39.21
CA GLU B 678 -16.87 -28.09 39.25
C GLU B 678 -17.04 -27.33 37.95
N ALA B 679 -18.20 -27.48 37.33
CA ALA B 679 -18.42 -26.81 36.07
C ALA B 679 -19.44 -25.69 36.25
N LEU B 680 -19.24 -24.60 35.51
CA LEU B 680 -20.12 -23.46 35.56
C LEU B 680 -20.90 -23.26 34.28
N PRO B 681 -22.16 -22.85 34.37
CA PRO B 681 -22.98 -22.45 33.24
C PRO B 681 -22.99 -20.93 33.07
N ASN B 682 -22.19 -20.24 33.88
CA ASN B 682 -22.21 -18.78 33.93
C ASN B 682 -20.84 -18.20 33.62
N CYS B 683 -20.13 -18.86 32.73
CA CYS B 683 -18.79 -18.47 32.32
C CYS B 683 -18.68 -17.15 31.58
N ASP B 684 -17.65 -16.40 31.92
CA ASP B 684 -17.31 -15.14 31.27
C ASP B 684 -15.95 -15.31 30.61
N LEU B 685 -14.88 -15.32 31.40
CA LEU B 685 -13.53 -15.45 30.85
C LEU B 685 -13.21 -16.86 30.38
N ARG B 686 -13.82 -17.25 29.27
CA ARG B 686 -13.62 -18.58 28.68
C ARG B 686 -12.17 -18.67 28.31
N MET B 687 -11.52 -19.78 28.58
CA MET B 687 -10.12 -19.88 28.21
C MET B 687 -9.62 -21.26 27.86
N GLY B 688 -9.72 -21.61 26.59
CA GLY B 688 -9.30 -22.91 26.11
C GLY B 688 -10.44 -23.88 26.18
N ALA B 689 -10.37 -24.95 25.41
CA ALA B 689 -11.51 -25.81 25.33
C ALA B 689 -11.88 -26.43 26.65
N GLY B 690 -13.14 -26.25 27.00
CA GLY B 690 -13.76 -26.81 28.18
C GLY B 690 -13.47 -26.07 29.47
N LEU B 691 -12.59 -25.07 29.44
CA LEU B 691 -12.20 -24.38 30.66
C LEU B 691 -12.62 -22.93 30.74
N CYS B 692 -12.84 -22.47 31.98
CA CYS B 692 -13.26 -21.11 32.25
C CYS B 692 -12.64 -20.58 33.52
N VAL B 693 -12.20 -19.34 33.49
CA VAL B 693 -11.56 -18.80 34.66
C VAL B 693 -12.39 -17.83 35.48
N ASP B 694 -12.36 -18.05 36.78
CA ASP B 694 -12.93 -17.10 37.73
C ASP B 694 -11.74 -16.72 38.61
N TYR B 695 -11.39 -17.58 39.53
CA TYR B 695 -10.20 -17.45 40.33
C TYR B 695 -9.56 -18.83 40.22
N SER B 696 -10.37 -19.75 39.69
CA SER B 696 -9.95 -21.11 39.53
C SER B 696 -10.19 -21.62 38.11
N LYS B 697 -9.49 -22.68 37.76
CA LYS B 697 -9.65 -23.31 36.45
C LYS B 697 -10.84 -24.23 36.43
N SER B 698 -12.02 -23.62 36.30
CA SER B 698 -13.28 -24.32 36.34
C SER B 698 -13.59 -24.93 34.99
N ARG B 699 -14.63 -25.75 34.92
CA ARG B 699 -15.02 -26.33 33.63
C ARG B 699 -16.31 -25.72 33.10
N ARG B 700 -16.56 -25.82 31.80
CA ARG B 700 -17.85 -25.37 31.22
C ARG B 700 -18.98 -26.41 31.42
N ALA B 701 -20.16 -25.94 31.84
CA ALA B 701 -21.34 -26.79 32.05
C ALA B 701 -22.52 -26.54 31.12
N HIS B 702 -23.32 -27.62 30.98
CA HIS B 702 -24.63 -27.65 30.34
C HIS B 702 -25.66 -28.48 31.13
N SER B 703 -26.91 -28.23 30.77
CA SER B 703 -28.12 -28.83 31.32
C SER B 703 -28.24 -30.36 31.23
N SER B 704 -27.30 -31.04 30.56
CA SER B 704 -27.37 -32.49 30.43
C SER B 704 -27.47 -33.16 31.79
N VAL B 705 -26.95 -32.51 32.80
CA VAL B 705 -26.96 -33.05 34.15
C VAL B 705 -28.37 -33.19 34.70
N SER B 706 -29.29 -32.35 34.24
CA SER B 706 -30.64 -32.37 34.74
C SER B 706 -31.43 -33.48 34.08
N THR B 707 -30.92 -34.00 32.97
CA THR B 707 -31.61 -35.07 32.26
C THR B 707 -31.26 -36.35 32.94
N GLY B 708 -29.98 -36.49 33.30
CA GLY B 708 -29.59 -37.70 34.01
C GLY B 708 -30.41 -37.76 35.30
N TYR B 709 -30.61 -36.59 35.95
CA TYR B 709 -31.43 -36.57 37.14
C TYR B 709 -32.86 -37.03 36.87
N ARG B 710 -33.54 -36.39 35.92
CA ARG B 710 -34.93 -36.73 35.66
C ARG B 710 -35.09 -38.17 35.17
N LEU B 711 -34.15 -38.62 34.35
CA LEU B 711 -34.14 -39.94 33.76
C LEU B 711 -34.06 -41.03 34.81
N THR B 712 -33.15 -40.87 35.77
CA THR B 712 -33.01 -41.88 36.80
C THR B 712 -33.95 -41.64 38.00
N THR B 713 -34.44 -40.41 38.16
CA THR B 713 -35.39 -40.12 39.23
C THR B 713 -36.73 -40.77 38.97
N PHE B 714 -37.23 -40.64 37.74
CA PHE B 714 -38.54 -41.17 37.40
C PHE B 714 -38.51 -42.45 36.56
N GLU B 715 -37.85 -43.48 37.06
CA GLU B 715 -37.84 -44.77 36.37
C GLU B 715 -39.22 -45.46 36.20
N PRO B 716 -40.17 -45.40 37.16
CA PRO B 716 -41.50 -46.00 37.06
C PRO B 716 -42.26 -45.42 35.86
N TYR B 717 -43.14 -46.21 35.24
CA TYR B 717 -43.85 -45.71 34.06
C TYR B 717 -45.27 -46.25 33.79
N THR B 718 -46.03 -46.58 34.82
CA THR B 718 -47.39 -47.09 34.63
C THR B 718 -48.45 -45.95 34.60
N PRO B 719 -49.26 -45.79 33.51
CA PRO B 719 -50.29 -44.76 33.29
C PRO B 719 -51.29 -44.57 34.42
N MET B 720 -51.47 -45.59 35.24
CA MET B 720 -52.40 -45.53 36.36
C MET B 720 -51.64 -45.37 37.67
N LEU B 721 -50.94 -46.43 38.09
CA LEU B 721 -50.20 -46.39 39.35
C LEU B 721 -49.17 -45.29 39.45
N VAL B 722 -48.32 -45.16 38.45
CA VAL B 722 -47.24 -44.20 38.50
C VAL B 722 -47.79 -42.82 38.27
N ASN B 723 -48.69 -42.68 37.33
CA ASN B 723 -49.32 -41.38 37.13
C ASN B 723 -49.81 -40.83 38.47
N ASP B 724 -50.53 -41.65 39.26
CA ASP B 724 -51.01 -41.17 40.55
C ASP B 724 -49.89 -41.04 41.61
N SER B 725 -48.92 -41.96 41.60
CA SER B 725 -47.84 -41.89 42.58
C SER B 725 -47.06 -40.60 42.36
N VAL B 726 -46.79 -40.31 41.10
CA VAL B 726 -46.10 -39.13 40.70
C VAL B 726 -46.99 -37.93 40.96
N GLN B 727 -48.29 -38.01 40.69
CA GLN B 727 -49.18 -36.89 41.00
C GLN B 727 -48.95 -36.45 42.45
N SER B 728 -48.85 -37.41 43.38
CA SER B 728 -48.59 -37.03 44.76
C SER B 728 -47.22 -36.34 44.88
N VAL B 729 -46.22 -36.86 44.16
CA VAL B 729 -44.88 -36.25 44.19
C VAL B 729 -44.92 -34.84 43.64
N ASP B 730 -45.57 -34.64 42.50
CA ASP B 730 -45.67 -33.36 41.83
C ASP B 730 -46.35 -32.32 42.69
N GLY B 731 -47.42 -32.72 43.39
CA GLY B 731 -48.14 -31.80 44.25
C GLY B 731 -47.25 -31.32 45.38
N LEU B 732 -46.44 -32.21 45.92
CA LEU B 732 -45.54 -31.80 46.97
C LEU B 732 -44.43 -30.95 46.38
N TYR B 733 -43.90 -31.40 45.25
CA TYR B 733 -42.79 -30.80 44.55
C TYR B 733 -43.07 -29.35 44.20
N GLU B 734 -44.23 -29.04 43.63
CA GLU B 734 -44.52 -27.65 43.29
C GLU B 734 -44.50 -26.72 44.51
N MET B 735 -44.71 -27.27 45.72
CA MET B 735 -44.67 -26.48 46.94
C MET B 735 -43.27 -26.57 47.59
N GLN B 736 -42.56 -27.67 47.36
CA GLN B 736 -41.21 -27.79 47.91
C GLN B 736 -40.37 -26.66 47.30
N ILE B 737 -40.63 -26.39 46.03
CA ILE B 737 -40.04 -25.30 45.30
C ILE B 737 -40.76 -24.03 45.77
N PRO B 738 -40.06 -23.02 46.35
CA PRO B 738 -40.70 -21.82 46.89
C PRO B 738 -42.19 -21.68 46.57
N THR B 739 -42.94 -21.86 47.64
CA THR B 739 -44.38 -21.96 47.65
C THR B 739 -45.12 -20.75 47.19
N ASN B 740 -46.41 -20.95 47.03
CA ASN B 740 -47.40 -19.96 46.67
C ASN B 740 -47.25 -19.45 45.24
N PHE B 741 -46.34 -20.09 44.48
CA PHE B 741 -46.01 -19.75 43.11
C PHE B 741 -45.46 -18.34 43.03
N THR B 742 -44.58 -18.02 43.98
CA THR B 742 -43.93 -16.71 44.04
C THR B 742 -43.31 -16.29 42.72
N ILE B 743 -43.45 -15.00 42.39
CA ILE B 743 -42.92 -14.44 41.15
C ILE B 743 -41.70 -13.54 41.35
N GLY B 744 -40.65 -13.83 40.58
CA GLY B 744 -39.38 -13.09 40.61
C GLY B 744 -39.07 -12.50 39.24
N HIS B 745 -37.81 -12.10 39.02
CA HIS B 745 -37.49 -11.48 37.75
C HIS B 745 -36.02 -11.54 37.33
N HIS B 746 -35.80 -11.32 36.03
CA HIS B 746 -34.50 -11.26 35.37
C HIS B 746 -34.43 -10.06 34.43
N GLU B 747 -33.22 -9.65 34.06
CA GLU B 747 -33.09 -8.57 33.08
C GLU B 747 -32.14 -9.00 31.98
N GLU B 748 -32.43 -8.52 30.78
CA GLU B 748 -31.63 -8.82 29.59
C GLU B 748 -31.41 -7.58 28.71
N PHE B 749 -30.35 -7.60 27.89
CA PHE B 749 -30.10 -6.50 26.95
C PHE B 749 -29.55 -6.98 25.61
N ILE B 750 -30.11 -6.44 24.53
CA ILE B 750 -29.68 -6.75 23.17
C ILE B 750 -29.32 -5.46 22.41
N GLN B 751 -28.13 -5.41 21.81
CA GLN B 751 -27.70 -4.17 21.17
C GLN B 751 -28.52 -3.70 19.95
N THR B 752 -28.61 -4.49 18.91
CA THR B 752 -29.44 -4.17 17.70
C THR B 752 -28.92 -3.03 16.79
N ARG B 753 -28.05 -2.17 17.30
CA ARG B 753 -27.61 -1.04 16.48
C ARG B 753 -26.28 -0.41 16.89
N SER B 754 -25.79 0.47 16.03
CA SER B 754 -24.52 1.12 16.22
C SER B 754 -24.64 2.50 15.60
N PRO B 755 -23.70 3.42 15.82
CA PRO B 755 -23.77 4.75 15.28
C PRO B 755 -23.63 4.76 13.78
N LYS B 756 -24.31 5.70 13.16
CA LYS B 756 -24.28 5.87 11.73
C LYS B 756 -23.05 6.61 11.29
N VAL B 757 -21.93 5.92 11.32
CA VAL B 757 -20.69 6.56 10.99
C VAL B 757 -20.57 6.80 9.51
N THR B 758 -20.16 7.99 9.13
CA THR B 758 -19.96 8.31 7.74
C THR B 758 -18.65 9.05 7.61
N ILE B 759 -17.97 8.83 6.49
CA ILE B 759 -16.67 9.45 6.30
C ILE B 759 -16.49 10.21 5.01
N ASP B 760 -16.12 11.47 5.12
CA ASP B 760 -15.83 12.23 3.92
C ASP B 760 -14.45 11.86 3.49
N CYS B 761 -14.39 10.90 2.60
CA CYS B 761 -13.13 10.36 2.15
C CYS B 761 -12.16 11.45 1.76
N ALA B 762 -12.59 12.37 0.91
CA ALA B 762 -11.67 13.38 0.48
C ALA B 762 -11.19 14.22 1.64
N ALA B 763 -12.10 14.62 2.55
CA ALA B 763 -11.71 15.44 3.71
C ALA B 763 -10.73 14.73 4.60
N PHE B 764 -10.91 13.42 4.72
CA PHE B 764 -10.06 12.62 5.57
C PHE B 764 -8.65 12.63 5.02
N VAL B 765 -8.53 12.37 3.73
CA VAL B 765 -7.21 12.29 3.16
C VAL B 765 -6.55 13.66 3.06
N CYS B 766 -7.29 14.65 2.56
CA CYS B 766 -6.81 16.01 2.37
C CYS B 766 -7.76 16.97 3.08
N GLY B 767 -7.25 18.01 3.72
CA GLY B 767 -8.15 18.96 4.36
C GLY B 767 -8.49 20.13 3.43
N ASP B 768 -8.02 21.32 3.78
CA ASP B 768 -8.26 22.52 2.98
C ASP B 768 -7.12 22.69 1.98
N ASN B 769 -6.18 21.77 2.03
CA ASN B 769 -5.01 21.86 1.22
C ASN B 769 -5.31 21.51 -0.23
N THR B 770 -5.54 22.54 -1.01
CA THR B 770 -5.84 22.40 -2.42
C THR B 770 -4.80 21.58 -3.16
N ALA B 771 -3.53 21.80 -2.88
CA ALA B 771 -2.47 21.07 -3.57
C ALA B 771 -2.65 19.56 -3.40
N CYS B 772 -3.18 19.14 -2.26
CA CYS B 772 -3.40 17.74 -1.97
C CYS B 772 -4.59 17.25 -2.77
N ARG B 773 -5.67 18.01 -2.72
CA ARG B 773 -6.89 17.64 -3.42
C ARG B 773 -6.66 17.47 -4.92
N GLN B 774 -5.75 18.27 -5.47
CA GLN B 774 -5.43 18.20 -6.87
C GLN B 774 -4.64 16.95 -7.26
N GLN B 775 -4.17 16.18 -6.27
CA GLN B 775 -3.47 14.95 -6.58
C GLN B 775 -4.47 13.85 -6.33
N LEU B 776 -5.23 14.02 -5.25
CA LEU B 776 -6.21 13.05 -4.80
C LEU B 776 -7.21 12.71 -5.86
N VAL B 777 -7.55 13.66 -6.71
CA VAL B 777 -8.49 13.38 -7.77
C VAL B 777 -8.16 12.13 -8.60
N GLU B 778 -6.88 11.78 -8.73
CA GLU B 778 -6.49 10.61 -9.52
C GLU B 778 -6.93 9.31 -8.87
N TYR B 779 -7.15 9.37 -7.56
CA TYR B 779 -7.54 8.26 -6.71
C TYR B 779 -9.02 8.33 -6.40
N GLY B 780 -9.76 9.12 -7.16
CA GLY B 780 -11.18 9.26 -6.91
C GLY B 780 -11.87 7.91 -6.84
N SER B 781 -11.42 6.93 -7.61
CA SER B 781 -12.04 5.62 -7.60
C SER B 781 -11.98 4.96 -6.23
N PHE B 782 -10.97 5.29 -5.42
CA PHE B 782 -10.92 4.66 -4.13
C PHE B 782 -11.96 5.29 -3.28
N CYS B 783 -12.12 6.60 -3.41
CA CYS B 783 -13.13 7.26 -2.61
C CYS B 783 -14.50 6.81 -3.02
N VAL B 784 -14.67 6.50 -4.31
CA VAL B 784 -15.96 6.00 -4.71
C VAL B 784 -16.26 4.69 -4.00
N ASN B 785 -15.29 3.78 -3.98
CA ASN B 785 -15.53 2.52 -3.29
C ASN B 785 -15.77 2.75 -1.80
N VAL B 786 -15.07 3.72 -1.21
CA VAL B 786 -15.29 3.96 0.20
C VAL B 786 -16.71 4.38 0.45
N ASN B 787 -17.19 5.33 -0.33
CA ASN B 787 -18.53 5.80 -0.13
C ASN B 787 -19.56 4.75 -0.48
N ALA B 788 -19.30 3.97 -1.52
CA ALA B 788 -20.28 2.98 -1.89
C ALA B 788 -20.46 1.97 -0.78
N ILE B 789 -19.37 1.53 -0.20
CA ILE B 789 -19.49 0.54 0.84
C ILE B 789 -20.14 1.11 2.06
N LEU B 790 -19.72 2.30 2.48
CA LEU B 790 -20.33 2.81 3.68
C LEU B 790 -21.82 3.00 3.48
N ASN B 791 -22.25 3.44 2.29
CA ASN B 791 -23.67 3.61 2.06
C ASN B 791 -24.41 2.29 2.15
N GLU B 792 -23.84 1.23 1.60
CA GLU B 792 -24.49 -0.06 1.63
C GLU B 792 -24.62 -0.59 3.05
N VAL B 793 -23.58 -0.39 3.85
CA VAL B 793 -23.63 -0.82 5.22
C VAL B 793 -24.68 -0.04 5.96
N ASN B 794 -24.70 1.25 5.75
CA ASN B 794 -25.65 2.08 6.44
C ASN B 794 -27.07 1.72 6.07
N ASN B 795 -27.33 1.41 4.81
CA ASN B 795 -28.67 1.07 4.43
C ASN B 795 -29.11 -0.19 5.15
N LEU B 796 -28.20 -1.15 5.24
CA LEU B 796 -28.52 -2.38 5.92
C LEU B 796 -28.89 -2.08 7.35
N LEU B 797 -28.05 -1.32 8.04
CA LEU B 797 -28.31 -1.05 9.43
C LEU B 797 -29.61 -0.31 9.64
N ASP B 798 -29.92 0.65 8.76
CA ASP B 798 -31.17 1.36 8.89
C ASP B 798 -32.34 0.41 8.76
N ASN B 799 -32.23 -0.54 7.85
CA ASN B 799 -33.32 -1.46 7.68
C ASN B 799 -33.47 -2.36 8.87
N MET B 800 -32.38 -2.74 9.53
CA MET B 800 -32.55 -3.60 10.69
C MET B 800 -33.28 -2.82 11.77
N GLN B 801 -32.98 -1.52 11.88
CA GLN B 801 -33.68 -0.74 12.88
C GLN B 801 -35.15 -0.73 12.60
N LEU B 802 -35.51 -0.54 11.34
CA LEU B 802 -36.90 -0.50 10.96
C LEU B 802 -37.57 -1.85 11.17
N GLN B 803 -36.86 -2.94 10.93
CA GLN B 803 -37.44 -4.27 11.13
C GLN B 803 -37.79 -4.48 12.59
N VAL B 804 -36.93 -4.01 13.49
CA VAL B 804 -37.22 -4.15 14.91
C VAL B 804 -38.43 -3.31 15.25
N ALA B 805 -38.47 -2.07 14.76
CA ALA B 805 -39.60 -1.21 15.05
C ALA B 805 -40.87 -1.85 14.55
N SER B 806 -40.80 -2.44 13.38
CA SER B 806 -41.95 -3.08 12.80
C SER B 806 -42.37 -4.24 13.67
N ALA B 807 -41.41 -5.05 14.09
CA ALA B 807 -41.74 -6.21 14.90
C ALA B 807 -42.49 -5.79 16.16
N LEU B 808 -42.10 -4.68 16.76
CA LEU B 808 -42.80 -4.23 17.93
C LEU B 808 -44.22 -3.81 17.56
N MET B 809 -44.33 -3.02 16.49
CA MET B 809 -45.62 -2.49 16.08
C MET B 809 -46.59 -3.48 15.48
N GLN B 810 -46.12 -4.58 14.94
CA GLN B 810 -47.01 -5.56 14.35
C GLN B 810 -47.99 -6.13 15.38
N GLY B 811 -47.67 -6.02 16.67
CA GLY B 811 -48.57 -6.51 17.72
C GLY B 811 -49.34 -5.37 18.38
N VAL B 812 -49.22 -4.16 17.86
CA VAL B 812 -49.83 -3.00 18.48
C VAL B 812 -50.64 -2.23 17.48
N SER B 850 -47.71 -1.03 40.06
CA SER B 850 -46.98 0.21 39.81
C SER B 850 -46.15 0.08 38.56
N ALA B 851 -46.55 -0.85 37.70
CA ALA B 851 -45.85 -1.16 36.46
C ALA B 851 -45.69 0.05 35.55
N ILE B 852 -46.67 0.94 35.52
CA ILE B 852 -46.57 2.09 34.64
C ILE B 852 -45.49 3.05 35.15
N ARG B 853 -45.47 3.26 36.45
CA ARG B 853 -44.49 4.14 37.03
C ARG B 853 -43.10 3.55 36.86
N GLY B 854 -43.00 2.23 37.04
CA GLY B 854 -41.78 1.48 36.88
C GLY B 854 -41.24 1.72 35.49
N ARG B 855 -42.10 1.51 34.50
CA ARG B 855 -41.76 1.72 33.11
C ARG B 855 -41.13 3.10 32.90
N SER B 856 -41.79 4.15 33.40
CA SER B 856 -41.22 5.49 33.16
C SER B 856 -39.88 5.69 33.86
N ALA B 857 -39.66 5.03 35.00
CA ALA B 857 -38.38 5.19 35.65
C ALA B 857 -37.30 4.60 34.78
N ILE B 858 -37.57 3.45 34.21
CA ILE B 858 -36.64 2.75 33.36
C ILE B 858 -36.30 3.60 32.15
N GLU B 859 -37.33 4.21 31.57
CA GLU B 859 -37.16 5.12 30.43
C GLU B 859 -36.05 6.11 30.71
N ASP B 860 -35.99 6.68 31.91
CA ASP B 860 -34.90 7.62 32.17
C ASP B 860 -33.62 6.97 32.68
N LEU B 861 -33.74 5.93 33.49
CA LEU B 861 -32.56 5.31 34.10
C LEU B 861 -31.61 4.74 33.05
N LEU B 862 -32.17 4.21 31.96
CA LEU B 862 -31.37 3.67 30.88
C LEU B 862 -30.51 4.70 30.17
N PHE B 863 -30.90 5.97 30.20
CA PHE B 863 -30.18 7.02 29.50
C PHE B 863 -29.37 7.88 30.43
N ASP B 864 -29.64 7.77 31.72
CA ASP B 864 -29.00 8.57 32.75
C ASP B 864 -27.48 8.39 32.78
N LYS B 865 -27.03 7.20 32.41
CA LYS B 865 -25.61 6.87 32.44
C LYS B 865 -24.87 7.02 31.10
N VAL B 866 -25.52 7.58 30.07
CA VAL B 866 -24.85 7.69 28.78
C VAL B 866 -24.73 9.08 28.18
N LYS B 867 -23.49 9.49 27.89
CA LYS B 867 -23.23 10.78 27.25
C LYS B 867 -23.63 10.78 25.79
N LEU B 868 -23.14 9.80 25.05
CA LEU B 868 -23.34 9.80 23.61
C LEU B 868 -24.60 9.12 23.10
N SER B 869 -25.71 9.71 23.47
CA SER B 869 -27.01 9.29 22.98
C SER B 869 -27.14 9.94 21.62
N ASP B 870 -28.15 9.62 20.83
CA ASP B 870 -28.22 10.29 19.53
C ASP B 870 -28.32 11.79 19.74
N VAL B 871 -29.04 12.17 20.78
CA VAL B 871 -29.18 13.56 21.12
C VAL B 871 -27.81 14.11 21.47
N GLY B 872 -27.06 13.33 22.25
CA GLY B 872 -25.73 13.73 22.67
C GLY B 872 -24.83 14.03 21.47
N PHE B 873 -24.97 13.26 20.41
CA PHE B 873 -24.15 13.55 19.25
C PHE B 873 -24.60 14.82 18.60
N VAL B 874 -25.91 15.02 18.48
CA VAL B 874 -26.38 16.23 17.83
C VAL B 874 -25.93 17.46 18.60
N GLU B 875 -26.11 17.44 19.91
CA GLU B 875 -25.71 18.58 20.69
C GLU B 875 -24.22 18.82 20.62
N ALA B 876 -23.41 17.76 20.64
CA ALA B 876 -21.98 17.95 20.58
C ALA B 876 -21.56 18.61 19.30
N TYR B 877 -22.16 18.17 18.20
CA TYR B 877 -21.76 18.71 16.92
C TYR B 877 -22.25 20.12 16.77
N ASN B 878 -23.38 20.42 17.38
CA ASN B 878 -23.95 21.74 17.30
C ASN B 878 -23.15 22.74 18.13
N ASN B 879 -22.91 22.42 19.39
CA ASN B 879 -22.25 23.35 20.27
C ASN B 879 -20.87 23.75 19.79
N CYS B 880 -20.11 22.81 19.22
CA CYS B 880 -18.77 23.18 18.82
C CYS B 880 -18.71 24.08 17.60
N THR B 881 -19.84 24.31 16.91
CA THR B 881 -19.80 25.15 15.72
C THR B 881 -19.50 26.57 16.12
N GLY B 882 -19.70 26.90 17.40
CA GLY B 882 -19.47 28.23 17.90
C GLY B 882 -18.01 28.50 18.27
N GLY B 883 -17.11 27.52 18.07
CA GLY B 883 -15.70 27.73 18.43
C GLY B 883 -15.54 27.66 19.93
N GLN B 884 -16.46 26.97 20.57
CA GLN B 884 -16.51 26.90 22.01
C GLN B 884 -15.50 25.94 22.63
N GLU B 885 -14.25 26.38 22.64
CA GLU B 885 -13.15 25.59 23.19
C GLU B 885 -13.16 24.20 22.59
N VAL B 886 -12.99 24.17 21.28
CA VAL B 886 -13.16 22.92 20.60
C VAL B 886 -11.95 22.01 20.65
N ARG B 887 -11.87 21.30 21.76
CA ARG B 887 -10.84 20.31 22.00
C ARG B 887 -11.47 18.92 22.13
N ASP B 888 -12.77 18.89 22.44
CA ASP B 888 -13.49 17.63 22.63
C ASP B 888 -13.45 16.87 21.32
N LEU B 889 -12.92 15.65 21.36
CA LEU B 889 -12.76 14.87 20.15
C LEU B 889 -14.06 14.62 19.43
N LEU B 890 -15.19 14.66 20.12
CA LEU B 890 -16.45 14.45 19.41
C LEU B 890 -16.65 15.48 18.33
N CYS B 891 -16.02 16.64 18.47
CA CYS B 891 -16.11 17.67 17.47
C CYS B 891 -14.89 17.65 16.57
N VAL B 892 -13.73 17.43 17.16
CA VAL B 892 -12.49 17.45 16.38
C VAL B 892 -12.57 16.45 15.24
N GLN B 893 -13.15 15.29 15.50
CA GLN B 893 -13.27 14.31 14.46
C GLN B 893 -14.01 14.87 13.24
N SER B 894 -14.98 15.76 13.42
CA SER B 894 -15.74 16.25 12.28
C SER B 894 -14.87 17.15 11.39
N PHE B 895 -13.79 17.66 11.93
CA PHE B 895 -12.93 18.55 11.16
C PHE B 895 -12.12 17.75 10.19
N ASN B 896 -12.07 16.45 10.42
CA ASN B 896 -11.32 15.53 9.61
C ASN B 896 -12.23 14.66 8.78
N GLY B 897 -13.49 15.06 8.67
CA GLY B 897 -14.43 14.33 7.83
C GLY B 897 -15.08 13.12 8.50
N ILE B 898 -14.88 12.93 9.79
CA ILE B 898 -15.45 11.77 10.44
C ILE B 898 -16.58 12.14 11.36
N LYS B 899 -17.75 11.59 11.15
CA LYS B 899 -18.84 11.97 12.03
C LYS B 899 -19.93 10.94 12.12
N VAL B 900 -20.76 11.10 13.14
CA VAL B 900 -21.91 10.25 13.33
C VAL B 900 -23.20 10.96 13.00
N LEU B 901 -24.02 10.32 12.18
CA LEU B 901 -25.29 10.86 11.78
C LEU B 901 -26.42 10.23 12.58
N PRO B 902 -27.59 10.85 12.62
CA PRO B 902 -28.80 10.29 13.16
C PRO B 902 -29.26 9.04 12.41
N PRO B 903 -30.02 8.15 13.06
CA PRO B 903 -30.70 6.97 12.55
C PRO B 903 -31.94 7.37 11.79
N VAL B 904 -32.68 6.42 11.24
CA VAL B 904 -33.93 6.79 10.57
C VAL B 904 -35.00 7.26 11.53
N LEU B 905 -35.21 6.53 12.60
CA LEU B 905 -36.22 6.89 13.58
C LEU B 905 -35.55 7.41 14.81
N SER B 906 -36.15 8.42 15.42
CA SER B 906 -35.62 9.05 16.61
C SER B 906 -35.78 8.23 17.86
N GLU B 907 -35.03 8.61 18.88
CA GLU B 907 -35.13 7.95 20.17
C GLU B 907 -36.53 8.11 20.73
N SER B 908 -37.17 9.24 20.46
CA SER B 908 -38.52 9.43 20.96
C SER B 908 -39.48 8.46 20.27
N GLN B 909 -39.34 8.30 18.96
CA GLN B 909 -40.23 7.38 18.24
C GLN B 909 -40.01 5.94 18.67
N ILE B 910 -38.75 5.59 18.86
CA ILE B 910 -38.42 4.23 19.25
C ILE B 910 -38.96 3.97 20.62
N SER B 911 -38.79 4.94 21.53
CA SER B 911 -39.26 4.76 22.88
C SER B 911 -40.75 4.52 22.83
N GLY B 912 -41.45 5.30 21.99
CA GLY B 912 -42.87 5.17 21.81
C GLY B 912 -43.24 3.75 21.50
N TYR B 913 -42.59 3.19 20.49
CA TYR B 913 -42.89 1.83 20.07
C TYR B 913 -42.63 0.82 21.18
N THR B 914 -41.57 1.00 21.96
CA THR B 914 -41.36 0.03 23.02
C THR B 914 -42.42 0.18 24.11
N THR B 915 -42.95 1.40 24.31
CA THR B 915 -43.98 1.52 25.35
C THR B 915 -45.29 1.01 24.80
N GLY B 916 -45.45 1.08 23.49
CA GLY B 916 -46.64 0.58 22.81
C GLY B 916 -46.73 -0.93 23.00
N ALA B 917 -45.67 -1.62 22.59
CA ALA B 917 -45.62 -3.06 22.70
C ALA B 917 -45.74 -3.51 24.13
N THR B 918 -45.08 -2.78 25.03
CA THR B 918 -45.16 -3.12 26.43
C THR B 918 -46.56 -2.94 26.95
N ALA B 919 -47.19 -1.82 26.63
CA ALA B 919 -48.55 -1.59 27.09
C ALA B 919 -49.47 -2.66 26.57
N ALA B 920 -49.28 -3.05 25.32
CA ALA B 920 -50.12 -4.09 24.73
C ALA B 920 -49.93 -5.40 25.44
N ALA B 921 -48.69 -5.73 25.81
CA ALA B 921 -48.44 -6.96 26.53
C ALA B 921 -49.15 -6.94 27.87
N MET B 922 -49.13 -5.78 28.53
CA MET B 922 -49.79 -5.61 29.81
C MET B 922 -51.31 -5.63 29.70
N PHE B 923 -51.84 -5.01 28.65
CA PHE B 923 -53.28 -4.87 28.46
C PHE B 923 -53.73 -5.24 27.04
N PRO B 924 -53.80 -6.52 26.65
CA PRO B 924 -54.15 -6.90 25.29
C PRO B 924 -55.45 -6.17 25.02
N PRO B 925 -55.67 -5.67 23.79
CA PRO B 925 -56.78 -4.80 23.42
C PRO B 925 -58.16 -5.38 23.67
N TRP B 926 -58.26 -6.70 23.64
CA TRP B 926 -59.55 -7.33 23.89
C TRP B 926 -59.94 -7.08 25.33
N SER B 927 -58.99 -7.37 26.21
CA SER B 927 -59.18 -7.26 27.63
C SER B 927 -59.13 -5.81 28.05
N ALA B 928 -58.40 -5.00 27.30
CA ALA B 928 -58.28 -3.58 27.60
C ALA B 928 -59.63 -2.92 27.47
N ALA B 929 -60.39 -3.32 26.43
CA ALA B 929 -61.72 -2.76 26.27
C ALA B 929 -62.59 -3.16 27.46
N ALA B 930 -62.49 -4.44 27.87
CA ALA B 930 -63.27 -4.95 28.99
C ALA B 930 -62.87 -4.21 30.29
N GLY B 931 -61.58 -3.88 30.41
CA GLY B 931 -61.07 -3.18 31.59
C GLY B 931 -60.37 -4.00 32.65
N VAL B 932 -59.80 -5.13 32.22
CA VAL B 932 -59.01 -6.04 33.06
C VAL B 932 -57.82 -5.20 33.53
N PRO B 933 -57.59 -5.13 34.85
CA PRO B 933 -56.51 -4.40 35.48
C PRO B 933 -55.27 -5.23 35.23
N PHE B 934 -54.11 -4.60 35.26
CA PHE B 934 -52.88 -5.33 35.02
C PHE B 934 -52.73 -6.59 35.88
N SER B 935 -52.95 -6.50 37.19
CA SER B 935 -52.77 -7.70 38.01
C SER B 935 -53.72 -8.84 37.58
N LEU B 936 -54.86 -8.50 36.96
CA LEU B 936 -55.79 -9.50 36.51
C LEU B 936 -55.22 -10.14 35.26
N SER B 937 -54.63 -9.32 34.36
CA SER B 937 -54.08 -9.89 33.15
C SER B 937 -52.93 -10.82 33.52
N VAL B 938 -52.25 -10.53 34.63
CA VAL B 938 -51.20 -11.42 35.09
C VAL B 938 -51.86 -12.73 35.48
N GLN B 939 -52.97 -12.67 36.22
CA GLN B 939 -53.65 -13.90 36.57
C GLN B 939 -54.02 -14.68 35.32
N TYR B 940 -54.43 -13.99 34.28
CA TYR B 940 -54.81 -14.72 33.07
C TYR B 940 -53.60 -15.45 32.50
N ARG B 941 -52.43 -14.82 32.52
CA ARG B 941 -51.23 -15.48 32.02
C ARG B 941 -50.88 -16.67 32.91
N ILE B 942 -51.10 -16.51 34.22
CA ILE B 942 -50.84 -17.57 35.20
C ILE B 942 -51.83 -18.73 34.97
N ASN B 943 -53.08 -18.41 34.64
CA ASN B 943 -54.08 -19.45 34.37
C ASN B 943 -53.57 -20.34 33.25
N GLY B 944 -52.80 -19.77 32.31
CA GLY B 944 -52.21 -20.51 31.20
C GLY B 944 -51.23 -21.61 31.66
N LEU B 945 -50.78 -21.55 32.91
CA LEU B 945 -49.88 -22.52 33.51
C LEU B 945 -50.65 -23.67 34.15
N GLY B 946 -51.98 -23.54 34.20
CA GLY B 946 -52.80 -24.50 34.90
C GLY B 946 -52.90 -24.11 36.37
N VAL B 947 -52.57 -22.87 36.69
CA VAL B 947 -52.60 -22.40 38.05
C VAL B 947 -53.62 -21.27 38.22
N THR B 948 -54.59 -21.45 39.11
CA THR B 948 -55.63 -20.43 39.28
C THR B 948 -55.56 -19.85 40.68
N MET B 949 -56.45 -18.92 40.97
CA MET B 949 -56.51 -18.29 42.28
C MET B 949 -56.89 -19.29 43.38
N ASN B 950 -57.32 -20.50 43.01
CA ASN B 950 -57.68 -21.51 43.98
C ASN B 950 -56.51 -22.50 44.17
N VAL B 951 -55.40 -22.19 43.52
CA VAL B 951 -54.16 -22.96 43.55
C VAL B 951 -53.08 -22.07 44.21
N LEU B 952 -53.10 -20.79 43.82
CA LEU B 952 -52.19 -19.74 44.26
C LEU B 952 -52.48 -19.30 45.68
N SER B 953 -51.51 -18.69 46.35
CA SER B 953 -51.88 -18.06 47.63
C SER B 953 -52.76 -16.90 47.19
N GLU B 954 -53.39 -16.15 48.12
CA GLU B 954 -54.25 -15.08 47.63
C GLU B 954 -53.52 -14.37 46.51
N ASN B 955 -54.14 -14.41 45.35
CA ASN B 955 -53.48 -13.93 44.16
C ASN B 955 -53.44 -12.44 44.06
N GLN B 956 -54.36 -11.75 44.69
CA GLN B 956 -54.32 -10.31 44.55
C GLN B 956 -53.09 -9.79 45.29
N LYS B 957 -52.81 -10.36 46.45
CA LYS B 957 -51.67 -9.90 47.21
C LYS B 957 -50.37 -10.45 46.65
N MET B 958 -50.37 -11.71 46.23
CA MET B 958 -49.15 -12.31 45.71
C MET B 958 -48.72 -11.59 44.46
N ILE B 959 -49.65 -11.42 43.51
CA ILE B 959 -49.28 -10.78 42.28
C ILE B 959 -48.93 -9.34 42.51
N ALA B 960 -49.75 -8.61 43.25
CA ALA B 960 -49.44 -7.21 43.41
C ALA B 960 -48.08 -6.99 44.06
N SER B 961 -47.78 -7.73 45.12
CA SER B 961 -46.52 -7.49 45.78
C SER B 961 -45.34 -8.11 45.07
N ALA B 962 -45.52 -9.21 44.36
CA ALA B 962 -44.39 -9.80 43.66
C ALA B 962 -43.90 -8.85 42.60
N PHE B 963 -44.83 -8.26 41.86
CA PHE B 963 -44.46 -7.35 40.82
C PHE B 963 -43.98 -6.04 41.37
N ASN B 964 -44.64 -5.49 42.39
CA ASN B 964 -44.17 -4.22 42.88
C ASN B 964 -42.79 -4.34 43.52
N ASN B 965 -42.50 -5.45 44.18
CA ASN B 965 -41.20 -5.62 44.78
C ASN B 965 -40.14 -5.72 43.69
N ALA B 966 -40.46 -6.44 42.60
CA ALA B 966 -39.52 -6.59 41.51
C ALA B 966 -39.23 -5.25 40.89
N LEU B 967 -40.27 -4.44 40.69
CA LEU B 967 -40.08 -3.15 40.06
C LEU B 967 -39.21 -2.26 40.90
N GLY B 968 -39.40 -2.34 42.22
CA GLY B 968 -38.56 -1.57 43.12
C GLY B 968 -37.11 -1.95 42.89
N ALA B 969 -36.84 -3.26 42.98
CA ALA B 969 -35.49 -3.78 42.82
C ALA B 969 -34.89 -3.42 41.47
N ILE B 970 -35.72 -3.48 40.43
CA ILE B 970 -35.27 -3.15 39.10
C ILE B 970 -34.81 -1.72 39.04
N GLN B 971 -35.58 -0.79 39.58
CA GLN B 971 -35.14 0.59 39.55
C GLN B 971 -33.86 0.80 40.35
N ASP B 972 -33.78 0.17 41.53
CA ASP B 972 -32.60 0.33 42.37
C ASP B 972 -31.36 -0.25 41.72
N GLY B 973 -31.54 -1.31 40.95
CA GLY B 973 -30.47 -1.99 40.26
C GLY B 973 -29.64 -1.06 39.37
N PHE B 974 -30.24 0.03 38.88
CA PHE B 974 -29.53 0.91 37.98
C PHE B 974 -28.42 1.68 38.68
N ASP B 975 -28.48 1.77 40.00
CA ASP B 975 -27.45 2.42 40.79
C ASP B 975 -26.61 1.40 41.56
N ALA B 976 -26.68 0.13 41.14
CA ALA B 976 -25.96 -0.93 41.81
C ALA B 976 -25.24 -1.86 40.82
N THR B 977 -24.33 -1.28 40.05
CA THR B 977 -23.59 -2.01 39.02
C THR B 977 -24.45 -2.92 38.14
N ASN B 978 -25.43 -2.32 37.48
CA ASN B 978 -26.34 -3.02 36.58
C ASN B 978 -25.61 -3.61 35.38
N SER B 979 -25.86 -4.89 35.10
CA SER B 979 -25.19 -5.56 33.98
C SER B 979 -25.53 -4.93 32.64
N ALA B 980 -26.79 -4.56 32.44
CA ALA B 980 -27.14 -3.96 31.17
C ALA B 980 -26.40 -2.65 31.02
N LEU B 981 -26.31 -1.86 32.10
CA LEU B 981 -25.61 -0.58 31.96
C LEU B 981 -24.16 -0.81 31.61
N GLY B 982 -23.58 -1.86 32.19
CA GLY B 982 -22.21 -2.22 31.89
C GLY B 982 -22.06 -2.43 30.39
N LYS B 983 -22.92 -3.27 29.82
CA LYS B 983 -22.85 -3.55 28.40
C LYS B 983 -23.11 -2.31 27.57
N ILE B 984 -24.05 -1.48 27.99
CA ILE B 984 -24.36 -0.28 27.22
C ILE B 984 -23.18 0.65 27.16
N GLN B 985 -22.55 0.90 28.31
CA GLN B 985 -21.41 1.78 28.29
C GLN B 985 -20.27 1.15 27.50
N SER B 986 -20.13 -0.17 27.59
CA SER B 986 -19.06 -0.84 26.87
C SER B 986 -19.23 -0.65 25.37
N VAL B 987 -20.48 -0.74 24.88
CA VAL B 987 -20.76 -0.53 23.47
C VAL B 987 -20.41 0.88 23.05
N VAL B 988 -20.82 1.85 23.86
CA VAL B 988 -20.53 3.22 23.52
C VAL B 988 -19.04 3.44 23.45
N ASN B 989 -18.32 2.94 24.45
CA ASN B 989 -16.90 3.12 24.49
C ASN B 989 -16.22 2.45 23.31
N ALA B 990 -16.67 1.26 22.95
CA ALA B 990 -16.05 0.55 21.85
C ALA B 990 -16.15 1.33 20.56
N ASN B 991 -17.30 1.95 20.33
CA ASN B 991 -17.46 2.69 19.11
C ASN B 991 -16.61 3.94 19.12
N ALA B 992 -16.49 4.56 20.29
CA ALA B 992 -15.65 5.75 20.38
C ALA B 992 -14.22 5.37 20.06
N GLU B 993 -13.76 4.23 20.57
CA GLU B 993 -12.40 3.81 20.33
C GLU B 993 -12.16 3.59 18.86
N ALA B 994 -13.12 3.00 18.16
CA ALA B 994 -12.93 2.76 16.75
C ALA B 994 -12.70 4.06 16.00
N LEU B 995 -13.48 5.08 16.36
CA LEU B 995 -13.32 6.31 15.64
C LEU B 995 -12.05 7.02 16.04
N ASN B 996 -11.66 6.91 17.29
CA ASN B 996 -10.43 7.56 17.69
C ASN B 996 -9.25 6.90 17.05
N ASN B 997 -9.31 5.60 16.81
CA ASN B 997 -8.21 4.96 16.15
C ASN B 997 -8.08 5.51 14.75
N LEU B 998 -9.21 5.70 14.09
CA LEU B 998 -9.15 6.22 12.74
C LEU B 998 -8.60 7.62 12.76
N LEU B 999 -9.03 8.43 13.70
CA LEU B 999 -8.53 9.79 13.75
C LEU B 999 -7.02 9.80 14.00
N ASN B 1000 -6.57 8.97 14.94
CA ASN B 1000 -5.15 8.90 15.31
C ASN B 1000 -4.32 8.48 14.13
N GLN B 1001 -4.92 7.76 13.21
CA GLN B 1001 -4.26 7.30 12.01
C GLN B 1001 -3.63 8.44 11.24
N LEU B 1002 -4.24 9.60 11.28
CA LEU B 1002 -3.75 10.72 10.51
C LEU B 1002 -2.35 11.12 10.93
N SER B 1003 -1.98 10.85 12.17
CA SER B 1003 -0.67 11.23 12.69
C SER B 1003 0.41 10.23 12.31
N ASN B 1004 0.04 9.14 11.63
CA ASN B 1004 1.00 8.11 11.29
C ASN B 1004 2.24 8.57 10.58
N ARG B 1005 2.15 9.61 9.75
CA ARG B 1005 3.34 10.05 9.06
C ARG B 1005 3.96 8.96 8.21
N PHE B 1006 3.22 8.48 7.22
CA PHE B 1006 3.71 7.39 6.38
C PHE B 1006 4.87 7.87 5.52
N GLY B 1007 4.93 9.20 5.34
CA GLY B 1007 5.92 9.87 4.50
C GLY B 1007 7.22 10.06 5.25
N ALA B 1008 8.18 10.71 4.60
CA ALA B 1008 9.49 10.93 5.19
C ALA B 1008 9.61 12.25 5.93
N ILE B 1009 8.64 13.14 5.76
CA ILE B 1009 8.76 14.43 6.38
C ILE B 1009 7.82 14.64 7.54
N SER B 1010 6.53 14.64 7.27
CA SER B 1010 5.55 14.95 8.29
C SER B 1010 4.18 14.47 7.95
N ALA B 1011 3.39 14.20 8.97
CA ALA B 1011 1.99 13.85 8.78
C ALA B 1011 1.18 15.07 8.32
N SER B 1012 1.74 16.26 8.52
CA SER B 1012 1.08 17.48 8.13
C SER B 1012 1.38 17.85 6.70
N LEU B 1013 0.35 17.88 5.88
CA LEU B 1013 0.53 18.18 4.48
C LEU B 1013 1.16 19.55 4.30
N GLN B 1014 0.81 20.46 5.19
CA GLN B 1014 1.32 21.81 5.11
C GLN B 1014 2.82 21.85 5.37
N GLU B 1015 3.32 20.97 6.23
CA GLU B 1015 4.75 21.01 6.49
C GLU B 1015 5.48 20.46 5.30
N ILE B 1016 4.90 19.48 4.65
CA ILE B 1016 5.57 18.95 3.50
C ILE B 1016 5.61 20.01 2.41
N LEU B 1017 4.45 20.55 2.12
CA LEU B 1017 4.24 21.51 1.07
C LEU B 1017 5.09 22.77 1.20
N THR B 1018 5.31 23.24 2.43
CA THR B 1018 6.06 24.46 2.63
C THR B 1018 7.54 24.24 2.94
N ARG B 1019 8.01 22.99 2.87
CA ARG B 1019 9.41 22.71 3.10
C ARG B 1019 10.08 22.17 1.87
N LEU B 1020 9.41 21.27 1.18
CA LEU B 1020 9.97 20.62 0.01
C LEU B 1020 9.76 21.36 -1.30
N GLU B 1021 10.59 21.02 -2.28
CA GLU B 1021 10.46 21.55 -3.64
C GLU B 1021 9.13 21.03 -4.13
N ALA B 1022 8.48 21.70 -5.07
CA ALA B 1022 7.19 21.21 -5.54
C ALA B 1022 7.19 19.75 -5.99
N VAL B 1023 8.24 19.29 -6.66
CA VAL B 1023 8.26 17.89 -7.10
C VAL B 1023 8.41 16.94 -5.94
N GLU B 1024 9.32 17.28 -5.05
CA GLU B 1024 9.59 16.46 -3.89
C GLU B 1024 8.33 16.37 -3.05
N ALA B 1025 7.65 17.51 -2.91
CA ALA B 1025 6.44 17.57 -2.13
C ALA B 1025 5.41 16.69 -2.74
N LYS B 1026 5.30 16.71 -4.07
CA LYS B 1026 4.33 15.88 -4.72
C LYS B 1026 4.56 14.43 -4.35
N ALA B 1027 5.81 13.99 -4.41
CA ALA B 1027 6.08 12.60 -4.06
C ALA B 1027 5.70 12.28 -2.63
N GLN B 1028 5.98 13.19 -1.70
CA GLN B 1028 5.64 12.91 -0.32
C GLN B 1028 4.14 12.90 -0.11
N ILE B 1029 3.43 13.75 -0.83
CA ILE B 1029 2.00 13.79 -0.71
C ILE B 1029 1.44 12.48 -1.22
N ASP B 1030 1.95 11.98 -2.34
CA ASP B 1030 1.45 10.71 -2.83
C ASP B 1030 1.63 9.62 -1.80
N ARG B 1031 2.75 9.64 -1.06
CA ARG B 1031 2.91 8.63 -0.03
C ARG B 1031 1.85 8.75 1.06
N LEU B 1032 1.54 9.98 1.48
CA LEU B 1032 0.50 10.10 2.50
C LEU B 1032 -0.85 9.72 1.97
N ILE B 1033 -1.15 10.04 0.73
CA ILE B 1033 -2.44 9.69 0.20
C ILE B 1033 -2.63 8.19 0.17
N ASN B 1034 -1.64 7.46 -0.30
CA ASN B 1034 -1.83 6.01 -0.34
C ASN B 1034 -1.89 5.46 1.06
N GLY B 1035 -1.17 6.06 1.98
CA GLY B 1035 -1.22 5.64 3.36
C GLY B 1035 -2.63 5.78 3.92
N ARG B 1036 -3.20 6.97 3.78
CA ARG B 1036 -4.51 7.23 4.31
C ARG B 1036 -5.60 6.44 3.61
N LEU B 1037 -5.49 6.23 2.31
CA LEU B 1037 -6.50 5.44 1.62
C LEU B 1037 -6.44 4.01 2.12
N THR B 1038 -5.23 3.52 2.37
CA THR B 1038 -5.09 2.17 2.89
C THR B 1038 -5.77 2.09 4.24
N ALA B 1039 -5.53 3.08 5.07
CA ALA B 1039 -6.15 3.05 6.37
C ALA B 1039 -7.66 3.06 6.27
N LEU B 1040 -8.23 3.81 5.32
CA LEU B 1040 -9.67 3.79 5.21
C LEU B 1040 -10.16 2.41 4.84
N ASN B 1041 -9.42 1.72 3.98
CA ASN B 1041 -9.86 0.39 3.63
C ASN B 1041 -9.83 -0.51 4.85
N ALA B 1042 -8.82 -0.33 5.70
CA ALA B 1042 -8.77 -1.12 6.91
C ALA B 1042 -9.98 -0.79 7.78
N TYR B 1043 -10.33 0.49 7.84
CA TYR B 1043 -11.48 0.92 8.60
C TYR B 1043 -12.72 0.23 8.10
N ILE B 1044 -12.89 0.20 6.80
CA ILE B 1044 -14.06 -0.45 6.25
C ILE B 1044 -14.13 -1.89 6.67
N SER B 1045 -13.01 -2.59 6.67
CA SER B 1045 -13.09 -3.98 7.10
C SER B 1045 -13.68 -4.05 8.50
N LYS B 1046 -13.30 -3.10 9.37
CA LYS B 1046 -13.88 -3.10 10.71
C LYS B 1046 -15.37 -2.93 10.62
N GLN B 1047 -15.83 -2.01 9.79
CA GLN B 1047 -17.26 -1.78 9.70
C GLN B 1047 -18.00 -2.99 9.17
N LEU B 1048 -17.41 -3.72 8.26
CA LEU B 1048 -18.10 -4.88 7.74
C LEU B 1048 -18.25 -5.89 8.86
N SER B 1049 -17.21 -6.05 9.68
CA SER B 1049 -17.28 -6.99 10.77
C SER B 1049 -18.36 -6.56 11.75
N ASP B 1050 -18.39 -5.26 12.09
CA ASP B 1050 -19.43 -4.77 12.97
C ASP B 1050 -20.82 -4.99 12.42
N SER B 1051 -21.01 -4.78 11.12
CA SER B 1051 -22.37 -4.95 10.62
C SER B 1051 -22.82 -6.37 10.79
N THR B 1052 -21.88 -7.32 10.76
CA THR B 1052 -22.30 -8.68 10.96
C THR B 1052 -22.75 -8.91 12.38
N LEU B 1053 -21.98 -8.44 13.34
CA LEU B 1053 -22.38 -8.70 14.73
C LEU B 1053 -23.67 -8.00 15.09
N ILE B 1054 -23.86 -6.81 14.57
CA ILE B 1054 -25.05 -6.05 14.85
C ILE B 1054 -26.23 -6.75 14.28
N LYS B 1055 -26.11 -7.19 13.04
CA LYS B 1055 -27.18 -7.89 12.37
C LYS B 1055 -27.61 -9.10 13.18
N VAL B 1056 -26.64 -9.85 13.70
CA VAL B 1056 -26.98 -11.01 14.50
C VAL B 1056 -27.73 -10.62 15.75
N SER B 1057 -27.24 -9.61 16.45
CA SER B 1057 -27.90 -9.20 17.66
C SER B 1057 -29.30 -8.70 17.37
N ALA B 1058 -29.46 -7.95 16.29
CA ALA B 1058 -30.76 -7.43 15.92
C ALA B 1058 -31.69 -8.58 15.63
N ALA B 1059 -31.19 -9.63 14.99
CA ALA B 1059 -32.04 -10.76 14.72
C ALA B 1059 -32.55 -11.34 16.02
N GLN B 1060 -31.70 -11.40 17.04
CA GLN B 1060 -32.17 -11.94 18.31
C GLN B 1060 -33.21 -11.05 18.92
N ALA B 1061 -33.07 -9.75 18.77
CA ALA B 1061 -34.09 -8.87 19.34
C ALA B 1061 -35.40 -9.13 18.65
N ILE B 1062 -35.36 -9.34 17.35
CA ILE B 1062 -36.60 -9.57 16.64
C ILE B 1062 -37.24 -10.86 17.11
N GLU B 1063 -36.45 -11.92 17.24
CA GLU B 1063 -37.02 -13.16 17.73
C GLU B 1063 -37.50 -13.05 19.17
N LYS B 1064 -36.80 -12.25 19.97
CA LYS B 1064 -37.14 -12.15 21.38
C LYS B 1064 -38.46 -11.43 21.51
N VAL B 1065 -38.65 -10.40 20.70
CA VAL B 1065 -39.90 -9.70 20.73
C VAL B 1065 -41.01 -10.61 20.28
N ASN B 1066 -40.84 -11.25 19.14
CA ASN B 1066 -41.89 -12.10 18.64
C ASN B 1066 -42.22 -13.29 19.54
N GLU B 1067 -41.21 -13.89 20.17
CA GLU B 1067 -41.42 -15.05 21.01
C GLU B 1067 -41.90 -14.73 22.44
N CYS B 1068 -41.38 -13.67 23.05
CA CYS B 1068 -41.73 -13.36 24.43
C CYS B 1068 -42.50 -12.06 24.65
N VAL B 1069 -42.25 -11.02 23.87
CA VAL B 1069 -42.99 -9.79 24.17
C VAL B 1069 -44.41 -9.94 23.71
N LYS B 1070 -44.56 -10.52 22.54
CA LYS B 1070 -45.87 -10.67 21.93
C LYS B 1070 -46.55 -11.97 22.29
N SER B 1071 -45.78 -12.93 22.76
CA SER B 1071 -46.27 -14.26 23.09
C SER B 1071 -45.52 -14.82 24.28
N GLN B 1072 -45.69 -16.10 24.53
CA GLN B 1072 -45.05 -16.75 25.65
C GLN B 1072 -44.40 -18.02 25.15
N THR B 1073 -43.36 -18.50 25.82
CA THR B 1073 -42.70 -19.70 25.34
C THR B 1073 -42.51 -20.81 26.35
N THR B 1074 -41.90 -21.87 25.85
CA THR B 1074 -41.61 -23.08 26.58
C THR B 1074 -40.09 -23.29 26.66
N ARG B 1075 -39.35 -22.42 26.00
CA ARG B 1075 -37.90 -22.50 26.05
C ARG B 1075 -37.45 -22.12 27.44
N ILE B 1076 -36.35 -22.71 27.91
CA ILE B 1076 -35.81 -22.33 29.21
C ILE B 1076 -34.39 -21.83 29.05
N ASN B 1077 -33.85 -21.22 30.11
CA ASN B 1077 -32.51 -20.63 30.10
C ASN B 1077 -32.46 -19.61 28.95
N PHE B 1078 -33.59 -18.92 28.84
CA PHE B 1078 -33.90 -17.92 27.84
C PHE B 1078 -35.22 -17.25 28.16
N CYS B 1079 -35.26 -15.94 28.44
CA CYS B 1079 -36.58 -15.36 28.70
C CYS B 1079 -37.38 -16.04 29.83
N GLY B 1080 -38.26 -16.98 29.45
CA GLY B 1080 -39.20 -17.66 30.35
C GLY B 1080 -38.58 -18.78 31.19
N ASN B 1081 -37.60 -18.41 31.99
CA ASN B 1081 -36.85 -19.38 32.78
C ASN B 1081 -37.71 -20.11 33.82
N GLY B 1082 -38.81 -19.46 34.18
CA GLY B 1082 -39.80 -19.98 35.12
C GLY B 1082 -41.17 -19.90 34.46
N ASN B 1083 -41.19 -20.18 33.17
CA ASN B 1083 -42.37 -20.26 32.31
C ASN B 1083 -43.17 -18.95 32.04
N HIS B 1084 -44.47 -19.13 31.81
CA HIS B 1084 -45.35 -18.14 31.20
C HIS B 1084 -45.86 -16.98 32.05
N ILE B 1085 -44.98 -16.12 32.53
CA ILE B 1085 -45.51 -15.01 33.32
C ILE B 1085 -45.52 -13.68 32.57
N LEU B 1086 -44.39 -13.03 32.34
CA LEU B 1086 -44.49 -11.74 31.63
C LEU B 1086 -43.17 -11.22 31.06
N SER B 1087 -43.19 -10.69 29.84
CA SER B 1087 -41.97 -10.07 29.29
C SER B 1087 -42.24 -8.66 28.73
N LEU B 1088 -41.52 -7.68 29.27
CA LEU B 1088 -41.71 -6.27 28.89
C LEU B 1088 -40.46 -5.70 28.20
N VAL B 1089 -40.60 -4.63 27.41
CA VAL B 1089 -39.44 -4.09 26.70
C VAL B 1089 -39.32 -2.58 26.76
N GLN B 1090 -38.08 -2.09 26.87
CA GLN B 1090 -37.81 -0.65 26.85
C GLN B 1090 -36.63 -0.23 26.01
N ASN B 1091 -36.81 0.87 25.28
CA ASN B 1091 -35.72 1.50 24.54
C ASN B 1091 -34.57 1.88 25.44
N ALA B 1092 -33.35 1.58 25.00
CA ALA B 1092 -32.12 1.86 25.71
C ALA B 1092 -31.11 2.46 24.73
N PRO B 1093 -30.11 3.22 25.18
CA PRO B 1093 -29.06 3.69 24.33
C PRO B 1093 -28.54 2.54 23.52
N TYR B 1094 -28.50 2.69 22.23
CA TYR B 1094 -28.04 1.64 21.34
C TYR B 1094 -28.64 0.27 21.56
N GLY B 1095 -29.93 0.16 21.87
CA GLY B 1095 -30.51 -1.17 21.98
C GLY B 1095 -31.76 -1.30 22.82
N LEU B 1096 -32.13 -2.54 23.11
CA LEU B 1096 -33.33 -2.79 23.90
C LEU B 1096 -33.03 -3.45 25.23
N TYR B 1097 -33.79 -3.03 26.24
CA TYR B 1097 -33.72 -3.60 27.56
C TYR B 1097 -34.97 -4.40 27.84
N PHE B 1098 -34.81 -5.60 28.31
CA PHE B 1098 -35.95 -6.44 28.57
C PHE B 1098 -36.07 -6.81 30.03
N ILE B 1099 -37.31 -6.91 30.46
CA ILE B 1099 -37.65 -7.31 31.81
C ILE B 1099 -38.44 -8.59 31.77
N HIS B 1100 -37.98 -9.61 32.46
CA HIS B 1100 -38.69 -10.86 32.40
C HIS B 1100 -39.11 -11.33 33.76
N PHE B 1101 -40.39 -11.68 33.87
CA PHE B 1101 -40.96 -12.19 35.09
C PHE B 1101 -41.19 -13.67 34.94
N SER B 1102 -41.00 -14.39 36.03
CA SER B 1102 -41.20 -15.83 36.02
C SER B 1102 -41.55 -16.32 37.42
N TYR B 1103 -41.98 -17.57 37.58
CA TYR B 1103 -42.31 -17.98 38.95
C TYR B 1103 -41.49 -19.15 39.41
N VAL B 1104 -41.41 -19.30 40.72
CA VAL B 1104 -40.67 -20.38 41.32
C VAL B 1104 -41.55 -21.16 42.29
N TYR C 1 -0.53 49.85 -24.69
CA TYR C 1 -0.19 49.58 -26.08
C TYR C 1 0.21 48.14 -26.32
N ILE C 2 -0.12 47.64 -27.50
CA ILE C 2 0.12 46.22 -27.78
C ILE C 2 1.47 46.01 -28.41
N GLY C 3 2.50 46.13 -27.61
CA GLY C 3 3.86 46.03 -28.14
C GLY C 3 4.30 47.44 -28.50
N ASP C 4 5.58 47.63 -28.83
CA ASP C 4 6.11 48.97 -29.11
C ASP C 4 6.46 49.34 -30.56
N PHE C 5 5.96 48.66 -31.57
CA PHE C 5 6.34 49.07 -32.91
C PHE C 5 5.44 50.20 -33.46
N ARG C 6 5.99 51.01 -34.36
CA ARG C 6 5.25 52.13 -34.95
C ARG C 6 4.87 51.92 -36.42
N CYS C 7 3.69 51.34 -36.63
CA CYS C 7 3.14 51.02 -37.93
C CYS C 7 2.82 52.21 -38.82
N ILE C 8 3.15 52.10 -40.10
CA ILE C 8 2.75 53.16 -41.02
C ILE C 8 1.33 52.88 -41.45
N GLN C 9 0.39 53.24 -40.61
CA GLN C 9 -0.98 52.88 -40.87
C GLN C 9 -1.71 53.90 -41.70
N LEU C 10 -2.51 53.45 -42.64
CA LEU C 10 -3.30 54.38 -43.43
C LEU C 10 -4.67 54.62 -42.79
N VAL C 11 -4.65 55.19 -41.58
CA VAL C 11 -5.88 55.41 -40.79
C VAL C 11 -5.66 56.61 -39.87
N ASN C 12 -6.73 57.31 -39.49
CA ASN C 12 -6.60 58.43 -38.57
C ASN C 12 -6.70 57.89 -37.14
N SER C 13 -6.49 58.75 -36.16
CA SER C 13 -6.57 58.32 -34.78
C SER C 13 -7.05 59.43 -33.85
N ASN C 14 -7.49 59.05 -32.64
CA ASN C 14 -7.96 60.07 -31.71
C ASN C 14 -7.85 59.75 -30.22
N GLY C 15 -8.19 60.73 -29.41
CA GLY C 15 -8.18 60.68 -27.95
C GLY C 15 -9.55 60.40 -27.33
N ALA C 16 -10.46 59.75 -28.07
CA ALA C 16 -11.81 59.52 -27.56
C ALA C 16 -11.78 58.70 -26.28
N ASN C 17 -12.75 58.94 -25.41
CA ASN C 17 -12.82 58.14 -24.20
C ASN C 17 -13.27 56.73 -24.53
N VAL C 18 -12.65 55.76 -23.87
CA VAL C 18 -12.99 54.35 -24.05
C VAL C 18 -13.42 53.68 -22.76
N SER C 19 -14.60 53.08 -22.80
CA SER C 19 -15.19 52.36 -21.68
C SER C 19 -14.76 50.91 -21.65
N ALA C 20 -15.14 50.23 -20.59
CA ALA C 20 -14.96 48.80 -20.50
C ALA C 20 -15.84 48.19 -21.61
N PRO C 21 -15.56 46.96 -22.07
CA PRO C 21 -16.36 46.26 -23.07
C PRO C 21 -17.72 45.90 -22.52
N SER C 22 -18.70 45.81 -23.40
CA SER C 22 -20.06 45.45 -23.00
C SER C 22 -20.12 44.05 -22.44
N ILE C 23 -21.02 43.84 -21.49
CA ILE C 23 -21.20 42.51 -20.91
C ILE C 23 -22.49 41.89 -21.42
N SER C 24 -22.41 40.65 -21.85
CA SER C 24 -23.55 39.94 -22.40
C SER C 24 -24.62 39.66 -21.36
N THR C 25 -25.82 39.41 -21.83
CA THR C 25 -26.90 38.95 -20.97
C THR C 25 -26.96 37.44 -21.13
N GLU C 26 -26.30 36.99 -22.20
CA GLU C 26 -26.15 35.60 -22.56
C GLU C 26 -25.14 34.98 -21.63
N THR C 27 -25.41 33.79 -21.17
CA THR C 27 -24.45 33.13 -20.31
C THR C 27 -23.98 31.84 -20.91
N VAL C 28 -22.92 31.32 -20.36
CA VAL C 28 -22.41 30.03 -20.81
C VAL C 28 -23.35 28.92 -20.38
N GLU C 29 -23.78 28.09 -21.34
CA GLU C 29 -24.68 26.96 -21.05
C GLU C 29 -24.13 25.66 -21.63
N VAL C 30 -23.29 24.98 -20.85
CA VAL C 30 -22.56 23.82 -21.36
C VAL C 30 -23.44 22.60 -21.56
N SER C 31 -24.69 22.69 -21.10
CA SER C 31 -25.63 21.60 -21.26
C SER C 31 -25.86 21.22 -22.71
N GLN C 32 -25.53 22.14 -23.64
CA GLN C 32 -25.72 21.87 -25.05
C GLN C 32 -24.45 21.33 -25.71
N GLY C 33 -23.38 21.23 -24.93
CA GLY C 33 -22.05 20.81 -25.37
C GLY C 33 -21.17 22.01 -25.74
N LEU C 34 -21.81 23.12 -26.04
CA LEU C 34 -21.08 24.30 -26.44
C LEU C 34 -20.33 24.87 -25.26
N GLY C 35 -19.06 25.11 -25.47
CA GLY C 35 -18.16 25.58 -24.44
C GLY C 35 -17.18 24.46 -24.13
N THR C 36 -17.47 23.27 -24.63
CA THR C 36 -16.56 22.17 -24.41
C THR C 36 -15.93 21.77 -25.73
N TYR C 37 -15.07 20.77 -25.69
CA TYR C 37 -14.32 20.34 -26.86
C TYR C 37 -13.96 18.88 -26.88
N TYR C 38 -13.55 18.40 -28.04
CA TYR C 38 -13.16 17.01 -28.22
C TYR C 38 -11.75 16.70 -27.76
N VAL C 39 -11.60 15.50 -27.20
CA VAL C 39 -10.34 14.99 -26.69
C VAL C 39 -9.43 14.49 -27.79
N LEU C 40 -8.19 14.95 -27.77
CA LEU C 40 -7.29 14.49 -28.82
C LEU C 40 -6.98 13.04 -28.62
N ASP C 41 -6.92 12.35 -29.73
CA ASP C 41 -6.56 10.94 -29.81
C ASP C 41 -7.56 10.00 -29.14
N ARG C 42 -8.76 10.48 -28.77
CA ARG C 42 -9.70 9.55 -28.18
C ARG C 42 -11.12 9.70 -28.69
N VAL C 43 -11.77 8.57 -28.86
CA VAL C 43 -13.17 8.52 -29.28
C VAL C 43 -13.94 7.73 -28.25
N TYR C 44 -15.03 8.28 -27.76
CA TYR C 44 -15.80 7.60 -26.75
C TYR C 44 -17.22 7.36 -27.23
N LEU C 45 -17.64 6.12 -27.31
CA LEU C 45 -18.99 5.87 -27.79
C LEU C 45 -19.89 5.46 -26.65
N ASN C 46 -21.13 5.95 -26.65
CA ASN C 46 -22.12 5.55 -25.65
C ASN C 46 -21.62 5.70 -24.20
N ALA C 47 -21.35 6.92 -23.74
CA ALA C 47 -20.75 7.04 -22.41
C ALA C 47 -21.04 8.34 -21.67
N THR C 48 -20.95 8.28 -20.34
CA THR C 48 -21.07 9.43 -19.43
C THR C 48 -19.81 9.54 -18.60
N LEU C 49 -18.84 10.29 -19.09
CA LEU C 49 -17.50 10.30 -18.49
C LEU C 49 -17.11 11.58 -17.79
N LEU C 50 -16.35 11.48 -16.71
CA LEU C 50 -15.81 12.68 -16.10
C LEU C 50 -14.43 12.96 -16.63
N LEU C 51 -14.33 14.03 -17.39
CA LEU C 51 -13.09 14.37 -18.06
C LEU C 51 -12.65 15.72 -17.52
N THR C 52 -11.36 16.02 -17.59
CA THR C 52 -10.92 17.33 -17.13
C THR C 52 -10.19 18.07 -18.23
N GLY C 53 -10.17 19.38 -18.11
CA GLY C 53 -9.49 20.23 -19.09
C GLY C 53 -9.74 21.69 -18.79
N TYR C 54 -9.74 22.51 -19.84
CA TYR C 54 -9.91 23.95 -19.67
C TYR C 54 -11.19 24.43 -20.32
N TYR C 55 -12.14 24.82 -19.50
CA TYR C 55 -13.47 25.11 -19.99
C TYR C 55 -13.99 26.44 -19.43
N PRO C 56 -14.94 27.12 -20.06
CA PRO C 56 -15.56 28.30 -19.54
C PRO C 56 -16.44 27.89 -18.39
N VAL C 57 -16.64 28.76 -17.43
CA VAL C 57 -17.50 28.42 -16.31
C VAL C 57 -18.97 28.57 -16.65
N ASP C 58 -19.74 27.51 -16.44
CA ASP C 58 -21.16 27.54 -16.74
C ASP C 58 -21.85 28.64 -15.93
N GLY C 59 -22.68 29.43 -16.60
CA GLY C 59 -23.40 30.52 -15.96
C GLY C 59 -22.68 31.87 -16.05
N SER C 60 -21.41 31.87 -16.47
CA SER C 60 -20.68 33.11 -16.58
C SER C 60 -21.12 33.93 -17.79
N LYS C 61 -20.74 35.21 -17.82
CA LYS C 61 -21.06 36.15 -18.90
C LYS C 61 -19.85 36.45 -19.76
N PHE C 62 -20.08 36.99 -20.95
CA PHE C 62 -19.01 37.30 -21.88
C PHE C 62 -18.78 38.80 -22.04
N ARG C 63 -17.55 39.18 -22.38
CA ARG C 63 -17.23 40.56 -22.73
C ARG C 63 -17.28 40.74 -24.24
N ASN C 64 -17.80 41.87 -24.72
CA ASN C 64 -17.79 42.12 -26.16
C ASN C 64 -16.52 42.81 -26.53
N LEU C 65 -15.60 42.08 -27.12
CA LEU C 65 -14.32 42.66 -27.41
C LEU C 65 -14.25 43.16 -28.85
N ALA C 66 -15.40 43.15 -29.53
CA ALA C 66 -15.45 43.58 -30.92
C ALA C 66 -15.41 45.09 -31.09
N LEU C 67 -14.23 45.66 -30.88
CA LEU C 67 -14.01 47.09 -31.07
C LEU C 67 -14.14 47.34 -32.57
N ARG C 68 -14.65 48.49 -32.99
CA ARG C 68 -14.73 48.73 -34.43
C ARG C 68 -14.73 50.20 -34.78
N GLY C 69 -14.66 50.49 -36.07
CA GLY C 69 -14.67 51.87 -36.54
C GLY C 69 -14.66 51.97 -38.06
N THR C 70 -14.44 53.19 -38.55
CA THR C 70 -14.46 53.48 -39.99
C THR C 70 -13.14 54.11 -40.47
N ASN C 71 -12.99 55.41 -40.27
CA ASN C 71 -11.78 56.10 -40.71
C ASN C 71 -10.73 56.36 -39.61
N SER C 72 -10.97 55.85 -38.40
CA SER C 72 -10.03 56.13 -37.32
C SER C 72 -9.92 55.04 -36.25
N VAL C 73 -8.80 55.09 -35.53
CA VAL C 73 -8.47 54.24 -34.39
C VAL C 73 -8.29 55.04 -33.08
N SER C 74 -9.01 54.67 -32.04
CA SER C 74 -8.86 55.40 -30.79
C SER C 74 -7.62 54.94 -30.04
N LEU C 75 -6.81 55.88 -29.60
CA LEU C 75 -5.54 55.58 -28.94
C LEU C 75 -5.81 54.85 -27.63
N SER C 76 -6.90 55.24 -26.99
CA SER C 76 -7.33 54.74 -25.69
C SER C 76 -7.93 53.33 -25.76
N TRP C 77 -8.04 52.76 -26.95
CA TRP C 77 -8.52 51.38 -27.04
C TRP C 77 -7.48 50.40 -26.52
N PHE C 78 -6.20 50.75 -26.66
CA PHE C 78 -5.13 49.80 -26.41
C PHE C 78 -4.64 49.79 -24.97
N GLN C 79 -5.56 49.50 -24.06
CA GLN C 79 -5.27 49.50 -22.63
C GLN C 79 -6.38 48.84 -21.79
N PRO C 80 -6.12 48.51 -20.52
CA PRO C 80 -7.14 48.13 -19.57
C PRO C 80 -8.10 49.32 -19.48
N PRO C 81 -9.39 49.12 -19.24
CA PRO C 81 -10.16 47.91 -18.96
C PRO C 81 -10.35 46.97 -20.15
N TYR C 82 -10.02 47.41 -21.36
CA TYR C 82 -10.21 46.55 -22.52
C TYR C 82 -9.23 45.38 -22.54
N LEU C 83 -7.95 45.66 -22.33
CA LEU C 83 -6.92 44.62 -22.43
C LEU C 83 -7.25 43.50 -21.47
N ASN C 84 -7.28 42.27 -22.00
CA ASN C 84 -7.71 41.11 -21.23
C ASN C 84 -6.54 40.24 -20.78
N GLN C 85 -6.70 39.51 -19.68
CA GLN C 85 -5.67 38.54 -19.27
C GLN C 85 -6.07 37.17 -19.77
N PHE C 86 -5.08 36.34 -20.11
CA PHE C 86 -5.28 35.00 -20.64
C PHE C 86 -5.29 33.95 -19.55
N ASN C 87 -4.22 33.91 -18.77
CA ASN C 87 -4.12 32.89 -17.72
C ASN C 87 -4.40 31.48 -18.27
N ASP C 88 -5.47 30.84 -17.78
CA ASP C 88 -5.84 29.49 -18.20
C ASP C 88 -6.40 29.40 -19.63
N GLY C 89 -6.85 30.52 -20.22
CA GLY C 89 -7.38 30.44 -21.57
C GLY C 89 -8.61 31.28 -21.91
N ILE C 90 -9.02 31.18 -23.17
CA ILE C 90 -10.13 31.92 -23.81
C ILE C 90 -11.22 31.06 -24.46
N PHE C 91 -12.48 31.39 -24.20
CA PHE C 91 -13.60 30.80 -24.94
C PHE C 91 -14.29 31.94 -25.67
N ALA C 92 -14.50 31.79 -26.98
CA ALA C 92 -15.09 32.89 -27.71
C ALA C 92 -16.17 32.51 -28.72
N LYS C 93 -17.13 33.43 -28.89
CA LYS C 93 -18.18 33.33 -29.92
C LYS C 93 -18.05 34.53 -30.85
N VAL C 94 -17.81 34.23 -32.11
CA VAL C 94 -17.49 35.25 -33.08
C VAL C 94 -18.51 35.44 -34.18
N GLN C 95 -19.08 36.63 -34.28
CA GLN C 95 -20.14 36.87 -35.26
C GLN C 95 -19.63 36.83 -36.70
N ASN C 96 -20.37 36.16 -37.58
CA ASN C 96 -19.92 36.15 -38.96
C ASN C 96 -20.37 37.41 -39.67
N LEU C 97 -19.45 38.36 -39.76
CA LEU C 97 -19.79 39.67 -40.30
C LEU C 97 -19.84 39.67 -41.81
N LYS C 98 -19.61 38.53 -42.45
CA LYS C 98 -19.68 38.44 -43.91
C LYS C 98 -21.05 38.91 -44.36
N THR C 99 -22.05 38.71 -43.49
CA THR C 99 -23.42 39.04 -43.76
C THR C 99 -23.71 40.56 -43.66
N SER C 100 -22.73 41.36 -43.21
CA SER C 100 -22.87 42.80 -43.03
C SER C 100 -21.83 43.67 -43.79
N THR C 101 -20.65 43.08 -44.04
CA THR C 101 -19.51 43.75 -44.69
C THR C 101 -19.83 43.94 -46.19
N PRO C 102 -19.08 44.77 -46.94
CA PRO C 102 -19.23 44.97 -48.36
C PRO C 102 -18.82 43.75 -49.14
N SER C 103 -19.26 43.65 -50.39
CA SER C 103 -18.87 42.54 -51.26
C SER C 103 -17.38 42.50 -51.57
N GLY C 104 -16.69 43.62 -51.31
CA GLY C 104 -15.25 43.71 -51.51
C GLY C 104 -14.49 43.28 -50.25
N ALA C 105 -15.21 42.88 -49.20
CA ALA C 105 -14.59 42.47 -47.96
C ALA C 105 -14.00 41.08 -48.04
N THR C 106 -12.91 40.91 -47.32
CA THR C 106 -12.16 39.66 -47.20
C THR C 106 -12.18 39.12 -45.78
N ALA C 107 -12.01 40.01 -44.80
CA ALA C 107 -12.00 39.56 -43.40
C ALA C 107 -13.44 39.65 -42.91
N TYR C 108 -13.92 38.64 -42.19
CA TYR C 108 -15.32 38.64 -41.77
C TYR C 108 -15.53 38.68 -40.27
N PHE C 109 -14.49 39.02 -39.53
CA PHE C 109 -14.60 39.17 -38.09
C PHE C 109 -13.38 39.84 -37.49
N PRO C 110 -13.48 40.42 -36.28
CA PRO C 110 -12.38 40.98 -35.53
C PRO C 110 -11.32 39.93 -35.38
N THR C 111 -10.08 40.35 -35.34
CA THR C 111 -8.97 39.42 -35.25
C THR C 111 -8.33 39.45 -33.89
N ILE C 112 -7.49 38.47 -33.58
CA ILE C 112 -6.95 38.39 -32.22
C ILE C 112 -5.49 38.08 -32.09
N VAL C 113 -4.86 38.72 -31.09
CA VAL C 113 -3.49 38.39 -30.73
C VAL C 113 -3.39 37.94 -29.28
N ILE C 114 -2.66 36.84 -29.04
CA ILE C 114 -2.45 36.34 -27.67
C ILE C 114 -0.95 36.32 -27.37
N GLY C 115 -0.51 36.88 -26.26
CA GLY C 115 0.93 36.94 -26.00
C GLY C 115 1.30 37.46 -24.62
N SER C 116 2.42 38.17 -24.55
CA SER C 116 2.90 38.73 -23.30
C SER C 116 3.09 40.24 -23.49
N LEU C 117 4.27 40.64 -23.96
CA LEU C 117 4.57 42.04 -24.17
C LEU C 117 4.27 42.42 -25.61
N PHE C 118 3.96 41.40 -26.41
CA PHE C 118 3.66 41.52 -27.84
C PHE C 118 4.82 42.14 -28.63
N GLY C 119 6.03 42.01 -28.12
CA GLY C 119 7.18 42.54 -28.82
C GLY C 119 7.77 41.49 -29.73
N TYR C 120 8.92 41.79 -30.30
CA TYR C 120 9.54 40.89 -31.25
C TYR C 120 10.34 39.80 -30.57
N THR C 121 10.40 39.87 -29.25
CA THR C 121 11.13 38.93 -28.43
C THR C 121 10.21 37.90 -27.75
N SER C 122 8.92 37.93 -28.09
CA SER C 122 7.95 37.02 -27.49
C SER C 122 7.07 36.40 -28.56
N TYR C 123 6.66 35.16 -28.37
CA TYR C 123 5.80 34.58 -29.39
C TYR C 123 4.39 35.01 -29.18
N THR C 124 3.70 35.32 -30.26
CA THR C 124 2.31 35.66 -30.13
C THR C 124 1.48 34.75 -31.01
N VAL C 125 0.23 34.59 -30.66
CA VAL C 125 -0.65 33.80 -31.49
C VAL C 125 -1.53 34.77 -32.21
N VAL C 126 -1.52 34.75 -33.52
CA VAL C 126 -2.31 35.70 -34.26
C VAL C 126 -3.24 35.01 -35.24
N ILE C 127 -4.53 35.33 -35.15
CA ILE C 127 -5.48 34.73 -36.06
C ILE C 127 -6.33 35.75 -36.82
N GLU C 128 -6.27 35.65 -38.15
CA GLU C 128 -7.00 36.54 -39.06
C GLU C 128 -7.75 35.79 -40.17
N PRO C 129 -9.08 35.88 -40.31
CA PRO C 129 -9.80 35.22 -41.36
C PRO C 129 -9.58 35.92 -42.67
N TYR C 130 -9.54 35.17 -43.75
CA TYR C 130 -9.53 35.71 -45.10
C TYR C 130 -10.39 34.86 -46.00
N ASN C 131 -11.37 35.44 -46.67
CA ASN C 131 -12.15 34.63 -47.59
C ASN C 131 -12.65 33.35 -46.89
N GLY C 132 -12.24 32.19 -47.38
CA GLY C 132 -12.65 30.90 -46.85
C GLY C 132 -11.72 30.27 -45.80
N VAL C 133 -10.69 31.00 -45.33
CA VAL C 133 -9.74 30.40 -44.39
C VAL C 133 -9.43 31.19 -43.12
N ILE C 134 -8.84 30.47 -42.18
CA ILE C 134 -8.31 30.99 -40.95
C ILE C 134 -6.82 31.13 -41.09
N MET C 135 -6.32 32.34 -41.22
CA MET C 135 -4.89 32.44 -41.41
C MET C 135 -4.28 32.54 -40.03
N ALA C 136 -3.91 31.39 -39.51
CA ALA C 136 -3.41 31.35 -38.14
C ALA C 136 -1.91 31.21 -38.09
N SER C 137 -1.32 31.85 -37.11
CA SER C 137 0.09 31.66 -36.90
C SER C 137 0.55 31.88 -35.47
N VAL C 138 1.68 31.27 -35.15
CA VAL C 138 2.32 31.46 -33.86
C VAL C 138 3.72 31.95 -34.14
N CYS C 139 4.00 33.20 -33.73
CA CYS C 139 5.20 33.87 -34.19
C CYS C 139 5.63 35.15 -33.47
N GLN C 140 6.93 35.40 -33.46
CA GLN C 140 7.51 36.63 -32.93
C GLN C 140 7.38 37.75 -33.94
N TYR C 141 6.21 38.35 -33.96
CA TYR C 141 5.86 39.45 -34.88
C TYR C 141 6.27 40.82 -34.33
N THR C 142 6.59 41.78 -35.21
CA THR C 142 6.91 43.13 -34.71
C THR C 142 5.62 43.92 -34.48
N ILE C 143 4.87 43.54 -33.45
CA ILE C 143 3.52 44.09 -33.25
C ILE C 143 3.55 45.52 -32.72
N CYS C 144 2.71 46.34 -33.35
CA CYS C 144 2.60 47.75 -33.08
C CYS C 144 1.79 48.17 -31.89
N GLN C 145 2.01 49.41 -31.50
CA GLN C 145 1.29 49.99 -30.38
C GLN C 145 -0.23 50.12 -30.58
N LEU C 146 -0.64 50.47 -31.81
CA LEU C 146 -2.05 50.70 -32.14
C LEU C 146 -2.57 49.86 -33.30
N PRO C 147 -2.56 48.53 -33.25
CA PRO C 147 -2.92 47.63 -34.33
C PRO C 147 -4.41 47.60 -34.61
N TYR C 148 -4.78 47.27 -35.83
CA TYR C 148 -6.21 47.09 -36.12
C TYR C 148 -6.37 46.19 -37.33
N THR C 149 -7.58 45.70 -37.56
CA THR C 149 -7.83 44.99 -38.80
C THR C 149 -8.95 45.68 -39.56
N ASP C 150 -9.26 45.19 -40.74
CA ASP C 150 -10.23 45.86 -41.59
C ASP C 150 -10.82 44.92 -42.60
N CYS C 151 -12.13 44.98 -42.76
CA CYS C 151 -12.83 44.07 -43.65
C CYS C 151 -12.43 44.20 -45.11
N LYS C 152 -12.00 45.40 -45.55
CA LYS C 152 -11.74 45.61 -46.99
C LYS C 152 -10.30 45.51 -47.56
N PRO C 153 -9.32 46.34 -47.14
CA PRO C 153 -8.00 46.49 -47.77
C PRO C 153 -7.05 45.32 -47.54
N ASN C 154 -7.44 44.17 -48.05
CA ASN C 154 -6.70 42.92 -47.92
C ASN C 154 -6.11 42.51 -49.26
N THR C 155 -5.95 43.50 -50.14
CA THR C 155 -5.43 43.35 -51.48
C THR C 155 -4.06 42.68 -51.57
N ASN C 156 -3.96 41.71 -52.47
CA ASN C 156 -2.71 41.02 -52.71
C ASN C 156 -1.82 41.95 -53.51
N GLY C 157 -0.85 42.54 -52.82
CA GLY C 157 0.00 43.58 -53.41
C GLY C 157 0.06 44.82 -52.54
N ASN C 158 -0.77 44.88 -51.49
CA ASN C 158 -0.74 46.05 -50.61
C ASN C 158 0.43 45.96 -49.65
N LYS C 159 1.62 46.19 -50.18
CA LYS C 159 2.86 46.03 -49.43
C LYS C 159 3.16 47.24 -48.55
N LEU C 160 2.32 47.41 -47.55
CA LEU C 160 2.39 48.50 -46.59
C LEU C 160 3.07 48.05 -45.30
N ILE C 161 4.10 48.77 -44.88
CA ILE C 161 4.73 48.32 -43.64
C ILE C 161 4.04 48.94 -42.44
N GLY C 162 2.92 48.33 -42.08
CA GLY C 162 2.15 48.78 -40.94
C GLY C 162 0.64 48.52 -40.98
N PHE C 163 0.25 47.38 -40.45
CA PHE C 163 -1.17 47.05 -40.29
C PHE C 163 -1.49 46.75 -38.84
N TRP C 164 -0.56 46.06 -38.22
CA TRP C 164 -0.71 45.60 -36.85
C TRP C 164 0.66 45.25 -36.38
N HIS C 165 1.50 45.05 -37.36
CA HIS C 165 2.90 44.79 -37.20
C HIS C 165 3.59 45.50 -38.33
N THR C 166 4.91 45.64 -38.21
CA THR C 166 5.83 46.28 -39.16
C THR C 166 6.88 45.35 -39.72
N ASP C 167 6.56 44.09 -39.85
CA ASP C 167 7.56 43.17 -40.33
C ASP C 167 8.05 43.61 -41.71
N VAL C 168 9.36 43.51 -41.92
CA VAL C 168 10.00 43.81 -43.19
C VAL C 168 10.71 42.54 -43.62
N LYS C 169 11.59 42.08 -42.75
CA LYS C 169 12.27 40.82 -42.94
C LYS C 169 11.36 39.80 -42.30
N PRO C 170 11.40 38.52 -42.68
CA PRO C 170 10.57 37.50 -42.08
C PRO C 170 10.73 37.48 -40.56
N PRO C 171 9.65 37.39 -39.78
CA PRO C 171 9.60 37.30 -38.34
C PRO C 171 10.00 35.89 -37.90
N ILE C 172 10.18 35.68 -36.60
CA ILE C 172 10.58 34.34 -36.15
C ILE C 172 9.38 33.51 -35.80
N CYS C 173 9.04 32.55 -36.64
CA CYS C 173 7.79 31.83 -36.44
C CYS C 173 7.95 30.36 -36.11
N VAL C 174 6.89 29.84 -35.50
CA VAL C 174 6.75 28.43 -35.13
C VAL C 174 5.74 27.75 -36.03
N LEU C 175 4.58 28.39 -36.17
CA LEU C 175 3.48 27.80 -36.94
C LEU C 175 2.80 28.80 -37.84
N LYS C 176 2.47 28.37 -39.06
CA LYS C 176 1.65 29.18 -39.94
C LYS C 176 0.87 28.27 -40.87
N ARG C 177 -0.44 28.44 -40.88
CA ARG C 177 -1.30 27.63 -41.74
C ARG C 177 -2.69 28.21 -41.96
N ASN C 178 -3.19 28.01 -43.17
CA ASN C 178 -4.56 28.37 -43.55
C ASN C 178 -5.50 27.17 -43.34
N PHE C 179 -6.45 27.34 -42.43
CA PHE C 179 -7.39 26.26 -42.13
C PHE C 179 -8.73 26.71 -42.70
N THR C 180 -9.64 25.84 -43.09
CA THR C 180 -10.86 26.42 -43.67
C THR C 180 -11.90 26.94 -42.66
N LEU C 181 -12.81 27.79 -43.17
CA LEU C 181 -13.98 28.34 -42.47
C LEU C 181 -15.31 28.05 -43.13
N ASN C 182 -16.34 27.73 -42.36
CA ASN C 182 -17.63 27.67 -43.01
C ASN C 182 -18.15 29.07 -43.07
N VAL C 183 -17.90 29.72 -44.17
CA VAL C 183 -18.25 31.13 -44.35
C VAL C 183 -19.74 31.42 -44.26
N ASN C 184 -20.59 30.39 -44.28
CA ASN C 184 -22.02 30.57 -44.18
C ASN C 184 -22.52 30.38 -42.74
N ALA C 185 -21.59 30.21 -41.80
CA ALA C 185 -21.92 30.04 -40.40
C ALA C 185 -22.50 31.34 -39.83
N ASP C 186 -23.40 31.25 -38.86
CA ASP C 186 -23.91 32.47 -38.23
C ASP C 186 -22.83 33.09 -37.35
N ALA C 187 -22.05 32.22 -36.73
CA ALA C 187 -21.00 32.56 -35.81
C ALA C 187 -19.98 31.45 -35.75
N PHE C 188 -18.78 31.77 -35.31
CA PHE C 188 -17.76 30.76 -35.15
C PHE C 188 -17.44 30.61 -33.68
N TYR C 189 -17.00 29.43 -33.26
CA TYR C 189 -16.69 29.23 -31.86
C TYR C 189 -15.26 28.80 -31.71
N PHE C 190 -14.56 29.35 -30.71
CA PHE C 190 -13.16 28.99 -30.50
C PHE C 190 -12.73 28.79 -29.05
N HIS C 191 -11.70 27.97 -28.87
CA HIS C 191 -11.03 27.84 -27.57
C HIS C 191 -9.54 28.01 -27.73
N PHE C 192 -8.95 28.73 -26.79
CA PHE C 192 -7.50 28.87 -26.79
C PHE C 192 -6.96 28.67 -25.39
N TYR C 193 -6.02 27.77 -25.21
CA TYR C 193 -5.50 27.55 -23.87
C TYR C 193 -4.09 27.04 -23.89
N GLN C 194 -3.48 26.99 -22.72
CA GLN C 194 -2.13 26.47 -22.69
C GLN C 194 -1.91 25.57 -21.49
N HIS C 195 -1.02 24.61 -21.65
CA HIS C 195 -0.66 23.70 -20.56
C HIS C 195 0.74 23.14 -20.74
N GLY C 196 1.61 23.38 -19.78
CA GLY C 196 2.96 22.83 -19.84
C GLY C 196 3.83 23.44 -20.95
N GLY C 197 3.45 24.60 -21.45
CA GLY C 197 4.15 25.21 -22.57
C GLY C 197 3.46 24.89 -23.89
N THR C 198 2.52 23.96 -23.90
CA THR C 198 1.88 23.70 -25.17
C THR C 198 0.69 24.62 -25.30
N PHE C 199 0.59 25.27 -26.45
CA PHE C 199 -0.55 26.12 -26.75
C PHE C 199 -1.48 25.36 -27.64
N TYR C 200 -2.76 25.40 -27.32
CA TYR C 200 -3.75 24.67 -28.08
C TYR C 200 -4.80 25.60 -28.66
N ALA C 201 -5.29 25.26 -29.84
CA ALA C 201 -6.38 25.97 -30.46
C ALA C 201 -7.41 25.00 -31.00
N TYR C 202 -8.67 25.28 -30.67
CA TYR C 202 -9.84 24.50 -31.11
C TYR C 202 -10.86 25.41 -31.78
N TYR C 203 -11.71 24.85 -32.63
CA TYR C 203 -12.73 25.68 -33.27
C TYR C 203 -14.00 24.93 -33.69
N ALA C 204 -15.03 25.69 -34.03
CA ALA C 204 -16.24 25.13 -34.63
C ALA C 204 -16.98 26.15 -35.46
N ASP C 205 -17.72 25.63 -36.43
CA ASP C 205 -18.61 26.43 -37.27
C ASP C 205 -20.04 26.42 -36.72
N LYS C 206 -20.36 25.40 -35.94
CA LYS C 206 -21.70 25.23 -35.42
C LYS C 206 -21.68 25.19 -33.90
N PRO C 207 -22.75 25.61 -33.21
CA PRO C 207 -22.90 25.63 -31.77
C PRO C 207 -23.08 24.25 -31.19
N SER C 208 -22.01 23.46 -31.28
CA SER C 208 -21.96 22.09 -30.84
C SER C 208 -20.83 21.91 -29.80
N ALA C 209 -19.62 21.63 -30.26
CA ALA C 209 -18.44 21.47 -29.41
C ALA C 209 -17.25 21.72 -30.31
N THR C 210 -16.15 22.22 -29.79
CA THR C 210 -15.06 22.51 -30.71
C THR C 210 -14.12 21.36 -30.96
N THR C 211 -13.45 21.42 -32.10
CA THR C 211 -12.51 20.40 -32.50
C THR C 211 -11.14 20.98 -32.64
N PHE C 212 -10.14 20.12 -32.62
CA PHE C 212 -8.77 20.59 -32.65
C PHE C 212 -8.36 21.25 -33.95
N LEU C 213 -7.73 22.42 -33.84
CA LEU C 213 -7.23 23.17 -34.99
C LEU C 213 -5.72 22.95 -35.06
N PHE C 214 -5.00 23.34 -34.00
CA PHE C 214 -3.54 23.19 -33.95
C PHE C 214 -2.95 23.30 -32.56
N SER C 215 -1.68 22.91 -32.45
CA SER C 215 -0.95 23.17 -31.22
C SER C 215 0.52 23.33 -31.49
N VAL C 216 1.19 24.06 -30.59
CA VAL C 216 2.63 24.30 -30.65
C VAL C 216 3.28 24.18 -29.28
N TYR C 217 4.57 23.84 -29.25
CA TYR C 217 5.28 23.88 -27.98
C TYR C 217 6.17 25.10 -27.83
N ILE C 218 5.76 25.99 -26.94
CA ILE C 218 6.49 27.21 -26.70
C ILE C 218 6.66 27.47 -25.19
N GLY C 219 7.90 27.54 -24.71
CA GLY C 219 8.13 27.79 -23.27
C GLY C 219 7.74 29.22 -22.85
N ASP C 220 7.57 30.07 -23.84
CA ASP C 220 7.21 31.46 -23.65
C ASP C 220 5.72 31.53 -23.31
N ILE C 221 5.40 31.25 -22.05
CA ILE C 221 4.02 31.17 -21.56
C ILE C 221 3.25 32.45 -21.85
N LEU C 222 2.04 32.29 -22.35
CA LEU C 222 1.18 33.39 -22.76
C LEU C 222 0.55 33.98 -21.50
N THR C 223 0.38 35.30 -21.43
CA THR C 223 -0.23 35.84 -20.23
C THR C 223 -1.46 36.70 -20.49
N GLN C 224 -1.54 37.37 -21.65
CA GLN C 224 -2.62 38.33 -21.94
C GLN C 224 -3.01 38.42 -23.41
N TYR C 225 -4.14 39.05 -23.70
CA TYR C 225 -4.57 39.15 -25.09
C TYR C 225 -5.38 40.40 -25.45
N TYR C 226 -5.53 40.60 -26.75
CA TYR C 226 -6.23 41.75 -27.26
C TYR C 226 -6.95 41.41 -28.57
N VAL C 227 -8.21 41.87 -28.72
CA VAL C 227 -8.90 41.60 -29.98
C VAL C 227 -8.80 42.89 -30.76
N LEU C 228 -8.27 42.79 -31.97
CA LEU C 228 -8.04 43.96 -32.77
C LEU C 228 -9.34 44.56 -33.25
N PRO C 229 -9.46 45.89 -33.30
CA PRO C 229 -10.60 46.59 -33.82
C PRO C 229 -10.87 46.19 -35.21
N PHE C 230 -12.14 46.12 -35.56
CA PHE C 230 -12.51 45.77 -36.91
C PHE C 230 -13.02 47.03 -37.59
N ILE C 231 -12.22 47.54 -38.50
CA ILE C 231 -12.55 48.75 -39.21
C ILE C 231 -13.33 48.33 -40.45
N CYS C 232 -14.44 48.99 -40.74
CA CYS C 232 -15.20 48.55 -41.88
C CYS C 232 -16.21 49.58 -42.37
N ASN C 233 -16.60 49.45 -43.62
CA ASN C 233 -17.62 50.29 -44.24
C ASN C 233 -18.75 49.38 -44.73
N PRO C 234 -19.56 48.86 -43.79
CA PRO C 234 -20.55 47.81 -43.94
C PRO C 234 -21.77 48.25 -44.73
N THR C 235 -22.40 47.29 -45.39
CA THR C 235 -23.62 47.60 -46.12
C THR C 235 -24.76 47.60 -45.12
N ALA C 236 -24.52 46.95 -43.98
CA ALA C 236 -25.43 46.91 -42.85
C ALA C 236 -25.70 48.30 -42.29
N GLY C 237 -24.79 49.26 -42.51
CA GLY C 237 -25.01 50.59 -41.99
C GLY C 237 -25.22 50.60 -40.48
N SER C 238 -26.38 51.14 -40.06
CA SER C 238 -26.75 51.27 -38.66
C SER C 238 -26.96 49.95 -37.92
N THR C 239 -27.04 48.83 -38.66
CA THR C 239 -27.20 47.53 -38.04
C THR C 239 -25.85 46.85 -37.86
N PHE C 240 -24.78 47.53 -38.26
CA PHE C 240 -23.47 46.95 -38.09
C PHE C 240 -23.04 47.08 -36.66
N ALA C 241 -23.24 45.99 -35.94
CA ALA C 241 -22.91 45.91 -34.53
C ALA C 241 -22.11 44.65 -34.21
N PRO C 242 -20.80 44.60 -34.55
CA PRO C 242 -19.91 43.49 -34.36
C PRO C 242 -19.89 42.96 -32.95
N ARG C 243 -19.80 41.64 -32.87
CA ARG C 243 -19.74 40.95 -31.62
C ARG C 243 -18.64 39.89 -31.64
N TYR C 244 -17.88 39.89 -30.57
CA TYR C 244 -16.79 38.96 -30.37
C TYR C 244 -16.85 38.67 -28.89
N TRP C 245 -17.71 37.74 -28.53
CA TRP C 245 -17.99 37.51 -27.13
C TRP C 245 -16.96 36.63 -26.51
N VAL C 246 -16.30 37.12 -25.46
CA VAL C 246 -15.22 36.37 -24.82
C VAL C 246 -15.33 36.19 -23.30
N THR C 247 -15.04 34.97 -22.85
CA THR C 247 -15.04 34.62 -21.43
C THR C 247 -13.80 33.74 -21.19
N PRO C 248 -13.19 33.76 -20.00
CA PRO C 248 -12.03 32.95 -19.67
C PRO C 248 -12.33 31.48 -19.47
N LEU C 249 -11.31 30.68 -19.72
CA LEU C 249 -11.34 29.25 -19.44
C LEU C 249 -10.68 29.02 -18.11
N VAL C 250 -11.12 28.00 -17.40
CA VAL C 250 -10.49 27.65 -16.15
C VAL C 250 -10.26 26.16 -16.08
N LYS C 251 -9.28 25.72 -15.30
CA LYS C 251 -9.19 24.28 -15.09
C LYS C 251 -10.50 23.80 -14.47
N ARG C 252 -11.10 22.76 -15.04
CA ARG C 252 -12.38 22.28 -14.55
C ARG C 252 -12.78 20.86 -14.99
N GLN C 253 -13.53 20.18 -14.11
CA GLN C 253 -14.06 18.84 -14.38
C GLN C 253 -15.49 18.90 -14.91
N TYR C 254 -15.71 18.16 -16.00
CA TYR C 254 -16.99 18.02 -16.68
C TYR C 254 -17.48 16.63 -16.91
N LEU C 255 -18.78 16.46 -16.87
CA LEU C 255 -19.39 15.20 -17.25
C LEU C 255 -19.78 15.28 -18.69
N PHE C 256 -19.32 14.33 -19.50
CA PHE C 256 -19.65 14.31 -20.91
C PHE C 256 -20.47 13.15 -21.34
N ASN C 257 -21.60 13.47 -21.96
CA ASN C 257 -22.55 12.49 -22.47
C ASN C 257 -22.34 12.34 -23.98
N PHE C 258 -21.74 11.21 -24.38
CA PHE C 258 -21.40 10.90 -25.78
C PHE C 258 -22.39 9.93 -26.39
N ASN C 259 -22.77 10.15 -27.64
CA ASN C 259 -23.66 9.20 -28.32
C ASN C 259 -22.88 8.08 -28.98
N GLN C 260 -23.55 7.25 -29.78
CA GLN C 260 -22.92 6.10 -30.41
C GLN C 260 -21.99 6.46 -31.57
N LYS C 261 -21.95 7.74 -31.93
CA LYS C 261 -21.11 8.23 -33.01
C LYS C 261 -19.90 8.96 -32.44
N GLY C 262 -19.82 9.06 -31.12
CA GLY C 262 -18.71 9.77 -30.50
C GLY C 262 -18.97 11.26 -30.43
N VAL C 263 -20.19 11.67 -30.68
CA VAL C 263 -20.52 13.07 -30.66
C VAL C 263 -20.94 13.49 -29.26
N ILE C 264 -20.41 14.61 -28.79
CA ILE C 264 -20.80 15.09 -27.48
C ILE C 264 -22.19 15.66 -27.60
N THR C 265 -23.11 15.16 -26.79
CA THR C 265 -24.47 15.64 -26.87
C THR C 265 -24.82 16.58 -25.73
N SER C 266 -24.11 16.43 -24.62
CA SER C 266 -24.37 17.30 -23.48
C SER C 266 -23.21 17.28 -22.50
N ALA C 267 -22.96 18.39 -21.81
CA ALA C 267 -21.92 18.36 -20.79
C ALA C 267 -22.36 19.05 -19.51
N VAL C 268 -21.78 18.65 -18.40
CA VAL C 268 -22.10 19.29 -17.13
C VAL C 268 -20.90 19.86 -16.42
N ASP C 269 -20.96 21.13 -16.05
CA ASP C 269 -19.89 21.76 -15.28
C ASP C 269 -20.09 21.37 -13.84
N CYS C 270 -19.25 20.49 -13.36
CA CYS C 270 -19.48 19.88 -12.07
C CYS C 270 -19.50 20.85 -10.89
N ALA C 271 -18.99 22.07 -11.06
CA ALA C 271 -18.98 23.02 -9.95
C ALA C 271 -20.06 24.11 -10.07
N SER C 272 -20.84 24.10 -11.15
CA SER C 272 -21.82 25.15 -11.42
C SER C 272 -22.95 25.28 -10.40
N SER C 273 -23.52 24.15 -10.01
CA SER C 273 -24.68 24.15 -9.14
C SER C 273 -24.80 22.83 -8.45
N TYR C 274 -25.66 22.74 -7.46
CA TYR C 274 -25.81 21.47 -6.78
C TYR C 274 -26.45 20.46 -7.70
N THR C 275 -27.28 20.90 -8.61
CA THR C 275 -27.85 19.97 -9.56
C THR C 275 -26.74 19.40 -10.41
N SER C 276 -25.86 20.28 -10.89
CA SER C 276 -24.78 19.88 -11.76
C SER C 276 -23.81 18.95 -11.04
N GLU C 277 -23.49 19.28 -9.80
CA GLU C 277 -22.57 18.46 -9.05
C GLU C 277 -23.08 17.06 -8.90
N ILE C 278 -24.36 16.91 -8.61
CA ILE C 278 -24.92 15.59 -8.42
C ILE C 278 -24.84 14.81 -9.73
N LYS C 279 -25.10 15.45 -10.86
CA LYS C 279 -24.98 14.70 -12.10
C LYS C 279 -23.59 14.15 -12.21
N CYS C 280 -22.60 14.96 -11.88
CA CYS C 280 -21.23 14.49 -11.97
C CYS C 280 -20.94 13.40 -10.97
N LYS C 281 -21.46 13.54 -9.76
CA LYS C 281 -21.23 12.59 -8.68
C LYS C 281 -21.65 11.19 -9.10
N THR C 282 -22.80 11.10 -9.77
CA THR C 282 -23.30 9.80 -10.19
C THR C 282 -22.89 9.46 -11.62
N GLN C 283 -22.33 10.43 -12.33
CA GLN C 283 -21.96 10.30 -13.72
C GLN C 283 -23.16 9.86 -14.55
N SER C 284 -24.25 10.59 -14.36
CA SER C 284 -25.48 10.27 -15.07
C SER C 284 -26.32 11.51 -15.25
N MET C 285 -27.40 11.38 -16.00
CA MET C 285 -28.30 12.50 -16.20
C MET C 285 -29.35 12.60 -15.08
N LEU C 286 -29.15 11.80 -14.03
CA LEU C 286 -29.98 11.71 -12.83
C LEU C 286 -31.46 11.43 -12.91
N PRO C 287 -31.89 10.33 -13.53
CA PRO C 287 -33.26 9.88 -13.55
C PRO C 287 -33.65 9.28 -12.18
N SER C 288 -32.62 9.01 -11.36
CA SER C 288 -32.74 8.39 -10.04
C SER C 288 -33.21 9.36 -8.97
N THR C 289 -33.52 8.81 -7.81
CA THR C 289 -33.94 9.62 -6.68
C THR C 289 -32.93 9.46 -5.58
N GLY C 290 -32.95 10.35 -4.58
CA GLY C 290 -32.04 10.11 -3.46
C GLY C 290 -31.45 11.30 -2.72
N VAL C 291 -30.63 10.93 -1.75
CA VAL C 291 -29.91 11.82 -0.85
C VAL C 291 -28.43 11.69 -1.14
N TYR C 292 -27.74 12.80 -1.27
CA TYR C 292 -26.33 12.77 -1.63
C TYR C 292 -25.45 13.69 -0.81
N GLU C 293 -24.25 13.24 -0.47
CA GLU C 293 -23.29 14.12 0.18
C GLU C 293 -22.46 14.82 -0.89
N LEU C 294 -22.43 16.13 -0.83
CA LEU C 294 -21.76 16.95 -1.84
C LEU C 294 -20.47 17.58 -1.34
N SER C 295 -19.66 18.13 -2.25
CA SER C 295 -18.47 18.86 -1.86
C SER C 295 -18.85 20.20 -1.23
N GLY C 296 -20.08 20.65 -1.47
CA GLY C 296 -20.62 21.84 -0.84
C GLY C 296 -20.14 23.16 -1.42
N TYR C 297 -18.90 23.52 -1.10
CA TYR C 297 -18.37 24.82 -1.49
C TYR C 297 -16.84 24.87 -1.44
N THR C 298 -16.24 25.58 -2.40
CA THR C 298 -14.80 25.75 -2.37
C THR C 298 -14.42 26.87 -1.42
N VAL C 299 -13.60 26.56 -0.44
CA VAL C 299 -13.19 27.54 0.55
C VAL C 299 -12.30 28.61 -0.03
N GLN C 300 -12.65 29.85 0.25
CA GLN C 300 -11.86 30.99 -0.17
C GLN C 300 -11.50 31.87 1.03
N PRO C 301 -10.24 31.93 1.47
CA PRO C 301 -9.81 32.74 2.58
C PRO C 301 -9.83 34.21 2.16
N VAL C 302 -9.99 35.09 3.14
CA VAL C 302 -10.03 36.54 2.91
C VAL C 302 -8.70 37.28 2.77
N GLY C 303 -7.74 36.99 3.62
CA GLY C 303 -6.48 37.74 3.60
C GLY C 303 -5.44 37.05 4.44
N VAL C 304 -4.48 37.81 4.99
CA VAL C 304 -3.39 37.22 5.77
C VAL C 304 -3.14 37.84 7.14
N VAL C 305 -3.00 36.99 8.14
CA VAL C 305 -2.63 37.38 9.50
C VAL C 305 -1.15 37.05 9.69
N TYR C 306 -0.37 37.99 10.22
CA TYR C 306 1.05 37.72 10.41
C TYR C 306 1.59 38.22 11.72
N ARG C 307 2.25 37.33 12.45
CA ARG C 307 2.82 37.77 13.71
C ARG C 307 4.32 37.52 13.77
N ARG C 308 4.98 38.55 14.26
CA ARG C 308 6.41 38.66 14.43
C ARG C 308 6.90 38.07 15.73
N VAL C 309 8.21 38.06 15.87
CA VAL C 309 8.91 37.62 17.05
C VAL C 309 9.40 38.81 17.82
N ALA C 310 10.05 38.54 18.93
CA ALA C 310 10.60 39.57 19.80
C ALA C 310 11.48 40.52 19.01
N ASN C 311 11.75 41.70 19.57
CA ASN C 311 12.58 42.66 18.83
C ASN C 311 14.04 42.25 18.91
N LEU C 312 14.35 41.21 18.15
CA LEU C 312 15.64 40.56 18.14
C LEU C 312 16.65 41.37 17.34
N PRO C 313 17.93 41.30 17.70
CA PRO C 313 19.04 41.86 16.96
C PRO C 313 19.31 40.97 15.77
N ALA C 314 19.91 41.52 14.74
CA ALA C 314 20.36 40.67 13.65
C ALA C 314 21.69 40.07 14.03
N CYS C 315 21.95 38.86 13.58
CA CYS C 315 23.27 38.28 13.79
C CYS C 315 24.12 38.49 12.59
N ASN C 316 25.31 39.03 12.79
CA ASN C 316 26.16 39.18 11.62
C ASN C 316 26.86 37.87 11.44
N ILE C 317 26.18 36.97 10.76
CA ILE C 317 26.64 35.61 10.60
C ILE C 317 27.96 35.64 9.85
N GLU C 318 28.06 36.52 8.87
CA GLU C 318 29.25 36.66 8.07
C GLU C 318 30.48 37.07 8.87
N GLU C 319 30.32 37.64 10.08
CA GLU C 319 31.49 38.03 10.87
C GLU C 319 32.15 36.80 11.43
N TRP C 320 31.39 35.73 11.50
CA TRP C 320 31.91 34.49 11.99
C TRP C 320 32.41 33.68 10.81
N LEU C 321 31.62 33.66 9.73
CA LEU C 321 32.02 32.89 8.57
C LEU C 321 33.33 33.40 7.98
N THR C 322 33.53 34.72 8.00
CA THR C 322 34.73 35.29 7.43
C THR C 322 35.87 35.44 8.43
N ALA C 323 35.71 34.92 9.65
CA ALA C 323 36.77 35.03 10.63
C ALA C 323 38.01 34.33 10.10
N ARG C 324 39.18 34.90 10.36
CA ARG C 324 40.44 34.36 9.85
C ARG C 324 40.87 32.97 10.31
N SER C 325 40.71 32.67 11.59
CA SER C 325 41.30 31.44 12.12
C SER C 325 40.56 30.14 11.78
N VAL C 326 40.60 29.78 10.50
CA VAL C 326 39.93 28.58 10.04
C VAL C 326 40.70 27.33 10.46
N PRO C 327 40.03 26.34 11.07
CA PRO C 327 40.55 25.07 11.51
C PRO C 327 40.58 23.92 10.51
N SER C 328 41.33 22.91 10.91
CA SER C 328 41.38 21.60 10.26
C SER C 328 40.03 20.91 10.46
N PRO C 329 39.76 19.82 9.74
CA PRO C 329 38.60 18.95 9.90
C PRO C 329 38.40 18.33 11.28
N LEU C 330 39.42 18.35 12.15
CA LEU C 330 39.25 17.80 13.50
C LEU C 330 39.11 18.88 14.54
N ASN C 331 39.08 20.12 14.10
CA ASN C 331 38.97 21.24 14.98
C ASN C 331 37.92 22.20 14.51
N TRP C 332 36.88 21.70 13.87
CA TRP C 332 35.91 22.64 13.34
C TRP C 332 35.38 23.49 14.44
N GLU C 333 35.10 24.72 14.07
CA GLU C 333 34.57 25.66 15.01
C GLU C 333 33.07 25.55 14.97
N ARG C 334 32.45 25.51 16.12
CA ARG C 334 31.00 25.47 16.19
C ARG C 334 30.46 26.74 16.80
N LYS C 335 29.51 27.34 16.13
CA LYS C 335 28.87 28.55 16.63
C LYS C 335 27.37 28.47 16.50
N THR C 336 26.70 28.77 17.59
CA THR C 336 25.26 28.71 17.61
C THR C 336 24.64 30.09 17.76
N PHE C 337 23.63 30.34 16.96
CA PHE C 337 22.93 31.61 16.93
C PHE C 337 21.50 31.41 17.41
N GLN C 338 21.11 32.18 18.43
CA GLN C 338 19.78 32.10 19.04
C GLN C 338 19.23 33.49 19.22
N ASN C 339 17.90 33.65 19.25
CA ASN C 339 17.32 34.99 19.45
C ASN C 339 17.93 35.90 18.42
N CYS C 340 17.71 35.55 17.16
CA CYS C 340 18.43 36.17 16.08
C CYS C 340 17.69 36.41 14.79
N ASN C 341 17.87 37.59 14.20
CA ASN C 341 17.36 37.81 12.86
C ASN C 341 18.47 37.59 11.83
N PHE C 342 18.12 37.16 10.62
CA PHE C 342 19.14 37.00 9.58
C PHE C 342 18.63 37.18 8.14
N ASN C 343 19.59 37.28 7.20
CA ASN C 343 19.28 37.44 5.79
C ASN C 343 20.07 36.48 4.91
N LEU C 344 19.60 35.25 4.80
CA LEU C 344 20.33 34.21 4.08
C LEU C 344 20.69 34.59 2.66
N SER C 345 19.76 35.18 1.93
CA SER C 345 20.06 35.53 0.55
C SER C 345 21.14 36.61 0.42
N SER C 346 21.48 37.29 1.52
CA SER C 346 22.54 38.27 1.50
C SER C 346 23.82 37.62 1.98
N LEU C 347 23.72 36.66 2.90
CA LEU C 347 24.92 36.02 3.41
C LEU C 347 25.62 35.29 2.29
N LEU C 348 24.82 34.74 1.40
CA LEU C 348 25.30 33.98 0.27
C LEU C 348 25.93 34.87 -0.82
N ARG C 349 25.92 36.18 -0.58
CA ARG C 349 26.53 37.14 -1.47
C ARG C 349 27.64 37.91 -0.74
N TYR C 350 27.94 37.51 0.50
CA TYR C 350 29.02 38.11 1.28
C TYR C 350 30.19 37.16 1.19
N VAL C 351 29.86 35.88 1.16
CA VAL C 351 30.88 34.88 1.02
C VAL C 351 30.65 34.36 -0.39
N GLN C 352 31.66 33.88 -1.06
CA GLN C 352 31.41 33.42 -2.41
C GLN C 352 30.77 32.08 -2.36
N ALA C 353 29.45 32.08 -2.27
CA ALA C 353 28.71 30.85 -2.11
C ALA C 353 28.78 30.05 -3.39
N GLU C 354 29.84 29.25 -3.52
CA GLU C 354 30.11 28.50 -4.73
C GLU C 354 28.97 27.53 -4.98
N SER C 355 28.42 26.97 -3.91
CA SER C 355 27.26 26.11 -4.05
C SER C 355 26.48 25.98 -2.77
N LEU C 356 25.21 25.62 -2.88
CA LEU C 356 24.42 25.36 -1.69
C LEU C 356 23.46 24.20 -1.88
N PHE C 357 23.64 23.19 -1.05
CA PHE C 357 22.81 22.00 -1.08
C PHE C 357 22.03 21.93 0.21
N CYS C 358 21.00 21.11 0.23
CA CYS C 358 20.24 20.97 1.46
C CYS C 358 19.38 19.72 1.53
N ASN C 359 18.92 19.42 2.74
CA ASN C 359 18.08 18.27 3.00
C ASN C 359 16.92 18.61 3.90
N ASN C 360 15.77 18.05 3.56
CA ASN C 360 14.51 18.15 4.29
C ASN C 360 13.90 19.57 4.30
N ILE C 361 14.51 20.46 3.53
CA ILE C 361 13.99 21.79 3.33
C ILE C 361 14.68 22.39 2.12
N ASP C 362 13.94 23.03 1.23
CA ASP C 362 14.60 23.72 0.12
C ASP C 362 15.13 25.07 0.57
N ALA C 363 16.21 25.54 -0.04
CA ALA C 363 16.72 26.86 0.29
C ALA C 363 15.65 27.94 0.06
N SER C 364 14.80 27.74 -0.95
CA SER C 364 13.77 28.70 -1.27
C SER C 364 12.68 28.76 -0.21
N LYS C 365 12.66 27.78 0.70
CA LYS C 365 11.70 27.75 1.76
C LYS C 365 12.35 28.25 3.04
N VAL C 366 13.68 28.04 3.16
CA VAL C 366 14.42 28.48 4.34
C VAL C 366 14.21 29.96 4.50
N TYR C 367 14.23 30.66 3.38
CA TYR C 367 14.04 32.11 3.30
C TYR C 367 12.88 32.66 4.14
N GLY C 368 11.80 31.90 4.31
CA GLY C 368 10.63 32.39 5.03
C GLY C 368 10.39 31.73 6.39
N ARG C 369 11.33 30.91 6.85
CA ARG C 369 11.14 30.19 8.11
C ARG C 369 11.80 30.85 9.31
N CYS C 370 11.49 30.30 10.50
CA CYS C 370 12.06 30.79 11.73
C CYS C 370 12.24 29.63 12.72
N PHE C 371 13.50 29.32 13.01
CA PHE C 371 13.91 28.11 13.68
C PHE C 371 14.17 28.30 15.16
N GLY C 372 14.34 27.21 15.91
CA GLY C 372 14.69 27.26 17.32
C GLY C 372 16.10 27.74 17.53
N SER C 373 17.01 27.09 16.86
CA SER C 373 18.41 27.40 17.03
C SER C 373 19.19 27.02 15.79
N ILE C 374 20.11 27.87 15.39
CA ILE C 374 20.89 27.56 14.21
C ILE C 374 22.33 27.34 14.57
N SER C 375 22.87 26.19 14.19
CA SER C 375 24.25 25.93 14.54
C SER C 375 25.06 25.76 13.29
N VAL C 376 26.25 26.33 13.28
CA VAL C 376 27.08 26.19 12.10
C VAL C 376 28.45 25.64 12.45
N ASP C 377 28.83 24.58 11.73
CA ASP C 377 30.14 23.95 11.89
C ASP C 377 31.05 24.35 10.73
N LYS C 378 32.18 24.98 11.02
CA LYS C 378 33.08 25.49 9.99
C LYS C 378 34.48 24.87 9.92
N PHE C 379 34.88 24.42 8.73
CA PHE C 379 36.26 23.91 8.55
C PHE C 379 36.73 23.92 7.09
N ALA C 380 38.05 23.84 6.91
CA ALA C 380 38.64 23.79 5.56
C ALA C 380 38.67 22.38 4.97
N VAL C 381 38.31 22.27 3.68
CA VAL C 381 38.32 21.00 2.96
C VAL C 381 38.99 21.16 1.58
N PRO C 382 39.96 20.33 1.17
CA PRO C 382 40.55 20.41 -0.15
C PRO C 382 39.46 20.27 -1.18
N ARG C 383 39.50 20.97 -2.31
CA ARG C 383 38.43 20.73 -3.29
C ARG C 383 38.52 19.28 -3.78
N SER C 384 39.75 18.75 -3.77
CA SER C 384 40.07 17.40 -4.18
C SER C 384 39.48 16.34 -3.24
N ARG C 385 38.86 16.77 -2.14
CA ARG C 385 38.25 15.86 -1.19
C ARG C 385 36.76 16.12 -1.01
N GLN C 386 36.16 16.87 -1.94
CA GLN C 386 34.72 17.13 -1.85
C GLN C 386 33.91 15.84 -1.86
N VAL C 387 34.43 14.86 -2.55
CA VAL C 387 33.79 13.56 -2.65
C VAL C 387 33.81 12.83 -1.32
N ASP C 388 34.74 13.17 -0.45
CA ASP C 388 34.85 12.57 0.87
C ASP C 388 33.92 13.36 1.79
N LEU C 389 33.78 14.64 1.47
CA LEU C 389 32.91 15.55 2.21
C LEU C 389 31.45 15.19 1.96
N GLN C 390 31.12 14.85 0.71
CA GLN C 390 29.75 14.51 0.32
C GLN C 390 29.13 13.49 1.26
N LEU C 391 27.93 13.83 1.71
CA LEU C 391 27.16 13.07 2.69
C LEU C 391 27.03 11.57 2.45
N GLY C 392 26.84 11.16 1.20
CA GLY C 392 26.60 9.75 0.93
C GLY C 392 27.83 8.87 0.67
N ASN C 393 29.04 9.42 0.73
CA ASN C 393 30.21 8.60 0.42
C ASN C 393 30.93 8.18 1.69
N SER C 394 31.72 7.12 1.62
CA SER C 394 32.51 6.68 2.75
C SER C 394 33.96 7.10 2.54
N GLY C 395 34.73 7.05 3.61
CA GLY C 395 36.14 7.39 3.51
C GLY C 395 36.68 7.89 4.84
N PHE C 396 36.98 9.18 4.88
CA PHE C 396 37.61 9.74 6.06
C PHE C 396 36.78 10.83 6.73
N LEU C 397 36.33 11.80 5.97
CA LEU C 397 35.57 12.88 6.59
C LEU C 397 34.31 12.39 7.25
N GLN C 398 33.65 11.38 6.71
CA GLN C 398 32.40 10.92 7.30
C GLN C 398 32.60 9.83 8.36
N THR C 399 33.86 9.53 8.68
CA THR C 399 34.20 8.46 9.61
C THR C 399 35.08 9.01 10.72
N ALA C 400 36.28 9.39 10.28
CA ALA C 400 37.36 9.91 11.10
C ALA C 400 37.21 11.34 11.56
N ASN C 401 36.66 12.20 10.73
CA ASN C 401 36.68 13.61 11.10
C ASN C 401 35.37 14.26 11.47
N TYR C 402 34.50 14.47 10.50
CA TYR C 402 33.26 15.17 10.72
C TYR C 402 32.12 14.59 9.93
N LYS C 403 31.26 13.84 10.57
CA LYS C 403 30.17 13.26 9.84
C LYS C 403 29.03 14.23 9.75
N ILE C 404 28.60 14.47 8.52
CA ILE C 404 27.48 15.33 8.25
C ILE C 404 26.25 14.51 8.56
N ASP C 405 25.34 15.05 9.35
CA ASP C 405 24.16 14.31 9.74
C ASP C 405 23.28 13.99 8.55
N THR C 406 22.53 12.91 8.68
CA THR C 406 21.62 12.44 7.64
C THR C 406 20.14 12.61 7.95
N ALA C 407 19.80 13.01 9.17
CA ALA C 407 18.41 13.13 9.59
C ALA C 407 17.99 14.58 9.76
N ALA C 408 18.91 15.41 10.24
CA ALA C 408 18.62 16.79 10.57
C ALA C 408 18.19 17.60 9.37
N THR C 409 17.36 18.58 9.62
CA THR C 409 17.06 19.52 8.57
C THR C 409 18.36 20.29 8.42
N SER C 410 18.88 20.41 7.21
CA SER C 410 20.18 21.06 7.12
C SER C 410 20.55 21.61 5.77
N CYS C 411 21.54 22.50 5.80
CA CYS C 411 22.09 23.06 4.57
C CYS C 411 23.61 22.92 4.52
N GLN C 412 24.11 22.59 3.35
CA GLN C 412 25.54 22.43 3.12
C GLN C 412 26.12 23.50 2.21
N LEU C 413 26.79 24.47 2.82
CA LEU C 413 27.33 25.63 2.13
C LEU C 413 28.81 25.53 1.83
N HIS C 414 29.17 25.81 0.60
CA HIS C 414 30.58 25.82 0.23
C HIS C 414 30.98 27.20 -0.27
N TYR C 415 32.08 27.73 0.27
CA TYR C 415 32.47 29.06 -0.18
C TYR C 415 33.95 29.42 -0.17
N THR C 416 34.19 30.53 -0.85
CA THR C 416 35.48 31.20 -1.00
C THR C 416 35.47 32.68 -0.61
N LEU C 417 36.54 33.12 0.02
CA LEU C 417 36.78 34.51 0.32
C LEU C 417 38.07 34.79 -0.45
N PRO C 418 38.37 36.02 -0.88
CA PRO C 418 39.54 36.31 -1.69
C PRO C 418 40.74 35.57 -1.15
N LYS C 419 41.34 34.76 -2.01
CA LYS C 419 42.48 33.94 -1.65
C LYS C 419 43.74 34.69 -1.29
N ASN C 420 43.84 35.93 -1.76
CA ASN C 420 45.03 36.72 -1.49
C ASN C 420 44.83 37.54 -0.23
N ASN C 421 43.64 37.49 0.35
CA ASN C 421 43.43 38.28 1.53
C ASN C 421 43.82 37.49 2.73
N VAL C 422 45.11 37.50 3.01
CA VAL C 422 45.72 36.74 4.09
C VAL C 422 45.29 37.17 5.49
N THR C 423 44.47 38.23 5.60
CA THR C 423 43.98 38.65 6.91
C THR C 423 42.66 37.92 7.18
N ILE C 424 42.15 37.28 6.13
CA ILE C 424 40.93 36.49 6.10
C ILE C 424 41.30 35.02 5.84
N ASN C 425 42.19 34.81 4.87
CA ASN C 425 42.67 33.51 4.44
C ASN C 425 43.81 32.99 5.28
N ASN C 426 43.57 31.92 6.05
CA ASN C 426 44.61 31.34 6.89
C ASN C 426 45.51 30.53 5.93
N HIS C 427 46.27 31.30 5.14
CA HIS C 427 47.04 30.85 3.99
C HIS C 427 48.12 29.87 4.41
N ASN C 428 48.07 28.70 3.79
CA ASN C 428 48.95 27.57 4.05
C ASN C 428 49.13 26.76 2.75
N PRO C 429 49.69 27.39 1.73
CA PRO C 429 49.78 26.90 0.36
C PRO C 429 50.62 25.63 0.19
N SER C 430 51.48 25.36 1.18
CA SER C 430 52.33 24.19 1.11
C SER C 430 51.74 22.95 1.81
N SER C 431 50.74 23.16 2.70
CA SER C 431 50.12 22.07 3.50
C SER C 431 49.28 22.53 4.69
N TRP C 432 47.97 22.33 4.63
CA TRP C 432 47.07 22.56 5.75
C TRP C 432 46.53 21.25 6.34
N ASN C 433 46.46 21.23 7.66
CA ASN C 433 46.02 20.11 8.49
C ASN C 433 44.73 19.38 8.07
N ARG C 434 44.88 18.07 7.83
CA ARG C 434 43.84 17.08 7.49
C ARG C 434 44.28 15.69 7.97
N ARG C 435 43.52 15.09 8.88
CA ARG C 435 43.95 13.82 9.46
C ARG C 435 42.91 12.73 9.29
N TYR C 436 43.28 11.45 9.44
CA TYR C 436 42.21 10.46 9.29
C TYR C 436 42.34 9.02 9.82
N GLY C 437 43.41 8.31 9.54
CA GLY C 437 43.43 6.90 9.95
C GLY C 437 44.00 6.78 11.32
N PHE C 438 43.51 5.85 12.13
CA PHE C 438 44.05 5.68 13.49
C PHE C 438 44.45 4.22 13.81
N ASN C 439 45.71 4.05 14.26
CA ASN C 439 46.32 2.77 14.65
C ASN C 439 46.32 2.64 16.17
N ASP C 440 46.52 1.42 16.73
CA ASP C 440 46.51 1.29 18.20
C ASP C 440 47.27 0.05 18.71
N ALA C 441 48.28 0.27 19.58
CA ALA C 441 49.07 -0.83 20.15
C ALA C 441 49.51 -0.55 21.60
N GLY C 442 48.96 -1.30 22.56
CA GLY C 442 49.24 -1.11 23.99
C GLY C 442 50.54 -1.72 24.51
N VAL C 443 51.65 -1.33 23.87
CA VAL C 443 53.02 -1.78 24.18
C VAL C 443 53.50 -1.29 25.56
N PHE C 444 52.71 -0.40 26.14
CA PHE C 444 52.89 0.24 27.43
C PHE C 444 52.86 -0.76 28.57
N GLY C 445 52.00 -1.76 28.46
CA GLY C 445 51.83 -2.76 29.52
C GLY C 445 50.94 -2.25 30.67
N LYS C 446 50.48 -1.01 30.54
CA LYS C 446 49.66 -0.32 31.54
C LYS C 446 48.16 -0.42 31.17
N ASN C 447 47.90 -1.17 30.11
CA ASN C 447 46.58 -1.47 29.55
C ASN C 447 46.72 -2.72 28.69
N GLN C 448 45.62 -3.27 28.22
CA GLN C 448 45.69 -4.43 27.34
C GLN C 448 46.10 -4.01 25.94
N HIS C 449 47.05 -4.75 25.38
CA HIS C 449 47.62 -4.46 24.06
C HIS C 449 46.57 -4.22 22.99
N ASP C 450 45.54 -5.04 22.97
CA ASP C 450 44.52 -5.02 21.92
C ASP C 450 43.29 -4.13 22.17
N VAL C 451 43.34 -3.21 23.13
CA VAL C 451 42.14 -2.38 23.26
C VAL C 451 42.16 -1.28 22.24
N VAL C 452 41.57 -1.55 21.10
CA VAL C 452 41.70 -0.62 20.00
C VAL C 452 40.77 0.58 20.01
N TYR C 453 41.19 1.59 20.76
CA TYR C 453 40.43 2.82 20.97
C TYR C 453 40.41 3.57 19.65
N ALA C 454 41.47 3.39 18.89
CA ALA C 454 41.64 3.99 17.58
C ALA C 454 40.52 3.66 16.61
N GLN C 455 39.94 2.47 16.71
CA GLN C 455 38.90 2.10 15.76
C GLN C 455 37.54 2.48 16.30
N GLN C 456 37.43 2.48 17.63
CA GLN C 456 36.19 2.86 18.30
C GLN C 456 35.93 4.34 18.01
N CYS C 457 37.03 5.05 17.76
CA CYS C 457 37.13 6.46 17.46
C CYS C 457 36.25 6.90 16.27
N PHE C 458 36.15 6.08 15.21
CA PHE C 458 35.51 6.51 13.96
C PHE C 458 33.99 6.54 13.93
N THR C 459 33.40 7.31 14.84
CA THR C 459 31.96 7.47 14.99
C THR C 459 31.61 8.93 15.14
N VAL C 460 32.23 9.78 14.32
CA VAL C 460 32.11 11.23 14.51
C VAL C 460 30.77 11.88 14.13
N ARG C 461 29.69 11.46 14.76
CA ARG C 461 28.39 12.00 14.37
C ARG C 461 28.24 13.42 14.86
N SER C 462 28.61 14.36 13.99
CA SER C 462 28.66 15.78 14.32
C SER C 462 29.46 16.00 15.60
N SER C 463 30.51 15.19 15.77
CA SER C 463 31.36 15.29 16.96
C SER C 463 32.78 14.96 16.63
N TYR C 464 33.62 14.92 17.65
CA TYR C 464 35.06 14.73 17.43
C TYR C 464 35.44 13.29 17.65
N CYS C 465 36.45 12.83 16.93
CA CYS C 465 36.95 11.47 17.03
C CYS C 465 37.86 11.48 18.27
N PRO C 466 37.58 10.74 19.34
CA PRO C 466 38.30 10.76 20.62
C PRO C 466 39.83 10.77 20.57
N CYS C 467 40.41 10.14 19.58
CA CYS C 467 41.86 10.06 19.51
C CYS C 467 42.46 11.33 18.95
N ALA C 468 41.59 12.26 18.56
CA ALA C 468 41.95 13.58 18.04
C ALA C 468 42.08 14.56 19.18
N GLN C 469 41.90 14.09 20.42
CA GLN C 469 41.98 14.94 21.60
C GLN C 469 43.11 16.01 21.61
N PRO C 470 44.40 15.73 21.28
CA PRO C 470 45.50 16.69 21.29
C PRO C 470 45.54 17.61 20.06
N ASP C 471 44.73 17.33 19.04
CA ASP C 471 44.82 18.09 17.82
C ASP C 471 44.44 19.55 18.07
N ILE C 472 45.04 20.45 17.31
CA ILE C 472 44.70 21.87 17.41
C ILE C 472 44.34 22.38 16.03
N VAL C 473 43.99 23.66 15.96
CA VAL C 473 43.56 24.33 14.73
C VAL C 473 44.52 24.23 13.55
N SER C 474 45.82 24.48 13.79
CA SER C 474 46.86 24.51 12.76
C SER C 474 47.56 23.17 12.60
N PRO C 475 48.37 23.00 11.53
CA PRO C 475 49.33 21.92 11.35
C PRO C 475 50.55 22.22 12.19
N CYS C 476 51.47 21.23 12.25
CA CYS C 476 52.78 21.37 12.87
C CYS C 476 53.78 21.78 11.82
N THR C 477 53.88 20.90 10.85
CA THR C 477 54.77 20.99 9.73
C THR C 477 54.11 20.49 8.47
N THR C 478 54.89 20.44 7.40
CA THR C 478 54.38 20.05 6.10
C THR C 478 53.93 18.60 6.16
N GLN C 479 52.67 18.36 5.82
CA GLN C 479 52.11 17.01 5.88
C GLN C 479 52.40 16.34 7.22
N THR C 480 52.22 17.10 8.31
CA THR C 480 52.47 16.64 9.67
C THR C 480 51.93 15.25 9.91
N LYS C 481 52.76 14.26 10.20
CA LYS C 481 52.20 12.96 10.53
C LYS C 481 52.03 12.84 12.04
N PRO C 482 50.83 12.51 12.54
CA PRO C 482 50.60 12.30 13.96
C PRO C 482 51.41 11.15 14.54
N LYS C 483 52.20 11.50 15.55
CA LYS C 483 53.08 10.59 16.25
C LYS C 483 52.87 10.81 17.74
N SER C 484 53.24 9.86 18.59
CA SER C 484 52.99 10.08 20.01
C SER C 484 53.99 9.44 21.02
N ALA C 485 53.56 9.44 22.27
CA ALA C 485 54.31 9.00 23.43
C ALA C 485 54.25 7.49 23.61
N PHE C 486 54.95 6.82 22.72
CA PHE C 486 55.07 5.37 22.69
C PHE C 486 55.61 4.91 24.05
N VAL C 487 55.02 3.84 24.57
CA VAL C 487 55.32 3.17 25.86
C VAL C 487 54.91 3.92 27.16
N ASN C 488 55.23 5.21 27.31
CA ASN C 488 54.86 5.91 28.56
C ASN C 488 53.98 7.20 28.43
N VAL C 489 52.93 7.18 27.60
CA VAL C 489 52.03 8.36 27.40
C VAL C 489 51.37 8.81 28.68
N GLY C 490 51.15 7.90 29.64
CA GLY C 490 50.49 8.29 30.88
C GLY C 490 51.38 9.20 31.73
N ASP C 491 52.68 9.16 31.48
CA ASP C 491 53.64 9.96 32.22
C ASP C 491 54.04 11.21 31.42
N HIS C 492 54.12 11.04 30.09
CA HIS C 492 54.56 12.10 29.18
C HIS C 492 53.71 12.14 27.92
N CYS C 493 52.49 12.67 28.03
CA CYS C 493 51.54 12.60 26.92
C CYS C 493 52.02 13.24 25.62
N GLU C 494 52.76 14.33 25.73
CA GLU C 494 53.25 15.11 24.60
C GLU C 494 54.26 14.43 23.63
N GLY C 495 54.83 13.28 23.97
CA GLY C 495 55.77 12.63 23.05
C GLY C 495 57.00 12.01 23.68
N LEU C 496 57.32 10.78 23.24
CA LEU C 496 58.43 9.98 23.75
C LEU C 496 59.19 9.13 22.74
N GLY C 497 58.47 8.35 21.94
CA GLY C 497 59.12 7.32 21.11
C GLY C 497 58.96 7.60 19.65
N VAL C 498 57.82 7.20 19.10
CA VAL C 498 57.56 7.43 17.69
C VAL C 498 57.67 8.94 17.45
N LEU C 499 57.08 9.76 18.34
CA LEU C 499 57.36 11.19 18.21
C LEU C 499 58.70 11.45 18.85
N GLU C 500 59.74 11.23 18.06
CA GLU C 500 61.13 11.31 18.49
C GLU C 500 61.49 12.70 18.98
N ASP C 501 60.91 13.71 18.35
CA ASP C 501 61.14 15.10 18.69
C ASP C 501 60.00 15.93 18.16
N ASN C 502 60.02 17.20 18.49
CA ASN C 502 59.02 18.14 18.03
C ASN C 502 59.13 18.28 16.51
N CYS C 503 58.06 17.99 15.80
CA CYS C 503 58.04 18.07 14.34
C CYS C 503 58.23 19.47 13.73
N GLY C 504 58.19 20.52 14.55
CA GLY C 504 58.38 21.89 14.11
C GLY C 504 57.64 22.79 15.07
N ASN C 505 56.33 22.68 15.06
CA ASN C 505 55.41 23.36 15.91
C ASN C 505 54.42 22.32 16.41
N ALA C 506 54.90 21.28 17.10
CA ALA C 506 54.08 20.10 17.43
C ALA C 506 53.06 20.30 18.52
N ASP C 507 52.38 21.43 18.49
CA ASP C 507 51.30 21.70 19.39
C ASP C 507 50.14 20.73 19.12
N PRO C 508 49.86 20.33 17.85
CA PRO C 508 48.87 19.35 17.47
C PRO C 508 49.10 17.96 18.08
N HIS C 509 50.30 17.74 18.69
CA HIS C 509 50.59 16.46 19.29
C HIS C 509 50.57 16.56 20.82
N LYS C 510 50.40 17.77 21.36
CA LYS C 510 50.47 17.94 22.81
C LYS C 510 49.14 17.63 23.47
N GLY C 511 49.19 17.07 24.65
CA GLY C 511 47.98 16.72 25.37
C GLY C 511 47.80 15.22 25.29
N CYS C 512 46.88 14.71 26.09
CA CYS C 512 46.69 13.27 26.17
C CYS C 512 45.76 12.79 25.10
N ILE C 513 45.71 11.48 24.94
CA ILE C 513 44.91 10.81 23.93
C ILE C 513 43.98 9.72 24.47
N CYS C 514 43.07 9.29 23.60
CA CYS C 514 42.07 8.22 23.81
C CYS C 514 42.66 6.88 24.21
N ALA C 515 43.94 6.76 24.02
CA ALA C 515 44.68 5.57 24.28
C ALA C 515 44.58 5.01 25.66
N ASN C 516 44.49 5.89 26.66
CA ASN C 516 44.48 5.36 28.03
C ASN C 516 45.66 4.38 28.20
N ASN C 517 46.89 4.87 27.98
CA ASN C 517 48.11 4.04 28.00
C ASN C 517 48.24 3.02 26.88
N SER C 518 48.17 3.51 25.65
CA SER C 518 48.36 2.74 24.43
C SER C 518 48.89 3.62 23.30
N PHE C 519 49.65 3.06 22.37
CA PHE C 519 50.14 3.94 21.32
C PHE C 519 49.15 4.13 20.22
N ILE C 520 48.75 5.37 20.00
CA ILE C 520 47.83 5.68 18.93
C ILE C 520 48.63 6.47 17.93
N GLY C 521 48.58 6.06 16.69
CA GLY C 521 49.30 6.77 15.65
C GLY C 521 48.29 7.17 14.63
N TRP C 522 48.51 8.25 13.89
CA TRP C 522 47.47 8.52 12.91
C TRP C 522 47.97 9.15 11.61
N SER C 523 47.15 8.98 10.58
CA SER C 523 47.50 9.41 9.23
C SER C 523 47.16 10.85 8.94
N HIS C 524 47.73 11.34 7.84
CA HIS C 524 47.60 12.73 7.44
C HIS C 524 47.62 12.91 5.93
N ASP C 525 46.88 13.92 5.51
CA ASP C 525 46.66 14.39 4.15
C ASP C 525 46.65 15.89 4.21
N THR C 526 46.52 16.58 3.10
CA THR C 526 46.56 18.01 3.29
C THR C 526 45.82 18.85 2.29
N CYS C 527 45.40 20.04 2.74
CA CYS C 527 44.79 21.01 1.85
C CYS C 527 45.86 21.98 1.42
N LEU C 528 46.00 22.18 0.15
CA LEU C 528 46.99 23.12 -0.29
C LEU C 528 46.29 24.45 -0.41
N VAL C 529 46.43 25.27 0.62
CA VAL C 529 45.62 26.45 0.73
C VAL C 529 46.23 27.59 -0.04
N ASN C 530 45.98 27.53 -1.34
CA ASN C 530 46.42 28.47 -2.34
C ASN C 530 45.14 29.20 -2.69
N ASP C 531 44.28 28.57 -3.48
CA ASP C 531 42.95 29.12 -3.55
C ASP C 531 42.48 28.98 -2.13
N ARG C 532 41.66 29.89 -1.62
CA ARG C 532 41.23 29.69 -0.25
C ARG C 532 40.73 28.27 -0.19
N CYS C 533 41.19 27.52 0.79
CA CYS C 533 40.78 26.14 0.85
C CYS C 533 39.30 26.24 0.97
N GLN C 534 38.58 25.53 0.13
CA GLN C 534 37.15 25.72 0.14
C GLN C 534 36.63 25.53 1.55
N ILE C 535 35.82 26.48 1.99
CA ILE C 535 35.31 26.37 3.32
C ILE C 535 33.97 25.74 3.31
N PHE C 536 33.83 24.75 4.16
CA PHE C 536 32.59 24.06 4.33
C PHE C 536 31.91 24.53 5.57
N ALA C 537 30.66 24.92 5.42
CA ALA C 537 29.84 25.33 6.54
C ALA C 537 28.61 24.45 6.59
N ASN C 538 28.52 23.64 7.64
CA ASN C 538 27.37 22.76 7.77
C ASN C 538 26.36 23.46 8.65
N ILE C 539 25.20 23.78 8.12
CA ILE C 539 24.23 24.52 8.91
C ILE C 539 23.11 23.62 9.39
N LEU C 540 22.94 23.57 10.70
CA LEU C 540 21.92 22.74 11.29
C LEU C 540 20.74 23.61 11.66
N LEU C 541 19.56 23.21 11.21
CA LEU C 541 18.36 23.98 11.48
C LEU C 541 17.49 23.29 12.51
N ASN C 542 17.70 23.59 13.78
CA ASN C 542 17.03 22.87 14.84
C ASN C 542 15.76 23.56 15.29
N GLY C 543 14.75 22.80 15.70
CA GLY C 543 13.57 23.46 16.24
C GLY C 543 12.87 24.22 15.15
N ILE C 544 12.67 23.61 14.00
CA ILE C 544 12.09 24.30 12.86
C ILE C 544 10.75 24.98 13.09
N ASN C 545 9.97 24.54 14.06
CA ASN C 545 8.68 25.18 14.33
C ASN C 545 8.71 26.13 15.53
N SER C 546 9.90 26.44 16.05
CA SER C 546 10.02 27.29 17.25
C SER C 546 9.67 28.77 17.13
N GLY C 547 10.13 29.48 16.09
CA GLY C 547 9.89 30.91 16.06
C GLY C 547 10.92 31.77 16.85
N THR C 548 12.20 31.33 16.91
CA THR C 548 13.24 32.04 17.65
C THR C 548 14.35 32.74 16.81
N THR C 549 14.76 32.11 15.72
CA THR C 549 15.82 32.59 14.84
C THR C 549 15.26 32.78 13.44
N CYS C 550 14.92 34.01 13.08
CA CYS C 550 14.13 34.19 11.88
C CYS C 550 14.81 34.83 10.71
N SER C 551 14.45 34.35 9.52
CA SER C 551 14.86 35.02 8.32
C SER C 551 14.02 36.26 8.20
N THR C 552 14.62 37.32 7.72
CA THR C 552 13.87 38.53 7.45
C THR C 552 13.86 38.81 5.96
N ASP C 553 14.33 37.84 5.17
CA ASP C 553 14.39 38.05 3.71
C ASP C 553 13.02 38.33 3.12
N LEU C 554 12.02 37.69 3.67
CA LEU C 554 10.66 37.83 3.20
C LEU C 554 9.83 38.57 4.24
N GLN C 555 10.45 39.55 4.90
CA GLN C 555 9.76 40.33 5.94
C GLN C 555 8.39 40.85 5.52
N LEU C 556 7.41 40.52 6.36
CA LEU C 556 6.01 40.91 6.18
C LEU C 556 5.56 41.96 7.20
N PRO C 557 4.50 42.73 6.91
CA PRO C 557 3.84 43.62 7.83
C PRO C 557 3.07 42.81 8.86
N ASN C 558 3.02 43.30 10.09
CA ASN C 558 2.38 42.57 11.18
C ASN C 558 0.88 42.69 11.28
N THR C 559 0.17 42.15 10.32
CA THR C 559 -1.29 42.24 10.31
C THR C 559 -1.92 41.61 11.55
N GLU C 560 -2.83 42.36 12.18
CA GLU C 560 -3.56 41.94 13.38
C GLU C 560 -4.45 40.74 13.16
N VAL C 561 -4.71 40.00 14.23
CA VAL C 561 -5.52 38.82 14.10
C VAL C 561 -6.95 39.16 13.76
N VAL C 562 -7.42 38.51 12.73
CA VAL C 562 -8.76 38.65 12.21
C VAL C 562 -9.55 37.46 12.69
N THR C 563 -10.73 37.69 13.25
CA THR C 563 -11.51 36.56 13.76
C THR C 563 -12.84 36.39 13.06
N GLY C 564 -13.34 35.15 13.10
CA GLY C 564 -14.65 34.77 12.54
C GLY C 564 -14.61 34.58 11.03
N ILE C 565 -13.45 34.81 10.46
CA ILE C 565 -13.17 34.75 9.03
C ILE C 565 -12.13 33.73 8.61
N CYS C 566 -12.43 32.98 7.56
CA CYS C 566 -11.44 32.06 7.01
C CYS C 566 -10.34 32.92 6.44
N VAL C 567 -9.13 32.73 6.92
CA VAL C 567 -8.02 33.60 6.58
C VAL C 567 -6.71 32.82 6.56
N LYS C 568 -5.76 33.25 5.76
CA LYS C 568 -4.47 32.60 5.73
C LYS C 568 -3.62 33.16 6.83
N TYR C 569 -2.63 32.41 7.26
CA TYR C 569 -1.76 32.96 8.26
C TYR C 569 -0.36 32.42 8.31
N ASP C 570 0.46 33.19 8.99
CA ASP C 570 1.83 32.89 9.38
C ASP C 570 2.10 33.43 10.76
N LEU C 571 2.10 32.51 11.73
CA LEU C 571 2.28 32.90 13.10
C LEU C 571 3.60 32.40 13.58
N TYR C 572 4.58 33.29 13.71
CA TYR C 572 5.88 32.85 14.15
C TYR C 572 6.49 31.76 13.27
N GLY C 573 6.20 31.76 11.95
CA GLY C 573 6.73 30.77 11.03
C GLY C 573 5.77 29.60 10.75
N ILE C 574 4.71 29.46 11.55
CA ILE C 574 3.78 28.37 11.31
C ILE C 574 2.66 28.79 10.42
N THR C 575 2.58 28.17 9.27
CA THR C 575 1.62 28.62 8.30
C THR C 575 0.40 27.76 8.26
N GLY C 576 -0.63 28.30 7.67
CA GLY C 576 -1.85 27.54 7.46
C GLY C 576 -2.99 28.41 7.01
N GLN C 577 -4.18 27.87 7.19
CA GLN C 577 -5.41 28.50 6.82
C GLN C 577 -6.45 28.11 7.84
N GLY C 578 -7.25 29.06 8.27
CA GLY C 578 -8.25 28.71 9.24
C GLY C 578 -9.03 29.90 9.74
N VAL C 579 -9.78 29.67 10.79
CA VAL C 579 -10.60 30.70 11.38
C VAL C 579 -10.16 30.92 12.81
N PHE C 580 -9.90 32.16 13.17
CA PHE C 580 -9.51 32.44 14.53
C PHE C 580 -10.73 32.76 15.37
N LYS C 581 -10.70 32.32 16.62
CA LYS C 581 -11.72 32.63 17.59
C LYS C 581 -11.10 33.17 18.85
N GLU C 582 -11.41 34.39 19.24
CA GLU C 582 -10.79 34.92 20.45
C GLU C 582 -11.36 34.19 21.65
N VAL C 583 -10.47 33.73 22.52
CA VAL C 583 -10.88 33.01 23.72
C VAL C 583 -10.22 33.54 24.97
N LYS C 584 -10.77 33.18 26.12
CA LYS C 584 -10.16 33.56 27.38
C LYS C 584 -8.85 32.82 27.60
N ALA C 585 -7.90 33.49 28.25
CA ALA C 585 -6.62 32.90 28.61
C ALA C 585 -6.79 31.74 29.59
N ASP C 586 -7.99 31.62 30.15
CA ASP C 586 -8.39 30.57 31.07
C ASP C 586 -8.19 29.18 30.48
N TYR C 587 -8.17 29.07 29.14
CA TYR C 587 -8.03 27.76 28.52
C TYR C 587 -6.57 27.35 28.40
N TYR C 588 -5.67 28.28 28.61
CA TYR C 588 -4.25 28.00 28.52
C TYR C 588 -3.75 27.45 29.82
N ASN C 589 -4.06 26.17 30.01
CA ASN C 589 -3.77 25.41 31.22
C ASN C 589 -2.27 25.09 31.29
N SER C 590 -1.63 25.32 30.17
CA SER C 590 -0.22 25.19 29.93
C SER C 590 0.01 26.06 28.71
N TRP C 591 1.14 26.72 28.59
CA TRP C 591 1.30 27.48 27.38
C TRP C 591 2.69 27.71 26.89
N GLN C 592 2.74 27.92 25.60
CA GLN C 592 3.85 28.33 24.77
C GLN C 592 3.19 29.21 23.74
N THR C 593 3.96 29.84 22.87
CA THR C 593 3.33 30.72 21.89
C THR C 593 2.26 29.96 21.05
N LEU C 594 2.62 28.77 20.57
CA LEU C 594 1.74 27.98 19.71
C LEU C 594 1.34 26.65 20.33
N LEU C 595 0.06 26.27 20.19
CA LEU C 595 -0.38 24.96 20.67
C LEU C 595 -0.87 24.11 19.52
N TYR C 596 -0.66 22.80 19.63
CA TYR C 596 -1.08 21.86 18.61
C TYR C 596 -2.08 20.82 19.10
N ASP C 597 -2.88 20.27 18.18
CA ASP C 597 -3.84 19.22 18.51
C ASP C 597 -3.21 17.84 18.48
N VAL C 598 -4.04 16.81 18.64
CA VAL C 598 -3.60 15.42 18.69
C VAL C 598 -2.98 14.90 17.39
N ASN C 599 -3.18 15.61 16.28
CA ASN C 599 -2.63 15.23 14.99
C ASN C 599 -1.47 16.11 14.58
N GLY C 600 -1.09 17.05 15.43
CA GLY C 600 -0.01 17.98 15.11
C GLY C 600 -0.46 19.23 14.37
N ASN C 601 -1.75 19.50 14.30
CA ASN C 601 -2.22 20.71 13.61
C ASN C 601 -2.18 21.86 14.57
N LEU C 602 -1.87 23.05 14.09
CA LEU C 602 -1.91 24.19 14.98
C LEU C 602 -3.36 24.36 15.43
N ASN C 603 -3.64 24.43 16.73
CA ASN C 603 -5.05 24.59 17.12
C ASN C 603 -5.27 25.77 18.02
N GLY C 604 -4.26 26.56 18.22
CA GLY C 604 -4.41 27.71 19.09
C GLY C 604 -3.17 28.58 19.11
N PHE C 605 -3.38 29.80 19.55
CA PHE C 605 -2.38 30.84 19.50
C PHE C 605 -2.40 31.86 20.63
N ARG C 606 -1.25 32.04 21.27
CA ARG C 606 -1.09 33.06 22.29
C ARG C 606 -0.35 34.25 21.70
N ASP C 607 -1.07 35.33 21.46
CA ASP C 607 -0.42 36.45 20.81
C ASP C 607 0.28 37.28 21.85
N LEU C 608 1.56 36.97 22.00
CA LEU C 608 2.44 37.56 23.00
C LEU C 608 2.64 39.06 22.81
N THR C 609 2.21 39.59 21.66
CA THR C 609 2.32 41.01 21.39
C THR C 609 1.42 41.76 22.35
N THR C 610 0.24 41.18 22.57
CA THR C 610 -0.82 41.78 23.38
C THR C 610 -1.31 40.90 24.51
N ASN C 611 -0.79 39.68 24.62
CA ASN C 611 -1.23 38.70 25.61
C ASN C 611 -2.71 38.33 25.43
N LYS C 612 -3.09 38.12 24.18
CA LYS C 612 -4.45 37.74 23.81
C LYS C 612 -4.45 36.34 23.23
N THR C 613 -5.46 35.56 23.54
CA THR C 613 -5.49 34.18 23.06
C THR C 613 -6.59 33.84 22.08
N TYR C 614 -6.25 32.95 21.14
CA TYR C 614 -7.16 32.49 20.11
C TYR C 614 -7.19 30.97 19.91
N THR C 615 -8.33 30.46 19.51
CA THR C 615 -8.49 29.07 19.10
C THR C 615 -8.55 29.04 17.59
N ILE C 616 -7.86 28.09 16.96
CA ILE C 616 -7.84 28.05 15.50
C ILE C 616 -8.54 26.81 14.92
N ARG C 617 -9.46 27.03 13.99
CA ARG C 617 -10.21 25.95 13.34
C ARG C 617 -10.02 25.95 11.83
N SER C 618 -10.28 24.82 11.19
CA SER C 618 -10.20 24.71 9.73
C SER C 618 -11.36 25.47 9.12
N CYS C 619 -11.44 25.50 7.79
CA CYS C 619 -12.54 26.21 7.15
C CYS C 619 -13.58 25.20 6.59
N TYR C 620 -13.50 23.94 7.05
CA TYR C 620 -14.40 22.86 6.64
C TYR C 620 -15.81 22.99 7.22
N SER C 621 -16.82 22.65 6.44
CA SER C 621 -18.19 22.65 6.92
C SER C 621 -19.03 21.54 6.29
N GLY C 622 -19.94 20.96 7.08
CA GLY C 622 -20.80 19.86 6.61
C GLY C 622 -21.82 20.32 5.58
N ARG C 623 -22.22 19.39 4.70
CA ARG C 623 -23.23 19.67 3.66
C ARG C 623 -23.92 18.40 3.18
N VAL C 624 -25.23 18.45 2.93
CA VAL C 624 -25.89 17.29 2.32
C VAL C 624 -27.14 17.71 1.57
N SER C 625 -27.49 16.97 0.52
CA SER C 625 -28.72 17.28 -0.19
C SER C 625 -29.76 16.19 -0.13
N ALA C 626 -31.02 16.61 -0.12
CA ALA C 626 -32.19 15.76 -0.31
C ALA C 626 -32.52 16.04 -1.72
N ALA C 627 -31.89 15.32 -2.59
CA ALA C 627 -31.78 15.88 -3.89
C ALA C 627 -32.86 15.61 -4.87
N PHE C 628 -33.18 14.37 -5.10
CA PHE C 628 -34.09 14.18 -6.20
C PHE C 628 -35.24 13.26 -6.08
N HIS C 629 -36.21 13.66 -6.89
CA HIS C 629 -37.36 12.93 -7.34
C HIS C 629 -36.97 12.81 -8.78
N LYS C 630 -37.37 11.78 -9.48
CA LYS C 630 -36.97 11.67 -10.88
C LYS C 630 -37.33 12.92 -11.73
N ASP C 631 -38.34 13.68 -11.29
CA ASP C 631 -38.81 14.87 -12.00
C ASP C 631 -38.41 16.20 -11.34
N ALA C 632 -37.59 16.18 -10.29
CA ALA C 632 -37.26 17.44 -9.65
C ALA C 632 -36.18 18.19 -10.45
N PRO C 633 -36.25 19.53 -10.57
CA PRO C 633 -35.24 20.36 -11.22
C PRO C 633 -34.03 20.70 -10.36
N GLU C 634 -34.16 20.54 -9.04
CA GLU C 634 -33.07 20.91 -8.14
C GLU C 634 -33.19 20.24 -6.79
N PRO C 635 -32.08 20.08 -6.05
CA PRO C 635 -32.01 19.59 -4.70
C PRO C 635 -32.42 20.53 -3.60
N ALA C 636 -32.89 19.95 -2.49
CA ALA C 636 -33.10 20.69 -1.24
C ALA C 636 -31.82 20.54 -0.43
N LEU C 637 -31.43 21.54 0.36
CA LEU C 637 -30.16 21.42 1.07
C LEU C 637 -30.29 21.36 2.59
N LEU C 638 -29.34 20.71 3.23
CA LEU C 638 -29.23 20.68 4.67
C LEU C 638 -27.80 20.91 5.16
N TYR C 639 -27.65 21.82 6.12
CA TYR C 639 -26.37 22.09 6.71
C TYR C 639 -26.42 21.57 8.12
N ARG C 640 -26.05 20.31 8.24
CA ARG C 640 -26.28 19.59 9.47
C ARG C 640 -25.62 20.20 10.67
N ASN C 641 -26.43 20.37 11.70
CA ASN C 641 -26.07 20.92 12.99
C ASN C 641 -25.62 22.39 12.93
N ILE C 642 -25.89 23.08 11.84
CA ILE C 642 -25.52 24.49 11.70
C ILE C 642 -26.74 25.40 11.57
N ASN C 643 -26.81 26.44 12.41
CA ASN C 643 -27.90 27.45 12.42
C ASN C 643 -27.89 28.25 11.13
N CYS C 644 -29.06 28.61 10.61
CA CYS C 644 -29.09 29.34 9.36
C CYS C 644 -28.41 30.69 9.46
N SER C 645 -28.39 31.32 10.62
CA SER C 645 -27.75 32.61 10.67
C SER C 645 -26.27 32.45 10.39
N TYR C 646 -25.72 31.30 10.74
CA TYR C 646 -24.33 31.02 10.49
C TYR C 646 -24.14 30.83 9.00
N VAL C 647 -25.02 29.99 8.43
CA VAL C 647 -24.94 29.61 7.02
C VAL C 647 -24.98 30.82 6.11
N PHE C 648 -25.89 31.72 6.40
CA PHE C 648 -25.98 32.86 5.53
C PHE C 648 -24.95 33.94 5.85
N SER C 649 -24.70 34.25 7.13
CA SER C 649 -23.77 35.34 7.40
C SER C 649 -22.32 35.01 7.05
N ASN C 650 -21.99 33.73 6.91
CA ASN C 650 -20.65 33.35 6.54
C ASN C 650 -20.52 32.97 5.08
N ASN C 651 -21.55 33.29 4.29
CA ASN C 651 -21.51 32.98 2.88
C ASN C 651 -21.19 31.52 2.61
N ILE C 652 -21.85 30.61 3.33
CA ILE C 652 -21.55 29.19 3.19
C ILE C 652 -22.00 28.60 1.86
N SER C 653 -23.15 29.01 1.38
CA SER C 653 -23.70 28.48 0.13
C SER C 653 -24.38 29.57 -0.72
N ARG C 654 -25.30 29.16 -1.59
CA ARG C 654 -25.97 30.08 -2.52
C ARG C 654 -26.75 31.17 -1.78
N GLU C 655 -26.74 32.38 -2.34
CA GLU C 655 -27.47 33.51 -1.76
C GLU C 655 -28.96 33.45 -2.02
N GLU C 656 -29.32 32.77 -3.09
CA GLU C 656 -30.71 32.67 -3.48
C GLU C 656 -31.43 31.63 -2.65
N ASN C 657 -32.57 31.98 -2.11
CA ASN C 657 -33.34 31.04 -1.30
C ASN C 657 -34.81 31.04 -1.71
N PRO C 658 -35.16 30.59 -2.93
CA PRO C 658 -36.52 30.64 -3.47
C PRO C 658 -37.61 30.19 -2.52
N LEU C 659 -37.32 29.17 -1.70
CA LEU C 659 -38.30 28.66 -0.75
C LEU C 659 -37.85 28.94 0.69
N ASN C 660 -37.01 29.94 0.84
CA ASN C 660 -36.44 30.39 2.10
C ASN C 660 -35.68 29.27 2.81
N TYR C 661 -35.86 29.17 4.12
CA TYR C 661 -35.12 28.21 4.95
C TYR C 661 -35.67 28.06 6.35
N PHE C 662 -35.25 26.99 7.03
CA PHE C 662 -35.68 26.75 8.41
C PHE C 662 -34.54 26.44 9.34
N ASP C 663 -34.68 26.87 10.58
CA ASP C 663 -33.80 26.39 11.63
C ASP C 663 -34.49 25.22 12.27
N SER C 664 -33.90 24.03 12.21
CA SER C 664 -34.57 22.88 12.79
C SER C 664 -33.62 21.98 13.56
N TYR C 665 -34.14 20.85 14.00
CA TYR C 665 -33.41 19.89 14.82
C TYR C 665 -32.10 19.50 14.18
N LEU C 666 -32.16 19.23 12.90
CA LEU C 666 -31.02 18.74 12.17
C LEU C 666 -30.07 19.83 11.72
N GLY C 667 -30.40 21.11 11.91
CA GLY C 667 -29.56 22.18 11.37
C GLY C 667 -30.33 23.06 10.39
N CYS C 668 -29.62 23.78 9.55
CA CYS C 668 -30.29 24.69 8.63
C CYS C 668 -30.80 24.02 7.39
N VAL C 669 -32.08 24.13 7.16
CA VAL C 669 -32.71 23.52 6.00
C VAL C 669 -32.94 24.58 4.98
N VAL C 670 -32.41 24.40 3.78
CA VAL C 670 -32.52 25.44 2.79
C VAL C 670 -33.26 25.02 1.53
N ASN C 671 -34.17 25.86 1.12
CA ASN C 671 -34.95 25.71 -0.07
C ASN C 671 -35.95 24.54 -0.06
N ALA C 672 -36.59 24.27 1.07
CA ALA C 672 -37.67 23.26 1.11
C ALA C 672 -38.97 24.01 0.97
N ASP C 673 -39.99 23.44 0.29
CA ASP C 673 -41.27 24.16 0.15
C ASP C 673 -41.89 24.46 1.49
N ASN C 674 -41.75 23.53 2.42
CA ASN C 674 -42.38 23.73 3.71
C ASN C 674 -41.88 22.75 4.75
N ARG C 675 -42.48 22.81 5.93
CA ARG C 675 -42.22 21.85 6.99
C ARG C 675 -43.55 21.45 7.56
N THR C 676 -43.65 20.25 8.08
CA THR C 676 -44.91 19.89 8.67
C THR C 676 -44.82 18.83 9.75
N ASP C 677 -45.99 18.51 10.26
CA ASP C 677 -46.24 17.48 11.23
C ASP C 677 -46.81 16.25 10.54
N GLU C 678 -47.41 16.46 9.37
CA GLU C 678 -48.00 15.33 8.67
C GLU C 678 -46.91 14.28 8.50
N ALA C 679 -47.24 13.05 8.82
CA ALA C 679 -46.25 12.00 8.69
C ALA C 679 -46.61 11.07 7.55
N LEU C 680 -45.58 10.57 6.87
CA LEU C 680 -45.75 9.67 5.76
C LEU C 680 -45.26 8.26 6.05
N PRO C 681 -45.95 7.23 5.57
CA PRO C 681 -45.51 5.86 5.61
C PRO C 681 -44.86 5.44 4.29
N ASN C 682 -44.70 6.40 3.37
CA ASN C 682 -44.22 6.11 2.02
C ASN C 682 -42.96 6.89 1.71
N CYS C 683 -42.13 7.06 2.72
CA CYS C 683 -40.88 7.79 2.60
C CYS C 683 -39.82 7.17 1.70
N ASP C 684 -39.16 8.03 0.94
CA ASP C 684 -38.05 7.66 0.08
C ASP C 684 -36.81 8.40 0.58
N LEU C 685 -36.72 9.70 0.33
CA LEU C 685 -35.56 10.45 0.76
C LEU C 685 -35.52 10.73 2.26
N ARG C 686 -35.26 9.69 3.03
CA ARG C 686 -35.18 9.78 4.48
C ARG C 686 -34.06 10.72 4.80
N MET C 687 -34.24 11.62 5.75
CA MET C 687 -33.15 12.53 6.07
C MET C 687 -33.09 13.02 7.49
N GLY C 688 -32.39 12.26 8.32
CA GLY C 688 -32.25 12.59 9.73
C GLY C 688 -33.34 11.93 10.53
N ALA C 689 -33.12 11.76 11.81
CA ALA C 689 -34.08 10.99 12.57
C ALA C 689 -35.45 11.60 12.57
N GLY C 690 -36.41 10.77 12.20
CA GLY C 690 -37.82 11.09 12.18
C GLY C 690 -38.30 11.91 11.00
N LEU C 691 -37.38 12.37 10.15
CA LEU C 691 -37.76 13.25 9.04
C LEU C 691 -37.56 12.67 7.68
N CYS C 692 -38.41 13.11 6.75
CA CYS C 692 -38.37 12.66 5.36
C CYS C 692 -38.70 13.78 4.41
N VAL C 693 -37.97 13.85 3.31
CA VAL C 693 -38.21 14.92 2.38
C VAL C 693 -38.95 14.54 1.12
N ASP C 694 -39.94 15.36 0.79
CA ASP C 694 -40.63 15.27 -0.49
C ASP C 694 -40.38 16.63 -1.14
N TYR C 695 -41.11 17.63 -0.69
CA TYR C 695 -40.90 19.00 -1.06
C TYR C 695 -40.92 19.72 0.27
N SER C 696 -41.38 18.97 1.26
CA SER C 696 -41.49 19.49 2.61
C SER C 696 -40.82 18.58 3.63
N LYS C 697 -40.51 19.15 4.78
CA LYS C 697 -39.90 18.40 5.87
C LYS C 697 -40.95 17.63 6.65
N SER C 698 -41.35 16.52 6.08
CA SER C 698 -42.41 15.69 6.63
C SER C 698 -41.86 14.78 7.71
N ARG C 699 -42.74 14.09 8.44
CA ARG C 699 -42.28 13.16 9.46
C ARG C 699 -42.48 11.71 9.04
N ARG C 700 -41.74 10.77 9.64
CA ARG C 700 -41.97 9.34 9.39
C ARG C 700 -43.17 8.77 10.20
N ALA C 701 -44.03 7.99 9.53
CA ALA C 701 -45.21 7.35 10.15
C ALA C 701 -45.18 5.84 10.23
N HIS C 702 -45.96 5.36 11.22
CA HIS C 702 -46.32 3.95 11.44
C HIS C 702 -47.80 3.77 11.81
N SER C 703 -48.22 2.53 11.66
CA SER C 703 -49.57 2.03 11.91
C SER C 703 -50.12 2.19 13.33
N SER C 704 -49.31 2.69 14.27
CA SER C 704 -49.78 2.85 15.65
C SER C 704 -51.04 3.70 15.71
N VAL C 705 -51.20 4.56 14.72
CA VAL C 705 -52.35 5.45 14.67
C VAL C 705 -53.66 4.69 14.50
N SER C 706 -53.59 3.51 13.86
CA SER C 706 -54.79 2.75 13.59
C SER C 706 -55.20 1.97 14.83
N THR C 707 -54.28 1.84 15.79
CA THR C 707 -54.58 1.11 17.00
C THR C 707 -55.30 2.05 17.91
N GLY C 708 -54.81 3.29 17.98
CA GLY C 708 -55.51 4.26 18.81
C GLY C 708 -56.95 4.38 18.29
N TYR C 709 -57.12 4.35 16.96
CA TYR C 709 -58.46 4.40 16.40
C TYR C 709 -59.30 3.22 16.84
N ARG C 710 -58.83 1.99 16.61
CA ARG C 710 -59.61 0.81 16.95
C ARG C 710 -59.88 0.71 18.44
N LEU C 711 -58.88 1.06 19.24
CA LEU C 711 -58.91 1.01 20.69
C LEU C 711 -60.00 1.90 21.25
N THR C 712 -60.06 3.14 20.77
CA THR C 712 -61.06 4.06 21.29
C THR C 712 -62.39 3.97 20.52
N THR C 713 -62.38 3.42 19.30
CA THR C 713 -63.61 3.24 18.55
C THR C 713 -64.49 2.15 19.17
N PHE C 714 -63.87 1.03 19.52
CA PHE C 714 -64.62 -0.09 20.06
C PHE C 714 -64.47 -0.30 21.57
N GLU C 715 -64.79 0.74 22.36
CA GLU C 715 -64.74 0.61 23.81
C GLU C 715 -65.71 -0.44 24.43
N PRO C 716 -66.96 -0.64 23.93
CA PRO C 716 -67.91 -1.62 24.43
C PRO C 716 -67.33 -3.03 24.35
N TYR C 717 -67.72 -3.93 25.27
CA TYR C 717 -67.13 -5.28 25.25
C TYR C 717 -68.00 -6.44 25.76
N THR C 718 -69.32 -6.37 25.60
CA THR C 718 -70.21 -7.45 26.06
C THR C 718 -70.42 -8.53 24.97
N PRO C 719 -70.10 -9.84 25.24
CA PRO C 719 -70.20 -10.99 24.32
C PRO C 719 -71.55 -11.15 23.62
N MET C 720 -72.60 -10.62 24.21
CA MET C 720 -73.93 -10.72 23.64
C MET C 720 -74.34 -9.38 23.02
N LEU C 721 -74.58 -8.37 23.85
CA LEU C 721 -75.00 -7.06 23.35
C LEU C 721 -74.05 -6.42 22.35
N VAL C 722 -72.78 -6.35 22.70
CA VAL C 722 -71.81 -5.68 21.86
C VAL C 722 -71.50 -6.53 20.67
N ASN C 723 -71.35 -7.83 20.87
CA ASN C 723 -71.12 -8.69 19.73
C ASN C 723 -72.18 -8.42 18.65
N ASP C 724 -73.46 -8.37 19.04
CA ASP C 724 -74.51 -8.09 18.05
C ASP C 724 -74.52 -6.62 17.58
N SER C 725 -74.23 -5.67 18.48
CA SER C 725 -74.25 -4.27 18.06
C SER C 725 -73.16 -4.04 17.03
N VAL C 726 -72.01 -4.62 17.30
CA VAL C 726 -70.87 -4.56 16.41
C VAL C 726 -71.17 -5.36 15.17
N GLN C 727 -71.81 -6.52 15.28
CA GLN C 727 -72.18 -7.28 14.08
C GLN C 727 -72.90 -6.34 13.09
N SER C 728 -73.84 -5.53 13.59
CA SER C 728 -74.52 -4.59 12.71
C SER C 728 -73.51 -3.59 12.12
N VAL C 729 -72.57 -3.11 12.93
CA VAL C 729 -71.57 -2.17 12.45
C VAL C 729 -70.70 -2.80 11.39
N ASP C 730 -70.22 -4.02 11.64
CA ASP C 730 -69.35 -4.76 10.73
C ASP C 730 -70.01 -5.02 9.39
N GLY C 731 -71.30 -5.37 9.41
CA GLY C 731 -72.03 -5.62 8.18
C GLY C 731 -72.11 -4.36 7.33
N LEU C 732 -72.31 -3.22 7.97
CA LEU C 732 -72.35 -2.00 7.22
C LEU C 732 -70.95 -1.64 6.75
N TYR C 733 -70.00 -1.79 7.66
CA TYR C 733 -68.61 -1.45 7.46
C TYR C 733 -68.01 -2.16 6.26
N GLU C 734 -68.22 -3.48 6.13
CA GLU C 734 -67.66 -4.20 4.99
C GLU C 734 -68.19 -3.67 3.66
N MET C 735 -69.35 -3.01 3.65
CA MET C 735 -69.91 -2.42 2.44
C MET C 735 -69.55 -0.93 2.33
N GLN C 736 -69.33 -0.28 3.48
CA GLN C 736 -68.93 1.12 3.44
C GLN C 736 -67.60 1.20 2.70
N ILE C 737 -66.77 0.20 2.95
CA ILE C 737 -65.50 0.02 2.30
C ILE C 737 -65.82 -0.54 0.90
N PRO C 738 -65.46 0.13 -0.21
CA PRO C 738 -65.79 -0.31 -1.56
C PRO C 738 -66.43 -1.68 -1.64
N THR C 739 -67.72 -1.63 -1.96
CA THR C 739 -68.65 -2.74 -1.96
C THR C 739 -68.33 -3.83 -2.92
N ASN C 740 -69.09 -4.89 -2.75
CA ASN C 740 -69.09 -6.10 -3.56
C ASN C 740 -67.81 -6.91 -3.44
N PHE C 741 -66.94 -6.50 -2.49
CA PHE C 741 -65.65 -7.12 -2.23
C PHE C 741 -64.75 -7.00 -3.45
N THR C 742 -64.77 -5.84 -4.08
CA THR C 742 -63.95 -5.56 -5.25
C THR C 742 -62.50 -5.92 -5.06
N ILE C 743 -61.90 -6.49 -6.11
CA ILE C 743 -60.49 -6.91 -6.09
C ILE C 743 -59.57 -6.02 -6.92
N GLY C 744 -58.48 -5.58 -6.29
CA GLY C 744 -57.46 -4.72 -6.89
C GLY C 744 -56.09 -5.39 -6.85
N HIS C 745 -55.02 -4.61 -7.06
CA HIS C 745 -53.71 -5.23 -7.09
C HIS C 745 -52.53 -4.30 -6.77
N HIS C 746 -51.40 -4.94 -6.43
CA HIS C 746 -50.12 -4.30 -6.14
C HIS C 746 -48.98 -5.04 -6.86
N GLU C 747 -47.84 -4.38 -7.01
CA GLU C 747 -46.69 -5.07 -7.57
C GLU C 747 -45.48 -4.88 -6.69
N GLU C 748 -44.63 -5.90 -6.66
CA GLU C 748 -43.41 -5.89 -5.85
C GLU C 748 -42.21 -6.49 -6.61
N PHE C 749 -41.00 -6.13 -6.20
CA PHE C 749 -39.79 -6.70 -6.81
C PHE C 749 -38.68 -6.95 -5.79
N ILE C 750 -38.07 -8.14 -5.88
CA ILE C 750 -36.95 -8.52 -5.02
C ILE C 750 -35.74 -8.95 -5.86
N GLN C 751 -34.58 -8.38 -5.59
CA GLN C 751 -33.41 -8.66 -6.44
C GLN C 751 -32.89 -10.11 -6.42
N THR C 752 -32.49 -10.63 -5.28
CA THR C 752 -32.03 -12.04 -5.14
C THR C 752 -30.67 -12.39 -5.76
N ARG C 753 -30.18 -11.60 -6.71
CA ARG C 753 -28.94 -11.96 -7.37
C ARG C 753 -28.19 -10.80 -8.04
N SER C 754 -26.98 -11.09 -8.46
CA SER C 754 -26.10 -10.12 -9.07
C SER C 754 -25.24 -10.86 -10.08
N PRO C 755 -24.49 -10.19 -10.96
CA PRO C 755 -23.68 -10.84 -11.94
C PRO C 755 -22.54 -11.59 -11.34
N LYS C 756 -22.19 -12.68 -11.98
CA LYS C 756 -21.10 -13.53 -11.55
C LYS C 756 -19.77 -12.97 -11.97
N VAL C 757 -19.35 -11.92 -11.30
CA VAL C 757 -18.12 -11.27 -11.67
C VAL C 757 -16.93 -12.09 -11.28
N THR C 758 -15.99 -12.23 -12.19
CA THR C 758 -14.77 -12.95 -11.91
C THR C 758 -13.61 -12.15 -12.44
N ILE C 759 -12.48 -12.22 -11.76
CA ILE C 759 -11.33 -11.43 -12.17
C ILE C 759 -10.04 -12.20 -12.32
N ASP C 760 -9.44 -12.10 -13.49
CA ASP C 760 -8.15 -12.73 -13.68
C ASP C 760 -7.13 -11.81 -13.10
N CYS C 761 -6.80 -12.08 -11.85
CA CYS C 761 -5.89 -11.24 -11.10
C CYS C 761 -4.65 -10.93 -11.87
N ALA C 762 -3.99 -11.95 -12.40
CA ALA C 762 -2.76 -11.68 -13.09
C ALA C 762 -2.99 -10.81 -14.30
N ALA C 763 -4.05 -11.07 -15.08
CA ALA C 763 -4.33 -10.27 -16.28
C ALA C 763 -4.62 -8.83 -15.94
N PHE C 764 -5.28 -8.63 -14.81
CA PHE C 764 -5.63 -7.31 -14.36
C PHE C 764 -4.38 -6.52 -14.07
N VAL C 765 -3.48 -7.11 -13.30
CA VAL C 765 -2.30 -6.40 -12.92
C VAL C 765 -1.34 -6.21 -14.08
N CYS C 766 -1.08 -7.29 -14.82
CA CYS C 766 -0.19 -7.31 -15.96
C CYS C 766 -0.93 -7.84 -17.18
N GLY C 767 -0.70 -7.28 -18.36
CA GLY C 767 -1.37 -7.83 -19.54
C GLY C 767 -0.50 -8.86 -20.25
N ASP C 768 -0.04 -8.53 -21.46
CA ASP C 768 0.79 -9.45 -22.24
C ASP C 768 2.27 -9.17 -21.92
N ASN C 769 2.48 -8.21 -21.04
CA ASN C 769 3.81 -7.78 -20.72
C ASN C 769 4.53 -8.78 -19.83
N THR C 770 5.30 -9.62 -20.47
CA THR C 770 6.07 -10.65 -19.80
C THR C 770 6.93 -10.10 -18.68
N ALA C 771 7.59 -8.96 -18.93
CA ALA C 771 8.47 -8.38 -17.91
C ALA C 771 7.71 -8.11 -16.62
N CYS C 772 6.42 -7.78 -16.73
CA CYS C 772 5.59 -7.50 -15.57
C CYS C 772 5.25 -8.79 -14.88
N ARG C 773 4.81 -9.78 -15.65
CA ARG C 773 4.43 -11.07 -15.10
C ARG C 773 5.57 -11.72 -14.33
N GLN C 774 6.79 -11.49 -14.78
CA GLN C 774 7.97 -12.04 -14.13
C GLN C 774 8.27 -11.38 -12.78
N GLN C 775 7.60 -10.28 -12.45
CA GLN C 775 7.81 -9.65 -11.17
C GLN C 775 6.63 -10.06 -10.32
N LEU C 776 5.46 -10.07 -10.97
CA LEU C 776 4.20 -10.38 -10.33
C LEU C 776 4.22 -11.71 -9.64
N VAL C 777 4.95 -12.67 -10.18
CA VAL C 777 5.02 -13.98 -9.56
C VAL C 777 5.36 -13.93 -8.05
N GLU C 778 6.11 -12.93 -7.61
CA GLU C 778 6.50 -12.83 -6.20
C GLU C 778 5.30 -12.53 -5.30
N TYR C 779 4.26 -11.97 -5.90
CA TYR C 779 3.04 -11.55 -5.25
C TYR C 779 1.94 -12.54 -5.52
N GLY C 780 2.29 -13.73 -5.99
CA GLY C 780 1.30 -14.73 -6.30
C GLY C 780 0.34 -14.97 -5.15
N SER C 781 0.83 -14.85 -3.91
CA SER C 781 -0.03 -15.06 -2.75
C SER C 781 -1.19 -14.08 -2.71
N PHE C 782 -1.04 -12.89 -3.26
CA PHE C 782 -2.13 -11.96 -3.23
C PHE C 782 -3.15 -12.42 -4.20
N CYS C 783 -2.69 -12.88 -5.35
CA CYS C 783 -3.64 -13.35 -6.33
C CYS C 783 -4.35 -14.59 -5.84
N VAL C 784 -3.67 -15.41 -5.05
CA VAL C 784 -4.35 -16.55 -4.51
C VAL C 784 -5.49 -16.09 -3.62
N ASN C 785 -5.23 -15.14 -2.74
CA ASN C 785 -6.31 -14.65 -1.89
C ASN C 785 -7.43 -14.03 -2.71
N VAL C 786 -7.08 -13.35 -3.79
CA VAL C 786 -8.12 -12.74 -4.60
C VAL C 786 -9.01 -13.80 -5.17
N ASN C 787 -8.43 -14.83 -5.74
CA ASN C 787 -9.23 -15.86 -6.33
C ASN C 787 -9.98 -16.66 -5.30
N ALA C 788 -9.36 -16.91 -4.15
CA ALA C 788 -10.05 -17.68 -3.15
C ALA C 788 -11.30 -16.98 -2.69
N ILE C 789 -11.20 -15.68 -2.46
CA ILE C 789 -12.36 -14.97 -1.99
C ILE C 789 -13.42 -14.89 -3.05
N LEU C 790 -13.04 -14.57 -4.27
CA LEU C 790 -14.07 -14.45 -5.27
C LEU C 790 -14.78 -15.79 -5.44
N ASN C 791 -14.05 -16.90 -5.38
CA ASN C 791 -14.70 -18.20 -5.53
C ASN C 791 -15.69 -18.44 -4.41
N GLU C 792 -15.31 -18.10 -3.19
CA GLU C 792 -16.19 -18.32 -2.05
C GLU C 792 -17.47 -17.50 -2.16
N VAL C 793 -17.32 -16.26 -2.60
CA VAL C 793 -18.47 -15.40 -2.77
C VAL C 793 -19.37 -15.96 -3.84
N ASN C 794 -18.78 -16.37 -4.94
CA ASN C 794 -19.55 -16.88 -6.03
C ASN C 794 -20.29 -18.15 -5.64
N ASN C 795 -19.66 -19.02 -4.86
CA ASN C 795 -20.35 -20.23 -4.47
C ASN C 795 -21.56 -19.89 -3.65
N LEU C 796 -21.41 -18.92 -2.75
CA LEU C 796 -22.52 -18.52 -1.92
C LEU C 796 -23.66 -18.05 -2.80
N LEU C 797 -23.36 -17.15 -3.73
CA LEU C 797 -24.40 -16.60 -4.55
C LEU C 797 -25.08 -17.65 -5.40
N ASP C 798 -24.31 -18.60 -5.92
CA ASP C 798 -24.92 -19.67 -6.70
C ASP C 798 -25.89 -20.46 -5.85
N ASN C 799 -25.50 -20.71 -4.61
CA ASN C 799 -26.37 -21.48 -3.77
C ASN C 799 -27.63 -20.72 -3.44
N MET C 800 -27.56 -19.39 -3.29
CA MET C 800 -28.79 -18.68 -2.99
C MET C 800 -29.72 -18.78 -4.18
N GLN C 801 -29.16 -18.76 -5.39
CA GLN C 801 -30.02 -18.88 -6.55
C GLN C 801 -30.73 -20.21 -6.54
N LEU C 802 -29.98 -21.27 -6.22
CA LEU C 802 -30.55 -22.59 -6.18
C LEU C 802 -31.59 -22.72 -5.07
N GLN C 803 -31.36 -22.07 -3.94
CA GLN C 803 -32.34 -22.13 -2.84
C GLN C 803 -33.66 -21.52 -3.27
N VAL C 804 -33.60 -20.42 -4.02
CA VAL C 804 -34.83 -19.80 -4.48
C VAL C 804 -35.52 -20.73 -5.45
N ALA C 805 -34.75 -21.29 -6.37
CA ALA C 805 -35.34 -22.19 -7.35
C ALA C 805 -36.01 -23.35 -6.65
N SER C 806 -35.34 -23.86 -5.63
CA SER C 806 -35.86 -24.96 -4.88
C SER C 806 -37.14 -24.55 -4.20
N ALA C 807 -37.14 -23.38 -3.57
CA ALA C 807 -38.33 -22.93 -2.86
C ALA C 807 -39.52 -22.88 -3.80
N LEU C 808 -39.31 -22.45 -5.03
CA LEU C 808 -40.42 -22.42 -5.96
C LEU C 808 -40.87 -23.84 -6.28
N MET C 809 -39.91 -24.71 -6.57
CA MET C 809 -40.23 -26.08 -6.96
C MET C 809 -40.75 -26.98 -5.87
N GLN C 810 -40.47 -26.69 -4.63
CA GLN C 810 -40.95 -27.53 -3.54
C GLN C 810 -42.47 -27.59 -3.51
N GLY C 811 -43.15 -26.61 -4.10
CA GLY C 811 -44.61 -26.60 -4.14
C GLY C 811 -45.16 -27.06 -5.49
N VAL C 812 -44.28 -27.53 -6.38
CA VAL C 812 -44.68 -27.88 -7.73
C VAL C 812 -44.21 -29.26 -8.06
N SER C 850 -57.92 -14.10 -18.16
CA SER C 850 -56.86 -13.92 -19.14
C SER C 850 -55.50 -13.97 -18.47
N ALA C 851 -55.47 -14.59 -17.30
CA ALA C 851 -54.27 -14.70 -16.47
C ALA C 851 -53.11 -15.35 -17.19
N ILE C 852 -53.37 -16.32 -18.05
CA ILE C 852 -52.28 -16.99 -18.73
C ILE C 852 -51.64 -16.05 -19.75
N ARG C 853 -52.47 -15.31 -20.46
CA ARG C 853 -51.96 -14.39 -21.46
C ARG C 853 -51.20 -13.27 -20.76
N GLY C 854 -51.75 -12.82 -19.62
CA GLY C 854 -51.13 -11.79 -18.81
C GLY C 854 -49.74 -12.23 -18.43
N ARG C 855 -49.64 -13.44 -17.90
CA ARG C 855 -48.38 -14.02 -17.49
C ARG C 855 -47.36 -13.93 -18.62
N SER C 856 -47.74 -14.37 -19.83
CA SER C 856 -46.75 -14.34 -20.91
C SER C 856 -46.35 -12.92 -21.30
N ALA C 857 -47.26 -11.96 -21.15
CA ALA C 857 -46.87 -10.60 -21.49
C ALA C 857 -45.80 -10.13 -20.53
N ILE C 858 -45.98 -10.44 -19.26
CA ILE C 858 -45.04 -10.06 -18.22
C ILE C 858 -43.68 -10.66 -18.50
N GLU C 859 -43.70 -11.96 -18.88
CA GLU C 859 -42.47 -12.66 -19.22
C GLU C 859 -41.63 -11.83 -20.18
N ASP C 860 -42.24 -11.20 -21.19
CA ASP C 860 -41.42 -10.39 -22.08
C ASP C 860 -41.22 -8.94 -21.62
N LEU C 861 -42.23 -8.35 -21.00
CA LEU C 861 -42.15 -6.95 -20.62
C LEU C 861 -41.04 -6.69 -19.62
N LEU C 862 -40.80 -7.65 -18.72
CA LEU C 862 -39.74 -7.53 -17.74
C LEU C 862 -38.35 -7.48 -18.35
N PHE C 863 -38.16 -8.03 -19.54
CA PHE C 863 -36.85 -8.10 -20.16
C PHE C 863 -36.70 -7.09 -21.28
N ASP C 864 -37.82 -6.54 -21.72
CA ASP C 864 -37.87 -5.60 -22.84
C ASP C 864 -37.03 -4.35 -22.59
N LYS C 865 -36.90 -3.96 -21.33
CA LYS C 865 -36.17 -2.75 -20.95
C LYS C 865 -34.72 -2.98 -20.52
N VAL C 866 -34.21 -4.21 -20.63
CA VAL C 866 -32.84 -4.46 -20.17
C VAL C 866 -31.85 -5.00 -21.19
N LYS C 867 -30.74 -4.28 -21.37
CA LYS C 867 -29.67 -4.71 -22.28
C LYS C 867 -28.88 -5.88 -21.71
N LEU C 868 -28.40 -5.71 -20.48
CA LEU C 868 -27.52 -6.70 -19.90
C LEU C 868 -28.17 -7.85 -19.16
N SER C 869 -28.90 -8.63 -19.91
CA SER C 869 -29.50 -9.86 -19.41
C SER C 869 -28.39 -10.87 -19.46
N ASP C 870 -28.56 -12.06 -18.90
CA ASP C 870 -27.46 -13.01 -18.99
C ASP C 870 -27.14 -13.28 -20.45
N VAL C 871 -28.18 -13.32 -21.26
CA VAL C 871 -28.00 -13.53 -22.67
C VAL C 871 -27.22 -12.36 -23.23
N GLY C 872 -27.59 -11.15 -22.80
CA GLY C 872 -26.92 -9.95 -23.26
C GLY C 872 -25.43 -9.99 -22.98
N PHE C 873 -25.03 -10.57 -21.86
CA PHE C 873 -23.61 -10.65 -21.61
C PHE C 873 -22.97 -11.66 -22.53
N VAL C 874 -23.62 -12.78 -22.75
CA VAL C 874 -23.02 -13.79 -23.61
C VAL C 874 -22.85 -13.24 -25.01
N GLU C 875 -23.89 -12.61 -25.53
CA GLU C 875 -23.79 -12.09 -26.87
C GLU C 875 -22.75 -11.00 -26.97
N ALA C 876 -22.65 -10.13 -25.96
CA ALA C 876 -21.65 -9.07 -26.03
C ALA C 876 -20.25 -9.64 -26.09
N TYR C 877 -20.00 -10.65 -25.28
CA TYR C 877 -18.67 -11.20 -25.23
C TYR C 877 -18.36 -11.96 -26.48
N ASN C 878 -19.37 -12.57 -27.06
CA ASN C 878 -19.20 -13.32 -28.27
C ASN C 878 -18.95 -12.43 -29.47
N ASN C 879 -19.81 -11.43 -29.67
CA ASN C 879 -19.69 -10.60 -30.84
C ASN C 879 -18.36 -9.87 -30.93
N CYS C 880 -17.82 -9.42 -29.80
CA CYS C 880 -16.59 -8.66 -29.89
C CYS C 880 -15.37 -9.52 -30.21
N THR C 881 -15.50 -10.85 -30.20
CA THR C 881 -14.35 -11.68 -30.49
C THR C 881 -13.93 -11.51 -31.94
N GLY C 882 -14.84 -10.98 -32.76
CA GLY C 882 -14.57 -10.79 -34.16
C GLY C 882 -13.84 -9.49 -34.48
N GLY C 883 -13.50 -8.69 -33.46
CA GLY C 883 -12.82 -7.42 -33.70
C GLY C 883 -13.80 -6.40 -34.24
N GLN C 884 -15.06 -6.61 -33.92
CA GLN C 884 -16.14 -5.80 -34.44
C GLN C 884 -16.29 -4.45 -33.76
N GLU C 885 -15.38 -3.54 -34.09
CA GLU C 885 -15.38 -2.20 -33.54
C GLU C 885 -15.44 -2.28 -32.02
N VAL C 886 -14.43 -2.89 -31.45
CA VAL C 886 -14.50 -3.16 -30.04
C VAL C 886 -14.11 -2.00 -29.17
N ARG C 887 -15.09 -1.14 -28.97
CA ARG C 887 -14.98 0.02 -28.10
C ARG C 887 -15.95 -0.11 -26.92
N ASP C 888 -16.98 -0.94 -27.10
CA ASP C 888 -18.00 -1.14 -26.07
C ASP C 888 -17.33 -1.71 -24.84
N LEU C 889 -17.46 -1.02 -23.71
CA LEU C 889 -16.78 -1.43 -22.50
C LEU C 889 -17.16 -2.82 -22.06
N LEU C 890 -18.33 -3.32 -22.45
CA LEU C 890 -18.68 -4.67 -22.04
C LEU C 890 -17.67 -5.68 -22.54
N CYS C 891 -16.97 -5.35 -23.62
CA CYS C 891 -15.95 -6.21 -24.16
C CYS C 891 -14.58 -5.77 -23.71
N VAL C 892 -14.36 -4.46 -23.68
CA VAL C 892 -13.05 -3.94 -23.30
C VAL C 892 -12.64 -4.46 -21.94
N GLN C 893 -13.59 -4.52 -21.02
CA GLN C 893 -13.28 -5.03 -19.71
C GLN C 893 -12.67 -6.43 -19.77
N SER C 894 -13.08 -7.27 -20.72
CA SER C 894 -12.55 -8.63 -20.73
C SER C 894 -11.09 -8.66 -21.14
N PHE C 895 -10.61 -7.60 -21.77
CA PHE C 895 -9.24 -7.56 -22.21
C PHE C 895 -8.34 -7.32 -21.04
N ASN C 896 -8.92 -6.87 -19.94
CA ASN C 896 -8.22 -6.55 -18.74
C ASN C 896 -8.52 -7.57 -17.66
N GLY C 897 -9.06 -8.71 -18.05
CA GLY C 897 -9.31 -9.79 -17.10
C GLY C 897 -10.60 -9.67 -16.31
N ILE C 898 -11.46 -8.72 -16.65
CA ILE C 898 -12.68 -8.54 -15.89
C ILE C 898 -13.89 -8.98 -16.67
N LYS C 899 -14.65 -9.91 -16.14
CA LYS C 899 -15.81 -10.33 -16.92
C LYS C 899 -16.91 -10.93 -16.09
N VAL C 900 -18.07 -11.03 -16.69
CA VAL C 900 -19.22 -11.64 -16.07
C VAL C 900 -19.53 -13.00 -16.65
N LEU C 901 -19.68 -13.98 -15.78
CA LEU C 901 -19.98 -15.32 -16.19
C LEU C 901 -21.47 -15.62 -16.01
N PRO C 902 -21.99 -16.65 -16.66
CA PRO C 902 -23.32 -17.17 -16.44
C PRO C 902 -23.51 -17.71 -15.00
N PRO C 903 -24.74 -17.74 -14.51
CA PRO C 903 -25.23 -18.33 -13.27
C PRO C 903 -25.30 -19.83 -13.41
N VAL C 904 -25.70 -20.54 -12.36
CA VAL C 904 -25.87 -21.99 -12.50
C VAL C 904 -27.03 -22.38 -13.38
N LEU C 905 -28.19 -21.76 -13.15
CA LEU C 905 -29.36 -22.06 -13.95
C LEU C 905 -29.64 -20.92 -14.88
N SER C 906 -30.08 -21.26 -16.08
CA SER C 906 -30.38 -20.29 -17.11
C SER C 906 -31.64 -19.51 -16.88
N GLU C 907 -31.77 -18.40 -17.59
CA GLU C 907 -32.98 -17.60 -17.52
C GLU C 907 -34.17 -18.41 -17.98
N SER C 908 -33.98 -19.31 -18.95
CA SER C 908 -35.08 -20.13 -19.39
C SER C 908 -35.53 -21.07 -18.29
N GLN C 909 -34.58 -21.70 -17.59
CA GLN C 909 -34.94 -22.62 -16.52
C GLN C 909 -35.62 -21.90 -15.38
N ILE C 910 -35.11 -20.73 -15.05
CA ILE C 910 -35.65 -19.96 -13.95
C ILE C 910 -37.05 -19.53 -14.31
N SER C 911 -37.24 -19.07 -15.54
CA SER C 911 -38.55 -18.62 -15.97
C SER C 911 -39.51 -19.78 -15.81
N GLY C 912 -39.08 -20.97 -16.22
CA GLY C 912 -39.87 -22.18 -16.12
C GLY C 912 -40.37 -22.34 -14.71
N TYR C 913 -39.46 -22.30 -13.74
CA TYR C 913 -39.82 -22.49 -12.36
C TYR C 913 -40.81 -21.45 -11.88
N THR C 914 -40.66 -20.20 -12.30
CA THR C 914 -41.61 -19.22 -11.83
C THR C 914 -42.98 -19.45 -12.47
N THR C 915 -43.02 -20.00 -13.70
CA THR C 915 -44.34 -20.23 -14.28
C THR C 915 -44.94 -21.47 -13.67
N GLY C 916 -44.08 -22.38 -13.21
CA GLY C 916 -44.51 -23.60 -12.56
C GLY C 916 -45.23 -23.26 -11.27
N ALA C 917 -44.53 -22.50 -10.41
CA ALA C 917 -45.09 -22.10 -9.13
C ALA C 917 -46.34 -21.28 -9.32
N THR C 918 -46.31 -20.39 -10.30
CA THR C 918 -47.46 -19.57 -10.56
C THR C 918 -48.63 -20.40 -11.03
N ALA C 919 -48.39 -21.32 -11.95
CA ALA C 919 -49.47 -22.17 -12.44
C ALA C 919 -50.05 -22.97 -11.30
N ALA C 920 -49.19 -23.48 -10.42
CA ALA C 920 -49.65 -24.26 -9.28
C ALA C 920 -50.51 -23.42 -8.36
N ALA C 921 -50.13 -22.17 -8.15
CA ALA C 921 -50.91 -21.29 -7.30
C ALA C 921 -52.29 -21.07 -7.90
N MET C 922 -52.33 -20.93 -9.23
CA MET C 922 -53.58 -20.74 -9.95
C MET C 922 -54.44 -21.99 -9.97
N PHE C 923 -53.80 -23.15 -10.15
CA PHE C 923 -54.50 -24.42 -10.27
C PHE C 923 -53.91 -25.52 -9.39
N PRO C 924 -54.12 -25.54 -8.07
CA PRO C 924 -53.52 -26.52 -7.18
C PRO C 924 -53.87 -27.86 -7.82
N PRO C 925 -52.96 -28.85 -7.79
CA PRO C 925 -53.06 -30.11 -8.49
C PRO C 925 -54.29 -30.94 -8.15
N TRP C 926 -54.81 -30.76 -6.94
CA TRP C 926 -55.99 -31.50 -6.55
C TRP C 926 -57.17 -31.02 -7.38
N SER C 927 -57.29 -29.70 -7.42
CA SER C 927 -58.39 -29.05 -8.10
C SER C 927 -58.14 -29.07 -9.60
N ALA C 928 -56.86 -29.10 -9.99
CA ALA C 928 -56.51 -29.12 -11.39
C ALA C 928 -57.01 -30.41 -12.02
N ALA C 929 -56.88 -31.52 -11.29
CA ALA C 929 -57.39 -32.78 -11.80
C ALA C 929 -58.90 -32.69 -11.97
N ALA C 930 -59.58 -32.10 -10.98
CA ALA C 930 -61.04 -31.96 -11.01
C ALA C 930 -61.43 -31.04 -12.19
N GLY C 931 -60.62 -30.03 -12.47
CA GLY C 931 -60.89 -29.09 -13.55
C GLY C 931 -61.51 -27.75 -13.19
N VAL C 932 -61.24 -27.32 -11.96
CA VAL C 932 -61.68 -26.03 -11.42
C VAL C 932 -60.99 -24.98 -12.30
N PRO C 933 -61.75 -24.05 -12.89
CA PRO C 933 -61.27 -22.98 -13.75
C PRO C 933 -60.63 -21.98 -12.81
N PHE C 934 -59.72 -21.18 -13.33
CA PHE C 934 -59.05 -20.20 -12.50
C PHE C 934 -60.01 -19.33 -11.69
N SER C 935 -61.04 -18.76 -12.31
CA SER C 935 -61.93 -17.90 -11.54
C SER C 935 -62.62 -18.65 -10.39
N LEU C 936 -62.76 -19.97 -10.52
CA LEU C 936 -63.36 -20.76 -9.47
C LEU C 936 -62.35 -20.91 -8.35
N SER C 937 -61.08 -21.14 -8.70
CA SER C 937 -60.08 -21.28 -7.65
C SER C 937 -59.97 -19.97 -6.88
N VAL C 938 -60.24 -18.86 -7.56
CA VAL C 938 -60.22 -17.58 -6.87
C VAL C 938 -61.36 -17.60 -5.88
N GLN C 939 -62.55 -18.06 -6.30
CA GLN C 939 -63.66 -18.13 -5.35
C GLN C 939 -63.28 -18.99 -4.16
N TYR C 940 -62.55 -20.06 -4.38
CA TYR C 940 -62.18 -20.91 -3.26
C TYR C 940 -61.30 -20.13 -2.28
N ARG C 941 -60.37 -19.33 -2.81
CA ARG C 941 -59.51 -18.55 -1.93
C ARG C 941 -60.36 -17.50 -1.18
N ILE C 942 -61.36 -16.95 -1.88
CA ILE C 942 -62.26 -15.96 -1.29
C ILE C 942 -63.12 -16.62 -0.20
N ASN C 943 -63.54 -17.86 -0.42
CA ASN C 943 -64.33 -18.59 0.57
C ASN C 943 -63.53 -18.66 1.87
N GLY C 944 -62.21 -18.72 1.78
CA GLY C 944 -61.32 -18.75 2.94
C GLY C 944 -61.43 -17.49 3.81
N LEU C 945 -62.02 -16.41 3.28
CA LEU C 945 -62.24 -15.16 3.97
C LEU C 945 -63.57 -15.15 4.71
N GLY C 946 -64.36 -16.19 4.49
CA GLY C 946 -65.71 -16.23 5.04
C GLY C 946 -66.68 -15.54 4.07
N VAL C 947 -66.24 -15.35 2.83
CA VAL C 947 -67.06 -14.68 1.85
C VAL C 947 -67.40 -15.62 0.70
N THR C 948 -68.70 -15.83 0.45
CA THR C 948 -69.08 -16.76 -0.62
C THR C 948 -69.83 -16.02 -1.72
N MET C 949 -70.25 -16.74 -2.73
CA MET C 949 -70.99 -16.15 -3.85
C MET C 949 -72.36 -15.62 -3.40
N ASN C 950 -72.78 -15.92 -2.17
CA ASN C 950 -74.05 -15.42 -1.66
C ASN C 950 -73.82 -14.20 -0.78
N VAL C 951 -72.56 -13.75 -0.73
CA VAL C 951 -72.09 -12.60 0.03
C VAL C 951 -71.59 -11.56 -0.97
N LEU C 952 -70.88 -12.06 -1.99
CA LEU C 952 -70.25 -11.31 -3.06
C LEU C 952 -71.28 -10.81 -4.07
N SER C 953 -70.94 -9.77 -4.83
CA SER C 953 -71.83 -9.46 -5.95
C SER C 953 -71.67 -10.64 -6.88
N GLU C 954 -72.44 -10.76 -7.97
CA GLU C 954 -72.24 -11.94 -8.81
C GLU C 954 -70.76 -12.17 -8.97
N ASN C 955 -70.32 -13.32 -8.49
CA ASN C 955 -68.92 -13.59 -8.41
C ASN C 955 -68.28 -13.92 -9.72
N GLN C 956 -69.06 -14.43 -10.66
CA GLN C 956 -68.42 -14.77 -11.91
C GLN C 956 -68.00 -13.50 -12.62
N LYS C 957 -68.85 -12.47 -12.55
CA LYS C 957 -68.52 -11.23 -13.21
C LYS C 957 -67.52 -10.42 -12.41
N MET C 958 -67.68 -10.40 -11.08
CA MET C 958 -66.78 -9.61 -10.25
C MET C 958 -65.37 -10.15 -10.37
N ILE C 959 -65.23 -11.46 -10.20
CA ILE C 959 -63.90 -12.02 -10.26
C ILE C 959 -63.33 -11.91 -11.66
N ALA C 960 -64.10 -12.28 -12.67
CA ALA C 960 -63.52 -12.23 -13.98
C ALA C 960 -63.08 -10.84 -14.37
N SER C 961 -63.90 -9.82 -14.11
CA SER C 961 -63.51 -8.49 -14.53
C SER C 961 -62.49 -7.85 -13.60
N ALA C 962 -62.50 -8.19 -12.31
CA ALA C 962 -61.52 -7.58 -11.43
C ALA C 962 -60.14 -8.00 -11.83
N PHE C 963 -59.99 -9.29 -12.14
CA PHE C 963 -58.70 -9.79 -12.51
C PHE C 963 -58.32 -9.35 -13.91
N ASN C 964 -59.25 -9.40 -14.85
CA ASN C 964 -58.85 -9.01 -16.19
C ASN C 964 -58.49 -7.53 -16.26
N ASN C 965 -59.19 -6.69 -15.49
CA ASN C 965 -58.86 -5.27 -15.51
C ASN C 965 -57.48 -5.05 -14.92
N ALA C 966 -57.18 -5.78 -13.83
CA ALA C 966 -55.88 -5.67 -13.20
C ALA C 966 -54.79 -6.07 -14.15
N LEU C 967 -54.99 -7.16 -14.86
CA LEU C 967 -53.98 -7.65 -15.77
C LEU C 967 -53.73 -6.66 -16.88
N GLY C 968 -54.80 -6.03 -17.34
CA GLY C 968 -54.65 -5.01 -18.36
C GLY C 968 -53.74 -3.92 -17.85
N ALA C 969 -54.09 -3.38 -16.67
CA ALA C 969 -53.33 -2.30 -16.04
C ALA C 969 -51.89 -2.70 -15.79
N ILE C 970 -51.68 -3.93 -15.37
CA ILE C 970 -50.34 -4.41 -15.10
C ILE C 970 -49.51 -4.38 -16.35
N GLN C 971 -50.05 -4.87 -17.47
CA GLN C 971 -49.25 -4.84 -18.69
C GLN C 971 -48.98 -3.39 -19.12
N ASP C 972 -49.98 -2.53 -19.03
CA ASP C 972 -49.78 -1.14 -19.45
C ASP C 972 -48.77 -0.42 -18.57
N GLY C 973 -48.72 -0.80 -17.31
CA GLY C 973 -47.81 -0.20 -16.35
C GLY C 973 -46.35 -0.27 -16.78
N PHE C 974 -45.98 -1.26 -17.60
CA PHE C 974 -44.59 -1.39 -18.01
C PHE C 974 -44.13 -0.27 -18.93
N ASP C 975 -45.08 0.43 -19.54
CA ASP C 975 -44.78 1.56 -20.40
C ASP C 975 -45.16 2.88 -19.73
N ALA C 976 -45.35 2.84 -18.41
CA ALA C 976 -45.77 4.02 -17.67
C ALA C 976 -44.95 4.20 -16.39
N THR C 977 -43.65 4.35 -16.54
CA THR C 977 -42.73 4.49 -15.41
C THR C 977 -42.96 3.49 -14.28
N ASN C 978 -42.88 2.22 -14.62
CA ASN C 978 -43.05 1.12 -13.67
C ASN C 978 -41.96 1.13 -12.59
N SER C 979 -42.37 1.02 -11.33
CA SER C 979 -41.41 1.04 -10.22
C SER C 979 -40.45 -0.13 -10.27
N ALA C 980 -40.95 -1.32 -10.60
CA ALA C 980 -40.05 -2.46 -10.66
C ALA C 980 -39.03 -2.24 -11.75
N LEU C 981 -39.45 -1.71 -12.90
CA LEU C 981 -38.47 -1.50 -13.97
C LEU C 981 -37.42 -0.50 -13.53
N GLY C 982 -37.85 0.51 -12.77
CA GLY C 982 -36.92 1.49 -12.24
C GLY C 982 -35.84 0.77 -11.44
N LYS C 983 -36.28 -0.07 -10.49
CA LYS C 983 -35.32 -0.77 -9.65
C LYS C 983 -34.45 -1.71 -10.47
N ILE C 984 -35.04 -2.39 -11.45
CA ILE C 984 -34.26 -3.32 -12.24
C ILE C 984 -33.16 -2.62 -13.00
N GLN C 985 -33.49 -1.51 -13.65
CA GLN C 985 -32.46 -0.80 -14.38
C GLN C 985 -31.44 -0.24 -13.42
N SER C 986 -31.88 0.21 -12.25
CA SER C 986 -30.96 0.77 -11.28
C SER C 986 -29.93 -0.28 -10.85
N VAL C 987 -30.39 -1.52 -10.64
CA VAL C 987 -29.48 -2.61 -10.28
C VAL C 987 -28.48 -2.87 -11.38
N VAL C 988 -28.96 -2.92 -12.62
CA VAL C 988 -28.05 -3.17 -13.70
C VAL C 988 -27.01 -2.09 -13.80
N ASN C 989 -27.45 -0.85 -13.70
CA ASN C 989 -26.54 0.27 -13.79
C ASN C 989 -25.53 0.24 -12.67
N ALA C 990 -25.97 -0.07 -11.46
CA ALA C 990 -25.06 -0.07 -10.33
C ALA C 990 -23.94 -1.06 -10.53
N ASN C 991 -24.27 -2.21 -11.07
CA ASN C 991 -23.25 -3.22 -11.25
C ASN C 991 -22.29 -2.79 -12.34
N ALA C 992 -22.82 -2.15 -13.37
CA ALA C 992 -21.95 -1.69 -14.43
C ALA C 992 -20.98 -0.66 -13.89
N GLU C 993 -21.46 0.22 -13.03
CA GLU C 993 -20.60 1.24 -12.47
C GLU C 993 -19.50 0.63 -11.66
N ALA C 994 -19.81 -0.41 -10.89
CA ALA C 994 -18.78 -1.03 -10.08
C ALA C 994 -17.66 -1.56 -10.95
N LEU C 995 -18.02 -2.17 -12.07
CA LEU C 995 -16.98 -2.72 -12.90
C LEU C 995 -16.22 -1.64 -13.63
N ASN C 996 -16.91 -0.57 -14.02
CA ASN C 996 -16.21 0.49 -14.70
C ASN C 996 -15.26 1.19 -13.76
N ASN C 997 -15.60 1.26 -12.48
CA ASN C 997 -14.68 1.89 -11.57
C ASN C 997 -13.41 1.06 -11.49
N LEU C 998 -13.57 -0.26 -11.46
CA LEU C 998 -12.40 -1.10 -11.38
C LEU C 998 -11.58 -0.95 -12.64
N LEU C 999 -12.22 -0.91 -13.79
CA LEU C 999 -11.48 -0.77 -15.02
C LEU C 999 -10.73 0.56 -15.04
N ASN C 1000 -11.39 1.64 -14.64
CA ASN C 1000 -10.81 2.98 -14.64
C ASN C 1000 -9.61 3.04 -13.73
N GLN C 1001 -9.59 2.19 -12.73
CA GLN C 1001 -8.50 2.11 -11.79
C GLN C 1001 -7.17 1.92 -12.47
N LEU C 1002 -7.17 1.22 -13.60
CA LEU C 1002 -5.92 0.93 -14.27
C LEU C 1002 -5.21 2.19 -14.71
N SER C 1003 -5.96 3.26 -14.95
CA SER C 1003 -5.40 4.50 -15.43
C SER C 1003 -4.80 5.34 -14.30
N ASN C 1004 -4.94 4.89 -13.06
CA ASN C 1004 -4.48 5.67 -11.92
C ASN C 1004 -3.05 6.12 -11.98
N ARG C 1005 -2.16 5.36 -12.59
CA ARG C 1005 -0.78 5.80 -12.65
C ARG C 1005 -0.19 6.03 -11.28
N PHE C 1006 -0.13 4.97 -10.48
CA PHE C 1006 0.39 5.09 -9.12
C PHE C 1006 1.88 5.41 -9.14
N GLY C 1007 2.52 5.07 -10.26
CA GLY C 1007 3.94 5.23 -10.48
C GLY C 1007 4.29 6.65 -10.88
N ALA C 1008 5.57 6.88 -11.16
CA ALA C 1008 6.03 8.22 -11.51
C ALA C 1008 6.05 8.47 -13.01
N ILE C 1009 5.89 7.42 -13.80
CA ILE C 1009 5.98 7.61 -15.24
C ILE C 1009 4.66 7.50 -15.94
N SER C 1010 4.07 6.32 -15.91
CA SER C 1010 2.85 6.09 -16.67
C SER C 1010 2.08 4.91 -16.17
N ALA C 1011 0.78 4.93 -16.39
CA ALA C 1011 -0.06 3.78 -16.07
C ALA C 1011 0.19 2.64 -17.05
N SER C 1012 0.81 2.94 -18.18
CA SER C 1012 1.11 1.94 -19.19
C SER C 1012 2.44 1.27 -18.92
N LEU C 1013 2.39 -0.02 -18.68
CA LEU C 1013 3.60 -0.75 -18.36
C LEU C 1013 4.60 -0.65 -19.49
N GLN C 1014 4.09 -0.59 -20.71
CA GLN C 1014 4.92 -0.53 -21.89
C GLN C 1014 5.68 0.81 -21.93
N GLU C 1015 5.07 1.89 -21.46
CA GLU C 1015 5.77 3.15 -21.51
C GLU C 1015 6.87 3.15 -20.48
N ILE C 1016 6.63 2.52 -19.36
CA ILE C 1016 7.67 2.48 -18.37
C ILE C 1016 8.83 1.67 -18.88
N LEU C 1017 8.51 0.47 -19.33
CA LEU C 1017 9.47 -0.49 -19.80
C LEU C 1017 10.34 -0.01 -20.95
N THR C 1018 9.77 0.77 -21.86
CA THR C 1018 10.54 1.22 -23.01
C THR C 1018 11.14 2.61 -22.85
N ARG C 1019 11.03 3.20 -21.66
CA ARG C 1019 11.63 4.50 -21.41
C ARG C 1019 12.72 4.43 -20.38
N LEU C 1020 12.47 3.68 -19.32
CA LEU C 1020 13.41 3.58 -18.22
C LEU C 1020 14.47 2.50 -18.37
N GLU C 1021 15.55 2.65 -17.61
CA GLU C 1021 16.61 1.65 -17.55
C GLU C 1021 15.96 0.42 -16.96
N ALA C 1022 16.47 -0.77 -17.23
CA ALA C 1022 15.83 -1.96 -16.67
C ALA C 1022 15.63 -1.92 -15.15
N VAL C 1023 16.59 -1.37 -14.39
CA VAL C 1023 16.41 -1.33 -12.94
C VAL C 1023 15.35 -0.34 -12.54
N GLU C 1024 15.40 0.82 -13.15
CA GLU C 1024 14.46 1.87 -12.86
C GLU C 1024 13.06 1.39 -13.20
N ALA C 1025 12.95 0.70 -14.34
CA ALA C 1025 11.67 0.20 -14.78
C ALA C 1025 11.16 -0.80 -13.78
N LYS C 1026 12.04 -1.66 -13.27
CA LYS C 1026 11.61 -2.63 -12.31
C LYS C 1026 10.98 -1.93 -11.13
N ALA C 1027 11.63 -0.89 -10.62
CA ALA C 1027 11.07 -0.18 -9.48
C ALA C 1027 9.70 0.42 -9.79
N GLN C 1028 9.54 0.98 -10.98
CA GLN C 1028 8.26 1.58 -11.31
C GLN C 1028 7.19 0.52 -11.47
N ILE C 1029 7.56 -0.64 -12.00
CA ILE C 1029 6.61 -1.70 -12.17
C ILE C 1029 6.16 -2.17 -10.81
N ASP C 1030 7.09 -2.31 -9.86
CA ASP C 1030 6.69 -2.73 -8.53
C ASP C 1030 5.68 -1.76 -7.94
N ARG C 1031 5.85 -0.45 -8.19
CA ARG C 1031 4.86 0.48 -7.67
C ARG C 1031 3.49 0.25 -8.31
N LEU C 1032 3.44 -0.01 -9.61
CA LEU C 1032 2.12 -0.25 -10.19
C LEU C 1032 1.53 -1.55 -9.72
N ILE C 1033 2.35 -2.56 -9.52
CA ILE C 1033 1.79 -3.82 -9.06
C ILE C 1033 1.17 -3.67 -7.70
N ASN C 1034 1.84 -3.01 -6.78
CA ASN C 1034 1.25 -2.88 -5.46
C ASN C 1034 0.02 -2.01 -5.52
N GLY C 1035 0.03 -1.03 -6.41
CA GLY C 1035 -1.12 -0.18 -6.58
C GLY C 1035 -2.33 -1.00 -7.02
N ARG C 1036 -2.16 -1.77 -8.08
CA ARG C 1036 -3.25 -2.55 -8.61
C ARG C 1036 -3.71 -3.65 -7.67
N LEU C 1037 -2.79 -4.28 -6.94
CA LEU C 1037 -3.21 -5.31 -6.00
C LEU C 1037 -4.03 -4.66 -4.89
N THR C 1038 -3.64 -3.46 -4.48
CA THR C 1038 -4.39 -2.78 -3.46
C THR C 1038 -5.79 -2.51 -3.96
N ALA C 1039 -5.88 -2.05 -5.19
CA ALA C 1039 -7.19 -1.78 -5.74
C ALA C 1039 -8.04 -3.03 -5.79
N LEU C 1040 -7.45 -4.19 -6.12
CA LEU C 1040 -8.27 -5.38 -6.14
C LEU C 1040 -8.79 -5.69 -4.77
N ASN C 1041 -7.98 -5.47 -3.74
CA ASN C 1041 -8.46 -5.75 -2.41
C ASN C 1041 -9.63 -4.82 -2.09
N ALA C 1042 -9.54 -3.57 -2.54
CA ALA C 1042 -10.65 -2.66 -2.31
C ALA C 1042 -11.89 -3.18 -3.03
N TYR C 1043 -11.70 -3.68 -4.24
CA TYR C 1043 -12.79 -4.23 -5.02
C TYR C 1043 -13.44 -5.36 -4.25
N ILE C 1044 -12.63 -6.24 -3.71
CA ILE C 1044 -13.20 -7.34 -2.97
C ILE C 1044 -14.05 -6.86 -1.82
N SER C 1045 -13.61 -5.84 -1.11
CA SER C 1045 -14.44 -5.36 -0.03
C SER C 1045 -15.82 -5.00 -0.57
N LYS C 1046 -15.87 -4.39 -1.76
CA LYS C 1046 -17.17 -4.06 -2.34
C LYS C 1046 -17.97 -5.32 -2.55
N GLN C 1047 -17.33 -6.36 -3.08
CA GLN C 1047 -18.07 -7.59 -3.34
C GLN C 1047 -18.58 -8.23 -2.06
N LEU C 1048 -17.82 -8.14 -0.99
CA LEU C 1048 -18.30 -8.75 0.24
C LEU C 1048 -19.54 -8.01 0.69
N SER C 1049 -19.54 -6.68 0.57
CA SER C 1049 -20.68 -5.90 0.97
C SER C 1049 -21.88 -6.28 0.12
N ASP C 1050 -21.68 -6.38 -1.19
CA ASP C 1050 -22.77 -6.78 -2.07
C ASP C 1050 -23.30 -8.15 -1.73
N SER C 1051 -22.43 -9.11 -1.41
CA SER C 1051 -22.97 -10.43 -1.13
C SER C 1051 -23.88 -10.38 0.07
N THR C 1052 -23.61 -9.47 1.01
CA THR C 1052 -24.49 -9.38 2.14
C THR C 1052 -25.86 -8.88 1.74
N LEU C 1053 -25.90 -7.80 0.98
CA LEU C 1053 -27.20 -7.27 0.63
C LEU C 1053 -28.01 -8.22 -0.23
N ILE C 1054 -27.34 -8.92 -1.11
CA ILE C 1054 -27.99 -9.85 -2.00
C ILE C 1054 -28.57 -10.96 -1.19
N LYS C 1055 -27.77 -11.51 -0.29
CA LYS C 1055 -28.20 -12.59 0.57
C LYS C 1055 -29.46 -12.20 1.31
N VAL C 1056 -29.50 -10.98 1.83
CA VAL C 1056 -30.69 -10.54 2.55
C VAL C 1056 -31.90 -10.49 1.64
N SER C 1057 -31.73 -9.91 0.47
CA SER C 1057 -32.85 -9.81 -0.44
C SER C 1057 -33.32 -11.18 -0.86
N ALA C 1058 -32.39 -12.09 -1.12
CA ALA C 1058 -32.74 -13.43 -1.51
C ALA C 1058 -33.52 -14.10 -0.40
N ALA C 1059 -33.13 -13.86 0.83
CA ALA C 1059 -33.85 -14.45 1.93
C ALA C 1059 -35.30 -13.98 1.91
N GLN C 1060 -35.51 -12.71 1.59
CA GLN C 1060 -36.89 -12.22 1.54
C GLN C 1060 -37.65 -12.88 0.43
N ALA C 1061 -37.00 -13.12 -0.70
CA ALA C 1061 -37.70 -13.78 -1.78
C ALA C 1061 -38.11 -15.16 -1.35
N ILE C 1062 -37.25 -15.84 -0.62
CA ILE C 1062 -37.59 -17.18 -0.19
C ILE C 1062 -38.78 -17.14 0.74
N GLU C 1063 -38.76 -16.22 1.71
CA GLU C 1063 -39.90 -16.13 2.61
C GLU C 1063 -41.16 -15.70 1.88
N LYS C 1064 -41.01 -14.84 0.88
CA LYS C 1064 -42.18 -14.31 0.19
C LYS C 1064 -42.83 -15.43 -0.59
N VAL C 1065 -42.01 -16.26 -1.21
CA VAL C 1065 -42.54 -17.37 -1.94
C VAL C 1065 -43.23 -18.32 -0.99
N ASN C 1066 -42.55 -18.71 0.07
CA ASN C 1066 -43.15 -19.65 0.98
C ASN C 1066 -44.40 -19.14 1.68
N GLU C 1067 -44.44 -17.86 2.03
CA GLU C 1067 -45.58 -17.29 2.74
C GLU C 1067 -46.75 -16.91 1.84
N CYS C 1068 -46.50 -16.36 0.66
CA CYS C 1068 -47.58 -15.91 -0.21
C CYS C 1068 -47.74 -16.65 -1.54
N VAL C 1069 -46.68 -17.13 -2.15
CA VAL C 1069 -46.90 -17.79 -3.43
C VAL C 1069 -47.50 -19.14 -3.20
N LYS C 1070 -46.97 -19.82 -2.21
CA LYS C 1070 -47.41 -21.18 -1.90
C LYS C 1070 -48.54 -21.23 -0.90
N SER C 1071 -48.73 -20.15 -0.17
CA SER C 1071 -49.73 -20.07 0.88
C SER C 1071 -50.32 -18.68 0.95
N GLN C 1072 -51.05 -18.40 2.01
CA GLN C 1072 -51.67 -17.10 2.19
C GLN C 1072 -51.37 -16.63 3.59
N THR C 1073 -51.39 -15.31 3.81
CA THR C 1073 -51.05 -14.83 5.14
C THR C 1073 -52.04 -13.87 5.75
N THR C 1074 -51.69 -13.45 6.96
CA THR C 1074 -52.45 -12.54 7.79
C THR C 1074 -51.67 -11.27 8.04
N ARG C 1075 -50.44 -11.24 7.56
CA ARG C 1075 -49.62 -10.05 7.69
C ARG C 1075 -50.17 -8.97 6.81
N ILE C 1076 -50.05 -7.71 7.22
CA ILE C 1076 -50.50 -6.61 6.37
C ILE C 1076 -49.33 -5.69 6.07
N ASN C 1077 -49.54 -4.78 5.11
CA ASN C 1077 -48.50 -3.85 4.66
C ASN C 1077 -47.30 -4.68 4.19
N PHE C 1078 -47.66 -5.78 3.54
CA PHE C 1078 -46.80 -6.82 3.02
C PHE C 1078 -47.60 -7.80 2.20
N CYS C 1079 -47.35 -7.95 0.89
CA CYS C 1079 -48.14 -8.96 0.18
C CYS C 1079 -49.68 -8.79 0.30
N GLY C 1080 -50.28 -9.51 1.25
CA GLY C 1080 -51.73 -9.59 1.44
C GLY C 1080 -52.34 -8.39 2.16
N ASN C 1081 -52.17 -7.22 1.57
CA ASN C 1081 -52.60 -5.96 2.17
C ASN C 1081 -54.12 -5.90 2.37
N GLY C 1082 -54.84 -6.68 1.57
CA GLY C 1082 -56.28 -6.80 1.60
C GLY C 1082 -56.63 -8.29 1.71
N ASN C 1083 -55.82 -9.00 2.49
CA ASN C 1083 -55.99 -10.40 2.84
C ASN C 1083 -55.81 -11.46 1.72
N HIS C 1084 -56.50 -12.58 1.89
CA HIS C 1084 -56.27 -13.84 1.18
C HIS C 1084 -56.76 -13.98 -0.25
N ILE C 1085 -56.27 -13.19 -1.18
CA ILE C 1085 -56.76 -13.39 -2.54
C ILE C 1085 -55.77 -14.10 -3.46
N LEU C 1086 -54.67 -13.47 -3.89
CA LEU C 1086 -53.78 -14.24 -4.77
C LEU C 1086 -52.38 -13.63 -4.96
N SER C 1087 -51.34 -14.47 -4.93
CA SER C 1087 -49.98 -13.96 -5.20
C SER C 1087 -49.27 -14.78 -6.27
N LEU C 1088 -48.85 -14.12 -7.35
CA LEU C 1088 -48.21 -14.77 -8.49
C LEU C 1088 -46.76 -14.31 -8.65
N VAL C 1089 -45.90 -15.10 -9.31
CA VAL C 1089 -44.49 -14.70 -9.45
C VAL C 1089 -43.92 -14.90 -10.84
N GLN C 1090 -43.07 -13.96 -11.27
CA GLN C 1090 -42.39 -14.05 -12.55
C GLN C 1090 -40.90 -13.70 -12.53
N ASN C 1091 -40.12 -14.49 -13.24
CA ASN C 1091 -38.71 -14.20 -13.46
C ASN C 1091 -38.50 -12.83 -14.10
N ALA C 1092 -37.54 -12.08 -13.56
CA ALA C 1092 -37.19 -10.75 -14.04
C ALA C 1092 -35.67 -10.65 -14.14
N PRO C 1093 -35.10 -9.76 -14.95
CA PRO C 1093 -33.69 -9.53 -14.97
C PRO C 1093 -33.22 -9.35 -13.56
N TYR C 1094 -32.22 -10.09 -13.17
CA TYR C 1094 -31.69 -10.03 -11.82
C TYR C 1094 -32.69 -10.09 -10.69
N GLY C 1095 -33.74 -10.90 -10.81
CA GLY C 1095 -34.64 -11.02 -9.66
C GLY C 1095 -36.05 -11.49 -9.97
N LEU C 1096 -36.93 -11.35 -8.98
CA LEU C 1096 -38.30 -11.79 -9.13
C LEU C 1096 -39.30 -10.66 -9.06
N TYR C 1097 -40.32 -10.75 -9.89
CA TYR C 1097 -41.41 -9.80 -9.91
C TYR C 1097 -42.66 -10.46 -9.37
N PHE C 1098 -43.32 -9.81 -8.46
CA PHE C 1098 -44.50 -10.38 -7.86
C PHE C 1098 -45.73 -9.56 -8.13
N ILE C 1099 -46.83 -10.27 -8.29
CA ILE C 1099 -48.14 -9.66 -8.49
C ILE C 1099 -49.04 -10.05 -7.36
N HIS C 1100 -49.61 -9.07 -6.67
CA HIS C 1100 -50.46 -9.40 -5.54
C HIS C 1100 -51.84 -8.85 -5.70
N PHE C 1101 -52.83 -9.71 -5.50
CA PHE C 1101 -54.22 -9.36 -5.56
C PHE C 1101 -54.78 -9.32 -4.16
N SER C 1102 -55.69 -8.39 -3.94
CA SER C 1102 -56.31 -8.25 -2.64
C SER C 1102 -57.68 -7.61 -2.79
N TYR C 1103 -58.50 -7.60 -1.72
CA TYR C 1103 -59.82 -6.98 -1.93
C TYR C 1103 -60.05 -5.82 -1.00
N VAL C 1104 -60.98 -4.97 -1.39
CA VAL C 1104 -61.34 -3.82 -0.61
C VAL C 1104 -62.83 -3.77 -0.35
#